data_9CC0
#
_entry.id   9CC0
#
_cell.length_a   1.00
_cell.length_b   1.00
_cell.length_c   1.00
_cell.angle_alpha   90.00
_cell.angle_beta   90.00
_cell.angle_gamma   90.00
#
_symmetry.space_group_name_H-M   'P 1'
#
loop_
_entity.id
_entity.type
_entity.pdbx_description
1 polymer 'Lon protease homolog, mitochondrial'
2 polymer 'Bound substrate segment undergoing translocation and subsequent degradation'
3 non-polymer "ADENOSINE-5'-TRIPHOSPHATE"
4 non-polymer 'MAGNESIUM ION'
5 non-polymer "ADENOSINE-5'-DIPHOSPHATE"
#
loop_
_entity_poly.entity_id
_entity_poly.type
_entity_poly.pdbx_seq_one_letter_code
_entity_poly.pdbx_strand_id
1 'polypeptide(L)'
;MHHHHHHENLYFQGAHMMTIPDVFPHLPLIAITRNPVFPRFIKIIEVKNKKLVELLRRKVRLAQPYVGVFLKRDDSNESD
VVESLDEIYHTGTFAQIHEMQDLGDKLRMIVMGHRRVHISRQLEVEPEEPEAENKHKPRRKSKRGKKEAEDELSARHPAE
LAMEPTPELPAEVLMVEVENVVHEDFQVTEEVKALTAEIVKTIRDIIALNPLYRESVLQMMQAGQRVVDNPIYLSDMGAA
LTGAESHELQDVLEETNIPKRLYKALSLLKKEFELSKLQQRLGREVEEKIKQTHRKYLLQEQLKIIKKELGLEKDDKDAI
EEKFRERLKELVVPKHVMDVVDEELSKLGLLDNHSSEFNVTRNYLDWLTSIPWGKYSNENLDLARAQAVLEEDHYGMEDV
KKRILEFIAVSQLRGSTQGKILCFYGPPGVGKTSIARSIARALNREYFRFSVGGMTDVAEIKGHRRTYVGAMPGKIIQCL
KKTKTENPLILIDEVDKIGRGYQGDPSSALLELLDPEQNANFLDHYLDVPVDLSKVLFICTANVTDTIPEPLRDRMEMIN
VSGYVAQEKLAIAERYLVPQARALCGLDESKAKLSSDVLTLLIKQYCRESGVRNLQKQVEKVLRKSAYKIVSGEAESVEV
TPENLQDFVGKPVFTVERMYDVTPPGVVMGLAWTAMGGSTLFVETSLRRPQDKDAKGDKDGSLEVTGQLGEVMKESARIA
YTFARAFLMQHAPANDYLVTSHIHLHVPEGATPKDGPSAGCTIVTALLSLAMGRPVRQNLAMTGEVSLTGKILPVGGIKE
KTIAAKRAGVTCIVLPAENKKDFYDLAAFITEGLEVHFVEHYREIFDIAFPDEQAEALAVER
;
A,B,C,D,E,F
2 'polypeptide(L)' (UNK)(UNK)(UNK)(UNK)(UNK)(UNK)(UNK)(UNK)(UNK)(UNK)(UNK)(UNK) G
#
# COMPACT_ATOMS: atom_id res chain seq x y z
N ILE A 320 -60.08 -16.75 -19.91
CA ILE A 320 -58.79 -16.29 -19.39
C ILE A 320 -58.90 -16.00 -17.91
N GLU A 321 -60.08 -15.54 -17.48
CA GLU A 321 -60.28 -15.20 -16.07
C GLU A 321 -60.40 -16.45 -15.22
N GLU A 322 -61.00 -17.51 -15.77
CA GLU A 322 -61.26 -18.72 -15.00
C GLU A 322 -60.00 -19.55 -14.76
N LYS A 323 -58.95 -19.36 -15.57
CA LYS A 323 -57.76 -20.19 -15.47
C LYS A 323 -57.08 -20.02 -14.12
N PHE A 324 -56.89 -18.77 -13.69
CA PHE A 324 -56.27 -18.52 -12.39
C PHE A 324 -57.16 -19.02 -11.26
N ARG A 325 -58.48 -18.82 -11.39
CA ARG A 325 -59.41 -19.25 -10.37
C ARG A 325 -59.35 -20.77 -10.17
N GLU A 326 -59.29 -21.52 -11.27
CA GLU A 326 -59.21 -22.97 -11.15
C GLU A 326 -57.82 -23.43 -10.74
N ARG A 327 -56.78 -22.65 -11.06
CA ARG A 327 -55.43 -23.04 -10.67
C ARG A 327 -55.21 -22.87 -9.17
N LEU A 328 -55.81 -21.84 -8.58
CA LEU A 328 -55.63 -21.61 -7.14
C LEU A 328 -56.35 -22.64 -6.29
N LYS A 329 -57.16 -23.52 -6.88
CA LYS A 329 -57.96 -24.44 -6.09
C LYS A 329 -57.10 -25.38 -5.24
N GLU A 330 -55.95 -25.80 -5.76
CA GLU A 330 -55.11 -26.77 -5.06
C GLU A 330 -54.11 -26.12 -4.12
N LEU A 331 -54.00 -24.79 -4.10
CA LEU A 331 -53.03 -24.08 -3.28
C LEU A 331 -53.73 -23.37 -2.13
N VAL A 332 -53.10 -23.40 -0.96
CA VAL A 332 -53.62 -22.67 0.22
C VAL A 332 -53.06 -21.26 0.13
N VAL A 333 -53.73 -20.43 -0.65
CA VAL A 333 -53.27 -19.07 -0.91
C VAL A 333 -53.53 -18.21 0.32
N PRO A 334 -52.54 -17.47 0.82
CA PRO A 334 -52.80 -16.52 1.91
C PRO A 334 -53.63 -15.34 1.44
N LYS A 335 -54.32 -14.71 2.40
CA LYS A 335 -55.26 -13.65 2.05
C LYS A 335 -54.54 -12.38 1.61
N HIS A 336 -53.39 -12.06 2.20
CA HIS A 336 -52.71 -10.81 1.87
C HIS A 336 -52.23 -10.78 0.42
N VAL A 337 -52.20 -11.91 -0.25
CA VAL A 337 -51.99 -11.95 -1.70
C VAL A 337 -53.26 -12.32 -2.44
N MET A 338 -54.22 -13.00 -1.79
CA MET A 338 -55.49 -13.30 -2.43
C MET A 338 -56.25 -12.03 -2.77
N ASP A 339 -56.22 -11.04 -1.87
CA ASP A 339 -56.88 -9.78 -2.17
C ASP A 339 -56.23 -9.08 -3.36
N VAL A 340 -54.89 -9.13 -3.45
CA VAL A 340 -54.20 -8.55 -4.59
C VAL A 340 -54.60 -9.27 -5.88
N VAL A 341 -54.69 -10.60 -5.82
CA VAL A 341 -55.09 -11.37 -6.99
C VAL A 341 -56.50 -10.99 -7.42
N ASP A 342 -57.41 -10.85 -6.45
CA ASP A 342 -58.79 -10.47 -6.76
C ASP A 342 -58.85 -9.09 -7.40
N GLU A 343 -58.13 -8.13 -6.83
CA GLU A 343 -58.13 -6.77 -7.36
C GLU A 343 -57.57 -6.74 -8.78
N GLU A 344 -56.45 -7.43 -9.00
CA GLU A 344 -55.84 -7.42 -10.33
C GLU A 344 -56.68 -8.20 -11.33
N LEU A 345 -57.41 -9.23 -10.87
CA LEU A 345 -58.31 -9.93 -11.77
C LEU A 345 -59.49 -9.05 -12.17
N SER A 346 -60.02 -8.26 -11.24
CA SER A 346 -61.05 -7.30 -11.60
C SER A 346 -60.51 -6.28 -12.60
N LYS A 347 -59.30 -5.77 -12.36
CA LYS A 347 -58.68 -4.83 -13.29
C LYS A 347 -58.52 -5.46 -14.66
N LEU A 348 -58.08 -6.73 -14.71
CA LEU A 348 -58.02 -7.47 -15.95
C LEU A 348 -59.38 -7.53 -16.62
N GLY A 349 -60.44 -7.66 -15.82
CA GLY A 349 -61.78 -7.65 -16.38
C GLY A 349 -62.14 -6.33 -17.04
N LEU A 350 -61.78 -5.21 -16.42
CA LEU A 350 -62.12 -3.91 -17.01
C LEU A 350 -61.30 -3.61 -18.27
N LEU A 351 -60.04 -4.01 -18.30
CA LEU A 351 -59.20 -3.71 -19.45
C LEU A 351 -59.64 -4.52 -20.68
N ASP A 352 -59.20 -4.05 -21.85
CA ASP A 352 -59.53 -4.64 -23.13
C ASP A 352 -58.31 -5.34 -23.70
N ASN A 353 -58.57 -6.25 -24.66
CA ASN A 353 -57.53 -7.16 -25.14
C ASN A 353 -56.35 -6.40 -25.76
N HIS A 354 -56.62 -5.36 -26.54
CA HIS A 354 -55.57 -4.70 -27.29
C HIS A 354 -54.64 -3.85 -26.44
N SER A 355 -55.02 -3.54 -25.20
CA SER A 355 -54.19 -2.68 -24.36
C SER A 355 -52.95 -3.40 -23.89
N SER A 356 -51.85 -2.64 -23.75
CA SER A 356 -50.62 -3.21 -23.20
C SER A 356 -50.79 -3.56 -21.73
N GLU A 357 -51.51 -2.71 -20.98
CA GLU A 357 -51.78 -3.01 -19.58
C GLU A 357 -52.54 -4.31 -19.43
N PHE A 358 -53.33 -4.68 -20.44
CA PHE A 358 -53.99 -5.99 -20.43
C PHE A 358 -52.96 -7.12 -20.37
N ASN A 359 -51.94 -7.07 -21.22
CA ASN A 359 -50.91 -8.11 -21.22
C ASN A 359 -50.08 -8.04 -19.94
N VAL A 360 -49.83 -6.84 -19.43
CA VAL A 360 -49.09 -6.70 -18.17
C VAL A 360 -49.85 -7.38 -17.04
N THR A 361 -51.16 -7.11 -16.95
CA THR A 361 -51.96 -7.76 -15.93
C THR A 361 -52.02 -9.26 -16.14
N ARG A 362 -52.09 -9.70 -17.40
CA ARG A 362 -52.16 -11.13 -17.69
C ARG A 362 -50.91 -11.85 -17.18
N ASN A 363 -49.73 -11.36 -17.56
CA ASN A 363 -48.52 -12.06 -17.15
C ASN A 363 -48.23 -11.87 -15.67
N TYR A 364 -48.64 -10.74 -15.08
CA TYR A 364 -48.51 -10.57 -13.64
C TYR A 364 -49.37 -11.58 -12.89
N LEU A 365 -50.61 -11.79 -13.34
CA LEU A 365 -51.45 -12.81 -12.73
C LEU A 365 -50.87 -14.21 -12.94
N ASP A 366 -50.31 -14.48 -14.12
CA ASP A 366 -49.69 -15.77 -14.35
C ASP A 366 -48.55 -16.01 -13.36
N TRP A 367 -47.72 -14.98 -13.13
CA TRP A 367 -46.64 -15.11 -12.17
C TRP A 367 -47.18 -15.28 -10.74
N LEU A 368 -48.24 -14.54 -10.39
CA LEU A 368 -48.82 -14.68 -9.06
C LEU A 368 -49.38 -16.08 -8.82
N THR A 369 -50.04 -16.66 -9.83
CA THR A 369 -50.71 -17.93 -9.65
C THR A 369 -49.79 -19.12 -9.81
N SER A 370 -48.73 -19.00 -10.61
CA SER A 370 -47.83 -20.11 -10.83
C SER A 370 -46.98 -20.43 -9.60
N ILE A 371 -46.82 -19.48 -8.69
CA ILE A 371 -46.03 -19.73 -7.47
C ILE A 371 -46.76 -20.76 -6.61
N PRO A 372 -46.09 -21.83 -6.17
CA PRO A 372 -46.76 -22.87 -5.37
C PRO A 372 -46.98 -22.44 -3.92
N TRP A 373 -48.01 -21.61 -3.72
CA TRP A 373 -48.37 -21.15 -2.39
C TRP A 373 -48.76 -22.30 -1.49
N GLY A 374 -47.98 -22.52 -0.44
CA GLY A 374 -48.27 -23.56 0.52
C GLY A 374 -47.97 -24.97 0.07
N LYS A 375 -47.35 -25.15 -1.09
CA LYS A 375 -47.01 -26.48 -1.58
C LYS A 375 -45.67 -26.92 -1.02
N TYR A 376 -45.62 -28.13 -0.47
CA TYR A 376 -44.40 -28.67 0.12
C TYR A 376 -44.12 -30.06 -0.42
N SER A 377 -42.86 -30.34 -0.71
CA SER A 377 -42.45 -31.68 -1.08
C SER A 377 -42.45 -32.59 0.13
N ASN A 378 -42.68 -33.88 -0.11
CA ASN A 378 -42.72 -34.86 0.97
C ASN A 378 -41.30 -35.14 1.42
N GLU A 379 -40.81 -34.34 2.36
CA GLU A 379 -39.48 -34.54 2.91
C GLU A 379 -39.42 -35.88 3.64
N ASN A 380 -38.42 -36.69 3.31
CA ASN A 380 -38.30 -38.03 3.87
C ASN A 380 -37.48 -37.95 5.15
N LEU A 381 -38.16 -38.16 6.28
CA LEU A 381 -37.52 -38.08 7.59
C LEU A 381 -36.90 -39.40 8.02
N ASP A 382 -36.96 -40.44 7.19
CA ASP A 382 -36.35 -41.73 7.53
C ASP A 382 -34.84 -41.57 7.62
N LEU A 383 -34.31 -41.62 8.84
CA LEU A 383 -32.89 -41.34 9.06
C LEU A 383 -32.02 -42.43 8.43
N ALA A 384 -32.45 -43.70 8.54
CA ALA A 384 -31.61 -44.81 8.09
C ALA A 384 -31.37 -44.75 6.58
N ARG A 385 -32.44 -44.58 5.80
CA ARG A 385 -32.27 -44.57 4.35
C ARG A 385 -31.57 -43.30 3.86
N ALA A 386 -31.77 -42.18 4.56
CA ALA A 386 -31.02 -40.97 4.23
C ALA A 386 -29.54 -41.16 4.47
N GLN A 387 -29.18 -41.79 5.59
CA GLN A 387 -27.78 -42.12 5.85
C GLN A 387 -27.24 -43.06 4.78
N ALA A 388 -28.04 -44.05 4.39
CA ALA A 388 -27.59 -45.00 3.37
C ALA A 388 -27.33 -44.32 2.04
N VAL A 389 -28.23 -43.43 1.62
CA VAL A 389 -28.04 -42.77 0.33
C VAL A 389 -26.88 -41.78 0.38
N LEU A 390 -26.71 -41.06 1.51
CA LEU A 390 -25.56 -40.18 1.64
C LEU A 390 -24.25 -40.97 1.63
N GLU A 391 -24.25 -42.17 2.22
CA GLU A 391 -23.04 -42.96 2.25
C GLU A 391 -22.72 -43.56 0.88
N GLU A 392 -23.74 -43.99 0.14
CA GLU A 392 -23.48 -44.56 -1.17
C GLU A 392 -23.16 -43.49 -2.21
N ASP A 393 -23.55 -42.24 -1.98
CA ASP A 393 -23.25 -41.20 -2.96
C ASP A 393 -21.82 -40.69 -2.86
N HIS A 394 -21.35 -40.41 -1.65
CA HIS A 394 -20.01 -39.87 -1.44
C HIS A 394 -19.27 -40.68 -0.39
N TYR A 395 -17.94 -40.61 -0.43
CA TYR A 395 -17.08 -41.35 0.48
C TYR A 395 -16.30 -40.40 1.37
N GLY A 396 -16.29 -40.70 2.67
CA GLY A 396 -15.32 -40.13 3.59
C GLY A 396 -15.67 -38.79 4.21
N MET A 397 -16.78 -38.16 3.80
CA MET A 397 -17.16 -36.86 4.38
C MET A 397 -17.97 -37.07 5.64
N GLU A 398 -17.30 -37.61 6.67
CA GLU A 398 -17.99 -38.00 7.90
C GLU A 398 -18.63 -36.82 8.59
N ASP A 399 -17.93 -35.68 8.65
CA ASP A 399 -18.44 -34.54 9.41
C ASP A 399 -19.72 -33.98 8.80
N VAL A 400 -19.73 -33.82 7.47
CA VAL A 400 -20.90 -33.25 6.81
C VAL A 400 -22.09 -34.20 6.91
N LYS A 401 -21.86 -35.50 6.74
CA LYS A 401 -22.93 -36.47 6.87
C LYS A 401 -23.50 -36.48 8.28
N LYS A 402 -22.62 -36.41 9.29
CA LYS A 402 -23.09 -36.36 10.67
C LYS A 402 -23.91 -35.11 10.92
N ARG A 403 -23.46 -33.97 10.39
CA ARG A 403 -24.22 -32.74 10.55
C ARG A 403 -25.60 -32.83 9.90
N ILE A 404 -25.66 -33.44 8.71
CA ILE A 404 -26.94 -33.57 8.03
C ILE A 404 -27.87 -34.51 8.80
N LEU A 405 -27.34 -35.61 9.33
CA LEU A 405 -28.16 -36.52 10.13
C LEU A 405 -28.66 -35.83 11.39
N GLU A 406 -27.81 -35.02 12.02
CA GLU A 406 -28.24 -34.26 13.19
C GLU A 406 -29.33 -33.27 12.83
N PHE A 407 -29.22 -32.62 11.67
CA PHE A 407 -30.26 -31.73 11.20
C PHE A 407 -31.58 -32.46 11.00
N ILE A 408 -31.51 -33.66 10.40
CA ILE A 408 -32.71 -34.47 10.21
C ILE A 408 -33.34 -34.81 11.55
N ALA A 409 -32.51 -35.23 12.51
CA ALA A 409 -33.03 -35.59 13.84
C ALA A 409 -33.67 -34.40 14.52
N VAL A 410 -33.04 -33.23 14.44
CA VAL A 410 -33.61 -32.03 15.06
C VAL A 410 -34.94 -31.68 14.41
N SER A 411 -35.00 -31.75 13.07
CA SER A 411 -36.24 -31.45 12.38
C SER A 411 -37.35 -32.44 12.78
N GLN A 412 -37.01 -33.72 12.90
CA GLN A 412 -38.01 -34.72 13.24
C GLN A 412 -38.50 -34.56 14.68
N LEU A 413 -37.60 -34.23 15.61
CA LEU A 413 -38.01 -34.12 17.01
C LEU A 413 -39.02 -33.00 17.21
N ARG A 414 -38.81 -31.85 16.58
CA ARG A 414 -39.70 -30.72 16.72
C ARG A 414 -40.82 -30.73 15.69
N GLY A 415 -40.98 -31.82 14.94
CA GLY A 415 -42.14 -32.02 14.10
C GLY A 415 -42.06 -31.43 12.71
N SER A 416 -42.17 -30.11 12.62
CA SER A 416 -42.24 -29.45 11.32
C SER A 416 -40.87 -29.45 10.64
N THR A 417 -40.90 -29.51 9.31
CA THR A 417 -39.67 -29.42 8.54
C THR A 417 -39.03 -28.06 8.74
N GLN A 418 -37.71 -28.06 8.94
CA GLN A 418 -36.99 -26.84 9.30
C GLN A 418 -36.12 -26.36 8.15
N GLY A 419 -35.52 -25.19 8.33
CA GLY A 419 -34.59 -24.64 7.38
C GLY A 419 -33.43 -23.96 8.08
N LYS A 420 -32.21 -24.19 7.59
CA LYS A 420 -31.03 -23.67 8.24
C LYS A 420 -30.04 -23.20 7.17
N ILE A 421 -29.17 -22.27 7.55
CA ILE A 421 -28.17 -21.71 6.65
C ILE A 421 -26.87 -22.45 6.90
N LEU A 422 -26.46 -23.28 5.96
CA LEU A 422 -25.24 -24.08 6.09
C LEU A 422 -24.23 -23.62 5.05
N CYS A 423 -23.00 -23.37 5.50
CA CYS A 423 -21.91 -22.97 4.61
C CYS A 423 -20.79 -23.99 4.67
N PHE A 424 -20.35 -24.45 3.51
CA PHE A 424 -19.26 -25.40 3.38
C PHE A 424 -18.06 -24.69 2.77
N TYR A 425 -16.91 -24.79 3.43
CA TYR A 425 -15.69 -24.14 2.95
C TYR A 425 -14.51 -25.09 3.08
N GLY A 426 -13.52 -24.87 2.22
CA GLY A 426 -12.35 -25.71 2.18
C GLY A 426 -11.62 -25.60 0.85
N PRO A 427 -10.58 -26.42 0.67
CA PRO A 427 -9.82 -26.37 -0.57
C PRO A 427 -10.66 -26.88 -1.73
N PRO A 428 -10.35 -26.46 -2.96
CA PRO A 428 -11.15 -26.92 -4.11
C PRO A 428 -11.02 -28.41 -4.34
N GLY A 429 -12.09 -28.99 -4.88
CA GLY A 429 -12.10 -30.40 -5.22
C GLY A 429 -12.44 -31.34 -4.10
N VAL A 430 -12.84 -30.84 -2.93
CA VAL A 430 -13.18 -31.73 -1.82
C VAL A 430 -14.60 -32.28 -1.91
N GLY A 431 -15.49 -31.59 -2.61
CA GLY A 431 -16.84 -32.10 -2.80
C GLY A 431 -17.94 -31.28 -2.16
N LYS A 432 -17.75 -29.96 -2.08
CA LYS A 432 -18.78 -29.10 -1.51
C LYS A 432 -20.01 -29.03 -2.41
N THR A 433 -19.79 -28.80 -3.71
CA THR A 433 -20.92 -28.65 -4.63
C THR A 433 -21.69 -29.95 -4.79
N SER A 434 -20.99 -31.07 -4.93
CA SER A 434 -21.67 -32.34 -5.17
C SER A 434 -22.46 -32.80 -3.96
N ILE A 435 -21.92 -32.59 -2.76
CA ILE A 435 -22.61 -33.03 -1.55
C ILE A 435 -23.94 -32.31 -1.40
N ALA A 436 -24.07 -31.10 -1.97
CA ALA A 436 -25.35 -30.41 -1.95
C ALA A 436 -26.41 -31.20 -2.73
N ARG A 437 -26.06 -31.64 -3.93
CA ARG A 437 -26.94 -32.44 -4.76
C ARG A 437 -27.27 -33.73 -4.01
N SER A 438 -26.26 -34.32 -3.36
CA SER A 438 -26.48 -35.56 -2.62
C SER A 438 -27.48 -35.37 -1.49
N ILE A 439 -27.32 -34.30 -0.71
CA ILE A 439 -28.22 -33.99 0.41
C ILE A 439 -29.62 -33.76 -0.12
N ALA A 440 -29.75 -33.01 -1.21
CA ALA A 440 -31.07 -32.72 -1.76
C ALA A 440 -31.83 -34.00 -2.10
N ARG A 441 -31.14 -34.97 -2.70
CA ARG A 441 -31.78 -36.25 -2.97
C ARG A 441 -32.04 -37.01 -1.67
N ALA A 442 -31.14 -36.88 -0.69
CA ALA A 442 -31.32 -37.59 0.58
C ALA A 442 -32.57 -37.11 1.31
N LEU A 443 -32.81 -35.80 1.29
CA LEU A 443 -33.97 -35.23 1.94
C LEU A 443 -35.22 -35.24 1.08
N ASN A 444 -35.15 -35.78 -0.13
CA ASN A 444 -36.24 -35.82 -1.10
C ASN A 444 -36.70 -34.44 -1.53
N ARG A 445 -35.96 -33.39 -1.17
CA ARG A 445 -36.30 -32.04 -1.55
C ARG A 445 -35.91 -31.77 -3.01
N GLU A 446 -36.56 -30.78 -3.60
CA GLU A 446 -36.18 -30.34 -4.93
C GLU A 446 -34.85 -29.62 -4.87
N TYR A 447 -34.03 -29.81 -5.90
CA TYR A 447 -32.68 -29.25 -5.95
C TYR A 447 -32.62 -28.10 -6.92
N PHE A 448 -31.94 -27.02 -6.53
CA PHE A 448 -31.71 -25.88 -7.41
C PHE A 448 -30.40 -25.24 -7.02
N ARG A 449 -29.65 -24.79 -8.04
CA ARG A 449 -28.35 -24.15 -7.82
C ARG A 449 -28.24 -22.93 -8.71
N PHE A 450 -27.85 -21.81 -8.12
CA PHE A 450 -27.49 -20.62 -8.88
C PHE A 450 -26.26 -19.99 -8.24
N SER A 451 -25.33 -19.55 -9.07
CA SER A 451 -24.03 -19.08 -8.62
C SER A 451 -24.03 -17.56 -8.52
N VAL A 452 -23.62 -17.05 -7.36
CA VAL A 452 -23.52 -15.61 -7.15
C VAL A 452 -22.11 -15.09 -7.37
N GLY A 453 -21.16 -15.95 -7.72
CA GLY A 453 -19.81 -15.52 -8.00
C GLY A 453 -19.74 -14.56 -9.18
N GLY A 454 -19.16 -13.39 -8.96
CA GLY A 454 -19.08 -12.39 -9.99
C GLY A 454 -20.37 -11.68 -10.30
N MET A 455 -21.39 -11.86 -9.46
CA MET A 455 -22.68 -11.21 -9.70
C MET A 455 -22.55 -9.71 -9.56
N THR A 456 -23.09 -8.97 -10.51
CA THR A 456 -22.88 -7.53 -10.59
C THR A 456 -24.08 -6.70 -10.19
N ASP A 457 -25.30 -7.24 -10.26
CA ASP A 457 -26.49 -6.45 -9.97
C ASP A 457 -27.44 -7.24 -9.07
N VAL A 458 -28.23 -6.50 -8.29
CA VAL A 458 -29.26 -7.11 -7.46
C VAL A 458 -30.51 -7.47 -8.25
N ALA A 459 -30.64 -6.99 -9.49
CA ALA A 459 -31.82 -7.28 -10.28
C ALA A 459 -31.95 -8.76 -10.63
N GLU A 460 -30.88 -9.53 -10.48
CA GLU A 460 -30.99 -10.96 -10.69
C GLU A 460 -31.75 -11.65 -9.55
N ILE A 461 -31.69 -11.08 -8.35
CA ILE A 461 -32.37 -11.63 -7.20
C ILE A 461 -33.67 -10.90 -6.92
N LYS A 462 -33.62 -9.57 -6.81
CA LYS A 462 -34.82 -8.80 -6.51
C LYS A 462 -35.71 -8.61 -7.73
N GLY A 463 -35.12 -8.65 -8.93
CA GLY A 463 -35.90 -8.51 -10.15
C GLY A 463 -36.21 -7.07 -10.47
N HIS A 464 -36.87 -6.88 -11.62
CA HIS A 464 -37.28 -5.58 -12.09
C HIS A 464 -38.76 -5.35 -11.76
N ARG A 465 -39.09 -4.09 -11.50
CA ARG A 465 -40.47 -3.73 -11.22
C ARG A 465 -41.35 -4.04 -12.42
N ARG A 466 -42.58 -4.47 -12.14
CA ARG A 466 -43.49 -4.94 -13.18
C ARG A 466 -43.86 -3.87 -14.18
N THR A 467 -43.64 -2.59 -13.87
CA THR A 467 -43.98 -1.53 -14.82
C THR A 467 -43.01 -1.48 -15.98
N TYR A 468 -41.76 -1.91 -15.80
CA TYR A 468 -40.83 -1.88 -16.92
C TYR A 468 -41.25 -2.88 -17.99
N VAL A 469 -40.76 -2.62 -19.21
CA VAL A 469 -41.24 -3.37 -20.38
C VAL A 469 -40.93 -4.85 -20.22
N GLY A 470 -39.65 -5.20 -20.14
CA GLY A 470 -39.26 -6.59 -20.07
C GLY A 470 -39.03 -7.09 -18.66
N ALA A 471 -39.91 -6.69 -17.73
CA ALA A 471 -39.73 -7.03 -16.33
C ALA A 471 -39.76 -8.53 -16.12
N MET A 472 -38.92 -9.00 -15.21
CA MET A 472 -38.84 -10.42 -14.86
C MET A 472 -38.68 -10.54 -13.35
N PRO A 473 -39.14 -11.65 -12.76
CA PRO A 473 -39.16 -11.75 -11.30
C PRO A 473 -37.78 -11.88 -10.66
N GLY A 474 -36.95 -12.77 -11.18
CA GLY A 474 -35.64 -13.01 -10.60
C GLY A 474 -35.38 -14.50 -10.43
N LYS A 475 -34.22 -14.79 -9.82
CA LYS A 475 -33.77 -16.18 -9.74
C LYS A 475 -34.59 -16.98 -8.74
N ILE A 476 -34.87 -16.42 -7.57
CA ILE A 476 -35.56 -17.18 -6.52
C ILE A 476 -37.01 -17.46 -6.92
N ILE A 477 -37.68 -16.48 -7.52
CA ILE A 477 -39.07 -16.70 -7.93
C ILE A 477 -39.13 -17.76 -9.02
N GLN A 478 -38.17 -17.72 -9.95
CA GLN A 478 -38.10 -18.78 -10.97
C GLN A 478 -37.80 -20.13 -10.35
N CYS A 479 -36.96 -20.15 -9.31
CA CYS A 479 -36.73 -21.39 -8.56
C CYS A 479 -38.03 -21.94 -7.99
N LEU A 480 -38.82 -21.09 -7.35
CA LEU A 480 -40.08 -21.54 -6.76
C LEU A 480 -41.04 -22.02 -7.85
N LYS A 481 -41.11 -21.29 -8.97
CA LYS A 481 -41.99 -21.71 -10.05
C LYS A 481 -41.57 -23.06 -10.64
N LYS A 482 -40.27 -23.25 -10.85
CA LYS A 482 -39.79 -24.47 -11.49
C LYS A 482 -39.92 -25.67 -10.56
N THR A 483 -39.49 -25.52 -9.30
CA THR A 483 -39.51 -26.64 -8.37
C THR A 483 -40.92 -26.98 -7.91
N LYS A 484 -41.88 -26.06 -8.06
CA LYS A 484 -43.27 -26.28 -7.67
C LYS A 484 -43.39 -26.67 -6.19
N THR A 485 -42.53 -26.10 -5.35
CA THR A 485 -42.59 -26.35 -3.92
C THR A 485 -41.95 -25.19 -3.18
N GLU A 486 -42.28 -25.07 -1.90
CA GLU A 486 -41.71 -24.04 -1.05
C GLU A 486 -40.65 -24.60 -0.09
N ASN A 487 -40.23 -25.85 -0.27
CA ASN A 487 -39.13 -26.42 0.52
C ASN A 487 -38.12 -27.13 -0.38
N PRO A 488 -37.45 -26.41 -1.28
CA PRO A 488 -36.36 -27.01 -2.04
C PRO A 488 -35.03 -26.79 -1.33
N LEU A 489 -33.97 -27.31 -1.93
CA LEU A 489 -32.61 -27.05 -1.48
C LEU A 489 -31.96 -26.10 -2.47
N ILE A 490 -31.67 -24.88 -2.03
CA ILE A 490 -31.11 -23.85 -2.88
C ILE A 490 -29.63 -23.75 -2.55
N LEU A 491 -28.78 -24.11 -3.52
CA LEU A 491 -27.34 -24.06 -3.34
C LEU A 491 -26.82 -22.74 -3.90
N ILE A 492 -26.34 -21.88 -3.02
CA ILE A 492 -25.74 -20.61 -3.42
C ILE A 492 -24.24 -20.84 -3.55
N ASP A 493 -23.76 -20.88 -4.79
CA ASP A 493 -22.40 -21.28 -5.09
C ASP A 493 -21.48 -20.07 -5.15
N GLU A 494 -20.30 -20.20 -4.54
CA GLU A 494 -19.29 -19.14 -4.52
C GLU A 494 -19.84 -17.87 -3.89
N VAL A 495 -20.38 -18.00 -2.69
CA VAL A 495 -20.92 -16.85 -1.97
C VAL A 495 -19.81 -15.89 -1.56
N ASP A 496 -18.58 -16.37 -1.40
CA ASP A 496 -17.49 -15.51 -0.95
C ASP A 496 -16.98 -14.57 -2.04
N LYS A 497 -17.26 -14.87 -3.31
CA LYS A 497 -16.76 -14.08 -4.42
C LYS A 497 -17.85 -13.23 -5.07
N ILE A 498 -18.76 -12.70 -4.27
CA ILE A 498 -19.80 -11.82 -4.79
C ILE A 498 -19.19 -10.48 -5.17
N GLY A 499 -19.68 -9.90 -6.27
CA GLY A 499 -19.20 -8.62 -6.71
C GLY A 499 -19.88 -7.46 -6.00
N ARG A 500 -19.42 -6.25 -6.33
CA ARG A 500 -19.98 -5.03 -5.80
C ARG A 500 -20.69 -4.28 -6.92
N GLY A 501 -21.94 -3.89 -6.68
CA GLY A 501 -22.79 -3.33 -7.71
C GLY A 501 -22.86 -1.82 -7.69
N TYR A 502 -23.18 -1.25 -8.85
CA TYR A 502 -23.33 0.20 -8.96
C TYR A 502 -24.61 0.67 -8.28
N GLN A 503 -25.71 -0.03 -8.50
CA GLN A 503 -27.00 0.33 -7.92
C GLN A 503 -27.31 -0.44 -6.64
N GLY A 504 -26.29 -0.82 -5.89
CA GLY A 504 -26.48 -1.59 -4.67
C GLY A 504 -25.84 -2.95 -4.79
N ASP A 505 -25.06 -3.31 -3.78
CA ASP A 505 -24.34 -4.57 -3.81
C ASP A 505 -25.30 -5.76 -3.65
N PRO A 506 -25.00 -6.88 -4.31
CA PRO A 506 -25.81 -8.08 -4.10
C PRO A 506 -25.77 -8.60 -2.67
N SER A 507 -24.82 -8.14 -1.86
CA SER A 507 -24.78 -8.56 -0.46
C SER A 507 -26.06 -8.18 0.27
N SER A 508 -26.63 -7.02 -0.04
CA SER A 508 -27.89 -6.63 0.57
C SER A 508 -29.00 -7.62 0.22
N ALA A 509 -29.04 -8.04 -1.04
CA ALA A 509 -30.02 -9.04 -1.46
C ALA A 509 -29.78 -10.37 -0.73
N LEU A 510 -28.52 -10.75 -0.57
CA LEU A 510 -28.21 -12.00 0.14
C LEU A 510 -28.67 -11.94 1.59
N LEU A 511 -28.41 -10.82 2.27
CA LEU A 511 -28.90 -10.65 3.64
C LEU A 511 -30.43 -10.71 3.70
N GLU A 512 -31.10 -10.02 2.77
CA GLU A 512 -32.56 -10.11 2.73
C GLU A 512 -33.01 -11.53 2.45
N LEU A 513 -32.17 -12.34 1.79
CA LEU A 513 -32.55 -13.68 1.40
C LEU A 513 -32.25 -14.71 2.49
N LEU A 514 -31.20 -14.48 3.29
CA LEU A 514 -30.75 -15.49 4.25
C LEU A 514 -31.01 -15.12 5.71
N ASP A 515 -31.35 -13.87 6.01
CA ASP A 515 -31.58 -13.47 7.39
C ASP A 515 -32.89 -14.07 7.90
N PRO A 516 -32.85 -14.86 8.98
CA PRO A 516 -34.06 -15.62 9.38
C PRO A 516 -35.27 -14.76 9.70
N GLU A 517 -35.08 -13.57 10.29
CA GLU A 517 -36.22 -12.79 10.74
C GLU A 517 -36.85 -11.93 9.65
N GLN A 518 -36.23 -11.84 8.46
CA GLN A 518 -36.83 -11.11 7.36
C GLN A 518 -37.00 -11.92 6.10
N ASN A 519 -36.28 -13.04 5.95
CA ASN A 519 -36.49 -13.90 4.77
C ASN A 519 -37.85 -14.59 4.81
N ALA A 520 -38.48 -14.68 5.98
CA ALA A 520 -39.83 -15.19 6.07
C ALA A 520 -40.84 -14.27 5.40
N ASN A 521 -40.45 -13.03 5.09
CA ASN A 521 -41.29 -12.08 4.37
C ASN A 521 -40.49 -11.47 3.23
N PHE A 522 -39.82 -12.32 2.44
CA PHE A 522 -38.99 -11.83 1.34
C PHE A 522 -39.85 -11.10 0.32
N LEU A 523 -39.40 -9.90 -0.07
CA LEU A 523 -40.16 -9.02 -0.94
C LEU A 523 -39.53 -9.01 -2.33
N ASP A 524 -40.38 -9.13 -3.33
CA ASP A 524 -39.95 -9.15 -4.73
C ASP A 524 -40.34 -7.83 -5.39
N HIS A 525 -39.40 -7.26 -6.15
CA HIS A 525 -39.73 -6.05 -6.91
C HIS A 525 -40.81 -6.32 -7.94
N TYR A 526 -40.75 -7.47 -8.60
CA TYR A 526 -41.75 -7.80 -9.60
C TYR A 526 -43.06 -8.24 -8.97
N LEU A 527 -42.99 -9.17 -8.01
CA LEU A 527 -44.22 -9.70 -7.42
C LEU A 527 -44.88 -8.67 -6.50
N ASP A 528 -44.09 -7.88 -5.80
CA ASP A 528 -44.57 -6.87 -4.84
C ASP A 528 -45.40 -7.48 -3.72
N VAL A 529 -45.21 -8.77 -3.44
CA VAL A 529 -45.90 -9.43 -2.33
C VAL A 529 -44.88 -10.24 -1.54
N PRO A 530 -44.94 -10.23 -0.21
CA PRO A 530 -44.01 -11.04 0.57
C PRO A 530 -44.28 -12.52 0.40
N VAL A 531 -43.23 -13.32 0.56
CA VAL A 531 -43.32 -14.77 0.45
C VAL A 531 -42.72 -15.40 1.71
N ASP A 532 -43.26 -16.57 2.07
CA ASP A 532 -42.76 -17.33 3.21
C ASP A 532 -41.61 -18.22 2.75
N LEU A 533 -40.46 -17.60 2.57
CA LEU A 533 -39.27 -18.26 2.05
C LEU A 533 -38.45 -18.93 3.15
N SER A 534 -38.78 -18.71 4.41
CA SER A 534 -37.95 -19.22 5.50
C SER A 534 -37.92 -20.75 5.57
N LYS A 535 -38.85 -21.43 4.89
CA LYS A 535 -38.90 -22.88 4.95
C LYS A 535 -37.85 -23.56 4.10
N VAL A 536 -37.25 -22.84 3.14
CA VAL A 536 -36.28 -23.47 2.25
C VAL A 536 -34.97 -23.70 2.98
N LEU A 537 -34.20 -24.66 2.48
CA LEU A 537 -32.89 -25.00 3.04
C LEU A 537 -31.80 -24.43 2.14
N PHE A 538 -30.94 -23.59 2.70
CA PHE A 538 -29.88 -22.94 1.94
C PHE A 538 -28.55 -23.62 2.24
N ILE A 539 -27.81 -23.94 1.18
CA ILE A 539 -26.44 -24.43 1.29
C ILE A 539 -25.55 -23.47 0.52
N CYS A 540 -24.49 -23.00 1.16
CA CYS A 540 -23.59 -22.01 0.57
C CYS A 540 -22.19 -22.60 0.48
N THR A 541 -21.54 -22.41 -0.66
CA THR A 541 -20.22 -22.95 -0.92
C THR A 541 -19.22 -21.81 -1.05
N ALA A 542 -18.07 -21.94 -0.38
CA ALA A 542 -17.02 -20.94 -0.45
C ALA A 542 -15.67 -21.63 -0.31
N ASN A 543 -14.61 -20.93 -0.72
CA ASN A 543 -13.25 -21.43 -0.53
C ASN A 543 -12.58 -20.88 0.71
N VAL A 544 -12.76 -19.60 1.00
CA VAL A 544 -12.24 -18.98 2.23
C VAL A 544 -13.32 -18.09 2.80
N THR A 545 -13.44 -18.09 4.13
CA THR A 545 -14.44 -17.28 4.81
C THR A 545 -13.96 -15.87 5.11
N ASP A 546 -12.71 -15.56 4.79
CA ASP A 546 -12.16 -14.23 5.11
C ASP A 546 -12.79 -13.13 4.27
N THR A 547 -13.33 -13.45 3.10
CA THR A 547 -13.91 -12.45 2.21
C THR A 547 -15.43 -12.49 2.18
N ILE A 548 -16.06 -13.41 2.91
CA ILE A 548 -17.51 -13.38 3.06
C ILE A 548 -17.89 -12.15 3.89
N PRO A 549 -18.86 -11.35 3.47
CA PRO A 549 -19.24 -10.17 4.26
C PRO A 549 -19.69 -10.56 5.65
N GLU A 550 -19.27 -9.77 6.64
CA GLU A 550 -19.56 -10.09 8.04
C GLU A 550 -21.05 -10.18 8.34
N PRO A 551 -21.90 -9.24 7.92
CA PRO A 551 -23.34 -9.41 8.16
C PRO A 551 -23.89 -10.68 7.54
N LEU A 552 -23.30 -11.13 6.42
CA LEU A 552 -23.68 -12.43 5.86
C LEU A 552 -22.92 -13.57 6.51
N ARG A 553 -21.69 -13.33 6.95
CA ARG A 553 -20.88 -14.39 7.54
C ARG A 553 -21.47 -14.87 8.86
N ASP A 554 -21.91 -13.93 9.71
CA ASP A 554 -22.36 -14.32 11.05
C ASP A 554 -23.69 -15.06 11.04
N ARG A 555 -24.42 -15.04 9.92
CA ARG A 555 -25.69 -15.72 9.81
C ARG A 555 -25.55 -17.16 9.31
N MET A 556 -24.33 -17.62 9.07
CA MET A 556 -24.08 -18.92 8.47
C MET A 556 -23.44 -19.86 9.48
N GLU A 557 -23.86 -21.12 9.47
CA GLU A 557 -23.22 -22.16 10.26
C GLU A 557 -22.06 -22.72 9.46
N MET A 558 -20.84 -22.35 9.83
CA MET A 558 -19.66 -22.74 9.07
C MET A 558 -19.29 -24.18 9.36
N ILE A 559 -19.24 -25.01 8.32
CA ILE A 559 -18.83 -26.40 8.43
C ILE A 559 -17.63 -26.59 7.51
N ASN A 560 -16.47 -26.85 8.10
CA ASN A 560 -15.26 -27.01 7.32
C ASN A 560 -15.18 -28.39 6.69
N VAL A 561 -14.72 -28.45 5.45
CA VAL A 561 -14.49 -29.69 4.74
C VAL A 561 -13.00 -29.83 4.52
N SER A 562 -12.39 -30.83 5.14
CA SER A 562 -10.96 -31.03 5.04
C SER A 562 -10.61 -31.81 3.78
N GLY A 563 -9.31 -31.91 3.52
CA GLY A 563 -8.83 -32.67 2.39
C GLY A 563 -8.90 -34.17 2.65
N TYR A 564 -8.33 -34.92 1.70
CA TYR A 564 -8.35 -36.38 1.75
C TYR A 564 -6.93 -36.91 1.87
N VAL A 565 -6.76 -37.92 2.72
CA VAL A 565 -5.49 -38.60 2.89
C VAL A 565 -5.31 -39.62 1.76
N ALA A 566 -4.11 -40.18 1.65
CA ALA A 566 -3.78 -41.05 0.53
C ALA A 566 -4.71 -42.27 0.46
N GLN A 567 -5.03 -42.86 1.61
CA GLN A 567 -5.95 -44.00 1.61
C GLN A 567 -7.34 -43.59 1.16
N GLU A 568 -7.83 -42.45 1.65
CA GLU A 568 -9.13 -41.94 1.20
C GLU A 568 -9.11 -41.63 -0.28
N LYS A 569 -8.00 -41.06 -0.77
CA LYS A 569 -7.89 -40.78 -2.20
C LYS A 569 -7.92 -42.07 -3.02
N LEU A 570 -7.25 -43.11 -2.55
CA LEU A 570 -7.28 -44.40 -3.26
C LEU A 570 -8.70 -44.96 -3.29
N ALA A 571 -9.39 -44.92 -2.16
CA ALA A 571 -10.76 -45.44 -2.11
C ALA A 571 -11.67 -44.65 -3.03
N ILE A 572 -11.58 -43.32 -3.00
CA ILE A 572 -12.39 -42.47 -3.86
C ILE A 572 -12.08 -42.75 -5.33
N ALA A 573 -10.79 -42.85 -5.67
CA ALA A 573 -10.40 -43.17 -7.03
C ALA A 573 -11.07 -44.45 -7.49
N GLU A 574 -10.78 -45.56 -6.80
CA GLU A 574 -11.28 -46.86 -7.24
C GLU A 574 -12.81 -46.89 -7.32
N ARG A 575 -13.49 -46.29 -6.34
CA ARG A 575 -14.94 -46.43 -6.32
C ARG A 575 -15.63 -45.51 -7.34
N TYR A 576 -15.12 -44.30 -7.55
CA TYR A 576 -15.84 -43.33 -8.36
C TYR A 576 -15.06 -42.85 -9.58
N LEU A 577 -13.80 -42.44 -9.40
CA LEU A 577 -13.12 -41.70 -10.46
C LEU A 577 -12.72 -42.60 -11.62
N VAL A 578 -12.21 -43.79 -11.33
CA VAL A 578 -11.83 -44.72 -12.39
C VAL A 578 -13.03 -45.14 -13.23
N PRO A 579 -14.18 -45.54 -12.65
CA PRO A 579 -15.33 -45.86 -13.51
C PRO A 579 -15.82 -44.69 -14.35
N GLN A 580 -15.87 -43.48 -13.77
CA GLN A 580 -16.35 -42.34 -14.54
C GLN A 580 -15.38 -41.98 -15.66
N ALA A 581 -14.09 -42.01 -15.39
CA ALA A 581 -13.10 -41.73 -16.44
C ALA A 581 -13.14 -42.80 -17.52
N ARG A 582 -13.34 -44.05 -17.14
CA ARG A 582 -13.46 -45.12 -18.12
C ARG A 582 -14.69 -44.91 -19.00
N ALA A 583 -15.81 -44.51 -18.39
CA ALA A 583 -17.01 -44.23 -19.18
C ALA A 583 -16.78 -43.05 -20.12
N LEU A 584 -16.11 -42.00 -19.66
CA LEU A 584 -15.82 -40.86 -20.51
C LEU A 584 -14.78 -41.17 -21.58
N CYS A 585 -14.00 -42.22 -21.41
CA CYS A 585 -13.02 -42.63 -22.41
C CYS A 585 -13.42 -43.88 -23.19
N GLY A 586 -14.40 -44.62 -22.70
CA GLY A 586 -14.88 -45.79 -23.42
C GLY A 586 -13.95 -46.98 -23.37
N LEU A 587 -13.17 -47.14 -22.31
CA LEU A 587 -12.22 -48.23 -22.16
C LEU A 587 -12.71 -49.19 -21.09
N ASP A 588 -12.85 -50.47 -21.46
CA ASP A 588 -13.23 -51.48 -20.51
C ASP A 588 -12.03 -51.88 -19.65
N GLU A 589 -12.30 -52.70 -18.64
CA GLU A 589 -11.22 -53.19 -17.77
C GLU A 589 -10.24 -54.04 -18.54
N SER A 590 -10.71 -54.84 -19.49
CA SER A 590 -9.82 -55.69 -20.27
C SER A 590 -8.88 -54.85 -21.13
N LYS A 591 -9.38 -53.76 -21.72
CA LYS A 591 -8.54 -52.94 -22.59
C LYS A 591 -7.43 -52.27 -21.81
N ALA A 592 -7.77 -51.60 -20.71
CA ALA A 592 -6.80 -50.89 -19.88
C ALA A 592 -6.95 -51.33 -18.44
N LYS A 593 -5.85 -51.71 -17.81
CA LYS A 593 -5.84 -52.20 -16.45
C LYS A 593 -5.18 -51.17 -15.52
N LEU A 594 -5.86 -50.85 -14.43
CA LEU A 594 -5.34 -49.94 -13.40
C LEU A 594 -5.51 -50.64 -12.06
N SER A 595 -4.46 -51.34 -11.63
CA SER A 595 -4.53 -52.10 -10.39
C SER A 595 -4.35 -51.17 -9.19
N SER A 596 -4.56 -51.74 -8.00
CA SER A 596 -4.51 -50.95 -6.78
C SER A 596 -3.11 -50.42 -6.49
N ASP A 597 -2.08 -51.23 -6.76
CA ASP A 597 -0.72 -50.80 -6.48
C ASP A 597 -0.33 -49.62 -7.36
N VAL A 598 -0.72 -49.63 -8.63
CA VAL A 598 -0.44 -48.52 -9.53
C VAL A 598 -1.11 -47.26 -9.01
N LEU A 599 -2.37 -47.37 -8.57
CA LEU A 599 -3.08 -46.21 -8.07
C LEU A 599 -2.45 -45.68 -6.79
N THR A 600 -2.00 -46.58 -5.90
CA THR A 600 -1.33 -46.12 -4.69
C THR A 600 -0.04 -45.38 -5.01
N LEU A 601 0.73 -45.90 -5.97
CA LEU A 601 1.96 -45.21 -6.37
C LEU A 601 1.65 -43.86 -6.98
N LEU A 602 0.60 -43.78 -7.80
CA LEU A 602 0.20 -42.51 -8.41
C LEU A 602 -0.21 -41.50 -7.36
N ILE A 603 -0.95 -41.95 -6.34
CA ILE A 603 -1.32 -41.05 -5.24
C ILE A 603 -0.07 -40.58 -4.50
N LYS A 604 0.82 -41.51 -4.19
CA LYS A 604 1.99 -41.17 -3.36
C LYS A 604 2.91 -40.20 -4.07
N GLN A 605 3.15 -40.42 -5.36
CA GLN A 605 4.19 -39.66 -6.05
C GLN A 605 3.67 -38.42 -6.76
N TYR A 606 2.41 -38.40 -7.17
CA TYR A 606 1.90 -37.32 -8.03
C TYR A 606 0.76 -36.54 -7.39
N CYS A 607 -0.20 -37.22 -6.78
CA CYS A 607 -1.49 -36.63 -6.42
C CYS A 607 -1.57 -36.22 -4.95
N ARG A 608 -0.48 -35.70 -4.40
CA ARG A 608 -0.41 -35.34 -2.98
C ARG A 608 -1.17 -34.06 -2.64
N GLU A 609 -2.03 -33.52 -3.52
CA GLU A 609 -2.79 -32.32 -3.22
C GLU A 609 -3.88 -32.62 -2.20
N SER A 610 -4.73 -31.62 -1.95
CA SER A 610 -5.84 -31.76 -1.03
C SER A 610 -7.11 -32.26 -1.72
N GLY A 611 -7.45 -31.69 -2.87
CA GLY A 611 -8.62 -32.09 -3.61
C GLY A 611 -8.38 -33.35 -4.42
N VAL A 612 -9.39 -33.71 -5.23
CA VAL A 612 -9.32 -34.90 -6.05
C VAL A 612 -9.36 -34.60 -7.54
N ARG A 613 -9.41 -33.32 -7.93
CA ARG A 613 -9.43 -33.01 -9.36
C ARG A 613 -8.10 -33.36 -10.03
N ASN A 614 -6.98 -33.16 -9.34
CA ASN A 614 -5.70 -33.54 -9.92
C ASN A 614 -5.61 -35.03 -10.13
N LEU A 615 -6.11 -35.83 -9.17
CA LEU A 615 -6.13 -37.27 -9.34
C LEU A 615 -7.00 -37.67 -10.53
N GLN A 616 -8.15 -37.01 -10.68
CA GLN A 616 -9.02 -37.29 -11.82
C GLN A 616 -8.31 -36.97 -13.13
N LYS A 617 -7.59 -35.85 -13.18
CA LYS A 617 -6.87 -35.50 -14.40
C LYS A 617 -5.76 -36.49 -14.70
N GLN A 618 -5.04 -36.96 -13.68
CA GLN A 618 -4.01 -37.97 -13.91
C GLN A 618 -4.60 -39.26 -14.43
N VAL A 619 -5.71 -39.70 -13.85
CA VAL A 619 -6.36 -40.94 -14.30
C VAL A 619 -6.84 -40.79 -15.74
N GLU A 620 -7.44 -39.65 -16.06
CA GLU A 620 -7.87 -39.42 -17.43
C GLU A 620 -6.69 -39.38 -18.39
N LYS A 621 -5.55 -38.84 -17.93
CA LYS A 621 -4.35 -38.82 -18.76
C LYS A 621 -3.88 -40.24 -19.07
N VAL A 622 -3.84 -41.09 -18.04
CA VAL A 622 -3.42 -42.47 -18.26
C VAL A 622 -4.37 -43.17 -19.21
N LEU A 623 -5.67 -42.98 -19.01
CA LEU A 623 -6.65 -43.67 -19.86
C LEU A 623 -6.62 -43.17 -21.29
N ARG A 624 -6.44 -41.86 -21.50
CA ARG A 624 -6.38 -41.35 -22.86
C ARG A 624 -5.10 -41.76 -23.57
N LYS A 625 -3.98 -41.86 -22.83
CA LYS A 625 -2.76 -42.37 -23.45
C LYS A 625 -2.90 -43.83 -23.83
N SER A 626 -3.56 -44.62 -22.97
CA SER A 626 -3.86 -46.01 -23.34
C SER A 626 -4.77 -46.07 -24.56
N ALA A 627 -5.77 -45.19 -24.63
CA ALA A 627 -6.66 -45.17 -25.78
C ALA A 627 -5.91 -44.84 -27.06
N TYR A 628 -4.98 -43.87 -27.01
CA TYR A 628 -4.18 -43.57 -28.18
C TYR A 628 -3.29 -44.75 -28.56
N LYS A 629 -2.68 -45.39 -27.57
CA LYS A 629 -1.85 -46.56 -27.85
C LYS A 629 -2.64 -47.73 -28.42
N ILE A 630 -3.95 -47.77 -28.16
CA ILE A 630 -4.82 -48.82 -28.70
C ILE A 630 -5.30 -48.50 -30.11
N VAL A 631 -5.77 -47.28 -30.32
CA VAL A 631 -6.33 -46.89 -31.62
C VAL A 631 -5.24 -46.90 -32.69
N SER A 632 -4.05 -46.41 -32.35
CA SER A 632 -2.97 -46.30 -33.33
C SER A 632 -2.45 -47.65 -33.80
N GLY A 633 -2.84 -48.74 -33.14
CA GLY A 633 -2.37 -50.05 -33.51
C GLY A 633 -1.08 -50.49 -32.86
N GLU A 634 -0.50 -49.66 -31.99
CA GLU A 634 0.72 -50.06 -31.30
C GLU A 634 0.49 -51.25 -30.39
N ALA A 635 -0.70 -51.36 -29.82
CA ALA A 635 -1.04 -52.49 -28.96
C ALA A 635 -2.55 -52.64 -28.93
N GLU A 636 -2.99 -53.82 -28.50
CA GLU A 636 -4.41 -54.10 -28.36
C GLU A 636 -4.89 -54.01 -26.91
N SER A 637 -3.99 -54.19 -25.95
CA SER A 637 -4.32 -54.04 -24.54
C SER A 637 -3.15 -53.39 -23.83
N VAL A 638 -3.44 -52.45 -22.93
CA VAL A 638 -2.43 -51.70 -22.21
C VAL A 638 -2.44 -52.15 -20.76
N GLU A 639 -1.29 -52.58 -20.26
CA GLU A 639 -1.13 -53.04 -18.89
C GLU A 639 -0.26 -52.02 -18.16
N VAL A 640 -0.90 -51.10 -17.44
CA VAL A 640 -0.17 -50.09 -16.69
C VAL A 640 0.50 -50.76 -15.49
N THR A 641 1.80 -50.49 -15.33
CA THR A 641 2.60 -51.07 -14.26
C THR A 641 3.44 -49.97 -13.65
N PRO A 642 3.85 -50.11 -12.38
CA PRO A 642 4.68 -49.07 -11.76
C PRO A 642 6.02 -48.87 -12.45
N GLU A 643 6.48 -49.85 -13.23
CA GLU A 643 7.74 -49.67 -13.94
C GLU A 643 7.58 -48.71 -15.12
N ASN A 644 6.43 -48.70 -15.78
CA ASN A 644 6.19 -47.84 -16.92
C ASN A 644 5.15 -46.76 -16.65
N LEU A 645 4.80 -46.52 -15.39
CA LEU A 645 3.80 -45.50 -15.07
C LEU A 645 4.31 -44.12 -15.44
N GLN A 646 5.61 -43.87 -15.27
CA GLN A 646 6.18 -42.59 -15.64
C GLN A 646 6.10 -42.33 -17.13
N ASP A 647 5.99 -43.38 -17.95
CA ASP A 647 5.80 -43.19 -19.38
C ASP A 647 4.43 -42.58 -19.68
N PHE A 648 3.44 -42.79 -18.82
CA PHE A 648 2.10 -42.25 -19.00
C PHE A 648 1.94 -40.91 -18.28
N VAL A 649 2.44 -40.81 -17.05
CA VAL A 649 2.18 -39.63 -16.22
C VAL A 649 3.34 -38.65 -16.22
N GLY A 650 4.49 -39.04 -16.74
CA GLY A 650 5.66 -38.19 -16.71
C GLY A 650 6.51 -38.43 -15.47
N LYS A 651 7.45 -37.50 -15.26
CA LYS A 651 8.37 -37.63 -14.13
C LYS A 651 7.62 -37.47 -12.81
N PRO A 652 7.99 -38.23 -11.78
CA PRO A 652 7.34 -38.08 -10.48
C PRO A 652 7.60 -36.70 -9.90
N VAL A 653 6.60 -36.20 -9.16
CA VAL A 653 6.76 -34.91 -8.49
C VAL A 653 7.51 -35.07 -7.18
N PHE A 654 7.25 -36.16 -6.46
CA PHE A 654 7.91 -36.46 -5.18
C PHE A 654 8.63 -37.79 -5.35
N THR A 655 9.94 -37.74 -5.55
CA THR A 655 10.69 -38.93 -5.90
C THR A 655 11.02 -39.78 -4.66
N VAL A 656 11.60 -39.17 -3.65
CA VAL A 656 12.08 -39.89 -2.47
C VAL A 656 11.54 -39.21 -1.22
N GLU A 657 11.39 -39.99 -0.15
CA GLU A 657 10.80 -39.51 1.08
C GLU A 657 11.81 -39.13 2.15
N ARG A 658 12.89 -39.90 2.30
CA ARG A 658 13.88 -39.65 3.34
C ARG A 658 15.27 -39.54 2.73
N MET A 659 16.04 -38.58 3.22
CA MET A 659 17.37 -38.32 2.70
C MET A 659 18.38 -39.37 3.16
N TYR A 660 18.30 -39.78 4.41
CA TYR A 660 19.23 -40.74 5.00
C TYR A 660 18.53 -42.06 5.22
N ASP A 661 19.06 -43.13 4.63
CA ASP A 661 18.61 -44.47 5.00
C ASP A 661 19.18 -44.88 6.34
N VAL A 662 20.42 -44.50 6.62
CA VAL A 662 21.07 -44.72 7.91
C VAL A 662 21.68 -43.39 8.35
N THR A 663 21.61 -43.12 9.64
CA THR A 663 22.03 -41.80 10.09
C THR A 663 23.40 -41.87 10.74
N PRO A 664 24.38 -41.08 10.27
CA PRO A 664 25.65 -40.98 10.98
C PRO A 664 25.46 -40.32 12.34
N PRO A 665 26.51 -40.26 13.17
CA PRO A 665 26.32 -39.79 14.55
C PRO A 665 25.72 -38.39 14.66
N GLY A 666 26.06 -37.49 13.75
CA GLY A 666 25.67 -36.11 13.97
C GLY A 666 24.27 -35.72 13.58
N VAL A 667 23.45 -36.60 13.02
CA VAL A 667 22.18 -36.21 12.45
C VAL A 667 21.05 -36.96 13.13
N VAL A 668 19.89 -36.30 13.20
CA VAL A 668 18.69 -36.87 13.80
C VAL A 668 17.50 -36.56 12.90
N MET A 669 16.65 -37.56 12.69
CA MET A 669 15.49 -37.40 11.83
C MET A 669 14.41 -36.58 12.53
N GLY A 670 13.67 -35.80 11.74
CA GLY A 670 12.61 -34.97 12.25
C GLY A 670 11.42 -34.97 11.32
N LEU A 671 10.35 -34.27 11.74
CA LEU A 671 9.12 -34.18 10.98
C LEU A 671 8.69 -32.73 10.88
N ALA A 672 8.04 -32.38 9.77
CA ALA A 672 7.62 -31.01 9.52
C ALA A 672 6.26 -31.00 8.85
N TRP A 673 5.53 -29.91 9.06
CA TRP A 673 4.24 -29.69 8.42
C TRP A 673 4.42 -28.90 7.13
N THR A 674 3.75 -29.36 6.07
CA THR A 674 3.74 -28.66 4.80
C THR A 674 2.34 -28.70 4.21
N ALA A 675 2.10 -27.81 3.24
CA ALA A 675 0.79 -27.75 2.61
C ALA A 675 0.49 -29.04 1.84
N MET A 676 1.49 -29.57 1.12
CA MET A 676 1.32 -30.79 0.34
C MET A 676 1.53 -32.02 1.22
N GLY A 677 0.72 -32.12 2.26
CA GLY A 677 0.86 -33.20 3.21
C GLY A 677 2.06 -32.98 4.11
N GLY A 678 2.38 -34.03 4.87
CA GLY A 678 3.52 -33.96 5.75
C GLY A 678 4.84 -33.99 5.00
N SER A 679 5.91 -33.67 5.72
CA SER A 679 7.25 -33.71 5.16
C SER A 679 8.23 -34.10 6.25
N THR A 680 9.34 -34.69 5.83
CA THR A 680 10.40 -35.10 6.72
C THR A 680 11.62 -34.20 6.55
N LEU A 681 12.15 -33.72 7.68
CA LEU A 681 13.39 -32.96 7.67
C LEU A 681 14.41 -33.67 8.55
N PHE A 682 15.68 -33.43 8.24
CA PHE A 682 16.79 -33.91 9.04
C PHE A 682 17.51 -32.71 9.64
N VAL A 683 18.21 -32.94 10.75
CA VAL A 683 19.03 -31.92 11.38
C VAL A 683 20.48 -32.40 11.32
N GLU A 684 21.32 -31.66 10.61
CA GLU A 684 22.71 -32.02 10.41
C GLU A 684 23.60 -31.11 11.23
N THR A 685 24.56 -31.71 11.93
CA THR A 685 25.55 -30.97 12.71
C THR A 685 26.94 -31.46 12.34
N SER A 686 27.91 -30.56 12.47
CA SER A 686 29.29 -30.90 12.17
C SER A 686 30.21 -29.99 12.96
N LEU A 687 31.46 -30.44 13.11
CA LEU A 687 32.47 -29.68 13.82
C LEU A 687 33.09 -28.65 12.88
N ARG A 688 32.94 -27.37 13.21
CA ARG A 688 33.37 -26.32 12.29
C ARG A 688 34.89 -26.18 12.27
N ARG A 689 35.54 -26.30 13.41
CA ARG A 689 36.99 -26.14 13.51
C ARG A 689 37.53 -27.25 14.40
N PRO A 690 38.80 -27.60 14.25
CA PRO A 690 39.34 -28.77 14.96
C PRO A 690 39.21 -28.63 16.47
N GLN A 691 38.94 -29.75 17.13
CA GLN A 691 38.86 -29.79 18.57
C GLN A 691 40.25 -29.58 19.19
N ASP A 692 40.30 -28.80 20.26
CA ASP A 692 41.57 -28.51 20.93
C ASP A 692 42.15 -29.76 21.57
N LYS A 699 37.09 -18.30 26.16
CA LYS A 699 37.20 -19.55 25.41
C LYS A 699 35.98 -20.45 25.64
N ASP A 700 35.10 -20.50 24.65
CA ASP A 700 33.93 -21.36 24.73
C ASP A 700 33.46 -21.71 23.32
N GLY A 701 32.67 -22.77 23.23
CA GLY A 701 32.15 -23.20 21.95
C GLY A 701 31.12 -22.23 21.41
N SER A 702 30.83 -22.40 20.12
CA SER A 702 29.87 -21.55 19.44
C SER A 702 29.11 -22.38 18.42
N LEU A 703 27.81 -22.08 18.27
CA LEU A 703 26.96 -22.77 17.32
C LEU A 703 26.61 -21.82 16.19
N GLU A 704 26.88 -22.24 14.95
CA GLU A 704 26.48 -21.51 13.77
C GLU A 704 25.30 -22.24 13.13
N VAL A 705 24.20 -21.53 12.90
CA VAL A 705 22.96 -22.12 12.44
C VAL A 705 22.66 -21.61 11.04
N THR A 706 22.45 -22.54 10.11
CA THR A 706 22.16 -22.22 8.72
C THR A 706 21.01 -23.07 8.24
N GLY A 707 20.41 -22.65 7.12
CA GLY A 707 19.31 -23.40 6.53
C GLY A 707 18.04 -22.61 6.36
N GLN A 708 18.15 -21.29 6.25
CA GLN A 708 17.01 -20.39 6.10
C GLN A 708 16.05 -20.51 7.27
N LEU A 709 16.58 -20.74 8.46
CA LEU A 709 15.75 -20.89 9.65
C LEU A 709 15.19 -19.54 10.07
N GLY A 710 13.95 -19.54 10.55
CA GLY A 710 13.30 -18.33 11.00
C GLY A 710 13.81 -17.88 12.36
N GLU A 711 13.30 -16.73 12.80
CA GLU A 711 13.70 -16.19 14.09
C GLU A 711 13.28 -17.10 15.23
N VAL A 712 12.04 -17.61 15.17
CA VAL A 712 11.56 -18.51 16.23
C VAL A 712 12.40 -19.78 16.25
N MET A 713 12.73 -20.33 15.09
CA MET A 713 13.51 -21.56 15.06
C MET A 713 14.96 -21.31 15.46
N LYS A 714 15.50 -20.12 15.18
CA LYS A 714 16.84 -19.80 15.68
C LYS A 714 16.85 -19.69 17.20
N GLU A 715 15.82 -19.07 17.78
CA GLU A 715 15.71 -19.03 19.23
C GLU A 715 15.58 -20.44 19.80
N SER A 716 14.81 -21.29 19.12
CA SER A 716 14.68 -22.67 19.55
C SER A 716 16.03 -23.38 19.50
N ALA A 717 16.83 -23.10 18.46
CA ALA A 717 18.16 -23.69 18.37
C ALA A 717 19.04 -23.22 19.52
N ARG A 718 18.97 -21.94 19.88
CA ARG A 718 19.76 -21.45 21.00
C ARG A 718 19.35 -22.11 22.32
N ILE A 719 18.04 -22.23 22.55
CA ILE A 719 17.55 -22.90 23.74
C ILE A 719 18.01 -24.35 23.77
N ALA A 720 17.94 -25.01 22.62
CA ALA A 720 18.38 -26.39 22.53
C ALA A 720 19.87 -26.52 22.82
N TYR A 721 20.68 -25.59 22.31
CA TYR A 721 22.11 -25.62 22.58
C TYR A 721 22.39 -25.46 24.08
N THR A 722 21.71 -24.51 24.72
CA THR A 722 21.91 -24.31 26.15
C THR A 722 21.51 -25.55 26.95
N PHE A 723 20.35 -26.11 26.65
CA PHE A 723 19.91 -27.28 27.41
C PHE A 723 20.79 -28.49 27.12
N ALA A 724 21.28 -28.64 25.88
CA ALA A 724 22.20 -29.72 25.58
C ALA A 724 23.48 -29.58 26.40
N ARG A 725 24.00 -28.35 26.50
CA ARG A 725 25.17 -28.11 27.35
C ARG A 725 24.91 -28.55 28.78
N ALA A 726 23.79 -28.09 29.35
CA ALA A 726 23.49 -28.42 30.75
C ALA A 726 23.30 -29.92 30.94
N PHE A 727 22.56 -30.57 30.04
CA PHE A 727 22.27 -31.99 30.18
C PHE A 727 23.53 -32.82 30.03
N LEU A 728 24.39 -32.48 29.08
CA LEU A 728 25.64 -33.22 28.91
C LEU A 728 26.56 -33.00 30.11
N MET A 729 26.55 -31.79 30.67
CA MET A 729 27.38 -31.52 31.84
C MET A 729 26.92 -32.36 33.02
N GLN A 730 25.61 -32.45 33.25
CA GLN A 730 25.12 -33.21 34.39
C GLN A 730 25.21 -34.72 34.17
N HIS A 731 25.02 -35.18 32.93
CA HIS A 731 25.06 -36.61 32.65
C HIS A 731 26.49 -37.14 32.62
N ALA A 732 27.42 -36.37 32.05
CA ALA A 732 28.82 -36.77 31.95
C ALA A 732 29.69 -35.55 32.14
N PRO A 733 30.17 -35.29 33.36
CA PRO A 733 30.98 -34.08 33.59
C PRO A 733 32.25 -34.03 32.77
N ALA A 734 32.84 -35.18 32.46
CA ALA A 734 34.12 -35.21 31.75
C ALA A 734 34.00 -34.86 30.28
N ASN A 735 32.78 -34.82 29.73
CA ASN A 735 32.59 -34.55 28.30
C ASN A 735 32.43 -33.05 28.10
N ASP A 736 33.56 -32.38 27.88
CA ASP A 736 33.60 -30.95 27.62
C ASP A 736 33.36 -30.60 26.16
N TYR A 737 32.76 -31.52 25.38
CA TYR A 737 32.61 -31.29 23.95
C TYR A 737 31.73 -30.07 23.67
N LEU A 738 30.56 -30.01 24.29
CA LEU A 738 29.64 -28.91 24.02
C LEU A 738 30.08 -27.59 24.64
N VAL A 739 31.10 -27.60 25.49
CA VAL A 739 31.55 -26.35 26.10
C VAL A 739 32.63 -25.67 25.27
N THR A 740 33.48 -26.43 24.59
CA THR A 740 34.61 -25.87 23.86
C THR A 740 34.50 -26.00 22.35
N SER A 741 33.95 -27.10 21.84
CA SER A 741 33.96 -27.33 20.40
C SER A 741 33.07 -26.33 19.67
N HIS A 742 33.56 -25.88 18.51
CA HIS A 742 32.78 -25.02 17.63
C HIS A 742 31.96 -25.89 16.69
N ILE A 743 30.65 -25.72 16.71
CA ILE A 743 29.73 -26.62 16.03
C ILE A 743 28.92 -25.83 15.00
N HIS A 744 28.74 -26.41 13.83
CA HIS A 744 27.87 -25.86 12.80
C HIS A 744 26.66 -26.76 12.64
N LEU A 745 25.47 -26.18 12.74
CA LEU A 745 24.23 -26.92 12.61
C LEU A 745 23.52 -26.50 11.32
N HIS A 746 23.13 -27.48 10.52
CA HIS A 746 22.47 -27.24 9.24
C HIS A 746 21.22 -28.11 9.14
N VAL A 747 20.20 -27.56 8.49
CA VAL A 747 18.99 -28.29 8.16
C VAL A 747 18.92 -28.37 6.63
N PRO A 748 18.92 -29.57 6.05
CA PRO A 748 19.03 -29.67 4.58
C PRO A 748 17.86 -29.07 3.83
N GLU A 749 17.93 -29.11 2.50
CA GLU A 749 17.03 -28.36 1.62
C GLU A 749 17.12 -26.86 1.94
N GLY A 750 18.30 -26.31 1.70
CA GLY A 750 18.60 -24.94 2.08
C GLY A 750 17.75 -23.90 1.38
N ALA A 751 17.10 -24.26 0.27
CA ALA A 751 16.23 -23.30 -0.40
C ALA A 751 14.91 -23.12 0.33
N THR A 752 14.39 -24.19 0.94
CA THR A 752 13.06 -24.15 1.54
C THR A 752 13.11 -23.42 2.87
N PRO A 753 12.32 -22.36 3.08
CA PRO A 753 12.28 -21.70 4.39
C PRO A 753 11.69 -22.60 5.45
N LYS A 754 12.18 -22.44 6.67
CA LYS A 754 11.75 -23.26 7.79
C LYS A 754 11.57 -22.39 9.03
N ASP A 755 10.52 -22.66 9.79
CA ASP A 755 10.24 -21.91 11.00
C ASP A 755 9.38 -22.76 11.91
N GLY A 756 9.32 -22.36 13.18
CA GLY A 756 8.54 -23.06 14.18
C GLY A 756 9.41 -23.76 15.19
N PRO A 757 8.96 -23.79 16.45
CA PRO A 757 9.73 -24.43 17.51
C PRO A 757 9.58 -25.94 17.58
N SER A 758 8.97 -26.57 16.58
CA SER A 758 8.72 -28.00 16.63
C SER A 758 10.00 -28.81 16.70
N ALA A 759 11.10 -28.29 16.13
CA ALA A 759 12.36 -29.00 16.08
C ALA A 759 13.23 -28.76 17.31
N GLY A 760 12.63 -28.36 18.44
CA GLY A 760 13.41 -28.08 19.62
C GLY A 760 14.13 -29.31 20.15
N CYS A 761 13.43 -30.43 20.26
CA CYS A 761 14.05 -31.64 20.79
C CYS A 761 14.96 -32.32 19.76
N THR A 762 14.67 -32.16 18.47
CA THR A 762 15.52 -32.73 17.45
C THR A 762 16.92 -32.13 17.51
N ILE A 763 17.01 -30.82 17.73
CA ILE A 763 18.31 -30.17 17.82
C ILE A 763 19.08 -30.67 19.03
N VAL A 764 18.40 -30.83 20.17
CA VAL A 764 19.07 -31.34 21.37
C VAL A 764 19.60 -32.74 21.11
N THR A 765 18.77 -33.60 20.49
CA THR A 765 19.21 -34.96 20.21
C THR A 765 20.39 -34.97 19.26
N ALA A 766 20.37 -34.10 18.23
CA ALA A 766 21.48 -34.03 17.30
C ALA A 766 22.76 -33.60 17.99
N LEU A 767 22.68 -32.57 18.83
CA LEU A 767 23.87 -32.09 19.52
C LEU A 767 24.43 -33.14 20.47
N LEU A 768 23.55 -33.82 21.22
CA LEU A 768 24.03 -34.84 22.15
C LEU A 768 24.61 -36.04 21.41
N SER A 769 23.99 -36.44 20.29
CA SER A 769 24.51 -37.56 19.52
C SER A 769 25.87 -37.22 18.91
N LEU A 770 26.04 -35.99 18.44
CA LEU A 770 27.34 -35.56 17.94
C LEU A 770 28.37 -35.56 19.06
N ALA A 771 28.01 -35.06 20.24
CA ALA A 771 28.96 -34.97 21.34
C ALA A 771 29.38 -36.35 21.82
N MET A 772 28.43 -37.28 21.95
CA MET A 772 28.73 -38.62 22.43
C MET A 772 29.23 -39.56 21.35
N GLY A 773 29.19 -39.14 20.08
CA GLY A 773 29.62 -40.00 18.99
C GLY A 773 28.78 -41.23 18.81
N ARG A 774 27.47 -41.13 19.03
CA ARG A 774 26.56 -42.26 18.93
C ARG A 774 25.40 -41.90 18.01
N PRO A 775 25.11 -42.71 17.00
CA PRO A 775 23.90 -42.48 16.22
C PRO A 775 22.65 -42.84 17.00
N VAL A 776 21.56 -42.16 16.68
CA VAL A 776 20.26 -42.44 17.30
C VAL A 776 19.66 -43.66 16.63
N ARG A 777 18.56 -44.17 17.20
CA ARG A 777 17.84 -45.28 16.58
C ARG A 777 17.54 -44.96 15.13
N GLN A 778 17.79 -45.94 14.26
CA GLN A 778 17.83 -45.68 12.83
C GLN A 778 16.46 -45.50 12.19
N ASN A 779 15.38 -45.72 12.93
CA ASN A 779 14.03 -45.53 12.40
C ASN A 779 13.18 -44.76 13.40
N LEU A 780 13.72 -43.69 13.96
CA LEU A 780 13.05 -42.92 15.00
C LEU A 780 12.84 -41.49 14.51
N ALA A 781 11.63 -40.96 14.71
CA ALA A 781 11.31 -39.58 14.43
C ALA A 781 10.77 -38.92 15.69
N MET A 782 11.15 -37.66 15.90
CA MET A 782 10.77 -36.96 17.12
C MET A 782 10.44 -35.52 16.81
N THR A 783 9.40 -35.01 17.47
CA THR A 783 9.01 -33.61 17.39
C THR A 783 8.64 -33.12 18.78
N GLY A 784 8.76 -31.82 18.98
CA GLY A 784 8.35 -31.23 20.25
C GLY A 784 9.21 -30.07 20.71
N GLU A 785 8.57 -29.00 21.14
CA GLU A 785 9.29 -27.85 21.68
C GLU A 785 9.92 -28.20 23.01
N VAL A 786 11.16 -27.73 23.23
CA VAL A 786 11.89 -27.98 24.46
C VAL A 786 12.11 -26.65 25.17
N SER A 787 11.84 -26.63 26.47
CA SER A 787 12.07 -25.44 27.28
C SER A 787 13.52 -25.40 27.74
N LEU A 788 13.85 -24.37 28.52
CA LEU A 788 15.23 -24.19 28.96
C LEU A 788 15.65 -25.24 29.96
N THR A 789 14.73 -25.72 30.79
CA THR A 789 15.02 -26.77 31.76
C THR A 789 14.74 -28.17 31.22
N GLY A 790 14.30 -28.29 29.98
CA GLY A 790 14.13 -29.57 29.35
C GLY A 790 12.71 -30.10 29.27
N LYS A 791 11.72 -29.34 29.72
CA LYS A 791 10.34 -29.80 29.60
C LYS A 791 9.90 -29.78 28.15
N ILE A 792 9.14 -30.78 27.75
CA ILE A 792 8.67 -30.94 26.37
C ILE A 792 7.28 -30.35 26.26
N LEU A 793 7.09 -29.46 25.30
CA LEU A 793 5.87 -28.69 25.12
C LEU A 793 5.11 -29.17 23.89
N PRO A 794 3.79 -28.96 23.84
CA PRO A 794 3.01 -29.46 22.70
C PRO A 794 3.31 -28.70 21.43
N VAL A 795 3.09 -29.39 20.30
CA VAL A 795 3.27 -28.82 18.97
C VAL A 795 2.05 -29.13 18.14
N GLY A 796 1.87 -28.34 17.07
CA GLY A 796 0.74 -28.51 16.18
C GLY A 796 1.09 -29.35 14.95
N GLY A 797 0.07 -29.55 14.11
CA GLY A 797 0.25 -30.33 12.90
C GLY A 797 0.60 -31.78 13.14
N ILE A 798 -0.08 -32.43 14.08
CA ILE A 798 0.25 -33.82 14.40
C ILE A 798 -0.15 -34.75 13.25
N LYS A 799 -1.27 -34.47 12.58
CA LYS A 799 -1.73 -35.35 11.51
C LYS A 799 -0.73 -35.42 10.36
N GLU A 800 -0.27 -34.26 9.89
CA GLU A 800 0.66 -34.25 8.77
C GLU A 800 2.00 -34.87 9.16
N LYS A 801 2.48 -34.59 10.36
CA LYS A 801 3.74 -35.20 10.81
C LYS A 801 3.62 -36.71 10.90
N THR A 802 2.50 -37.20 11.43
CA THR A 802 2.27 -38.64 11.52
C THR A 802 2.19 -39.27 10.15
N ILE A 803 1.49 -38.62 9.21
CA ILE A 803 1.40 -39.15 7.86
C ILE A 803 2.78 -39.21 7.20
N ALA A 804 3.57 -38.16 7.39
CA ALA A 804 4.91 -38.14 6.81
C ALA A 804 5.79 -39.23 7.43
N ALA A 805 5.69 -39.43 8.74
CA ALA A 805 6.49 -40.46 9.40
C ALA A 805 6.10 -41.84 8.91
N LYS A 806 4.79 -42.11 8.79
CA LYS A 806 4.35 -43.41 8.30
C LYS A 806 4.78 -43.62 6.85
N ARG A 807 4.69 -42.56 6.04
CA ARG A 807 5.09 -42.66 4.64
C ARG A 807 6.57 -42.92 4.49
N ALA A 808 7.39 -42.31 5.32
CA ALA A 808 8.85 -42.42 5.21
C ALA A 808 9.40 -43.69 5.82
N GLY A 809 8.55 -44.57 6.35
CA GLY A 809 9.04 -45.80 6.92
C GLY A 809 9.47 -45.73 8.36
N VAL A 810 9.02 -44.72 9.11
CA VAL A 810 9.36 -44.62 10.53
C VAL A 810 8.58 -45.67 11.31
N THR A 811 9.29 -46.37 12.20
CA THR A 811 8.66 -47.38 13.05
C THR A 811 8.29 -46.85 14.42
N CYS A 812 9.10 -45.96 15.00
CA CYS A 812 8.85 -45.42 16.33
C CYS A 812 8.84 -43.90 16.25
N ILE A 813 7.82 -43.28 16.83
CA ILE A 813 7.65 -41.83 16.80
C ILE A 813 7.54 -41.33 18.23
N VAL A 814 8.21 -40.21 18.52
CA VAL A 814 8.23 -39.61 19.84
C VAL A 814 7.46 -38.30 19.80
N LEU A 815 6.47 -38.16 20.68
CA LEU A 815 5.60 -36.99 20.70
C LEU A 815 5.46 -36.47 22.11
N PRO A 816 5.14 -35.18 22.26
CA PRO A 816 4.89 -34.63 23.60
C PRO A 816 3.68 -35.28 24.24
N ALA A 817 3.70 -35.33 25.58
CA ALA A 817 2.62 -35.98 26.31
C ALA A 817 1.29 -35.28 26.10
N GLU A 818 1.30 -33.98 25.82
CA GLU A 818 0.05 -33.26 25.61
C GLU A 818 -0.54 -33.50 24.23
N ASN A 819 0.24 -34.05 23.30
CA ASN A 819 -0.26 -34.36 21.96
C ASN A 819 -0.90 -35.73 21.87
N LYS A 820 -1.15 -36.37 23.01
CA LYS A 820 -1.83 -37.67 23.01
C LYS A 820 -3.24 -37.54 22.44
N LYS A 821 -3.94 -36.47 22.81
CA LYS A 821 -5.29 -36.24 22.28
C LYS A 821 -5.27 -36.04 20.77
N ASP A 822 -4.28 -35.30 20.27
CA ASP A 822 -4.18 -35.09 18.82
C ASP A 822 -3.85 -36.39 18.10
N PHE A 823 -2.94 -37.19 18.69
CA PHE A 823 -2.56 -38.44 18.06
C PHE A 823 -3.72 -39.43 18.00
N TYR A 824 -4.50 -39.53 19.07
CA TYR A 824 -5.60 -40.49 19.10
C TYR A 824 -6.85 -39.99 18.40
N ASP A 825 -6.89 -38.72 17.98
CA ASP A 825 -8.01 -38.25 17.18
C ASP A 825 -7.89 -38.67 15.71
N LEU A 826 -6.72 -39.16 15.30
CA LEU A 826 -6.50 -39.51 13.91
C LEU A 826 -7.28 -40.77 13.54
N ALA A 827 -7.41 -40.98 12.24
CA ALA A 827 -8.09 -42.17 11.73
C ALA A 827 -7.32 -43.43 12.14
N ALA A 828 -8.06 -44.53 12.28
CA ALA A 828 -7.45 -45.76 12.75
C ALA A 828 -6.37 -46.26 11.80
N PHE A 829 -6.62 -46.20 10.50
CA PHE A 829 -5.68 -46.77 9.53
C PHE A 829 -4.40 -45.96 9.42
N ILE A 830 -4.39 -44.70 9.86
CA ILE A 830 -3.19 -43.88 9.74
C ILE A 830 -2.11 -44.36 10.70
N THR A 831 -2.49 -44.65 11.95
CA THR A 831 -1.53 -44.91 13.02
C THR A 831 -1.43 -46.38 13.39
N GLU A 832 -1.66 -47.30 12.45
CA GLU A 832 -1.64 -48.72 12.78
C GLU A 832 -0.24 -49.20 13.13
N GLY A 833 0.75 -48.88 12.31
CA GLY A 833 2.06 -49.45 12.44
C GLY A 833 3.08 -48.65 13.22
N LEU A 834 2.66 -47.62 13.95
CA LEU A 834 3.58 -46.74 14.65
C LEU A 834 3.66 -47.09 16.12
N GLU A 835 4.88 -47.33 16.60
CA GLU A 835 5.14 -47.50 18.03
C GLU A 835 5.36 -46.10 18.62
N VAL A 836 4.29 -45.49 19.09
CA VAL A 836 4.34 -44.12 19.56
C VAL A 836 4.82 -44.09 20.99
N HIS A 837 5.58 -43.05 21.35
CA HIS A 837 5.98 -42.79 22.71
C HIS A 837 5.67 -41.35 23.07
N PHE A 838 5.11 -41.15 24.26
CA PHE A 838 4.73 -39.84 24.75
C PHE A 838 5.63 -39.47 25.92
N VAL A 839 6.17 -38.26 25.88
CA VAL A 839 7.19 -37.83 26.83
C VAL A 839 6.76 -36.53 27.50
N GLU A 840 7.21 -36.35 28.74
CA GLU A 840 7.00 -35.11 29.47
C GLU A 840 8.25 -34.28 29.60
N HIS A 841 9.41 -34.91 29.78
CA HIS A 841 10.68 -34.22 29.92
C HIS A 841 11.70 -34.90 29.03
N TYR A 842 12.74 -34.15 28.64
CA TYR A 842 13.65 -34.62 27.61
C TYR A 842 14.40 -35.88 28.03
N ARG A 843 14.57 -36.12 29.33
CA ARG A 843 15.30 -37.32 29.75
C ARG A 843 14.64 -38.58 29.23
N GLU A 844 13.31 -38.59 29.11
CA GLU A 844 12.63 -39.73 28.52
C GLU A 844 13.04 -39.93 27.06
N ILE A 845 13.13 -38.83 26.30
CA ILE A 845 13.56 -38.91 24.90
C ILE A 845 15.00 -39.40 24.83
N PHE A 846 15.86 -38.93 25.74
CA PHE A 846 17.24 -39.37 25.76
C PHE A 846 17.34 -40.87 26.02
N ASP A 847 16.52 -41.38 26.94
CA ASP A 847 16.52 -42.82 27.19
C ASP A 847 15.97 -43.60 26.01
N ILE A 848 14.96 -43.06 25.33
CA ILE A 848 14.36 -43.77 24.19
C ILE A 848 15.31 -43.81 23.00
N ALA A 849 15.95 -42.69 22.68
CA ALA A 849 16.73 -42.60 21.44
C ALA A 849 18.03 -43.39 21.53
N PHE A 850 18.61 -43.51 22.72
CA PHE A 850 19.88 -44.21 22.87
C PHE A 850 19.71 -45.52 23.64
N ALA B 319 -48.28 -14.82 -37.82
CA ALA B 319 -47.60 -14.01 -38.82
C ALA B 319 -46.10 -14.29 -38.83
N ILE B 320 -45.36 -13.62 -37.95
CA ILE B 320 -43.92 -13.84 -37.85
C ILE B 320 -43.61 -15.19 -37.21
N GLU B 321 -44.61 -15.82 -36.59
CA GLU B 321 -44.38 -17.04 -35.81
C GLU B 321 -43.79 -18.14 -36.68
N GLU B 322 -44.30 -18.34 -37.89
CA GLU B 322 -43.88 -19.50 -38.66
C GLU B 322 -42.46 -19.36 -39.21
N LYS B 323 -42.02 -18.14 -39.57
CA LYS B 323 -40.68 -17.99 -40.14
C LYS B 323 -39.60 -18.42 -39.15
N PHE B 324 -39.87 -18.33 -37.85
CA PHE B 324 -38.92 -18.89 -36.89
C PHE B 324 -38.92 -20.42 -36.92
N ARG B 325 -40.01 -21.01 -37.41
CA ARG B 325 -40.15 -22.46 -37.32
C ARG B 325 -39.26 -23.17 -38.34
N GLU B 326 -39.19 -22.66 -39.58
CA GLU B 326 -38.48 -23.42 -40.61
C GLU B 326 -36.98 -23.54 -40.29
N ARG B 327 -36.38 -22.48 -39.76
CA ARG B 327 -34.97 -22.55 -39.39
C ARG B 327 -34.74 -23.41 -38.16
N LEU B 328 -35.77 -24.03 -37.62
CA LEU B 328 -35.69 -24.70 -36.33
C LEU B 328 -35.81 -26.22 -36.42
N LYS B 329 -36.18 -26.76 -37.59
CA LYS B 329 -36.46 -28.21 -37.66
C LYS B 329 -35.20 -29.03 -37.45
N GLU B 330 -34.13 -28.71 -38.16
CA GLU B 330 -32.91 -29.51 -38.13
C GLU B 330 -32.22 -29.50 -36.76
N LEU B 331 -32.60 -28.58 -35.88
CA LEU B 331 -32.01 -28.53 -34.55
C LEU B 331 -32.59 -29.63 -33.67
N VAL B 332 -31.74 -30.25 -32.86
CA VAL B 332 -32.18 -31.22 -31.86
C VAL B 332 -32.45 -30.42 -30.59
N VAL B 333 -33.67 -29.89 -30.50
CA VAL B 333 -34.05 -28.94 -29.47
C VAL B 333 -34.39 -29.66 -28.17
N PRO B 334 -33.75 -29.34 -27.06
CA PRO B 334 -34.17 -29.88 -25.77
C PRO B 334 -35.52 -29.32 -25.35
N LYS B 335 -36.16 -30.03 -24.40
CA LYS B 335 -37.56 -29.77 -24.08
C LYS B 335 -37.76 -28.40 -23.45
N HIS B 336 -36.88 -27.99 -22.54
CA HIS B 336 -37.10 -26.76 -21.79
C HIS B 336 -37.05 -25.53 -22.70
N VAL B 337 -36.05 -25.46 -23.57
CA VAL B 337 -35.97 -24.31 -24.48
C VAL B 337 -37.11 -24.35 -25.49
N MET B 338 -37.56 -25.56 -25.86
CA MET B 338 -38.73 -25.65 -26.74
C MET B 338 -39.97 -25.09 -26.06
N ASP B 339 -40.16 -25.40 -24.77
CA ASP B 339 -41.28 -24.84 -24.02
C ASP B 339 -41.18 -23.32 -23.94
N VAL B 340 -39.99 -22.80 -23.67
CA VAL B 340 -39.80 -21.36 -23.60
C VAL B 340 -40.12 -20.71 -24.95
N VAL B 341 -39.63 -21.30 -26.04
CA VAL B 341 -39.89 -20.76 -27.36
C VAL B 341 -41.38 -20.79 -27.68
N ASP B 342 -42.06 -21.88 -27.33
CA ASP B 342 -43.49 -21.96 -27.57
C ASP B 342 -44.25 -20.90 -26.78
N GLU B 343 -43.86 -20.67 -25.53
CA GLU B 343 -44.51 -19.64 -24.73
C GLU B 343 -44.31 -18.27 -25.33
N GLU B 344 -43.08 -17.97 -25.76
CA GLU B 344 -42.81 -16.66 -26.36
C GLU B 344 -43.55 -16.48 -27.68
N LEU B 345 -43.64 -17.54 -28.48
CA LEU B 345 -44.42 -17.47 -29.72
C LEU B 345 -45.90 -17.23 -29.43
N SER B 346 -46.43 -17.92 -28.42
CA SER B 346 -47.84 -17.71 -28.07
C SER B 346 -48.08 -16.28 -27.61
N LYS B 347 -47.17 -15.72 -26.82
CA LYS B 347 -47.32 -14.34 -26.39
C LYS B 347 -47.07 -13.35 -27.53
N LEU B 348 -46.32 -13.75 -28.56
CA LEU B 348 -46.02 -12.85 -29.67
C LEU B 348 -47.27 -12.51 -30.46
N GLY B 349 -48.13 -13.50 -30.72
CA GLY B 349 -49.32 -13.26 -31.50
C GLY B 349 -50.30 -12.31 -30.84
N LEU B 350 -50.37 -12.35 -29.51
CA LEU B 350 -51.29 -11.47 -28.79
C LEU B 350 -50.86 -10.00 -28.84
N LEU B 351 -49.55 -9.74 -28.86
CA LEU B 351 -49.05 -8.38 -28.79
C LEU B 351 -49.30 -7.64 -30.10
N ASP B 352 -49.27 -6.31 -30.00
CA ASP B 352 -49.47 -5.46 -31.17
C ASP B 352 -48.24 -5.51 -32.08
N ASN B 353 -48.43 -5.04 -33.32
CA ASN B 353 -47.36 -5.11 -34.30
C ASN B 353 -46.20 -4.19 -33.97
N HIS B 354 -46.47 -3.03 -33.37
CA HIS B 354 -45.44 -2.04 -33.11
C HIS B 354 -45.24 -1.78 -31.61
N SER B 355 -45.69 -2.69 -30.76
CA SER B 355 -45.45 -2.55 -29.33
C SER B 355 -43.98 -2.82 -28.99
N SER B 356 -43.50 -2.11 -27.97
CA SER B 356 -42.11 -2.31 -27.53
C SER B 356 -41.90 -3.72 -27.00
N GLU B 357 -42.89 -4.24 -26.24
CA GLU B 357 -42.81 -5.62 -25.78
C GLU B 357 -42.78 -6.58 -26.96
N PHE B 358 -43.47 -6.24 -28.05
CA PHE B 358 -43.42 -7.09 -29.23
C PHE B 358 -42.01 -7.15 -29.80
N ASN B 359 -41.33 -6.00 -29.87
CA ASN B 359 -39.95 -6.00 -30.35
C ASN B 359 -39.03 -6.78 -29.42
N VAL B 360 -39.21 -6.62 -28.11
CA VAL B 360 -38.37 -7.35 -27.16
C VAL B 360 -38.58 -8.85 -27.33
N THR B 361 -39.83 -9.28 -27.43
CA THR B 361 -40.13 -10.71 -27.60
C THR B 361 -39.60 -11.23 -28.92
N ARG B 362 -39.72 -10.43 -29.99
CA ARG B 362 -39.22 -10.88 -31.28
C ARG B 362 -37.70 -11.04 -31.27
N ASN B 363 -36.99 -10.10 -30.65
CA ASN B 363 -35.54 -10.23 -30.53
C ASN B 363 -35.16 -11.44 -29.70
N TYR B 364 -35.87 -11.66 -28.59
CA TYR B 364 -35.59 -12.82 -27.75
C TYR B 364 -35.83 -14.12 -28.52
N LEU B 365 -36.91 -14.18 -29.28
CA LEU B 365 -37.21 -15.37 -30.07
C LEU B 365 -36.15 -15.61 -31.14
N ASP B 366 -35.72 -14.54 -31.81
CA ASP B 366 -34.69 -14.68 -32.82
C ASP B 366 -33.40 -15.20 -32.23
N TRP B 367 -33.00 -14.67 -31.06
CA TRP B 367 -31.80 -15.17 -30.41
C TRP B 367 -31.95 -16.63 -29.98
N LEU B 368 -33.12 -16.99 -29.45
CA LEU B 368 -33.33 -18.37 -29.01
C LEU B 368 -33.29 -19.34 -30.17
N THR B 369 -33.90 -18.97 -31.30
CA THR B 369 -33.95 -19.86 -32.45
C THR B 369 -32.69 -19.80 -33.31
N SER B 370 -31.79 -18.83 -33.06
CA SER B 370 -30.54 -18.77 -33.80
C SER B 370 -29.47 -19.69 -33.23
N ILE B 371 -29.54 -20.01 -31.95
CA ILE B 371 -28.52 -20.87 -31.33
C ILE B 371 -28.59 -22.27 -31.93
N PRO B 372 -27.48 -22.82 -32.40
CA PRO B 372 -27.49 -24.13 -33.09
C PRO B 372 -27.66 -25.30 -32.13
N TRP B 373 -28.91 -25.51 -31.69
CA TRP B 373 -29.19 -26.57 -30.74
C TRP B 373 -28.95 -27.94 -31.36
N GLY B 374 -28.00 -28.68 -30.78
CA GLY B 374 -27.84 -30.08 -31.11
C GLY B 374 -27.32 -30.40 -32.48
N LYS B 375 -26.62 -29.47 -33.12
CA LYS B 375 -25.98 -29.73 -34.41
C LYS B 375 -24.47 -29.54 -34.28
N TYR B 376 -23.72 -30.39 -34.95
CA TYR B 376 -22.28 -30.46 -34.79
C TYR B 376 -21.60 -30.49 -36.15
N SER B 377 -20.32 -30.10 -36.16
CA SER B 377 -19.51 -30.22 -37.35
C SER B 377 -19.03 -31.66 -37.52
N ASN B 378 -18.69 -32.01 -38.75
CA ASN B 378 -18.14 -33.33 -39.07
C ASN B 378 -16.67 -33.32 -38.68
N GLU B 379 -16.41 -33.69 -37.42
CA GLU B 379 -15.05 -33.69 -36.91
C GLU B 379 -14.17 -34.69 -37.68
N ASN B 380 -12.95 -34.28 -37.96
CA ASN B 380 -11.98 -35.18 -38.58
C ASN B 380 -11.38 -36.09 -37.51
N LEU B 381 -11.49 -37.40 -37.72
CA LEU B 381 -11.01 -38.38 -36.76
C LEU B 381 -9.93 -39.28 -37.32
N ASP B 382 -9.31 -38.91 -38.43
CA ASP B 382 -8.19 -39.66 -38.98
C ASP B 382 -6.90 -39.17 -38.33
N LEU B 383 -6.19 -40.08 -37.67
CA LEU B 383 -4.96 -39.69 -36.98
C LEU B 383 -3.89 -39.22 -37.96
N ALA B 384 -3.76 -39.90 -39.09
CA ALA B 384 -2.73 -39.54 -40.07
C ALA B 384 -2.99 -38.16 -40.65
N ARG B 385 -4.23 -37.89 -41.06
CA ARG B 385 -4.54 -36.59 -41.64
C ARG B 385 -4.39 -35.47 -40.62
N ALA B 386 -4.83 -35.70 -39.39
CA ALA B 386 -4.69 -34.69 -38.35
C ALA B 386 -3.22 -34.41 -38.06
N GLN B 387 -2.41 -35.46 -37.97
CA GLN B 387 -0.98 -35.27 -37.72
C GLN B 387 -0.32 -34.51 -38.87
N ALA B 388 -0.68 -34.84 -40.11
CA ALA B 388 -0.14 -34.12 -41.25
C ALA B 388 -0.53 -32.65 -41.23
N VAL B 389 -1.79 -32.36 -40.88
CA VAL B 389 -2.23 -30.97 -40.81
C VAL B 389 -1.48 -30.23 -39.71
N LEU B 390 -1.29 -30.86 -38.56
CA LEU B 390 -0.57 -30.21 -37.48
C LEU B 390 0.90 -29.97 -37.84
N GLU B 391 1.53 -30.90 -38.55
CA GLU B 391 2.95 -30.77 -38.85
C GLU B 391 3.21 -29.63 -39.84
N GLU B 392 2.33 -29.44 -40.81
CA GLU B 392 2.60 -28.49 -41.89
C GLU B 392 2.57 -27.04 -41.44
N ASP B 393 2.09 -26.75 -40.23
CA ASP B 393 1.94 -25.38 -39.76
C ASP B 393 2.90 -25.00 -38.65
N HIS B 394 3.21 -25.91 -37.74
CA HIS B 394 4.08 -25.62 -36.60
C HIS B 394 5.11 -26.73 -36.44
N TYR B 395 6.27 -26.36 -35.92
CA TYR B 395 7.38 -27.29 -35.72
C TYR B 395 7.67 -27.50 -34.25
N GLY B 396 7.82 -28.76 -33.86
CA GLY B 396 8.46 -29.11 -32.62
C GLY B 396 7.63 -29.05 -31.36
N MET B 397 6.36 -28.65 -31.44
CA MET B 397 5.51 -28.61 -30.25
C MET B 397 4.90 -30.00 -30.05
N GLU B 398 5.75 -30.92 -29.62
CA GLU B 398 5.38 -32.34 -29.57
C GLU B 398 4.31 -32.60 -28.52
N ASP B 399 4.39 -31.95 -27.37
CA ASP B 399 3.44 -32.23 -26.30
C ASP B 399 2.02 -31.84 -26.68
N VAL B 400 1.84 -30.66 -27.27
CA VAL B 400 0.51 -30.22 -27.67
C VAL B 400 -0.06 -31.13 -28.75
N LYS B 401 0.77 -31.48 -29.74
CA LYS B 401 0.31 -32.35 -30.81
C LYS B 401 -0.08 -33.73 -30.28
N LYS B 402 0.71 -34.27 -29.36
CA LYS B 402 0.37 -35.55 -28.75
C LYS B 402 -0.93 -35.45 -27.97
N ARG B 403 -1.15 -34.34 -27.26
CA ARG B 403 -2.40 -34.16 -26.54
C ARG B 403 -3.58 -34.13 -27.49
N ILE B 404 -3.43 -33.43 -28.63
CA ILE B 404 -4.52 -33.36 -29.60
C ILE B 404 -4.79 -34.73 -30.22
N LEU B 405 -3.73 -35.49 -30.51
CA LEU B 405 -3.92 -36.83 -31.05
C LEU B 405 -4.62 -37.75 -30.04
N GLU B 406 -4.26 -37.63 -28.76
CA GLU B 406 -4.96 -38.41 -27.74
C GLU B 406 -6.42 -37.99 -27.64
N PHE B 407 -6.69 -36.69 -27.77
CA PHE B 407 -8.07 -36.20 -27.78
C PHE B 407 -8.84 -36.81 -28.94
N ILE B 408 -8.21 -36.89 -30.12
CA ILE B 408 -8.87 -37.49 -31.28
C ILE B 408 -9.13 -38.96 -31.05
N ALA B 409 -8.15 -39.68 -30.48
CA ALA B 409 -8.33 -41.10 -30.23
C ALA B 409 -9.48 -41.35 -29.26
N VAL B 410 -9.56 -40.56 -28.19
CA VAL B 410 -10.66 -40.71 -27.24
C VAL B 410 -11.99 -40.39 -27.89
N SER B 411 -12.04 -39.31 -28.68
CA SER B 411 -13.27 -38.98 -29.38
C SER B 411 -13.64 -40.01 -30.44
N GLN B 412 -12.67 -40.83 -30.86
CA GLN B 412 -12.94 -41.88 -31.84
C GLN B 412 -13.42 -43.17 -31.19
N LEU B 413 -12.92 -43.50 -29.99
CA LEU B 413 -13.36 -44.73 -29.33
C LEU B 413 -14.85 -44.70 -29.04
N ARG B 414 -15.37 -43.58 -28.58
CA ARG B 414 -16.79 -43.39 -28.35
C ARG B 414 -17.32 -42.37 -29.35
N GLY B 415 -18.36 -42.73 -30.08
CA GLY B 415 -18.84 -41.92 -31.18
C GLY B 415 -19.58 -40.68 -30.74
N SER B 416 -18.85 -39.74 -30.13
CA SER B 416 -19.43 -38.48 -29.68
C SER B 416 -18.41 -37.37 -29.87
N THR B 417 -18.92 -36.14 -29.96
CA THR B 417 -18.07 -34.96 -30.11
C THR B 417 -17.61 -34.51 -28.72
N GLN B 418 -16.48 -35.08 -28.30
CA GLN B 418 -15.92 -34.78 -26.98
C GLN B 418 -15.50 -33.33 -26.89
N GLY B 419 -15.67 -32.75 -25.72
CA GLY B 419 -15.21 -31.39 -25.46
C GLY B 419 -14.47 -31.31 -24.15
N LYS B 420 -13.31 -30.63 -24.19
CA LYS B 420 -12.43 -30.53 -23.04
C LYS B 420 -11.97 -29.09 -22.86
N ILE B 421 -11.21 -28.87 -21.80
CA ILE B 421 -10.66 -27.56 -21.48
C ILE B 421 -9.16 -27.71 -21.31
N LEU B 422 -8.39 -26.91 -22.05
CA LEU B 422 -6.93 -26.95 -22.02
C LEU B 422 -6.39 -25.55 -21.81
N CYS B 423 -5.26 -25.47 -21.10
CA CYS B 423 -4.55 -24.21 -20.89
C CYS B 423 -3.11 -24.36 -21.36
N PHE B 424 -2.65 -23.42 -22.17
CA PHE B 424 -1.29 -23.40 -22.67
C PHE B 424 -0.56 -22.23 -22.02
N TYR B 425 0.53 -22.52 -21.32
CA TYR B 425 1.31 -21.49 -20.64
C TYR B 425 2.79 -21.70 -20.93
N GLY B 426 3.51 -20.59 -21.05
CA GLY B 426 4.93 -20.62 -21.35
C GLY B 426 5.47 -19.25 -21.68
N PRO B 427 6.75 -19.19 -22.06
CA PRO B 427 7.35 -17.90 -22.39
C PRO B 427 6.73 -17.32 -23.65
N PRO B 428 6.77 -16.00 -23.82
CA PRO B 428 6.17 -15.39 -25.01
C PRO B 428 6.86 -15.83 -26.29
N GLY B 429 6.07 -15.92 -27.36
CA GLY B 429 6.59 -16.22 -28.67
C GLY B 429 6.84 -17.68 -28.97
N VAL B 430 6.29 -18.60 -28.16
CA VAL B 430 6.51 -20.01 -28.40
C VAL B 430 5.49 -20.64 -29.33
N GLY B 431 4.33 -20.03 -29.51
CA GLY B 431 3.35 -20.55 -30.44
C GLY B 431 2.06 -21.00 -29.78
N LYS B 432 1.65 -20.32 -28.72
CA LYS B 432 0.42 -20.67 -28.02
C LYS B 432 -0.81 -20.25 -28.82
N THR B 433 -0.90 -18.96 -29.14
CA THR B 433 -2.07 -18.45 -29.84
C THR B 433 -2.19 -19.05 -31.24
N SER B 434 -1.07 -19.17 -31.95
CA SER B 434 -1.10 -19.60 -33.34
C SER B 434 -1.57 -21.04 -33.47
N ILE B 435 -1.10 -21.92 -32.58
CA ILE B 435 -1.39 -23.34 -32.64
C ILE B 435 -2.89 -23.60 -32.55
N ALA B 436 -3.64 -22.66 -31.96
CA ALA B 436 -5.08 -22.81 -31.83
C ALA B 436 -5.75 -23.02 -33.18
N ARG B 437 -5.41 -22.17 -34.16
CA ARG B 437 -6.01 -22.29 -35.48
C ARG B 437 -5.62 -23.59 -36.17
N SER B 438 -4.36 -24.01 -36.00
CA SER B 438 -3.94 -25.29 -36.57
C SER B 438 -4.70 -26.46 -35.96
N ILE B 439 -4.92 -26.41 -34.64
CA ILE B 439 -5.69 -27.45 -33.98
C ILE B 439 -7.12 -27.45 -34.48
N ALA B 440 -7.70 -26.27 -34.66
CA ALA B 440 -9.07 -26.18 -35.18
C ALA B 440 -9.16 -26.77 -36.58
N ARG B 441 -8.16 -26.49 -37.43
CA ARG B 441 -8.15 -27.08 -38.77
C ARG B 441 -8.01 -28.60 -38.69
N ALA B 442 -7.13 -29.10 -37.84
CA ALA B 442 -6.94 -30.54 -37.73
C ALA B 442 -8.21 -31.23 -37.26
N LEU B 443 -8.89 -30.65 -36.27
CA LEU B 443 -10.15 -31.20 -35.78
C LEU B 443 -11.32 -30.89 -36.69
N ASN B 444 -11.13 -30.04 -37.69
CA ASN B 444 -12.20 -29.61 -38.59
C ASN B 444 -13.33 -28.93 -37.82
N ARG B 445 -12.98 -28.23 -36.74
CA ARG B 445 -13.94 -27.49 -35.94
C ARG B 445 -13.90 -26.02 -36.30
N GLU B 446 -15.00 -25.33 -36.01
CA GLU B 446 -15.02 -23.88 -36.16
C GLU B 446 -14.11 -23.23 -35.13
N TYR B 447 -13.50 -22.12 -35.51
CA TYR B 447 -12.53 -21.44 -34.67
C TYR B 447 -13.03 -20.04 -34.31
N PHE B 448 -12.82 -19.66 -33.05
CA PHE B 448 -13.20 -18.35 -32.57
C PHE B 448 -12.22 -17.91 -31.50
N ARG B 449 -11.80 -16.65 -31.58
CA ARG B 449 -10.83 -16.09 -30.65
C ARG B 449 -11.54 -15.07 -29.76
N PHE B 450 -11.31 -15.18 -28.46
CA PHE B 450 -11.95 -14.33 -27.45
C PHE B 450 -10.85 -13.94 -26.47
N SER B 451 -10.25 -12.78 -26.70
CA SER B 451 -9.14 -12.31 -25.87
C SER B 451 -9.70 -11.56 -24.67
N VAL B 452 -9.43 -12.07 -23.47
CA VAL B 452 -9.93 -11.47 -22.24
C VAL B 452 -8.89 -10.61 -21.54
N GLY B 453 -7.74 -10.38 -22.18
CA GLY B 453 -6.70 -9.57 -21.58
C GLY B 453 -7.14 -8.15 -21.30
N GLY B 454 -7.05 -7.74 -20.03
CA GLY B 454 -7.46 -6.42 -19.62
C GLY B 454 -8.96 -6.21 -19.55
N MET B 455 -9.75 -7.25 -19.82
CA MET B 455 -11.21 -7.11 -19.78
C MET B 455 -11.68 -7.01 -18.34
N THR B 456 -12.61 -6.09 -18.09
CA THR B 456 -13.15 -5.87 -16.76
C THR B 456 -14.66 -5.98 -16.69
N ASP B 457 -15.33 -6.24 -17.81
CA ASP B 457 -16.80 -6.28 -17.86
C ASP B 457 -17.26 -7.72 -17.84
N VAL B 458 -18.01 -8.09 -16.79
CA VAL B 458 -18.59 -9.43 -16.71
C VAL B 458 -19.69 -9.59 -17.75
N ALA B 459 -20.28 -8.48 -18.21
CA ALA B 459 -21.33 -8.54 -19.22
C ALA B 459 -20.85 -9.13 -20.53
N GLU B 460 -19.54 -9.11 -20.79
CA GLU B 460 -19.03 -9.81 -21.97
C GLU B 460 -19.22 -11.31 -21.84
N ILE B 461 -19.01 -11.85 -20.64
CA ILE B 461 -19.19 -13.28 -20.42
C ILE B 461 -20.68 -13.63 -20.34
N LYS B 462 -21.43 -12.89 -19.53
CA LYS B 462 -22.79 -13.29 -19.18
C LYS B 462 -23.89 -12.51 -19.90
N GLY B 463 -23.55 -11.45 -20.63
CA GLY B 463 -24.61 -10.70 -21.26
C GLY B 463 -25.40 -9.87 -20.26
N HIS B 464 -26.56 -9.40 -20.71
CA HIS B 464 -27.45 -8.60 -19.88
C HIS B 464 -28.86 -9.16 -19.91
N ARG B 465 -29.64 -8.80 -18.89
CA ARG B 465 -31.06 -9.13 -18.87
C ARG B 465 -31.76 -8.45 -20.05
N ARG B 466 -32.69 -9.17 -20.67
CA ARG B 466 -33.34 -8.64 -21.87
C ARG B 466 -34.28 -7.47 -21.60
N THR B 467 -34.47 -7.09 -20.33
CA THR B 467 -35.29 -5.92 -20.03
C THR B 467 -34.67 -4.65 -20.60
N TYR B 468 -33.35 -4.53 -20.52
CA TYR B 468 -32.67 -3.33 -20.95
C TYR B 468 -32.81 -3.11 -22.46
N VAL B 469 -32.50 -1.88 -22.88
CA VAL B 469 -32.79 -1.47 -24.26
C VAL B 469 -31.95 -2.26 -25.25
N GLY B 470 -30.64 -2.34 -25.01
CA GLY B 470 -29.75 -2.96 -25.98
C GLY B 470 -29.05 -4.21 -25.49
N ALA B 471 -29.76 -5.05 -24.75
CA ALA B 471 -29.14 -6.25 -24.20
C ALA B 471 -28.74 -7.23 -25.30
N MET B 472 -27.57 -7.83 -25.14
CA MET B 472 -27.07 -8.85 -26.05
C MET B 472 -26.52 -10.00 -25.23
N PRO B 473 -26.57 -11.23 -25.76
CA PRO B 473 -26.32 -12.42 -24.92
C PRO B 473 -24.88 -12.65 -24.53
N GLY B 474 -23.95 -11.76 -24.85
CA GLY B 474 -22.56 -11.97 -24.49
C GLY B 474 -21.77 -12.63 -25.60
N LYS B 475 -20.48 -12.81 -25.33
CA LYS B 475 -19.55 -13.23 -26.38
C LYS B 475 -19.75 -14.70 -26.74
N ILE B 476 -19.96 -15.56 -25.75
CA ILE B 476 -20.05 -17.00 -26.01
C ILE B 476 -21.28 -17.33 -26.84
N ILE B 477 -22.42 -16.74 -26.48
CA ILE B 477 -23.65 -17.02 -27.20
C ILE B 477 -23.59 -16.45 -28.62
N GLN B 478 -22.98 -15.27 -28.77
CA GLN B 478 -22.79 -14.72 -30.10
C GLN B 478 -21.86 -15.60 -30.93
N CYS B 479 -20.86 -16.20 -30.29
CA CYS B 479 -20.01 -17.17 -30.97
C CYS B 479 -20.81 -18.37 -31.45
N LEU B 480 -21.67 -18.90 -30.58
CA LEU B 480 -22.50 -20.03 -30.98
C LEU B 480 -23.40 -19.67 -32.15
N LYS B 481 -23.97 -18.46 -32.12
CA LYS B 481 -24.82 -18.02 -33.22
C LYS B 481 -24.03 -17.91 -34.52
N LYS B 482 -22.83 -17.32 -34.46
CA LYS B 482 -22.07 -17.05 -35.67
C LYS B 482 -21.48 -18.31 -36.26
N THR B 483 -20.91 -19.18 -35.42
CA THR B 483 -20.28 -20.40 -35.90
C THR B 483 -21.28 -21.49 -36.26
N LYS B 484 -22.52 -21.38 -35.80
CA LYS B 484 -23.61 -22.29 -36.16
C LYS B 484 -23.36 -23.73 -35.71
N THR B 485 -22.47 -23.94 -34.73
CA THR B 485 -22.19 -25.27 -34.22
C THR B 485 -21.95 -25.19 -32.72
N GLU B 486 -22.08 -26.35 -32.06
CA GLU B 486 -21.76 -26.49 -30.64
C GLU B 486 -20.37 -27.07 -30.43
N ASN B 487 -19.63 -27.34 -31.50
CA ASN B 487 -18.24 -27.78 -31.46
C ASN B 487 -17.18 -26.70 -31.19
N PRO B 488 -17.38 -25.42 -31.55
CA PRO B 488 -16.25 -24.57 -31.91
C PRO B 488 -15.17 -24.49 -30.83
N LEU B 489 -13.93 -24.42 -31.28
CA LEU B 489 -12.79 -24.24 -30.40
C LEU B 489 -12.73 -22.78 -29.97
N ILE B 490 -12.96 -22.52 -28.69
CA ILE B 490 -12.91 -21.17 -28.15
C ILE B 490 -11.49 -20.92 -27.64
N LEU B 491 -10.89 -19.83 -28.10
CA LEU B 491 -9.54 -19.43 -27.66
C LEU B 491 -9.69 -18.26 -26.71
N ILE B 492 -9.61 -18.54 -25.41
CA ILE B 492 -9.66 -17.49 -24.38
C ILE B 492 -8.22 -17.02 -24.18
N ASP B 493 -7.84 -16.00 -24.94
CA ASP B 493 -6.45 -15.56 -24.98
C ASP B 493 -6.15 -14.65 -23.80
N GLU B 494 -4.93 -14.79 -23.26
CA GLU B 494 -4.45 -14.00 -22.13
C GLU B 494 -5.40 -14.14 -20.93
N VAL B 495 -5.60 -15.38 -20.50
CA VAL B 495 -6.50 -15.64 -19.38
C VAL B 495 -5.90 -15.14 -18.07
N ASP B 496 -4.57 -15.15 -17.94
CA ASP B 496 -3.94 -14.71 -16.70
C ASP B 496 -3.95 -13.20 -16.54
N LYS B 497 -4.19 -12.44 -17.62
CA LYS B 497 -4.18 -10.99 -17.57
C LYS B 497 -5.59 -10.41 -17.57
N ILE B 498 -6.58 -11.19 -17.13
CA ILE B 498 -7.94 -10.67 -17.06
C ILE B 498 -8.01 -9.62 -15.95
N GLY B 499 -8.80 -8.57 -16.19
CA GLY B 499 -8.80 -7.43 -15.29
C GLY B 499 -9.60 -7.63 -14.02
N ARG B 500 -8.94 -7.44 -12.88
CA ARG B 500 -9.61 -7.49 -11.57
C ARG B 500 -10.30 -6.14 -11.35
N GLY B 501 -11.49 -6.03 -11.92
CA GLY B 501 -12.22 -4.77 -11.85
C GLY B 501 -12.79 -4.50 -10.47
N TYR B 502 -12.98 -3.21 -10.19
CA TYR B 502 -13.56 -2.81 -8.93
C TYR B 502 -15.07 -3.05 -8.89
N GLN B 503 -15.74 -2.97 -10.03
CA GLN B 503 -17.17 -3.20 -10.10
C GLN B 503 -17.52 -4.67 -10.27
N GLY B 504 -16.53 -5.55 -10.35
CA GLY B 504 -16.75 -6.97 -10.51
C GLY B 504 -15.53 -7.64 -11.10
N ASP B 505 -15.39 -8.93 -10.79
CA ASP B 505 -14.26 -9.71 -11.27
C ASP B 505 -14.73 -10.67 -12.36
N PRO B 506 -14.38 -10.44 -13.62
CA PRO B 506 -14.81 -11.38 -14.67
C PRO B 506 -14.28 -12.78 -14.50
N SER B 507 -13.14 -12.95 -13.84
CA SER B 507 -12.58 -14.29 -13.65
C SER B 507 -13.52 -15.18 -12.83
N SER B 508 -14.28 -14.58 -11.92
CA SER B 508 -15.27 -15.36 -11.17
C SER B 508 -16.37 -15.88 -12.08
N ALA B 509 -16.67 -15.17 -13.16
CA ALA B 509 -17.65 -15.66 -14.12
C ALA B 509 -17.11 -16.78 -14.98
N LEU B 510 -15.79 -16.82 -15.18
CA LEU B 510 -15.20 -17.92 -15.93
C LEU B 510 -15.32 -19.24 -15.19
N LEU B 511 -15.43 -19.19 -13.87
CA LEU B 511 -15.56 -20.43 -13.09
C LEU B 511 -16.81 -21.20 -13.48
N GLU B 512 -17.93 -20.49 -13.64
CA GLU B 512 -19.14 -21.14 -14.12
C GLU B 512 -18.99 -21.61 -15.56
N LEU B 513 -18.24 -20.87 -16.37
CA LEU B 513 -18.05 -21.24 -17.76
C LEU B 513 -17.14 -22.45 -17.90
N LEU B 514 -16.11 -22.55 -17.07
CA LEU B 514 -15.06 -23.54 -17.21
C LEU B 514 -15.19 -24.71 -16.23
N ASP B 515 -16.25 -24.76 -15.44
CA ASP B 515 -16.42 -25.87 -14.51
C ASP B 515 -16.89 -27.09 -15.29
N PRO B 516 -16.12 -28.18 -15.35
CA PRO B 516 -16.51 -29.32 -16.21
C PRO B 516 -17.84 -29.94 -15.85
N GLU B 517 -18.19 -30.01 -14.56
CA GLU B 517 -19.46 -30.60 -14.17
C GLU B 517 -20.63 -29.66 -14.43
N GLN B 518 -20.45 -28.36 -14.19
CA GLN B 518 -21.49 -27.38 -14.39
C GLN B 518 -21.45 -26.74 -15.78
N ASN B 519 -20.52 -27.16 -16.64
CA ASN B 519 -20.42 -26.58 -17.96
C ASN B 519 -21.68 -26.84 -18.79
N ALA B 520 -22.26 -28.04 -18.64
CA ALA B 520 -23.43 -28.41 -19.42
C ALA B 520 -24.66 -27.59 -19.09
N ASN B 521 -24.64 -26.82 -18.00
CA ASN B 521 -25.78 -25.99 -17.59
C ASN B 521 -25.38 -24.53 -17.51
N PHE B 522 -24.52 -24.06 -18.42
CA PHE B 522 -24.16 -22.66 -18.46
C PHE B 522 -25.37 -21.79 -18.71
N LEU B 523 -25.53 -20.74 -17.91
CA LEU B 523 -26.74 -19.92 -17.91
C LEU B 523 -26.34 -18.45 -18.08
N ASP B 524 -26.54 -17.92 -19.29
CA ASP B 524 -26.32 -16.50 -19.52
C ASP B 524 -27.52 -15.70 -19.07
N HIS B 525 -27.31 -14.40 -18.89
CA HIS B 525 -28.35 -13.53 -18.37
C HIS B 525 -29.39 -13.13 -19.40
N TYR B 526 -29.13 -13.35 -20.69
CA TYR B 526 -30.08 -12.93 -21.72
C TYR B 526 -31.06 -14.03 -22.09
N LEU B 527 -30.54 -15.20 -22.50
CA LEU B 527 -31.42 -16.29 -22.90
C LEU B 527 -32.19 -16.86 -21.71
N ASP B 528 -31.58 -16.86 -20.54
CA ASP B 528 -32.16 -17.44 -19.33
C ASP B 528 -32.53 -18.90 -19.48
N VAL B 529 -31.81 -19.62 -20.34
CA VAL B 529 -31.98 -21.07 -20.49
C VAL B 529 -30.61 -21.71 -20.46
N PRO B 530 -30.46 -22.91 -19.92
CA PRO B 530 -29.14 -23.56 -19.90
C PRO B 530 -28.72 -23.98 -21.30
N VAL B 531 -27.44 -23.78 -21.61
CA VAL B 531 -26.86 -24.15 -22.90
C VAL B 531 -25.78 -25.18 -22.65
N ASP B 532 -25.81 -26.27 -23.41
CA ASP B 532 -24.86 -27.36 -23.25
C ASP B 532 -23.55 -26.98 -23.92
N LEU B 533 -22.58 -26.53 -23.14
CA LEU B 533 -21.25 -26.21 -23.64
C LEU B 533 -20.24 -27.32 -23.39
N SER B 534 -20.69 -28.49 -22.94
CA SER B 534 -19.76 -29.56 -22.60
C SER B 534 -19.04 -30.11 -23.82
N LYS B 535 -19.55 -29.87 -25.02
CA LYS B 535 -18.90 -30.31 -26.24
C LYS B 535 -17.94 -29.28 -26.81
N VAL B 536 -17.90 -28.07 -26.24
CA VAL B 536 -17.02 -27.02 -26.72
C VAL B 536 -15.62 -27.25 -26.17
N LEU B 537 -14.62 -27.11 -27.03
CA LEU B 537 -13.22 -27.22 -26.65
C LEU B 537 -12.68 -25.84 -26.32
N PHE B 538 -12.26 -25.64 -25.08
CA PHE B 538 -11.74 -24.37 -24.62
C PHE B 538 -10.22 -24.43 -24.53
N ILE B 539 -9.55 -23.48 -25.17
CA ILE B 539 -8.10 -23.35 -25.11
C ILE B 539 -7.78 -21.98 -24.57
N CYS B 540 -7.06 -21.94 -23.44
CA CYS B 540 -6.71 -20.70 -22.77
C CYS B 540 -5.20 -20.52 -22.80
N THR B 541 -4.75 -19.34 -23.22
CA THR B 541 -3.32 -19.05 -23.32
C THR B 541 -2.92 -18.07 -22.23
N ALA B 542 -1.76 -18.31 -21.63
CA ALA B 542 -1.24 -17.47 -20.58
C ALA B 542 0.28 -17.51 -20.61
N ASN B 543 0.90 -16.52 -19.98
CA ASN B 543 2.36 -16.46 -19.91
C ASN B 543 2.91 -16.92 -18.57
N VAL B 544 2.19 -16.68 -17.48
CA VAL B 544 2.62 -17.12 -16.15
C VAL B 544 1.42 -17.75 -15.45
N THR B 545 1.63 -18.92 -14.86
CA THR B 545 0.55 -19.64 -14.19
C THR B 545 0.26 -19.10 -12.80
N ASP B 546 1.16 -18.29 -12.24
CA ASP B 546 0.99 -17.83 -10.86
C ASP B 546 -0.23 -16.92 -10.74
N THR B 547 -0.43 -16.04 -11.72
CA THR B 547 -1.48 -15.01 -11.61
C THR B 547 -2.88 -15.61 -11.73
N ILE B 548 -3.02 -16.72 -12.44
CA ILE B 548 -4.36 -17.30 -12.65
C ILE B 548 -4.93 -17.72 -11.30
N PRO B 549 -6.21 -17.46 -11.01
CA PRO B 549 -6.76 -17.85 -9.72
C PRO B 549 -6.68 -19.36 -9.50
N GLU B 550 -6.39 -19.73 -8.25
CA GLU B 550 -6.22 -21.15 -7.92
C GLU B 550 -7.48 -21.97 -8.19
N PRO B 551 -8.69 -21.53 -7.81
CA PRO B 551 -9.88 -22.32 -8.20
C PRO B 551 -10.05 -22.47 -9.69
N LEU B 552 -9.65 -21.45 -10.47
CA LEU B 552 -9.73 -21.57 -11.93
C LEU B 552 -8.63 -22.49 -12.46
N ARG B 553 -7.43 -22.43 -11.87
CA ARG B 553 -6.37 -23.34 -12.29
C ARG B 553 -6.73 -24.78 -12.00
N ASP B 554 -7.48 -25.04 -10.92
CA ASP B 554 -7.86 -26.40 -10.59
C ASP B 554 -8.75 -27.01 -11.66
N ARG B 555 -9.55 -26.20 -12.35
CA ARG B 555 -10.47 -26.71 -13.36
C ARG B 555 -9.82 -26.98 -14.70
N MET B 556 -8.70 -26.32 -15.00
CA MET B 556 -8.06 -26.43 -16.30
C MET B 556 -6.89 -27.40 -16.25
N GLU B 557 -6.58 -27.96 -17.42
CA GLU B 557 -5.39 -28.81 -17.58
C GLU B 557 -4.25 -27.94 -18.10
N MET B 558 -3.21 -27.80 -17.30
CA MET B 558 -2.08 -26.94 -17.63
C MET B 558 -1.06 -27.72 -18.45
N ILE B 559 -0.72 -27.17 -19.62
CA ILE B 559 0.30 -27.74 -20.50
C ILE B 559 1.39 -26.70 -20.70
N ASN B 560 2.63 -27.08 -20.44
CA ASN B 560 3.76 -26.16 -20.49
C ASN B 560 4.35 -26.17 -21.89
N VAL B 561 4.17 -25.08 -22.63
CA VAL B 561 4.76 -24.93 -23.96
C VAL B 561 6.08 -24.19 -23.75
N SER B 562 7.15 -24.94 -23.55
CA SER B 562 8.45 -24.35 -23.26
C SER B 562 9.06 -23.77 -24.55
N GLY B 563 10.23 -23.18 -24.39
CA GLY B 563 10.91 -22.54 -25.50
C GLY B 563 11.59 -23.54 -26.43
N TYR B 564 12.34 -22.98 -27.37
CA TYR B 564 12.99 -23.77 -28.41
C TYR B 564 14.51 -23.72 -28.26
N VAL B 565 15.15 -24.84 -28.52
CA VAL B 565 16.61 -24.91 -28.52
C VAL B 565 17.14 -24.35 -29.85
N ALA B 566 18.44 -24.09 -29.89
CA ALA B 566 19.04 -23.44 -31.06
C ALA B 566 18.79 -24.24 -32.34
N GLN B 567 18.90 -25.57 -32.28
CA GLN B 567 18.62 -26.38 -33.45
C GLN B 567 17.14 -26.28 -33.85
N GLU B 568 16.25 -26.31 -32.87
CA GLU B 568 14.83 -26.12 -33.16
C GLU B 568 14.57 -24.74 -33.74
N LYS B 569 15.26 -23.72 -33.22
CA LYS B 569 15.11 -22.38 -33.78
C LYS B 569 15.59 -22.32 -35.22
N LEU B 570 16.70 -23.01 -35.54
CA LEU B 570 17.19 -23.02 -36.91
C LEU B 570 16.18 -23.68 -37.83
N ALA B 571 15.62 -24.83 -37.41
CA ALA B 571 14.63 -25.51 -38.23
C ALA B 571 13.40 -24.64 -38.43
N ILE B 572 12.89 -24.06 -37.34
CA ILE B 572 11.71 -23.19 -37.42
C ILE B 572 11.98 -22.03 -38.37
N ALA B 573 13.14 -21.37 -38.21
CA ALA B 573 13.48 -20.25 -39.07
C ALA B 573 13.47 -20.68 -40.52
N GLU B 574 14.37 -21.59 -40.90
CA GLU B 574 14.57 -21.92 -42.31
C GLU B 574 13.39 -22.64 -42.93
N ARG B 575 12.42 -23.14 -42.15
CA ARG B 575 11.26 -23.76 -42.78
C ARG B 575 10.01 -22.89 -42.76
N TYR B 576 9.85 -21.98 -41.80
CA TYR B 576 8.66 -21.17 -41.73
C TYR B 576 8.93 -19.68 -41.79
N LEU B 577 9.89 -19.18 -41.02
CA LEU B 577 10.04 -17.74 -40.88
C LEU B 577 10.66 -17.12 -42.13
N VAL B 578 11.71 -17.74 -42.66
CA VAL B 578 12.36 -17.19 -43.85
C VAL B 578 11.44 -17.15 -45.06
N PRO B 579 10.72 -18.22 -45.41
CA PRO B 579 9.76 -18.11 -46.52
C PRO B 579 8.68 -17.06 -46.28
N GLN B 580 8.15 -16.97 -45.07
CA GLN B 580 7.13 -15.97 -44.78
C GLN B 580 7.68 -14.55 -44.89
N ALA B 581 8.88 -14.32 -44.36
CA ALA B 581 9.49 -13.00 -44.47
C ALA B 581 9.80 -12.65 -45.91
N ARG B 582 10.23 -13.64 -46.69
CA ARG B 582 10.47 -13.40 -48.11
C ARG B 582 9.18 -13.02 -48.83
N ALA B 583 8.08 -13.72 -48.51
CA ALA B 583 6.80 -13.39 -49.13
C ALA B 583 6.35 -12.00 -48.74
N LEU B 584 6.51 -11.63 -47.47
CA LEU B 584 6.11 -10.29 -47.03
C LEU B 584 6.95 -9.21 -47.69
N CYS B 585 8.26 -9.42 -47.78
CA CYS B 585 9.16 -8.42 -48.33
C CYS B 585 9.29 -8.50 -49.85
N GLY B 586 8.74 -9.53 -50.48
CA GLY B 586 8.74 -9.62 -51.93
C GLY B 586 10.05 -9.99 -52.56
N LEU B 587 11.04 -10.40 -51.79
CA LEU B 587 12.34 -10.75 -52.34
C LEU B 587 12.36 -12.22 -52.75
N ASP B 588 12.69 -12.47 -54.01
CA ASP B 588 12.92 -13.83 -54.48
C ASP B 588 14.18 -14.38 -53.82
N GLU B 589 14.26 -15.71 -53.76
CA GLU B 589 15.41 -16.36 -53.13
C GLU B 589 16.71 -15.99 -53.81
N SER B 590 16.68 -15.78 -55.13
CA SER B 590 17.91 -15.47 -55.86
C SER B 590 18.44 -14.07 -55.57
N LYS B 591 17.59 -13.18 -55.04
CA LYS B 591 18.01 -11.80 -54.80
C LYS B 591 18.67 -11.60 -53.45
N ALA B 592 18.35 -12.43 -52.46
CA ALA B 592 18.92 -12.30 -51.11
C ALA B 592 19.10 -13.70 -50.55
N LYS B 593 20.31 -14.23 -50.64
CA LYS B 593 20.59 -15.57 -50.15
C LYS B 593 20.79 -15.56 -48.64
N LEU B 594 20.14 -16.51 -47.96
CA LEU B 594 20.28 -16.70 -46.51
C LEU B 594 20.55 -18.17 -46.27
N SER B 595 21.81 -18.51 -46.04
CA SER B 595 22.21 -19.90 -45.89
C SER B 595 21.94 -20.39 -44.47
N SER B 596 22.14 -21.70 -44.27
CA SER B 596 21.92 -22.28 -42.96
C SER B 596 22.99 -21.86 -41.96
N ASP B 597 24.24 -21.73 -42.42
CA ASP B 597 25.32 -21.38 -41.51
C ASP B 597 25.19 -19.96 -40.98
N VAL B 598 24.80 -19.02 -41.85
CA VAL B 598 24.62 -17.65 -41.39
C VAL B 598 23.43 -17.56 -40.43
N LEU B 599 22.38 -18.35 -40.67
CA LEU B 599 21.26 -18.38 -39.73
C LEU B 599 21.69 -18.97 -38.39
N THR B 600 22.53 -20.01 -38.42
CA THR B 600 23.03 -20.58 -37.17
C THR B 600 23.86 -19.55 -36.40
N LEU B 601 24.73 -18.83 -37.10
CA LEU B 601 25.53 -17.80 -36.43
C LEU B 601 24.65 -16.70 -35.87
N LEU B 602 23.64 -16.28 -36.63
CA LEU B 602 22.73 -15.24 -36.17
C LEU B 602 21.98 -15.69 -34.92
N ILE B 603 21.54 -16.95 -34.89
CA ILE B 603 20.83 -17.47 -33.73
C ILE B 603 21.75 -17.51 -32.52
N LYS B 604 22.98 -18.02 -32.71
CA LYS B 604 23.87 -18.17 -31.56
C LYS B 604 24.42 -16.84 -31.07
N GLN B 605 24.44 -15.81 -31.90
CA GLN B 605 24.99 -14.52 -31.48
C GLN B 605 23.94 -13.54 -30.98
N TYR B 606 22.72 -13.58 -31.53
CA TYR B 606 21.71 -12.58 -31.21
C TYR B 606 20.44 -13.16 -30.60
N CYS B 607 19.93 -14.27 -31.15
CA CYS B 607 18.63 -14.81 -30.75
C CYS B 607 18.80 -15.98 -29.78
N ARG B 608 19.22 -15.66 -28.56
CA ARG B 608 19.51 -16.69 -27.57
C ARG B 608 18.41 -16.89 -26.54
N GLU B 609 17.26 -16.23 -26.70
CA GLU B 609 16.16 -16.39 -25.76
C GLU B 609 15.38 -17.66 -26.08
N SER B 610 14.22 -17.84 -25.45
CA SER B 610 13.38 -19.02 -25.71
C SER B 610 12.27 -18.76 -26.71
N GLY B 611 11.95 -17.50 -26.98
CA GLY B 611 10.90 -17.16 -27.92
C GLY B 611 11.36 -17.20 -29.37
N VAL B 612 10.48 -16.76 -30.25
CA VAL B 612 10.74 -16.76 -31.67
C VAL B 612 10.61 -15.38 -32.31
N ARG B 613 9.86 -14.46 -31.71
CA ARG B 613 9.57 -13.18 -32.35
C ARG B 613 10.85 -12.41 -32.67
N ASN B 614 11.84 -12.44 -31.77
CA ASN B 614 13.08 -11.71 -32.03
C ASN B 614 13.82 -12.26 -33.25
N LEU B 615 13.84 -13.58 -33.40
CA LEU B 615 14.46 -14.17 -34.58
C LEU B 615 13.75 -13.72 -35.86
N GLN B 616 12.42 -13.68 -35.81
CA GLN B 616 11.65 -13.20 -36.95
C GLN B 616 11.98 -11.75 -37.27
N LYS B 617 12.13 -10.91 -36.24
CA LYS B 617 12.46 -9.51 -36.48
C LYS B 617 13.87 -9.36 -37.04
N GLN B 618 14.82 -10.18 -36.58
CA GLN B 618 16.17 -10.12 -37.15
C GLN B 618 16.17 -10.52 -38.61
N VAL B 619 15.45 -11.60 -38.95
CA VAL B 619 15.37 -12.03 -40.34
C VAL B 619 14.71 -10.95 -41.20
N GLU B 620 13.66 -10.33 -40.67
CA GLU B 620 13.01 -9.24 -41.40
C GLU B 620 13.94 -8.07 -41.61
N LYS B 621 14.76 -7.74 -40.59
CA LYS B 621 15.73 -6.66 -40.75
C LYS B 621 16.73 -6.97 -41.85
N VAL B 622 17.26 -8.20 -41.87
CA VAL B 622 18.22 -8.56 -42.90
C VAL B 622 17.60 -8.46 -44.28
N LEU B 623 16.38 -9.01 -44.43
CA LEU B 623 15.74 -9.01 -45.74
C LEU B 623 15.38 -7.59 -46.18
N ARG B 624 14.93 -6.73 -45.25
CA ARG B 624 14.57 -5.38 -45.63
C ARG B 624 15.80 -4.55 -45.98
N LYS B 625 16.93 -4.78 -45.30
CA LYS B 625 18.15 -4.09 -45.69
C LYS B 625 18.62 -4.53 -47.07
N SER B 626 18.53 -5.84 -47.36
CA SER B 626 18.86 -6.30 -48.70
C SER B 626 17.92 -5.70 -49.74
N ALA B 627 16.63 -5.58 -49.40
CA ALA B 627 15.67 -4.99 -50.32
C ALA B 627 15.99 -3.52 -50.58
N TYR B 628 16.37 -2.77 -49.55
CA TYR B 628 16.76 -1.38 -49.76
C TYR B 628 18.02 -1.28 -50.61
N LYS B 629 18.97 -2.19 -50.41
CA LYS B 629 20.16 -2.20 -51.25
C LYS B 629 19.80 -2.46 -52.70
N ILE B 630 18.86 -3.37 -52.95
CA ILE B 630 18.47 -3.70 -54.31
C ILE B 630 17.72 -2.53 -54.96
N VAL B 631 16.78 -1.93 -54.24
CA VAL B 631 15.93 -0.89 -54.82
C VAL B 631 16.74 0.34 -55.19
N SER B 632 17.63 0.79 -54.31
CA SER B 632 18.38 2.02 -54.54
C SER B 632 19.47 1.86 -55.60
N GLY B 633 19.55 0.72 -56.27
CA GLY B 633 20.56 0.53 -57.30
C GLY B 633 21.95 0.27 -56.78
N GLU B 634 22.12 0.10 -55.47
CA GLU B 634 23.45 -0.17 -54.93
C GLU B 634 23.98 -1.51 -55.41
N ALA B 635 23.11 -2.52 -55.51
CA ALA B 635 23.49 -3.82 -56.02
C ALA B 635 22.25 -4.52 -56.53
N GLU B 636 22.45 -5.51 -57.39
CA GLU B 636 21.36 -6.33 -57.91
C GLU B 636 21.28 -7.69 -57.24
N SER B 637 22.30 -8.10 -56.50
CA SER B 637 22.28 -9.33 -55.73
C SER B 637 23.02 -9.10 -54.43
N VAL B 638 22.47 -9.63 -53.34
CA VAL B 638 23.02 -9.44 -52.01
C VAL B 638 23.38 -10.81 -51.44
N GLU B 639 24.62 -10.94 -50.98
CA GLU B 639 25.12 -12.17 -50.38
C GLU B 639 25.40 -11.92 -48.90
N VAL B 640 24.64 -12.56 -48.03
CA VAL B 640 24.78 -12.37 -46.59
C VAL B 640 25.80 -13.41 -46.11
N THR B 641 27.08 -13.05 -46.21
CA THR B 641 28.14 -13.89 -45.70
C THR B 641 28.17 -13.81 -44.18
N PRO B 642 28.76 -14.81 -43.51
CA PRO B 642 28.92 -14.71 -42.05
C PRO B 642 29.81 -13.55 -41.63
N GLU B 643 30.69 -13.07 -42.51
CA GLU B 643 31.58 -11.98 -42.14
C GLU B 643 30.84 -10.64 -42.09
N ASN B 644 29.96 -10.39 -43.07
CA ASN B 644 29.31 -9.09 -43.19
C ASN B 644 27.93 -9.04 -42.56
N LEU B 645 27.56 -10.06 -41.78
CA LEU B 645 26.27 -10.04 -41.10
C LEU B 645 26.17 -8.87 -40.12
N GLN B 646 27.31 -8.39 -39.61
CA GLN B 646 27.30 -7.24 -38.73
C GLN B 646 26.77 -6.00 -39.42
N ASP B 647 27.05 -5.86 -40.73
CA ASP B 647 26.53 -4.72 -41.47
C ASP B 647 25.01 -4.72 -41.55
N PHE B 648 24.38 -5.88 -41.43
CA PHE B 648 22.93 -5.99 -41.49
C PHE B 648 22.28 -5.98 -40.11
N VAL B 649 22.94 -6.53 -39.09
CA VAL B 649 22.33 -6.66 -37.78
C VAL B 649 23.01 -5.80 -36.71
N GLY B 650 24.30 -5.53 -36.82
CA GLY B 650 24.97 -4.70 -35.84
C GLY B 650 25.89 -5.45 -34.90
N LYS B 651 26.00 -4.97 -33.67
CA LYS B 651 26.93 -5.56 -32.71
C LYS B 651 26.41 -6.91 -32.23
N PRO B 652 27.26 -7.94 -32.17
CA PRO B 652 26.83 -9.21 -31.55
C PRO B 652 26.48 -9.00 -30.09
N VAL B 653 25.45 -9.73 -29.64
CA VAL B 653 25.01 -9.59 -28.25
C VAL B 653 25.76 -10.54 -27.32
N PHE B 654 26.10 -11.75 -27.78
CA PHE B 654 26.83 -12.71 -26.98
C PHE B 654 28.06 -13.15 -27.77
N THR B 655 29.24 -12.92 -27.20
CA THR B 655 30.49 -13.24 -27.88
C THR B 655 31.39 -14.19 -27.09
N VAL B 656 31.50 -14.01 -25.78
CA VAL B 656 32.38 -14.83 -24.95
C VAL B 656 31.53 -15.90 -24.27
N GLU B 657 31.95 -17.16 -24.40
CA GLU B 657 31.20 -18.26 -23.81
C GLU B 657 31.73 -18.64 -22.43
N ARG B 658 33.04 -18.60 -22.24
CA ARG B 658 33.64 -18.90 -20.95
C ARG B 658 34.77 -17.93 -20.66
N MET B 659 34.89 -17.56 -19.39
CA MET B 659 35.86 -16.54 -18.99
C MET B 659 37.29 -17.08 -18.97
N TYR B 660 37.47 -18.33 -18.55
CA TYR B 660 38.80 -18.94 -18.43
C TYR B 660 38.92 -20.04 -19.47
N ASP B 661 39.94 -19.94 -20.33
CA ASP B 661 40.23 -21.03 -21.24
C ASP B 661 40.91 -22.18 -20.51
N VAL B 662 41.82 -21.87 -19.59
CA VAL B 662 42.42 -22.85 -18.69
C VAL B 662 42.31 -22.32 -17.27
N THR B 663 41.87 -23.16 -16.36
CA THR B 663 41.56 -22.70 -15.02
C THR B 663 42.82 -22.68 -14.15
N PRO B 664 43.18 -21.55 -13.55
CA PRO B 664 44.23 -21.55 -12.53
C PRO B 664 43.79 -22.33 -11.30
N PRO B 665 44.69 -22.57 -10.34
CA PRO B 665 44.34 -23.48 -9.23
C PRO B 665 43.12 -23.06 -8.43
N GLY B 666 42.83 -21.77 -8.32
CA GLY B 666 41.80 -21.35 -7.41
C GLY B 666 40.39 -21.28 -7.93
N VAL B 667 40.13 -21.67 -9.17
CA VAL B 667 38.81 -21.47 -9.77
C VAL B 667 38.24 -22.79 -10.26
N VAL B 668 36.90 -22.86 -10.26
CA VAL B 668 36.17 -24.02 -10.75
C VAL B 668 34.98 -23.52 -11.57
N MET B 669 34.74 -24.17 -12.70
CA MET B 669 33.65 -23.76 -13.59
C MET B 669 32.31 -24.29 -13.08
N GLY B 670 31.30 -23.43 -13.12
CA GLY B 670 29.97 -23.81 -12.71
C GLY B 670 28.94 -23.46 -13.78
N LEU B 671 27.70 -23.85 -13.52
CA LEU B 671 26.60 -23.63 -14.44
C LEU B 671 25.46 -22.94 -13.72
N ALA B 672 24.76 -22.06 -14.45
CA ALA B 672 23.68 -21.27 -13.87
C ALA B 672 22.54 -21.18 -14.86
N TRP B 673 21.32 -21.05 -14.33
CA TRP B 673 20.14 -20.83 -15.15
C TRP B 673 19.97 -19.35 -15.45
N THR B 674 19.68 -19.04 -16.71
CA THR B 674 19.42 -17.67 -17.13
C THR B 674 18.28 -17.66 -18.13
N ALA B 675 17.60 -16.51 -18.22
CA ALA B 675 16.50 -16.39 -19.16
C ALA B 675 16.98 -16.49 -20.61
N MET B 676 18.12 -15.86 -20.92
CA MET B 676 18.69 -15.89 -22.26
C MET B 676 19.50 -17.16 -22.47
N GLY B 677 18.82 -18.30 -22.33
CA GLY B 677 19.47 -19.58 -22.44
C GLY B 677 20.33 -19.88 -21.23
N GLY B 678 21.10 -20.95 -21.34
CA GLY B 678 22.00 -21.31 -20.26
C GLY B 678 23.16 -20.34 -20.13
N SER B 679 23.81 -20.40 -18.98
CA SER B 679 24.98 -19.57 -18.72
C SER B 679 25.90 -20.31 -17.77
N THR B 680 27.16 -19.90 -17.75
CA THR B 680 28.18 -20.51 -16.90
C THR B 680 28.80 -19.47 -15.99
N LEU B 681 29.15 -19.88 -14.78
CA LEU B 681 29.81 -19.02 -13.82
C LEU B 681 31.05 -19.72 -13.28
N PHE B 682 32.04 -18.92 -12.93
CA PHE B 682 33.29 -19.40 -12.36
C PHE B 682 33.37 -18.94 -10.92
N VAL B 683 33.75 -19.83 -10.02
CA VAL B 683 33.95 -19.49 -8.61
C VAL B 683 35.43 -19.23 -8.38
N GLU B 684 35.77 -18.03 -7.95
CA GLU B 684 37.15 -17.61 -7.77
C GLU B 684 37.48 -17.48 -6.30
N THR B 685 38.62 -18.03 -5.90
CA THR B 685 39.11 -17.94 -4.53
C THR B 685 40.55 -17.51 -4.53
N SER B 686 40.94 -16.78 -3.49
CA SER B 686 42.32 -16.32 -3.33
C SER B 686 42.54 -15.95 -1.88
N LEU B 687 43.81 -15.89 -1.49
CA LEU B 687 44.18 -15.50 -0.14
C LEU B 687 44.00 -14.00 0.06
N ARG B 688 43.66 -13.62 1.29
CA ARG B 688 43.56 -12.22 1.67
C ARG B 688 44.74 -11.76 2.51
N ARG B 689 45.35 -12.66 3.28
CA ARG B 689 46.55 -12.36 4.05
C ARG B 689 47.62 -13.38 3.72
N PRO B 690 48.91 -12.98 3.75
CA PRO B 690 49.95 -13.83 3.17
C PRO B 690 50.15 -15.16 3.89
N GLN B 691 50.01 -15.20 5.22
CA GLN B 691 50.35 -16.41 5.95
C GLN B 691 49.29 -17.48 5.73
N ASP B 692 49.73 -18.68 5.39
CA ASP B 692 48.83 -19.80 5.15
C ASP B 692 49.20 -21.02 6.00
N LYS B 699 43.83 -17.86 16.93
CA LYS B 699 43.67 -17.39 15.56
C LYS B 699 43.01 -18.46 14.70
N ASP B 700 42.06 -18.04 13.85
CA ASP B 700 41.31 -18.95 13.02
C ASP B 700 41.09 -18.32 11.65
N GLY B 701 40.88 -19.16 10.66
CA GLY B 701 40.63 -18.68 9.31
C GLY B 701 39.26 -18.08 9.16
N SER B 702 39.07 -17.37 8.05
CA SER B 702 37.82 -16.69 7.77
C SER B 702 37.59 -16.67 6.27
N LEU B 703 36.33 -16.54 5.89
CA LEU B 703 35.93 -16.52 4.49
C LEU B 703 35.15 -15.24 4.22
N GLU B 704 35.59 -14.48 3.23
CA GLU B 704 34.88 -13.30 2.76
C GLU B 704 34.24 -13.62 1.42
N VAL B 705 32.94 -13.35 1.31
CA VAL B 705 32.16 -13.70 0.13
C VAL B 705 31.68 -12.43 -0.54
N THR B 706 32.02 -12.27 -1.82
CA THR B 706 31.59 -11.12 -2.61
C THR B 706 31.08 -11.59 -3.95
N GLY B 707 30.38 -10.69 -4.64
CA GLY B 707 29.84 -11.02 -5.95
C GLY B 707 28.34 -10.81 -6.05
N GLN B 708 27.79 -9.99 -5.14
CA GLN B 708 26.35 -9.74 -5.07
C GLN B 708 25.58 -11.04 -4.90
N LEU B 709 26.14 -11.95 -4.12
CA LEU B 709 25.49 -13.23 -3.87
C LEU B 709 24.27 -13.03 -2.97
N GLY B 710 23.21 -13.77 -3.25
CA GLY B 710 22.02 -13.72 -2.43
C GLY B 710 22.23 -14.42 -1.10
N GLU B 711 21.20 -14.34 -0.26
CA GLU B 711 21.28 -14.94 1.07
C GLU B 711 21.44 -16.45 0.99
N VAL B 712 20.69 -17.10 0.09
CA VAL B 712 20.73 -18.54 -0.03
C VAL B 712 22.12 -19.00 -0.46
N MET B 713 22.72 -18.31 -1.43
CA MET B 713 24.02 -18.75 -1.91
C MET B 713 25.13 -18.42 -0.93
N LYS B 714 25.00 -17.34 -0.15
CA LYS B 714 25.96 -17.09 0.92
C LYS B 714 25.87 -18.17 1.99
N GLU B 715 24.64 -18.58 2.33
CA GLU B 715 24.47 -19.67 3.29
C GLU B 715 25.08 -20.96 2.76
N SER B 716 24.88 -21.24 1.48
CA SER B 716 25.51 -22.41 0.87
C SER B 716 27.03 -22.29 0.86
N ALA B 717 27.55 -21.07 0.73
CA ALA B 717 28.99 -20.87 0.82
C ALA B 717 29.52 -21.20 2.21
N ARG B 718 28.78 -20.79 3.24
CA ARG B 718 29.19 -21.14 4.60
C ARG B 718 29.16 -22.65 4.81
N ILE B 719 28.11 -23.31 4.33
CA ILE B 719 28.01 -24.77 4.45
C ILE B 719 29.16 -25.43 3.71
N ALA B 720 29.49 -24.92 2.52
CA ALA B 720 30.59 -25.46 1.74
C ALA B 720 31.92 -25.27 2.45
N TYR B 721 32.12 -24.11 3.09
CA TYR B 721 33.34 -23.88 3.84
C TYR B 721 33.50 -24.87 4.98
N THR B 722 32.42 -25.10 5.74
CA THR B 722 32.48 -26.05 6.83
C THR B 722 32.77 -27.47 6.32
N PHE B 723 32.08 -27.88 5.25
CA PHE B 723 32.31 -29.23 4.74
C PHE B 723 33.69 -29.38 4.15
N ALA B 724 34.22 -28.35 3.48
CA ALA B 724 35.57 -28.42 2.96
C ALA B 724 36.57 -28.55 4.09
N ARG B 725 36.37 -27.80 5.17
CA ARG B 725 37.23 -27.97 6.34
C ARG B 725 37.22 -29.40 6.84
N ALA B 726 36.02 -29.98 7.00
CA ALA B 726 35.93 -31.36 7.51
C ALA B 726 36.57 -32.35 6.54
N PHE B 727 36.32 -32.18 5.24
CA PHE B 727 36.82 -33.13 4.25
C PHE B 727 38.33 -33.08 4.15
N LEU B 728 38.91 -31.88 4.18
CA LEU B 728 40.36 -31.79 4.15
C LEU B 728 40.98 -32.21 5.48
N MET B 729 40.23 -32.12 6.58
CA MET B 729 40.70 -32.67 7.83
C MET B 729 40.82 -34.18 7.75
N GLN B 730 39.81 -34.84 7.20
CA GLN B 730 39.84 -36.30 7.15
C GLN B 730 40.75 -36.83 6.04
N HIS B 731 40.84 -36.13 4.91
CA HIS B 731 41.63 -36.63 3.79
C HIS B 731 43.13 -36.43 4.02
N ALA B 732 43.51 -35.25 4.51
CA ALA B 732 44.93 -34.93 4.75
C ALA B 732 45.02 -34.21 6.09
N PRO B 733 45.26 -34.95 7.18
CA PRO B 733 45.25 -34.32 8.51
C PRO B 733 46.27 -33.20 8.67
N ALA B 734 47.42 -33.30 8.01
CA ALA B 734 48.47 -32.30 8.20
C ALA B 734 48.19 -30.99 7.48
N ASN B 735 47.20 -30.93 6.62
CA ASN B 735 46.91 -29.73 5.84
C ASN B 735 46.10 -28.77 6.70
N ASP B 736 46.71 -27.66 7.12
CA ASP B 736 46.06 -26.66 7.95
C ASP B 736 45.63 -25.43 7.16
N TYR B 737 45.54 -25.56 5.83
CA TYR B 737 45.25 -24.39 5.00
C TYR B 737 43.89 -23.79 5.31
N LEU B 738 42.83 -24.58 5.12
CA LEU B 738 41.48 -24.05 5.31
C LEU B 738 41.22 -23.67 6.75
N VAL B 739 41.93 -24.29 7.70
CA VAL B 739 41.67 -24.03 9.11
C VAL B 739 42.12 -22.63 9.52
N THR B 740 43.28 -22.20 9.02
CA THR B 740 43.90 -20.97 9.49
C THR B 740 43.93 -19.85 8.46
N SER B 741 43.97 -20.16 7.17
CA SER B 741 44.14 -19.12 6.17
C SER B 741 42.88 -18.27 6.03
N HIS B 742 43.09 -16.99 5.69
CA HIS B 742 42.00 -16.07 5.38
C HIS B 742 41.76 -16.09 3.88
N ILE B 743 40.55 -16.48 3.48
CA ILE B 743 40.23 -16.76 2.09
C ILE B 743 39.13 -15.81 1.63
N HIS B 744 39.28 -15.29 0.41
CA HIS B 744 38.28 -14.47 -0.24
C HIS B 744 37.71 -15.26 -1.42
N LEU B 745 36.39 -15.41 -1.45
CA LEU B 745 35.70 -16.13 -2.51
C LEU B 745 34.85 -15.16 -3.30
N HIS B 746 35.06 -15.13 -4.62
CA HIS B 746 34.36 -14.20 -5.50
C HIS B 746 33.79 -14.94 -6.69
N VAL B 747 32.63 -14.47 -7.15
CA VAL B 747 32.03 -14.95 -8.38
C VAL B 747 31.98 -13.78 -9.36
N PRO B 748 32.70 -13.84 -10.48
CA PRO B 748 32.78 -12.70 -11.40
C PRO B 748 31.44 -12.23 -11.94
N GLU B 749 31.47 -11.14 -12.70
CA GLU B 749 30.29 -10.36 -13.04
C GLU B 749 29.60 -9.88 -11.76
N GLY B 750 30.33 -9.05 -11.02
CA GLY B 750 29.85 -8.56 -9.74
C GLY B 750 28.60 -7.73 -9.83
N ALA B 751 28.32 -7.13 -10.99
CA ALA B 751 27.11 -6.34 -11.15
C ALA B 751 25.86 -7.21 -11.27
N THR B 752 26.02 -8.48 -11.65
CA THR B 752 24.88 -9.35 -11.88
C THR B 752 24.48 -10.04 -10.58
N PRO B 753 23.29 -9.81 -10.05
CA PRO B 753 22.86 -10.52 -8.84
C PRO B 753 22.60 -11.98 -9.14
N LYS B 754 23.01 -12.84 -8.21
CA LYS B 754 22.86 -14.28 -8.36
C LYS B 754 22.47 -14.90 -7.03
N ASP B 755 21.68 -15.97 -7.10
CA ASP B 755 21.16 -16.60 -5.90
C ASP B 755 20.86 -18.06 -6.22
N GLY B 756 20.79 -18.87 -5.17
CA GLY B 756 20.50 -20.28 -5.31
C GLY B 756 21.60 -21.16 -4.77
N PRO B 757 21.23 -22.32 -4.23
CA PRO B 757 22.22 -23.24 -3.65
C PRO B 757 22.88 -24.18 -4.64
N SER B 758 22.69 -23.97 -5.95
CA SER B 758 23.20 -24.91 -6.93
C SER B 758 24.72 -24.97 -6.97
N ALA B 759 25.41 -23.98 -6.42
CA ALA B 759 26.85 -23.85 -6.54
C ALA B 759 27.61 -24.39 -5.33
N GLY B 760 26.97 -25.15 -4.46
CA GLY B 760 27.66 -25.63 -3.26
C GLY B 760 28.85 -26.51 -3.58
N CYS B 761 28.66 -27.50 -4.47
CA CYS B 761 29.76 -28.39 -4.81
C CYS B 761 30.86 -27.66 -5.57
N THR B 762 30.49 -26.69 -6.40
CA THR B 762 31.50 -25.88 -7.08
C THR B 762 32.35 -25.12 -6.07
N ILE B 763 31.71 -24.55 -5.05
CA ILE B 763 32.45 -23.82 -4.02
C ILE B 763 33.36 -24.76 -3.23
N VAL B 764 32.86 -25.95 -2.88
CA VAL B 764 33.70 -26.90 -2.16
C VAL B 764 34.92 -27.27 -2.98
N THR B 765 34.72 -27.55 -4.27
CA THR B 765 35.83 -27.93 -5.12
C THR B 765 36.80 -26.78 -5.31
N ALA B 766 36.29 -25.55 -5.40
CA ALA B 766 37.17 -24.40 -5.50
C ALA B 766 38.05 -24.26 -4.26
N LEU B 767 37.45 -24.40 -3.07
CA LEU B 767 38.22 -24.31 -1.85
C LEU B 767 39.25 -25.42 -1.76
N LEU B 768 38.88 -26.65 -2.12
CA LEU B 768 39.83 -27.75 -2.05
C LEU B 768 40.95 -27.59 -3.07
N SER B 769 40.64 -27.08 -4.26
CA SER B 769 41.69 -26.85 -5.24
C SER B 769 42.65 -25.75 -4.80
N LEU B 770 42.11 -24.69 -4.18
CA LEU B 770 42.99 -23.65 -3.65
C LEU B 770 43.87 -24.19 -2.54
N ALA B 771 43.30 -24.98 -1.62
CA ALA B 771 44.09 -25.48 -0.50
C ALA B 771 45.13 -26.49 -0.95
N MET B 772 44.78 -27.35 -1.91
CA MET B 772 45.68 -28.38 -2.41
C MET B 772 46.66 -27.85 -3.44
N GLY B 773 46.42 -26.67 -4.00
CA GLY B 773 47.27 -26.14 -5.05
C GLY B 773 47.22 -26.93 -6.34
N ARG B 774 46.05 -27.44 -6.70
CA ARG B 774 45.89 -28.26 -7.91
C ARG B 774 44.70 -27.77 -8.70
N PRO B 775 44.85 -27.42 -9.97
CA PRO B 775 43.68 -27.08 -10.78
C PRO B 775 42.85 -28.31 -11.11
N VAL B 776 41.55 -28.09 -11.21
CA VAL B 776 40.60 -29.16 -11.54
C VAL B 776 40.74 -29.51 -13.02
N ARG B 777 40.08 -30.58 -13.45
CA ARG B 777 40.07 -30.96 -14.86
C ARG B 777 39.63 -29.76 -15.70
N GLN B 778 40.37 -29.51 -16.78
CA GLN B 778 40.32 -28.22 -17.44
C GLN B 778 39.01 -27.99 -18.20
N ASN B 779 38.24 -29.04 -18.48
CA ASN B 779 36.97 -28.89 -19.18
C ASN B 779 35.80 -29.39 -18.33
N LEU B 780 35.99 -29.52 -17.02
CA LEU B 780 34.95 -30.04 -16.15
C LEU B 780 34.01 -28.94 -15.70
N ALA B 781 32.71 -29.24 -15.69
CA ALA B 781 31.69 -28.37 -15.15
C ALA B 781 30.86 -29.15 -14.15
N MET B 782 30.52 -28.52 -13.02
CA MET B 782 29.83 -29.21 -11.95
C MET B 782 28.74 -28.33 -11.38
N THR B 783 27.68 -28.96 -10.90
CA THR B 783 26.60 -28.27 -10.22
C THR B 783 25.90 -29.26 -9.29
N GLY B 784 25.26 -28.71 -8.26
CA GLY B 784 24.55 -29.54 -7.30
C GLY B 784 24.66 -29.05 -5.87
N GLU B 785 23.54 -29.04 -5.16
CA GLU B 785 23.54 -28.60 -3.78
C GLU B 785 24.25 -29.61 -2.89
N VAL B 786 25.00 -29.11 -1.91
CA VAL B 786 25.75 -29.94 -0.98
C VAL B 786 25.20 -29.72 0.42
N SER B 787 25.01 -30.82 1.16
CA SER B 787 24.58 -30.74 2.54
C SER B 787 25.79 -30.60 3.46
N LEU B 788 25.54 -30.61 4.77
CA LEU B 788 26.64 -30.44 5.72
C LEU B 788 27.50 -31.69 5.84
N THR B 789 26.93 -32.87 5.59
CA THR B 789 27.67 -34.11 5.67
C THR B 789 28.21 -34.57 4.33
N GLY B 790 28.06 -33.77 3.28
CA GLY B 790 28.60 -34.09 1.98
C GLY B 790 27.63 -34.68 0.99
N LYS B 791 26.36 -34.85 1.36
CA LYS B 791 25.37 -35.37 0.42
C LYS B 791 25.13 -34.36 -0.69
N ILE B 792 25.03 -34.87 -1.92
CA ILE B 792 24.75 -34.05 -3.09
C ILE B 792 23.26 -34.15 -3.39
N LEU B 793 22.58 -33.00 -3.42
CA LEU B 793 21.14 -32.91 -3.55
C LEU B 793 20.75 -32.48 -4.96
N PRO B 794 19.55 -32.83 -5.42
CA PRO B 794 19.14 -32.43 -6.77
C PRO B 794 18.99 -30.93 -6.91
N VAL B 795 19.20 -30.44 -8.13
CA VAL B 795 19.04 -29.03 -8.46
C VAL B 795 18.20 -28.91 -9.73
N GLY B 796 17.51 -27.78 -9.86
CA GLY B 796 16.67 -27.55 -11.01
C GLY B 796 17.40 -26.93 -12.18
N GLY B 797 16.68 -26.77 -13.28
CA GLY B 797 17.23 -26.16 -14.47
C GLY B 797 18.31 -26.97 -15.14
N ILE B 798 18.10 -28.29 -15.27
CA ILE B 798 19.09 -29.16 -15.88
C ILE B 798 19.24 -28.87 -17.36
N LYS B 799 18.13 -28.52 -18.03
CA LYS B 799 18.19 -28.28 -19.48
C LYS B 799 19.09 -27.10 -19.81
N GLU B 800 18.87 -25.96 -19.15
CA GLU B 800 19.68 -24.79 -19.44
C GLU B 800 21.14 -24.98 -19.05
N LYS B 801 21.41 -25.63 -17.92
CA LYS B 801 22.79 -25.90 -17.53
C LYS B 801 23.47 -26.81 -18.53
N THR B 802 22.77 -27.84 -19.01
CA THR B 802 23.34 -28.73 -20.01
C THR B 802 23.61 -28.00 -21.32
N ILE B 803 22.69 -27.14 -21.75
CA ILE B 803 22.91 -26.37 -22.97
C ILE B 803 24.11 -25.44 -22.82
N ALA B 804 24.23 -24.78 -21.66
CA ALA B 804 25.37 -23.90 -21.43
C ALA B 804 26.68 -24.68 -21.42
N ALA B 805 26.70 -25.86 -20.80
CA ALA B 805 27.91 -26.67 -20.82
C ALA B 805 28.27 -27.10 -22.23
N LYS B 806 27.27 -27.52 -23.01
CA LYS B 806 27.53 -27.91 -24.39
C LYS B 806 28.07 -26.74 -25.20
N ARG B 807 27.53 -25.54 -24.98
CA ARG B 807 27.96 -24.38 -25.74
C ARG B 807 29.38 -23.96 -25.38
N ALA B 808 29.76 -24.10 -24.12
CA ALA B 808 31.05 -23.62 -23.63
C ALA B 808 32.18 -24.61 -23.87
N GLY B 809 31.97 -25.65 -24.66
CA GLY B 809 33.02 -26.61 -24.93
C GLY B 809 33.30 -27.58 -23.82
N VAL B 810 32.38 -27.73 -22.87
CA VAL B 810 32.58 -28.67 -21.77
C VAL B 810 32.46 -30.09 -22.29
N THR B 811 33.44 -30.93 -21.93
CA THR B 811 33.43 -32.33 -22.31
C THR B 811 32.90 -33.26 -21.22
N CYS B 812 32.99 -32.84 -19.96
CA CYS B 812 32.56 -33.67 -18.85
C CYS B 812 31.76 -32.83 -17.86
N ILE B 813 30.59 -33.33 -17.47
CA ILE B 813 29.68 -32.61 -16.59
C ILE B 813 29.30 -33.53 -15.43
N VAL B 814 29.22 -32.95 -14.23
CA VAL B 814 28.90 -33.68 -13.01
C VAL B 814 27.53 -33.23 -12.51
N LEU B 815 26.63 -34.18 -12.32
CA LEU B 815 25.28 -33.88 -11.88
C LEU B 815 24.89 -34.76 -10.70
N PRO B 816 23.96 -34.29 -9.87
CA PRO B 816 23.48 -35.13 -8.78
C PRO B 816 22.74 -36.36 -9.29
N ALA B 817 22.79 -37.43 -8.50
CA ALA B 817 22.18 -38.68 -8.93
C ALA B 817 20.66 -38.56 -9.07
N GLU B 818 20.05 -37.62 -8.35
CA GLU B 818 18.60 -37.46 -8.43
C GLU B 818 18.15 -36.81 -9.73
N ASN B 819 19.07 -36.21 -10.48
CA ASN B 819 18.75 -35.54 -11.73
C ASN B 819 18.93 -36.45 -12.95
N LYS B 820 19.02 -37.77 -12.74
CA LYS B 820 19.22 -38.68 -13.85
C LYS B 820 18.06 -38.62 -14.84
N LYS B 821 16.83 -38.67 -14.33
CA LYS B 821 15.67 -38.64 -15.21
C LYS B 821 15.56 -37.29 -15.90
N ASP B 822 15.84 -36.20 -15.19
CA ASP B 822 15.80 -34.88 -15.81
C ASP B 822 16.82 -34.76 -16.94
N PHE B 823 18.02 -35.32 -16.74
CA PHE B 823 19.04 -35.27 -17.78
C PHE B 823 18.65 -36.13 -18.97
N TYR B 824 18.14 -37.33 -18.73
CA TYR B 824 17.82 -38.23 -19.83
C TYR B 824 16.52 -37.88 -20.54
N ASP B 825 15.70 -37.00 -19.96
CA ASP B 825 14.51 -36.52 -20.66
C ASP B 825 14.85 -35.53 -21.77
N LEU B 826 16.08 -35.05 -21.82
CA LEU B 826 16.48 -34.09 -22.84
C LEU B 826 16.56 -34.76 -24.20
N ALA B 827 16.51 -33.94 -25.25
CA ALA B 827 16.62 -34.44 -26.61
C ALA B 827 17.98 -35.05 -26.85
N ALA B 828 18.05 -35.96 -27.82
CA ALA B 828 19.29 -36.70 -28.06
C ALA B 828 20.43 -35.79 -28.50
N PHE B 829 20.13 -34.74 -29.25
CA PHE B 829 21.18 -33.87 -29.76
C PHE B 829 21.70 -32.89 -28.72
N ILE B 830 20.94 -32.64 -27.64
CA ILE B 830 21.42 -31.73 -26.60
C ILE B 830 22.56 -32.37 -25.81
N THR B 831 22.43 -33.66 -25.48
CA THR B 831 23.38 -34.36 -24.63
C THR B 831 24.23 -35.37 -25.41
N GLU B 832 24.52 -35.07 -26.67
CA GLU B 832 25.18 -36.05 -27.54
C GLU B 832 26.61 -36.34 -27.07
N GLY B 833 27.40 -35.29 -26.86
CA GLY B 833 28.82 -35.44 -26.62
C GLY B 833 29.28 -35.31 -25.19
N LEU B 834 28.37 -35.15 -24.23
CA LEU B 834 28.75 -34.90 -22.85
C LEU B 834 29.03 -36.21 -22.12
N GLU B 835 30.19 -36.28 -21.47
CA GLU B 835 30.52 -37.39 -20.58
C GLU B 835 30.00 -37.06 -19.19
N VAL B 836 28.74 -37.40 -18.96
CA VAL B 836 28.07 -37.02 -17.72
C VAL B 836 28.38 -38.05 -16.63
N HIS B 837 28.68 -37.55 -15.43
CA HIS B 837 28.87 -38.38 -14.25
C HIS B 837 27.79 -38.02 -13.24
N PHE B 838 27.12 -39.04 -12.70
CA PHE B 838 26.09 -38.85 -11.69
C PHE B 838 26.64 -39.24 -10.33
N VAL B 839 26.55 -38.32 -9.37
CA VAL B 839 27.17 -38.50 -8.07
C VAL B 839 26.10 -38.42 -6.99
N GLU B 840 26.38 -39.08 -5.87
CA GLU B 840 25.51 -39.02 -4.69
C GLU B 840 26.19 -38.40 -3.49
N HIS B 841 27.48 -38.64 -3.29
CA HIS B 841 28.25 -38.05 -2.21
C HIS B 841 29.44 -37.30 -2.81
N TYR B 842 29.95 -36.32 -2.07
CA TYR B 842 30.96 -35.43 -2.64
C TYR B 842 32.27 -36.17 -2.95
N ARG B 843 32.55 -37.28 -2.27
CA ARG B 843 33.81 -37.97 -2.52
C ARG B 843 33.93 -38.40 -3.97
N GLU B 844 32.81 -38.72 -4.62
CA GLU B 844 32.84 -39.03 -6.04
C GLU B 844 33.25 -37.82 -6.86
N ILE B 845 32.75 -36.64 -6.48
CA ILE B 845 33.14 -35.42 -7.19
C ILE B 845 34.63 -35.15 -7.00
N PHE B 846 35.13 -35.37 -5.79
CA PHE B 846 36.56 -35.21 -5.54
C PHE B 846 37.38 -36.16 -6.41
N ASP B 847 36.94 -37.41 -6.52
CA ASP B 847 37.65 -38.37 -7.37
C ASP B 847 37.61 -37.94 -8.84
N ILE B 848 36.47 -37.42 -9.30
CA ILE B 848 36.33 -37.05 -10.71
C ILE B 848 37.18 -35.82 -11.02
N ALA B 849 37.15 -34.81 -10.16
CA ALA B 849 37.80 -33.54 -10.47
C ALA B 849 39.32 -33.65 -10.41
N PHE B 850 39.84 -34.60 -9.64
CA PHE B 850 41.28 -34.74 -9.49
C PHE B 850 41.76 -36.12 -9.93
N ASP C 318 -36.77 4.96 -44.13
CA ASP C 318 -36.35 4.08 -45.20
C ASP C 318 -35.29 4.77 -46.06
N ALA C 319 -35.33 6.10 -46.09
CA ALA C 319 -34.34 6.85 -46.85
C ALA C 319 -32.96 6.72 -46.23
N ILE C 320 -32.89 6.59 -44.90
CA ILE C 320 -31.61 6.41 -44.23
C ILE C 320 -30.93 5.13 -44.71
N GLU C 321 -31.71 4.11 -45.05
CA GLU C 321 -31.13 2.91 -45.63
C GLU C 321 -30.44 3.21 -46.97
N GLU C 322 -31.07 4.05 -47.79
CA GLU C 322 -30.45 4.45 -49.04
C GLU C 322 -29.18 5.26 -48.79
N LYS C 323 -29.19 6.11 -47.76
CA LYS C 323 -27.98 6.85 -47.41
C LYS C 323 -26.86 5.91 -47.00
N PHE C 324 -27.17 4.90 -46.18
CA PHE C 324 -26.15 3.94 -45.78
C PHE C 324 -25.62 3.16 -46.98
N ARG C 325 -26.50 2.77 -47.90
CA ARG C 325 -26.03 2.08 -49.10
C ARG C 325 -25.12 2.98 -49.92
N GLU C 326 -25.49 4.26 -50.09
CA GLU C 326 -24.65 5.18 -50.84
C GLU C 326 -23.31 5.38 -50.19
N ARG C 327 -23.23 5.28 -48.86
CA ARG C 327 -21.94 5.43 -48.22
C ARG C 327 -21.10 4.15 -48.28
N LEU C 328 -21.74 2.99 -48.22
CA LEU C 328 -20.99 1.73 -48.30
C LEU C 328 -20.46 1.46 -49.70
N LYS C 329 -21.27 1.70 -50.74
CA LYS C 329 -20.93 1.15 -52.06
C LYS C 329 -19.61 1.68 -52.60
N GLU C 330 -19.06 2.78 -52.07
CA GLU C 330 -17.72 3.19 -52.46
C GLU C 330 -16.63 2.37 -51.79
N LEU C 331 -16.95 1.62 -50.74
CA LEU C 331 -15.97 0.94 -49.92
C LEU C 331 -15.88 -0.54 -50.27
N VAL C 332 -14.70 -1.11 -50.07
CA VAL C 332 -14.49 -2.55 -50.26
C VAL C 332 -14.78 -3.20 -48.91
N VAL C 333 -16.07 -3.43 -48.67
CA VAL C 333 -16.53 -3.99 -47.39
C VAL C 333 -16.33 -5.50 -47.38
N PRO C 334 -15.78 -6.07 -46.30
CA PRO C 334 -15.66 -7.53 -46.22
C PRO C 334 -17.01 -8.18 -45.99
N LYS C 335 -17.03 -9.51 -46.15
CA LYS C 335 -18.28 -10.26 -46.18
C LYS C 335 -19.02 -10.19 -44.84
N HIS C 336 -18.32 -10.44 -43.74
CA HIS C 336 -18.97 -10.48 -42.44
C HIS C 336 -19.54 -9.12 -42.05
N VAL C 337 -18.80 -8.05 -42.35
CA VAL C 337 -19.31 -6.70 -42.09
C VAL C 337 -20.57 -6.45 -42.91
N MET C 338 -20.58 -6.90 -44.16
CA MET C 338 -21.76 -6.73 -45.00
C MET C 338 -22.95 -7.49 -44.42
N ASP C 339 -22.72 -8.71 -43.93
CA ASP C 339 -23.81 -9.48 -43.33
C ASP C 339 -24.36 -8.79 -42.09
N VAL C 340 -23.47 -8.27 -41.24
CA VAL C 340 -23.91 -7.57 -40.04
C VAL C 340 -24.70 -6.32 -40.41
N VAL C 341 -24.21 -5.58 -41.41
CA VAL C 341 -24.90 -4.36 -41.85
C VAL C 341 -26.29 -4.70 -42.37
N ASP C 342 -26.41 -5.77 -43.16
CA ASP C 342 -27.71 -6.18 -43.67
C ASP C 342 -28.65 -6.57 -42.53
N GLU C 343 -28.15 -7.32 -41.56
CA GLU C 343 -28.99 -7.73 -40.44
C GLU C 343 -29.49 -6.53 -39.65
N GLU C 344 -28.59 -5.58 -39.37
CA GLU C 344 -29.01 -4.41 -38.63
C GLU C 344 -29.92 -3.50 -39.45
N LEU C 345 -29.75 -3.48 -40.78
CA LEU C 345 -30.66 -2.73 -41.63
C LEU C 345 -32.06 -3.30 -41.57
N SER C 346 -32.18 -4.63 -41.63
CA SER C 346 -33.50 -5.25 -41.49
C SER C 346 -34.09 -4.98 -40.12
N LYS C 347 -33.27 -5.10 -39.07
CA LYS C 347 -33.76 -4.84 -37.72
C LYS C 347 -34.26 -3.42 -37.56
N LEU C 348 -33.52 -2.46 -38.13
CA LEU C 348 -33.96 -1.06 -38.11
C LEU C 348 -35.25 -0.88 -38.90
N GLY C 349 -35.37 -1.57 -40.04
CA GLY C 349 -36.58 -1.47 -40.82
C GLY C 349 -37.81 -1.93 -40.06
N LEU C 350 -37.69 -3.02 -39.30
CA LEU C 350 -38.82 -3.48 -38.50
C LEU C 350 -39.15 -2.51 -37.37
N LEU C 351 -38.15 -1.83 -36.81
CA LEU C 351 -38.39 -0.93 -35.70
C LEU C 351 -39.07 0.36 -36.17
N ASP C 352 -39.72 1.04 -35.24
CA ASP C 352 -40.34 2.33 -35.49
C ASP C 352 -39.30 3.43 -35.39
N ASN C 353 -39.75 4.67 -35.63
CA ASN C 353 -38.83 5.81 -35.71
C ASN C 353 -38.54 6.48 -34.38
N HIS C 354 -39.16 6.04 -33.28
CA HIS C 354 -39.00 6.72 -32.00
C HIS C 354 -38.49 5.85 -30.87
N SER C 355 -38.50 4.54 -31.01
CA SER C 355 -38.03 3.68 -29.92
C SER C 355 -36.54 3.87 -29.69
N SER C 356 -36.13 3.70 -28.43
CA SER C 356 -34.71 3.83 -28.09
C SER C 356 -33.87 2.77 -28.78
N GLU C 357 -34.43 1.57 -28.98
CA GLU C 357 -33.71 0.55 -29.73
C GLU C 357 -33.45 0.99 -31.16
N PHE C 358 -34.39 1.73 -31.75
CA PHE C 358 -34.16 2.29 -33.08
C PHE C 358 -32.98 3.24 -33.09
N ASN C 359 -32.89 4.11 -32.09
CA ASN C 359 -31.77 5.04 -32.03
C ASN C 359 -30.46 4.31 -31.84
N VAL C 360 -30.44 3.29 -30.97
CA VAL C 360 -29.22 2.52 -30.75
C VAL C 360 -28.79 1.83 -32.03
N THR C 361 -29.73 1.20 -32.73
CA THR C 361 -29.40 0.51 -33.97
C THR C 361 -28.92 1.48 -35.03
N ARG C 362 -29.57 2.65 -35.14
CA ARG C 362 -29.14 3.64 -36.12
C ARG C 362 -27.73 4.13 -35.83
N ASN C 363 -27.43 4.41 -34.57
CA ASN C 363 -26.09 4.87 -34.22
C ASN C 363 -25.04 3.80 -34.50
N TYR C 364 -25.35 2.54 -34.15
CA TYR C 364 -24.43 1.44 -34.42
C TYR C 364 -24.19 1.27 -35.91
N LEU C 365 -25.25 1.35 -36.72
CA LEU C 365 -25.10 1.18 -38.15
C LEU C 365 -24.35 2.36 -38.77
N ASP C 366 -24.53 3.56 -38.21
CA ASP C 366 -23.75 4.70 -38.65
C ASP C 366 -22.27 4.53 -38.35
N TRP C 367 -21.95 4.01 -37.16
CA TRP C 367 -20.56 3.72 -36.85
C TRP C 367 -19.98 2.67 -37.79
N LEU C 368 -20.74 1.62 -38.08
CA LEU C 368 -20.28 0.61 -39.03
C LEU C 368 -20.07 1.22 -40.41
N THR C 369 -20.93 2.16 -40.80
CA THR C 369 -20.87 2.72 -42.13
C THR C 369 -19.66 3.65 -42.31
N SER C 370 -19.42 4.52 -41.33
CA SER C 370 -18.42 5.56 -41.50
C SER C 370 -16.99 5.06 -41.46
N ILE C 371 -16.77 3.85 -40.94
CA ILE C 371 -15.40 3.32 -40.88
C ILE C 371 -14.90 3.05 -42.29
N PRO C 372 -13.71 3.50 -42.65
CA PRO C 372 -13.19 3.36 -44.03
C PRO C 372 -12.71 1.95 -44.37
N TRP C 373 -13.66 1.10 -44.76
CA TRP C 373 -13.32 -0.27 -45.14
C TRP C 373 -12.63 -0.29 -46.49
N GLY C 374 -11.41 -0.83 -46.51
CA GLY C 374 -10.75 -1.13 -47.76
C GLY C 374 -10.30 0.05 -48.58
N LYS C 375 -10.10 1.21 -47.98
CA LYS C 375 -9.56 2.37 -48.67
C LYS C 375 -8.32 2.86 -47.94
N TYR C 376 -7.29 3.19 -48.70
CA TYR C 376 -6.00 3.56 -48.16
C TYR C 376 -5.54 4.89 -48.76
N SER C 377 -4.78 5.64 -47.96
CA SER C 377 -4.18 6.86 -48.46
C SER C 377 -3.13 6.56 -49.52
N ASN C 378 -2.97 7.50 -50.45
CA ASN C 378 -2.00 7.32 -51.53
C ASN C 378 -0.60 7.48 -50.99
N GLU C 379 -0.04 6.40 -50.44
CA GLU C 379 1.27 6.46 -49.79
C GLU C 379 2.35 6.76 -50.81
N ASN C 380 3.31 7.61 -50.42
CA ASN C 380 4.43 7.95 -51.27
C ASN C 380 5.47 6.84 -51.25
N LEU C 381 6.03 6.55 -52.42
CA LEU C 381 7.02 5.50 -52.56
C LEU C 381 8.35 5.97 -53.14
N ASP C 382 8.54 7.28 -53.32
CA ASP C 382 9.77 7.81 -53.88
C ASP C 382 10.80 7.99 -52.77
N LEU C 383 11.97 7.38 -52.94
CA LEU C 383 13.00 7.43 -51.90
C LEU C 383 13.60 8.83 -51.77
N ALA C 384 13.84 9.51 -52.89
CA ALA C 384 14.55 10.78 -52.84
C ALA C 384 13.75 11.85 -52.12
N ARG C 385 12.48 12.03 -52.50
CA ARG C 385 11.69 13.06 -51.87
C ARG C 385 11.36 12.72 -50.43
N ALA C 386 11.20 11.42 -50.12
CA ALA C 386 11.00 11.03 -48.73
C ALA C 386 12.22 11.35 -47.88
N GLN C 387 13.42 11.07 -48.40
CA GLN C 387 14.63 11.40 -47.68
C GLN C 387 14.77 12.90 -47.48
N ALA C 388 14.43 13.68 -48.51
CA ALA C 388 14.48 15.14 -48.37
C ALA C 388 13.50 15.63 -47.30
N VAL C 389 12.27 15.10 -47.31
CA VAL C 389 11.28 15.52 -46.33
C VAL C 389 11.73 15.16 -44.92
N LEU C 390 12.29 13.96 -44.75
CA LEU C 390 12.81 13.58 -43.44
C LEU C 390 13.96 14.48 -43.01
N GLU C 391 14.80 14.90 -43.96
CA GLU C 391 15.93 15.76 -43.62
C GLU C 391 15.52 17.20 -43.35
N GLU C 392 14.32 17.61 -43.78
CA GLU C 392 13.91 18.99 -43.58
C GLU C 392 13.79 19.36 -42.10
N ASP C 393 13.47 18.40 -41.24
CA ASP C 393 13.09 18.72 -39.86
C ASP C 393 14.07 18.25 -38.80
N HIS C 394 14.76 17.14 -39.01
CA HIS C 394 15.59 16.55 -37.96
C HIS C 394 16.97 16.20 -38.50
N TYR C 395 17.98 16.37 -37.65
CA TYR C 395 19.36 16.09 -37.99
C TYR C 395 19.88 14.90 -37.19
N GLY C 396 20.63 14.03 -37.86
CA GLY C 396 21.41 13.01 -37.20
C GLY C 396 20.66 11.79 -36.72
N MET C 397 19.34 11.75 -36.86
CA MET C 397 18.55 10.59 -36.45
C MET C 397 18.64 9.52 -37.53
N GLU C 398 19.84 8.96 -37.67
CA GLU C 398 20.14 8.14 -38.83
C GLU C 398 19.43 6.79 -38.77
N ASP C 399 19.32 6.20 -37.59
CA ASP C 399 18.68 4.89 -37.48
C ASP C 399 17.21 4.96 -37.90
N VAL C 400 16.49 5.97 -37.43
CA VAL C 400 15.07 6.11 -37.77
C VAL C 400 14.92 6.36 -39.26
N LYS C 401 15.76 7.22 -39.83
CA LYS C 401 15.67 7.52 -41.26
C LYS C 401 15.97 6.29 -42.10
N LYS C 402 16.98 5.50 -41.70
CA LYS C 402 17.27 4.27 -42.42
C LYS C 402 16.11 3.29 -42.31
N ARG C 403 15.49 3.20 -41.14
CA ARG C 403 14.34 2.31 -40.98
C ARG C 403 13.20 2.74 -41.90
N ILE C 404 12.93 4.03 -41.99
CA ILE C 404 11.84 4.50 -42.84
C ILE C 404 12.16 4.26 -44.31
N LEU C 405 13.41 4.47 -44.71
CA LEU C 405 13.78 4.22 -46.10
C LEU C 405 13.67 2.74 -46.43
N GLU C 406 14.07 1.86 -45.50
CA GLU C 406 13.90 0.42 -45.71
C GLU C 406 12.42 0.06 -45.81
N PHE C 407 11.59 0.67 -44.96
CA PHE C 407 10.14 0.45 -45.04
C PHE C 407 9.61 0.85 -46.41
N ILE C 408 10.05 2.00 -46.92
CA ILE C 408 9.59 2.44 -48.24
C ILE C 408 10.05 1.49 -49.33
N ALA C 409 11.30 1.03 -49.25
CA ALA C 409 11.80 0.11 -50.26
C ALA C 409 11.04 -1.20 -50.25
N VAL C 410 10.75 -1.74 -49.06
CA VAL C 410 9.99 -2.98 -48.96
C VAL C 410 8.58 -2.79 -49.48
N SER C 411 7.94 -1.67 -49.12
CA SER C 411 6.61 -1.39 -49.65
C SER C 411 6.62 -1.18 -51.15
N GLN C 412 7.76 -0.78 -51.72
CA GLN C 412 7.86 -0.60 -53.16
C GLN C 412 8.06 -1.93 -53.88
N LEU C 413 8.85 -2.84 -53.30
CA LEU C 413 9.03 -4.14 -53.93
C LEU C 413 7.72 -4.92 -53.97
N ARG C 414 7.03 -5.00 -52.83
CA ARG C 414 5.71 -5.58 -52.83
C ARG C 414 4.70 -4.62 -53.45
N GLY C 415 3.56 -5.17 -53.87
CA GLY C 415 2.61 -4.38 -54.63
C GLY C 415 1.68 -3.51 -53.81
N SER C 416 1.64 -3.70 -52.49
CA SER C 416 0.66 -3.02 -51.67
C SER C 416 1.34 -2.40 -50.46
N THR C 417 0.62 -1.51 -49.80
CA THR C 417 1.12 -0.88 -48.58
C THR C 417 1.17 -1.89 -47.45
N GLN C 418 2.00 -1.59 -46.45
CA GLN C 418 2.22 -2.49 -45.33
C GLN C 418 2.24 -1.69 -44.03
N GLY C 419 2.08 -2.40 -42.93
CA GLY C 419 2.11 -1.78 -41.61
C GLY C 419 3.07 -2.49 -40.70
N LYS C 420 3.71 -1.71 -39.83
CA LYS C 420 4.68 -2.23 -38.88
C LYS C 420 4.46 -1.57 -37.53
N ILE C 421 5.12 -2.11 -36.51
CA ILE C 421 5.00 -1.62 -35.13
C ILE C 421 6.40 -1.25 -34.67
N LEU C 422 6.71 0.04 -34.69
CA LEU C 422 8.00 0.56 -34.28
C LEU C 422 7.91 1.18 -32.89
N CYS C 423 9.06 1.31 -32.23
CA CYS C 423 9.13 1.97 -30.94
C CYS C 423 10.45 2.72 -30.83
N PHE C 424 10.37 4.03 -30.69
CA PHE C 424 11.54 4.89 -30.52
C PHE C 424 11.76 5.13 -29.05
N TYR C 425 12.95 4.79 -28.54
CA TYR C 425 13.26 5.00 -27.14
C TYR C 425 14.62 5.65 -26.99
N GLY C 426 14.73 6.50 -25.97
CA GLY C 426 15.95 7.23 -25.70
C GLY C 426 15.74 8.32 -24.67
N PRO C 427 16.80 9.08 -24.38
CA PRO C 427 16.70 10.15 -23.38
C PRO C 427 15.78 11.26 -23.85
N PRO C 428 15.21 12.03 -22.93
CA PRO C 428 14.27 13.08 -23.32
C PRO C 428 14.92 14.17 -24.16
N GLY C 429 14.11 14.78 -25.02
CA GLY C 429 14.57 15.89 -25.82
C GLY C 429 15.38 15.53 -27.03
N VAL C 430 15.28 14.29 -27.53
CA VAL C 430 16.04 13.88 -28.70
C VAL C 430 15.22 13.91 -29.99
N GLY C 431 13.90 14.06 -29.89
CA GLY C 431 13.07 14.23 -31.05
C GLY C 431 12.18 13.06 -31.43
N LYS C 432 11.83 12.19 -30.49
CA LYS C 432 11.02 11.01 -30.81
C LYS C 432 9.61 11.43 -31.23
N THR C 433 9.03 12.41 -30.54
CA THR C 433 7.65 12.80 -30.84
C THR C 433 7.54 13.45 -32.22
N SER C 434 8.41 14.41 -32.50
CA SER C 434 8.30 15.17 -33.76
C SER C 434 8.73 14.36 -34.97
N ILE C 435 9.66 13.42 -34.79
CA ILE C 435 10.09 12.60 -35.91
C ILE C 435 8.92 11.76 -36.42
N ALA C 436 7.98 11.44 -35.53
CA ALA C 436 6.77 10.73 -35.94
C ALA C 436 5.99 11.55 -36.94
N ARG C 437 5.81 12.85 -36.67
CA ARG C 437 5.09 13.72 -37.58
C ARG C 437 5.83 13.86 -38.90
N SER C 438 7.15 14.03 -38.84
CA SER C 438 7.92 14.13 -40.08
C SER C 438 7.78 12.87 -40.91
N ILE C 439 7.79 11.70 -40.26
CA ILE C 439 7.64 10.43 -40.97
C ILE C 439 6.27 10.36 -41.62
N ALA C 440 5.23 10.78 -40.91
CA ALA C 440 3.89 10.75 -41.48
C ALA C 440 3.80 11.67 -42.69
N ARG C 441 4.43 12.83 -42.63
CA ARG C 441 4.43 13.73 -43.79
C ARG C 441 5.21 13.11 -44.95
N ALA C 442 6.33 12.47 -44.66
CA ALA C 442 7.15 11.87 -45.72
C ALA C 442 6.42 10.73 -46.41
N LEU C 443 5.73 9.90 -45.65
CA LEU C 443 4.99 8.77 -46.20
C LEU C 443 3.65 9.18 -46.81
N ASN C 444 3.25 10.45 -46.64
CA ASN C 444 1.96 10.96 -47.10
C ASN C 444 0.79 10.25 -46.42
N ARG C 445 1.03 9.66 -45.26
CA ARG C 445 -0.01 8.99 -44.49
C ARG C 445 -0.70 9.98 -43.55
N GLU C 446 -1.92 9.63 -43.14
CA GLU C 446 -2.60 10.40 -42.12
C GLU C 446 -1.93 10.17 -40.76
N TYR C 447 -1.99 11.19 -39.91
CA TYR C 447 -1.28 11.18 -38.64
C TYR C 447 -2.27 11.35 -37.50
N PHE C 448 -2.07 10.59 -36.43
CA PHE C 448 -2.84 10.72 -35.21
C PHE C 448 -1.91 10.48 -34.02
N ARG C 449 -2.04 11.32 -33.00
CA ARG C 449 -1.25 11.20 -31.78
C ARG C 449 -2.15 10.67 -30.66
N PHE C 450 -1.86 9.46 -30.20
CA PHE C 450 -2.61 8.82 -29.13
C PHE C 450 -1.70 8.78 -27.90
N SER C 451 -1.91 9.74 -27.00
CA SER C 451 -1.06 9.88 -25.82
C SER C 451 -1.62 9.00 -24.70
N VAL C 452 -1.06 7.80 -24.55
CA VAL C 452 -1.49 6.89 -23.50
C VAL C 452 -0.74 7.11 -22.19
N GLY C 453 0.14 8.10 -22.12
CA GLY C 453 0.84 8.39 -20.88
C GLY C 453 -0.09 8.78 -19.75
N GLY C 454 -0.03 8.05 -18.65
CA GLY C 454 -0.88 8.30 -17.51
C GLY C 454 -2.30 7.82 -17.64
N MET C 455 -2.69 7.28 -18.79
CA MET C 455 -4.04 6.80 -18.99
C MET C 455 -4.24 5.46 -18.29
N THR C 456 -5.43 5.29 -17.70
CA THR C 456 -5.78 4.06 -16.99
C THR C 456 -7.08 3.43 -17.45
N ASP C 457 -7.88 4.10 -18.26
CA ASP C 457 -9.17 3.60 -18.68
C ASP C 457 -9.00 2.73 -19.91
N VAL C 458 -9.23 1.42 -19.75
CA VAL C 458 -9.14 0.50 -20.88
C VAL C 458 -10.26 0.74 -21.90
N ALA C 459 -11.33 1.43 -21.48
CA ALA C 459 -12.41 1.74 -22.41
C ALA C 459 -11.96 2.69 -23.51
N GLU C 460 -10.86 3.41 -23.31
CA GLU C 460 -10.33 4.26 -24.37
C GLU C 460 -9.81 3.41 -25.53
N ILE C 461 -9.30 2.22 -25.23
CA ILE C 461 -8.81 1.32 -26.27
C ILE C 461 -9.91 0.40 -26.77
N LYS C 462 -10.80 -0.06 -25.88
CA LYS C 462 -11.80 -1.06 -26.24
C LYS C 462 -13.22 -0.52 -26.34
N GLY C 463 -13.60 0.46 -25.51
CA GLY C 463 -14.96 0.94 -25.56
C GLY C 463 -15.93 0.04 -24.81
N HIS C 464 -17.22 0.31 -25.01
CA HIS C 464 -18.29 -0.38 -24.30
C HIS C 464 -19.29 -0.93 -25.31
N ARG C 465 -20.08 -1.90 -24.85
CA ARG C 465 -21.11 -2.50 -25.67
C ARG C 465 -22.24 -1.50 -25.90
N ARG C 466 -23.04 -1.78 -26.94
CA ARG C 466 -24.17 -0.91 -27.27
C ARG C 466 -25.21 -0.88 -26.17
N THR C 467 -25.24 -1.89 -25.29
CA THR C 467 -26.21 -1.92 -24.21
C THR C 467 -26.08 -0.70 -23.30
N TYR C 468 -24.88 -0.17 -23.15
CA TYR C 468 -24.67 1.01 -22.32
C TYR C 468 -25.19 2.25 -23.02
N VAL C 469 -25.51 3.27 -22.20
CA VAL C 469 -26.30 4.39 -22.70
C VAL C 469 -25.50 5.25 -23.67
N GLY C 470 -24.21 5.46 -23.41
CA GLY C 470 -23.44 6.36 -24.22
C GLY C 470 -22.15 5.77 -24.76
N ALA C 471 -22.19 4.50 -25.14
CA ALA C 471 -20.99 3.80 -25.56
C ALA C 471 -20.46 4.36 -26.87
N MET C 472 -19.13 4.39 -26.98
CA MET C 472 -18.40 4.76 -28.17
C MET C 472 -17.31 3.72 -28.42
N PRO C 473 -16.89 3.54 -29.68
CA PRO C 473 -15.98 2.43 -30.00
C PRO C 473 -14.67 2.46 -29.24
N GLY C 474 -13.92 3.53 -29.37
CA GLY C 474 -12.60 3.60 -28.78
C GLY C 474 -11.70 4.49 -29.62
N LYS C 475 -10.49 4.69 -29.10
CA LYS C 475 -9.58 5.64 -29.73
C LYS C 475 -9.18 5.19 -31.13
N ILE C 476 -8.86 3.91 -31.30
CA ILE C 476 -8.36 3.42 -32.58
C ILE C 476 -9.44 3.53 -33.66
N ILE C 477 -10.67 3.11 -33.33
CA ILE C 477 -11.74 3.16 -34.31
C ILE C 477 -12.09 4.60 -34.66
N GLN C 478 -12.05 5.49 -33.66
CA GLN C 478 -12.26 6.90 -33.94
C GLN C 478 -11.15 7.47 -34.80
N CYS C 479 -9.92 6.99 -34.64
CA CYS C 479 -8.83 7.38 -35.52
C CYS C 479 -9.13 6.97 -36.96
N LEU C 480 -9.59 5.72 -37.14
CA LEU C 480 -9.92 5.25 -38.47
C LEU C 480 -11.04 6.09 -39.09
N LYS C 481 -12.06 6.42 -38.30
CA LYS C 481 -13.15 7.25 -38.80
C LYS C 481 -12.67 8.65 -39.16
N LYS C 482 -11.83 9.24 -38.31
CA LYS C 482 -11.42 10.63 -38.51
C LYS C 482 -10.49 10.77 -39.70
N THR C 483 -9.49 9.89 -39.81
CA THR C 483 -8.53 9.97 -40.90
C THR C 483 -9.10 9.51 -42.23
N LYS C 484 -10.20 8.77 -42.22
CA LYS C 484 -10.85 8.26 -43.43
C LYS C 484 -9.94 7.35 -44.23
N THR C 485 -8.90 6.79 -43.61
CA THR C 485 -8.01 5.85 -44.26
C THR C 485 -7.74 4.69 -43.31
N GLU C 486 -7.54 3.51 -43.88
CA GLU C 486 -7.33 2.31 -43.10
C GLU C 486 -5.86 2.03 -42.82
N ASN C 487 -4.95 2.88 -43.30
CA ASN C 487 -3.53 2.77 -43.00
C ASN C 487 -2.95 4.11 -42.57
N PRO C 488 -3.38 4.64 -41.43
CA PRO C 488 -2.81 5.89 -40.92
C PRO C 488 -1.52 5.61 -40.18
N LEU C 489 -0.96 6.66 -39.59
CA LEU C 489 0.18 6.54 -38.69
C LEU C 489 -0.29 6.90 -37.30
N ILE C 490 -0.18 5.95 -36.37
CA ILE C 490 -0.64 6.12 -35.00
C ILE C 490 0.57 6.25 -34.10
N LEU C 491 0.65 7.34 -33.36
CA LEU C 491 1.75 7.59 -32.42
C LEU C 491 1.24 7.32 -31.02
N ILE C 492 1.63 6.19 -30.44
CA ILE C 492 1.25 5.83 -29.07
C ILE C 492 2.31 6.47 -28.17
N ASP C 493 2.07 7.73 -27.82
CA ASP C 493 3.08 8.52 -27.11
C ASP C 493 3.18 8.09 -25.66
N GLU C 494 4.41 7.91 -25.18
CA GLU C 494 4.69 7.57 -23.78
C GLU C 494 4.01 6.26 -23.38
N VAL C 495 4.32 5.20 -24.14
CA VAL C 495 3.75 3.89 -23.83
C VAL C 495 4.31 3.36 -22.51
N ASP C 496 5.52 3.78 -22.13
CA ASP C 496 6.10 3.32 -20.88
C ASP C 496 5.43 3.93 -19.66
N LYS C 497 4.76 5.07 -19.82
CA LYS C 497 4.05 5.72 -18.73
C LYS C 497 2.60 5.26 -18.61
N ILE C 498 2.27 4.10 -19.18
CA ILE C 498 0.90 3.62 -19.13
C ILE C 498 0.52 3.30 -17.69
N GLY C 499 -0.71 3.62 -17.33
CA GLY C 499 -1.14 3.51 -15.94
C GLY C 499 -1.76 2.18 -15.59
N ARG C 500 -1.15 1.46 -14.65
CA ARG C 500 -1.70 0.21 -14.14
C ARG C 500 -2.74 0.52 -13.05
N GLY C 501 -3.86 1.08 -13.48
CA GLY C 501 -4.89 1.55 -12.59
C GLY C 501 -5.85 0.45 -12.16
N TYR C 502 -6.88 0.87 -11.43
CA TYR C 502 -7.90 -0.06 -10.95
C TYR C 502 -8.94 -0.39 -12.00
N GLN C 503 -9.17 0.49 -12.98
CA GLN C 503 -10.15 0.26 -14.04
C GLN C 503 -9.53 -0.51 -15.19
N GLY C 504 -9.09 -1.73 -14.89
CA GLY C 504 -8.46 -2.58 -15.87
C GLY C 504 -6.99 -2.23 -16.07
N ASP C 505 -6.37 -2.96 -16.99
CA ASP C 505 -4.95 -2.78 -17.32
C ASP C 505 -4.84 -2.46 -18.80
N PRO C 506 -4.58 -1.20 -19.17
CA PRO C 506 -4.53 -0.85 -20.60
C PRO C 506 -3.45 -1.58 -21.37
N SER C 507 -2.32 -1.90 -20.73
CA SER C 507 -1.25 -2.59 -21.43
C SER C 507 -1.70 -3.95 -21.93
N SER C 508 -2.56 -4.63 -21.16
CA SER C 508 -3.07 -5.92 -21.60
C SER C 508 -3.89 -5.81 -22.88
N ALA C 509 -4.57 -4.69 -23.08
CA ALA C 509 -5.26 -4.45 -24.34
C ALA C 509 -4.28 -4.05 -25.44
N LEU C 510 -3.24 -3.30 -25.10
CA LEU C 510 -2.23 -2.95 -26.09
C LEU C 510 -1.51 -4.20 -26.60
N LEU C 511 -1.47 -5.26 -25.80
CA LEU C 511 -0.91 -6.53 -26.28
C LEU C 511 -1.62 -7.00 -27.55
N GLU C 512 -2.96 -7.01 -27.55
CA GLU C 512 -3.67 -7.45 -28.73
C GLU C 512 -3.75 -6.36 -29.78
N LEU C 513 -3.71 -5.09 -29.38
CA LEU C 513 -3.69 -4.01 -30.36
C LEU C 513 -2.40 -4.02 -31.17
N LEU C 514 -1.27 -4.38 -30.53
CA LEU C 514 0.03 -4.38 -31.17
C LEU C 514 0.56 -5.78 -31.43
N ASP C 515 -0.34 -6.74 -31.61
CA ASP C 515 0.08 -8.10 -31.96
C ASP C 515 0.27 -8.20 -33.47
N PRO C 516 1.49 -8.50 -33.95
CA PRO C 516 1.72 -8.49 -35.41
C PRO C 516 0.81 -9.44 -36.18
N GLU C 517 0.42 -10.56 -35.58
CA GLU C 517 -0.43 -11.52 -36.26
C GLU C 517 -1.91 -11.26 -36.04
N GLN C 518 -2.29 -10.81 -34.85
CA GLN C 518 -3.69 -10.63 -34.51
C GLN C 518 -4.22 -9.24 -34.82
N ASN C 519 -3.42 -8.37 -35.41
CA ASN C 519 -3.94 -7.07 -35.83
C ASN C 519 -5.03 -7.22 -36.87
N ALA C 520 -4.96 -8.26 -37.69
CA ALA C 520 -5.95 -8.48 -38.74
C ALA C 520 -7.34 -8.77 -38.19
N ASN C 521 -7.46 -9.11 -36.91
CA ASN C 521 -8.74 -9.46 -36.31
C ASN C 521 -8.93 -8.74 -34.98
N PHE C 522 -8.49 -7.48 -34.91
CA PHE C 522 -8.71 -6.70 -33.70
C PHE C 522 -10.21 -6.42 -33.54
N LEU C 523 -10.75 -6.79 -32.39
CA LEU C 523 -12.19 -6.74 -32.14
C LEU C 523 -12.49 -5.64 -31.14
N ASP C 524 -13.33 -4.69 -31.54
CA ASP C 524 -13.76 -3.60 -30.68
C ASP C 524 -15.08 -3.98 -30.01
N HIS C 525 -15.22 -3.65 -28.73
CA HIS C 525 -16.40 -4.07 -27.98
C HIS C 525 -17.66 -3.42 -28.53
N TYR C 526 -17.59 -2.15 -28.91
CA TYR C 526 -18.77 -1.48 -29.44
C TYR C 526 -19.19 -2.07 -30.78
N LEU C 527 -18.23 -2.21 -31.71
CA LEU C 527 -18.56 -2.74 -33.03
C LEU C 527 -18.94 -4.21 -32.96
N ASP C 528 -18.26 -4.98 -32.10
CA ASP C 528 -18.38 -6.44 -32.07
C ASP C 528 -18.08 -7.04 -33.44
N VAL C 529 -17.18 -6.40 -34.18
CA VAL C 529 -16.81 -6.84 -35.52
C VAL C 529 -15.31 -6.66 -35.68
N PRO C 530 -14.57 -7.68 -36.12
CA PRO C 530 -13.12 -7.53 -36.27
C PRO C 530 -12.78 -6.47 -37.31
N VAL C 531 -11.71 -5.73 -37.04
CA VAL C 531 -11.23 -4.65 -37.90
C VAL C 531 -9.78 -4.94 -38.28
N ASP C 532 -9.46 -4.79 -39.55
CA ASP C 532 -8.14 -5.13 -40.06
C ASP C 532 -7.20 -3.95 -39.81
N LEU C 533 -6.37 -4.07 -38.79
CA LEU C 533 -5.34 -3.07 -38.48
C LEU C 533 -3.95 -3.51 -38.92
N SER C 534 -3.86 -4.52 -39.78
CA SER C 534 -2.57 -5.05 -40.20
C SER C 534 -1.76 -4.08 -41.05
N LYS C 535 -2.39 -2.99 -41.54
CA LYS C 535 -1.69 -2.01 -42.35
C LYS C 535 -1.47 -0.68 -41.63
N VAL C 536 -1.91 -0.57 -40.38
CA VAL C 536 -1.68 0.63 -39.59
C VAL C 536 -0.24 0.63 -39.10
N LEU C 537 0.43 1.77 -39.22
CA LEU C 537 1.82 1.91 -38.81
C LEU C 537 1.85 2.51 -37.41
N PHE C 538 2.19 1.68 -36.42
CA PHE C 538 2.21 2.10 -35.03
C PHE C 538 3.61 2.53 -34.62
N ILE C 539 3.71 3.71 -34.03
CA ILE C 539 4.98 4.22 -33.50
C ILE C 539 4.77 4.51 -32.03
N CYS C 540 5.61 3.91 -31.19
CA CYS C 540 5.56 4.12 -29.75
C CYS C 540 6.81 4.86 -29.30
N THR C 541 6.65 5.73 -28.32
CA THR C 541 7.76 6.48 -27.74
C THR C 541 7.85 6.17 -26.26
N ALA C 542 9.08 5.97 -25.78
CA ALA C 542 9.30 5.65 -24.38
C ALA C 542 10.68 6.14 -23.97
N ASN C 543 10.77 6.70 -22.76
CA ASN C 543 12.06 7.15 -22.25
C ASN C 543 12.86 6.02 -21.63
N VAL C 544 12.18 5.03 -21.05
CA VAL C 544 12.83 3.89 -20.41
C VAL C 544 12.16 2.61 -20.92
N THR C 545 12.98 1.59 -21.18
CA THR C 545 12.50 0.34 -21.77
C THR C 545 12.07 -0.69 -20.72
N ASP C 546 12.79 -0.79 -19.61
CA ASP C 546 12.59 -1.90 -18.68
C ASP C 546 11.22 -1.89 -18.00
N THR C 547 10.53 -0.75 -18.00
CA THR C 547 9.22 -0.70 -17.36
C THR C 547 8.09 -1.21 -18.25
N ILE C 548 8.35 -1.42 -19.54
CA ILE C 548 7.34 -1.97 -20.43
C ILE C 548 7.17 -3.46 -20.14
N PRO C 549 5.95 -3.98 -20.06
CA PRO C 549 5.78 -5.42 -19.80
C PRO C 549 6.43 -6.26 -20.88
N GLU C 550 7.00 -7.40 -20.47
CA GLU C 550 7.72 -8.25 -21.40
C GLU C 550 6.86 -8.75 -22.56
N PRO C 551 5.62 -9.23 -22.36
CA PRO C 551 4.82 -9.62 -23.52
C PRO C 551 4.59 -8.48 -24.51
N LEU C 552 4.41 -7.25 -24.01
CA LEU C 552 4.25 -6.12 -24.90
C LEU C 552 5.58 -5.71 -25.51
N ARG C 553 6.66 -5.77 -24.73
CA ARG C 553 7.97 -5.41 -25.25
C ARG C 553 8.45 -6.38 -26.32
N ASP C 554 7.94 -7.61 -26.30
CA ASP C 554 8.38 -8.61 -27.28
C ASP C 554 7.77 -8.36 -28.65
N ARG C 555 6.58 -7.76 -28.70
CA ARG C 555 5.89 -7.56 -29.96
C ARG C 555 6.48 -6.39 -30.76
N MET C 556 7.00 -5.37 -30.08
CA MET C 556 7.46 -4.17 -30.76
C MET C 556 8.90 -4.31 -31.24
N GLU C 557 9.19 -3.63 -32.34
CA GLU C 557 10.56 -3.57 -32.87
C GLU C 557 11.22 -2.31 -32.31
N MET C 558 12.01 -2.48 -31.24
CA MET C 558 12.58 -1.36 -30.53
C MET C 558 13.86 -0.90 -31.21
N ILE C 559 13.96 0.40 -31.47
CA ILE C 559 15.18 1.01 -31.99
C ILE C 559 15.53 2.21 -31.12
N ASN C 560 16.83 2.41 -30.90
CA ASN C 560 17.32 3.38 -29.94
C ASN C 560 17.63 4.70 -30.63
N VAL C 561 17.17 5.79 -30.03
CA VAL C 561 17.49 7.14 -30.47
C VAL C 561 18.50 7.70 -29.47
N SER C 562 19.78 7.59 -29.80
CA SER C 562 20.83 8.01 -28.88
C SER C 562 20.92 9.53 -28.79
N GLY C 563 21.58 10.00 -27.75
CA GLY C 563 21.78 11.42 -27.56
C GLY C 563 22.78 12.00 -28.55
N TYR C 564 22.92 13.31 -28.48
CA TYR C 564 23.72 14.07 -29.43
C TYR C 564 25.00 14.57 -28.78
N VAL C 565 26.12 14.39 -29.48
CA VAL C 565 27.39 14.91 -29.03
C VAL C 565 27.47 16.41 -29.35
N ALA C 566 28.37 17.12 -28.66
CA ALA C 566 28.49 18.57 -28.84
C ALA C 566 28.72 18.93 -30.30
N GLN C 567 29.50 18.13 -31.03
CA GLN C 567 29.69 18.38 -32.45
C GLN C 567 28.37 18.31 -33.21
N GLU C 568 27.51 17.36 -32.85
CA GLU C 568 26.20 17.28 -33.47
C GLU C 568 25.27 18.35 -32.96
N LYS C 569 25.39 18.71 -31.69
CA LYS C 569 24.51 19.74 -31.12
C LYS C 569 24.78 21.10 -31.73
N LEU C 570 26.03 21.41 -32.07
CA LEU C 570 26.32 22.67 -32.74
C LEU C 570 25.61 22.76 -34.08
N ALA C 571 25.68 21.69 -34.88
CA ALA C 571 25.00 21.67 -36.16
C ALA C 571 23.49 21.76 -35.98
N ILE C 572 22.95 21.00 -35.03
CA ILE C 572 21.52 21.04 -34.77
C ILE C 572 21.08 22.46 -34.43
N ALA C 573 21.80 23.10 -33.51
CA ALA C 573 21.48 24.46 -33.10
C ALA C 573 21.49 25.37 -34.32
N GLU C 574 22.66 25.54 -34.94
CA GLU C 574 22.83 26.55 -35.98
C GLU C 574 22.03 26.23 -37.25
N ARG C 575 21.51 25.02 -37.41
CA ARG C 575 20.75 24.71 -38.60
C ARG C 575 19.24 24.71 -38.39
N TYR C 576 18.77 24.35 -37.19
CA TYR C 576 17.34 24.27 -36.95
C TYR C 576 16.87 25.19 -35.83
N LEU C 577 17.56 25.20 -34.68
CA LEU C 577 17.03 25.88 -33.51
C LEU C 577 17.08 27.39 -33.68
N VAL C 578 18.22 27.91 -34.13
CA VAL C 578 18.36 29.36 -34.28
C VAL C 578 17.39 29.93 -35.32
N PRO C 579 17.26 29.37 -36.52
CA PRO C 579 16.27 29.92 -37.46
C PRO C 579 14.84 29.87 -36.94
N GLN C 580 14.45 28.76 -36.31
CA GLN C 580 13.09 28.66 -35.78
C GLN C 580 12.87 29.65 -34.64
N ALA C 581 13.87 29.81 -33.77
CA ALA C 581 13.75 30.78 -32.69
C ALA C 581 13.67 32.20 -33.23
N ARG C 582 14.43 32.49 -34.29
CA ARG C 582 14.34 33.80 -34.93
C ARG C 582 12.95 34.03 -35.50
N ALA C 583 12.39 33.03 -36.15
CA ALA C 583 11.04 33.17 -36.71
C ALA C 583 10.01 33.38 -35.60
N LEU C 584 10.16 32.67 -34.49
CA LEU C 584 9.24 32.85 -33.37
C LEU C 584 9.37 34.25 -32.77
N CYS C 585 10.60 34.72 -32.59
CA CYS C 585 10.82 36.03 -31.97
C CYS C 585 10.69 37.18 -32.98
N GLY C 586 10.73 36.90 -34.27
CA GLY C 586 10.60 37.93 -35.28
C GLY C 586 11.87 38.68 -35.59
N LEU C 587 12.97 38.39 -34.92
CA LEU C 587 14.22 39.09 -35.17
C LEU C 587 14.83 38.65 -36.50
N ASP C 588 15.48 39.59 -37.18
CA ASP C 588 16.18 39.28 -38.41
C ASP C 588 17.58 38.75 -38.09
N GLU C 589 18.21 38.16 -39.12
CA GLU C 589 19.57 37.65 -38.94
C GLU C 589 20.55 38.78 -38.66
N SER C 590 20.39 39.92 -39.33
CA SER C 590 21.32 41.02 -39.17
C SER C 590 21.13 41.76 -37.84
N LYS C 591 19.91 41.73 -37.27
CA LYS C 591 19.66 42.48 -36.05
C LYS C 591 20.40 41.88 -34.86
N ALA C 592 20.44 40.55 -34.77
CA ALA C 592 21.12 39.87 -33.67
C ALA C 592 21.78 38.62 -34.24
N LYS C 593 23.11 38.58 -34.20
CA LYS C 593 23.87 37.48 -34.79
C LYS C 593 24.41 36.57 -33.69
N LEU C 594 24.16 35.28 -33.83
CA LEU C 594 24.68 34.26 -32.93
C LEU C 594 25.73 33.47 -33.71
N SER C 595 27.00 33.84 -33.53
CA SER C 595 28.07 33.24 -34.29
C SER C 595 28.32 31.80 -33.83
N SER C 596 29.06 31.06 -34.65
CA SER C 596 29.31 29.65 -34.39
C SER C 596 30.13 29.45 -33.11
N ASP C 597 31.13 30.31 -32.88
CA ASP C 597 31.94 30.17 -31.69
C ASP C 597 31.13 30.42 -30.43
N VAL C 598 30.21 31.39 -30.47
CA VAL C 598 29.34 31.64 -29.33
C VAL C 598 28.49 30.41 -29.03
N LEU C 599 27.92 29.79 -30.07
CA LEU C 599 27.12 28.59 -29.86
C LEU C 599 27.97 27.45 -29.30
N THR C 600 29.20 27.30 -29.80
CA THR C 600 30.07 26.24 -29.30
C THR C 600 30.39 26.46 -27.82
N LEU C 601 30.69 27.70 -27.44
CA LEU C 601 30.97 27.99 -26.03
C LEU C 601 29.74 27.75 -25.17
N LEU C 602 28.57 28.17 -25.64
CA LEU C 602 27.33 27.98 -24.89
C LEU C 602 27.04 26.49 -24.69
N ILE C 603 27.25 25.70 -25.74
CA ILE C 603 27.02 24.26 -25.63
C ILE C 603 28.03 23.63 -24.66
N LYS C 604 29.29 24.05 -24.74
CA LYS C 604 30.32 23.47 -23.88
C LYS C 604 30.06 23.78 -22.41
N GLN C 605 29.63 25.01 -22.10
CA GLN C 605 29.56 25.44 -20.72
C GLN C 605 28.16 25.41 -20.12
N TYR C 606 27.12 25.16 -20.92
CA TYR C 606 25.76 25.24 -20.41
C TYR C 606 24.86 24.07 -20.79
N CYS C 607 25.20 23.28 -21.80
CA CYS C 607 24.27 22.30 -22.37
C CYS C 607 24.93 20.93 -22.50
N ARG C 608 25.53 20.45 -21.41
CA ARG C 608 26.20 19.16 -21.43
C ARG C 608 25.23 17.98 -21.51
N GLU C 609 23.93 18.20 -21.37
CA GLU C 609 22.98 17.10 -21.37
C GLU C 609 22.86 16.48 -22.76
N SER C 610 22.25 15.29 -22.82
CA SER C 610 22.06 14.60 -24.08
C SER C 610 20.85 15.13 -24.85
N GLY C 611 19.95 15.86 -24.20
CA GLY C 611 18.78 16.40 -24.85
C GLY C 611 19.09 17.69 -25.59
N VAL C 612 18.07 18.19 -26.29
CA VAL C 612 18.20 19.41 -27.09
C VAL C 612 17.08 20.36 -26.70
N ARG C 613 16.47 20.12 -25.53
CA ARG C 613 15.37 20.95 -25.06
C ARG C 613 15.83 22.03 -24.09
N ASN C 614 17.10 22.04 -23.72
CA ASN C 614 17.67 23.11 -22.91
C ASN C 614 18.56 24.04 -23.71
N LEU C 615 19.27 23.51 -24.71
CA LEU C 615 19.93 24.38 -25.68
C LEU C 615 18.92 25.30 -26.37
N GLN C 616 17.73 24.77 -26.67
CA GLN C 616 16.69 25.59 -27.27
C GLN C 616 16.26 26.69 -26.32
N LYS C 617 16.13 26.38 -25.03
CA LYS C 617 15.76 27.40 -24.05
C LYS C 617 16.83 28.47 -23.93
N GLN C 618 18.11 28.06 -23.95
CA GLN C 618 19.18 29.05 -23.89
C GLN C 618 19.18 29.96 -25.12
N VAL C 619 18.99 29.38 -26.30
CA VAL C 619 18.95 30.18 -27.52
C VAL C 619 17.77 31.15 -27.48
N GLU C 620 16.61 30.66 -27.03
CA GLU C 620 15.45 31.53 -26.91
C GLU C 620 15.69 32.65 -25.91
N LYS C 621 16.38 32.34 -24.80
CA LYS C 621 16.70 33.37 -23.82
C LYS C 621 17.57 34.45 -24.42
N VAL C 622 18.62 34.06 -25.14
CA VAL C 622 19.51 35.05 -25.76
C VAL C 622 18.73 35.90 -26.75
N LEU C 623 17.92 35.26 -27.59
CA LEU C 623 17.21 35.99 -28.63
C LEU C 623 16.15 36.91 -28.05
N ARG C 624 15.47 36.49 -27.00
CA ARG C 624 14.44 37.35 -26.40
C ARG C 624 15.08 38.52 -25.66
N LYS C 625 16.23 38.31 -25.03
CA LYS C 625 16.94 39.43 -24.42
C LYS C 625 17.40 40.42 -25.48
N SER C 626 17.91 39.92 -26.60
CA SER C 626 18.29 40.83 -27.69
C SER C 626 17.09 41.57 -28.24
N ALA C 627 15.95 40.88 -28.36
CA ALA C 627 14.74 41.54 -28.87
C ALA C 627 14.28 42.64 -27.93
N TYR C 628 14.30 42.39 -26.62
CA TYR C 628 13.94 43.43 -25.67
C TYR C 628 14.91 44.59 -25.71
N LYS C 629 16.19 44.29 -25.91
CA LYS C 629 17.19 45.34 -26.03
C LYS C 629 16.91 46.22 -27.26
N ILE C 630 16.57 45.61 -28.38
CA ILE C 630 16.33 46.37 -29.60
C ILE C 630 15.04 47.18 -29.51
N VAL C 631 13.95 46.54 -29.05
CA VAL C 631 12.65 47.21 -29.09
C VAL C 631 12.58 48.35 -28.08
N SER C 632 13.30 48.23 -26.95
CA SER C 632 13.29 49.30 -25.96
C SER C 632 14.08 50.51 -26.40
N GLY C 633 14.80 50.43 -27.51
CA GLY C 633 15.59 51.54 -28.00
C GLY C 633 16.98 51.64 -27.40
N GLU C 634 17.38 50.70 -26.55
CA GLU C 634 18.72 50.74 -25.98
C GLU C 634 19.80 50.59 -27.04
N ALA C 635 19.49 49.90 -28.14
CA ALA C 635 20.44 49.74 -29.22
C ALA C 635 19.68 49.35 -30.48
N GLU C 636 20.31 49.63 -31.63
CA GLU C 636 19.73 49.23 -32.92
C GLU C 636 20.07 47.80 -33.28
N SER C 637 21.15 47.25 -32.72
CA SER C 637 21.54 45.87 -32.98
C SER C 637 22.27 45.34 -31.76
N VAL C 638 22.30 44.02 -31.64
CA VAL C 638 22.92 43.33 -30.50
C VAL C 638 24.06 42.47 -31.02
N GLU C 639 25.23 42.65 -30.43
CA GLU C 639 26.44 41.92 -30.84
C GLU C 639 26.77 40.93 -29.72
N VAL C 640 26.32 39.69 -29.88
CA VAL C 640 26.63 38.64 -28.93
C VAL C 640 28.04 38.13 -29.19
N THR C 641 28.88 38.15 -28.17
CA THR C 641 30.26 37.72 -28.24
C THR C 641 30.53 36.75 -27.11
N PRO C 642 31.58 35.92 -27.23
CA PRO C 642 31.91 35.01 -26.13
C PRO C 642 32.25 35.72 -24.84
N GLU C 643 32.70 36.98 -24.92
CA GLU C 643 33.04 37.72 -23.71
C GLU C 643 31.79 38.14 -22.94
N ASN C 644 30.78 38.65 -23.64
CA ASN C 644 29.58 39.17 -22.99
C ASN C 644 28.41 38.19 -23.03
N LEU C 645 28.66 36.93 -23.41
CA LEU C 645 27.58 35.95 -23.41
C LEU C 645 27.02 35.74 -22.01
N GLN C 646 27.88 35.79 -20.98
CA GLN C 646 27.44 35.61 -19.62
C GLN C 646 26.48 36.70 -19.17
N ASP C 647 26.48 37.86 -19.84
CA ASP C 647 25.50 38.89 -19.54
C ASP C 647 24.10 38.50 -19.99
N PHE C 648 23.99 37.63 -20.99
CA PHE C 648 22.71 37.16 -21.48
C PHE C 648 22.28 35.86 -20.80
N VAL C 649 23.16 34.86 -20.77
CA VAL C 649 22.80 33.54 -20.25
C VAL C 649 23.10 33.37 -18.77
N GLY C 650 23.90 34.25 -18.18
CA GLY C 650 24.18 34.15 -16.76
C GLY C 650 25.46 33.41 -16.46
N LYS C 651 25.50 32.84 -15.25
CA LYS C 651 26.69 32.17 -14.77
C LYS C 651 26.96 30.89 -15.58
N PRO C 652 28.21 30.63 -15.96
CA PRO C 652 28.54 29.32 -16.55
C PRO C 652 28.26 28.19 -15.56
N VAL C 653 27.82 27.06 -16.08
CA VAL C 653 27.49 25.92 -15.23
C VAL C 653 28.67 24.96 -15.09
N PHE C 654 29.33 24.63 -16.20
CA PHE C 654 30.46 23.71 -16.21
C PHE C 654 31.73 24.50 -16.51
N THR C 655 32.61 24.60 -15.51
CA THR C 655 33.84 25.37 -15.65
C THR C 655 35.10 24.54 -15.50
N VAL C 656 35.17 23.68 -14.48
CA VAL C 656 36.34 22.84 -14.23
C VAL C 656 36.04 21.43 -14.72
N GLU C 657 36.98 20.87 -15.48
CA GLU C 657 36.82 19.55 -16.07
C GLU C 657 37.80 18.53 -15.50
N ARG C 658 38.80 18.97 -14.73
CA ARG C 658 39.82 18.07 -14.20
C ARG C 658 40.24 18.58 -12.84
N MET C 659 40.06 17.74 -11.81
CA MET C 659 40.35 18.18 -10.44
C MET C 659 41.85 18.26 -10.17
N TYR C 660 42.62 17.27 -10.65
CA TYR C 660 44.06 17.21 -10.42
C TYR C 660 44.78 17.47 -11.73
N ASP C 661 45.57 18.54 -11.76
CA ASP C 661 46.44 18.78 -12.91
C ASP C 661 47.64 17.83 -12.88
N VAL C 662 48.24 17.65 -11.71
CA VAL C 662 49.33 16.70 -11.50
C VAL C 662 48.92 15.78 -10.36
N THR C 663 49.01 14.47 -10.59
CA THR C 663 48.50 13.49 -9.64
C THR C 663 49.54 13.16 -8.59
N PRO C 664 49.27 13.36 -7.31
CA PRO C 664 50.15 12.85 -6.26
C PRO C 664 50.23 11.34 -6.30
N PRO C 665 51.16 10.73 -5.54
CA PRO C 665 51.35 9.28 -5.66
C PRO C 665 50.12 8.45 -5.40
N GLY C 666 49.24 8.86 -4.49
CA GLY C 666 48.14 8.01 -4.09
C GLY C 666 46.89 8.06 -4.93
N VAL C 667 46.84 8.86 -5.99
CA VAL C 667 45.59 9.08 -6.71
C VAL C 667 45.72 8.58 -8.15
N VAL C 668 44.59 8.14 -8.70
CA VAL C 668 44.51 7.69 -10.09
C VAL C 668 43.24 8.27 -10.70
N MET C 669 43.34 8.72 -11.94
CA MET C 669 42.23 9.37 -12.64
C MET C 669 41.38 8.32 -13.34
N GLY C 670 40.14 8.17 -12.90
CA GLY C 670 39.21 7.25 -13.52
C GLY C 670 38.19 7.96 -14.38
N LEU C 671 37.29 7.18 -14.96
CA LEU C 671 36.23 7.68 -15.81
C LEU C 671 34.88 7.17 -15.31
N ALA C 672 33.84 7.95 -15.55
CA ALA C 672 32.52 7.62 -15.05
C ALA C 672 31.45 8.04 -16.05
N TRP C 673 30.31 7.37 -15.99
CA TRP C 673 29.16 7.70 -16.82
C TRP C 673 28.19 8.56 -16.02
N THR C 674 27.75 9.66 -16.62
CA THR C 674 26.77 10.55 -16.01
C THR C 674 25.72 10.94 -17.04
N ALA C 675 24.60 11.44 -16.55
CA ALA C 675 23.52 11.83 -17.46
C ALA C 675 23.93 13.00 -18.35
N MET C 676 24.60 14.00 -17.78
CA MET C 676 25.03 15.18 -18.54
C MET C 676 26.44 14.94 -19.09
N GLY C 677 26.50 14.02 -20.04
CA GLY C 677 27.77 13.64 -20.64
C GLY C 677 28.60 12.80 -19.70
N GLY C 678 29.82 12.51 -20.12
CA GLY C 678 30.73 11.76 -19.30
C GLY C 678 31.28 12.58 -18.16
N SER C 679 32.00 11.89 -17.26
CA SER C 679 32.66 12.55 -16.14
C SER C 679 33.91 11.76 -15.79
N THR C 680 34.82 12.42 -15.09
CA THR C 680 36.06 11.80 -14.64
C THR C 680 36.12 11.87 -13.12
N LEU C 681 36.43 10.73 -12.49
CA LEU C 681 36.54 10.65 -11.05
C LEU C 681 37.96 10.24 -10.68
N PHE C 682 38.45 10.78 -9.56
CA PHE C 682 39.77 10.49 -9.06
C PHE C 682 39.63 9.63 -7.81
N VAL C 683 40.34 8.50 -7.78
CA VAL C 683 40.34 7.65 -6.61
C VAL C 683 41.50 8.06 -5.71
N GLU C 684 41.16 8.55 -4.52
CA GLU C 684 42.16 9.06 -3.59
C GLU C 684 42.38 8.06 -2.46
N THR C 685 43.64 7.80 -2.15
CA THR C 685 44.02 6.94 -1.04
C THR C 685 45.06 7.66 -0.19
N SER C 686 45.05 7.35 1.10
CA SER C 686 46.01 7.94 2.02
C SER C 686 46.17 7.05 3.23
N LEU C 687 47.35 7.09 3.82
CA LEU C 687 47.61 6.35 5.05
C LEU C 687 46.83 6.98 6.20
N ARG C 688 46.31 6.14 7.08
CA ARG C 688 45.47 6.60 8.18
C ARG C 688 46.16 6.52 9.53
N ARG C 689 47.10 5.61 9.72
CA ARG C 689 47.86 5.49 10.96
C ARG C 689 49.34 5.52 10.65
N PRO C 690 50.15 6.09 11.55
CA PRO C 690 51.54 6.45 11.16
C PRO C 690 52.40 5.28 10.73
N GLN C 691 52.24 4.11 11.34
CA GLN C 691 53.13 2.98 11.07
C GLN C 691 52.60 2.14 9.91
N ASP C 692 53.47 1.83 8.98
CA ASP C 692 53.10 1.02 7.82
C ASP C 692 52.80 -0.42 8.24
N LYS C 699 47.11 -8.86 14.28
CA LYS C 699 47.12 -7.52 13.71
C LYS C 699 47.40 -7.57 12.20
N ASP C 700 46.69 -6.74 11.45
CA ASP C 700 46.82 -6.69 10.01
C ASP C 700 46.32 -5.35 9.50
N GLY C 701 46.54 -5.11 8.21
CA GLY C 701 46.04 -3.90 7.60
C GLY C 701 44.54 -3.95 7.37
N SER C 702 43.98 -2.76 7.12
CA SER C 702 42.55 -2.64 6.88
C SER C 702 42.32 -1.51 5.90
N LEU C 703 41.16 -1.55 5.25
CA LEU C 703 40.78 -0.55 4.26
C LEU C 703 39.44 0.06 4.63
N GLU C 704 39.37 1.38 4.62
CA GLU C 704 38.14 2.13 4.85
C GLU C 704 37.79 2.90 3.59
N VAL C 705 36.53 2.80 3.16
CA VAL C 705 36.08 3.39 1.92
C VAL C 705 35.01 4.43 2.21
N THR C 706 35.11 5.58 1.57
CA THR C 706 34.14 6.66 1.70
C THR C 706 33.89 7.26 0.33
N GLY C 707 32.80 8.03 0.23
CA GLY C 707 32.45 8.68 -1.02
C GLY C 707 31.11 8.27 -1.56
N GLN C 708 30.21 7.85 -0.67
CA GLN C 708 28.86 7.43 -1.03
C GLN C 708 28.88 6.30 -2.05
N LEU C 709 29.83 5.38 -1.89
CA LEU C 709 29.90 4.21 -2.77
C LEU C 709 28.72 3.30 -2.52
N GLY C 710 28.17 2.75 -3.59
CA GLY C 710 27.11 1.77 -3.48
C GLY C 710 27.66 0.41 -3.08
N GLU C 711 26.76 -0.55 -2.92
CA GLU C 711 27.16 -1.89 -2.51
C GLU C 711 28.05 -2.55 -3.55
N VAL C 712 27.72 -2.40 -4.83
CA VAL C 712 28.54 -2.97 -5.89
C VAL C 712 29.93 -2.32 -5.89
N MET C 713 29.98 -1.00 -5.69
CA MET C 713 31.26 -0.32 -5.62
C MET C 713 32.08 -0.78 -4.42
N LYS C 714 31.42 -1.02 -3.28
CA LYS C 714 32.13 -1.51 -2.11
C LYS C 714 32.69 -2.92 -2.34
N GLU C 715 31.91 -3.79 -2.97
CA GLU C 715 32.42 -5.12 -3.30
C GLU C 715 33.59 -5.03 -4.28
N SER C 716 33.49 -4.12 -5.26
CA SER C 716 34.59 -3.91 -6.19
C SER C 716 35.84 -3.43 -5.46
N ALA C 717 35.66 -2.55 -4.47
CA ALA C 717 36.80 -2.07 -3.69
C ALA C 717 37.43 -3.20 -2.89
N ARG C 718 36.61 -4.08 -2.31
CA ARG C 718 37.16 -5.20 -1.55
C ARG C 718 37.94 -6.15 -2.46
N ILE C 719 37.38 -6.47 -3.63
CA ILE C 719 38.08 -7.32 -4.60
C ILE C 719 39.37 -6.67 -5.05
N ALA C 720 39.32 -5.37 -5.30
CA ALA C 720 40.52 -4.63 -5.72
C ALA C 720 41.59 -4.67 -4.63
N TYR C 721 41.18 -4.53 -3.36
CA TYR C 721 42.13 -4.60 -2.26
C TYR C 721 42.78 -5.97 -2.17
N THR C 722 41.97 -7.04 -2.29
CA THR C 722 42.53 -8.39 -2.24
C THR C 722 43.51 -8.62 -3.37
N PHE C 723 43.14 -8.24 -4.60
CA PHE C 723 44.04 -8.45 -5.73
C PHE C 723 45.27 -7.57 -5.63
N ALA C 724 45.14 -6.35 -5.10
CA ALA C 724 46.31 -5.51 -4.92
C ALA C 724 47.28 -6.13 -3.93
N ARG C 725 46.77 -6.67 -2.84
CA ARG C 725 47.62 -7.39 -1.89
C ARG C 725 48.35 -8.53 -2.58
N ALA C 726 47.61 -9.35 -3.33
CA ALA C 726 48.22 -10.51 -3.97
C ALA C 726 49.27 -10.08 -4.99
N PHE C 727 48.95 -9.07 -5.80
CA PHE C 727 49.87 -8.64 -6.86
C PHE C 727 51.12 -8.00 -6.28
N LEU C 728 50.98 -7.20 -5.23
CA LEU C 728 52.15 -6.58 -4.62
C LEU C 728 53.02 -7.62 -3.92
N MET C 729 52.39 -8.64 -3.32
CA MET C 729 53.17 -9.71 -2.71
C MET C 729 53.93 -10.50 -3.76
N GLN C 730 53.30 -10.74 -4.92
CA GLN C 730 53.96 -11.52 -5.96
C GLN C 730 55.05 -10.72 -6.67
N HIS C 731 54.84 -9.42 -6.85
CA HIS C 731 55.78 -8.61 -7.61
C HIS C 731 56.93 -8.10 -6.75
N ALA C 732 56.63 -7.60 -5.56
CA ALA C 732 57.63 -7.07 -4.64
C ALA C 732 57.45 -7.75 -3.29
N PRO C 733 58.03 -8.93 -3.09
CA PRO C 733 57.80 -9.66 -1.84
C PRO C 733 58.22 -8.91 -0.59
N ALA C 734 59.23 -8.05 -0.69
CA ALA C 734 59.71 -7.30 0.48
C ALA C 734 58.79 -6.15 0.86
N ASN C 735 57.84 -5.77 0.02
CA ASN C 735 56.96 -4.64 0.29
C ASN C 735 55.73 -5.14 1.04
N ASP C 736 55.67 -4.86 2.33
CA ASP C 736 54.55 -5.24 3.17
C ASP C 736 53.57 -4.09 3.41
N TYR C 737 53.54 -3.11 2.50
CA TYR C 737 52.70 -1.92 2.73
C TYR C 737 51.22 -2.29 2.77
N LEU C 738 50.76 -3.05 1.78
CA LEU C 738 49.34 -3.39 1.71
C LEU C 738 48.93 -4.44 2.74
N VAL C 739 49.89 -5.16 3.31
CA VAL C 739 49.55 -6.20 4.26
C VAL C 739 49.36 -5.65 5.68
N THR C 740 50.12 -4.62 6.06
CA THR C 740 50.11 -4.12 7.42
C THR C 740 49.48 -2.73 7.57
N SER C 741 49.63 -1.86 6.57
CA SER C 741 49.21 -0.48 6.73
C SER C 741 47.69 -0.36 6.74
N HIS C 742 47.20 0.69 7.40
CA HIS C 742 45.78 1.00 7.47
C HIS C 742 45.47 2.04 6.40
N ILE C 743 44.74 1.63 5.37
CA ILE C 743 44.48 2.47 4.21
C ILE C 743 43.08 3.06 4.30
N HIS C 744 42.94 4.28 3.80
CA HIS C 744 41.65 4.95 3.65
C HIS C 744 41.49 5.36 2.20
N LEU C 745 40.40 4.94 1.57
CA LEU C 745 40.14 5.24 0.18
C LEU C 745 38.93 6.14 0.07
N HIS C 746 39.04 7.20 -0.72
CA HIS C 746 37.97 8.16 -0.88
C HIS C 746 37.85 8.57 -2.35
N VAL C 747 36.63 8.82 -2.78
CA VAL C 747 36.35 9.33 -4.12
C VAL C 747 35.72 10.70 -3.98
N PRO C 748 36.40 11.78 -4.41
CA PRO C 748 35.87 13.13 -4.19
C PRO C 748 34.51 13.40 -4.80
N GLU C 749 33.98 14.60 -4.55
CA GLU C 749 32.56 14.91 -4.72
C GLU C 749 31.72 13.97 -3.85
N GLY C 750 31.95 14.07 -2.54
CA GLY C 750 31.36 13.16 -1.60
C GLY C 750 29.85 13.26 -1.51
N ALA C 751 29.27 14.35 -1.99
CA ALA C 751 27.82 14.48 -1.99
C ALA C 751 27.15 13.68 -3.10
N THR C 752 27.89 13.33 -4.15
CA THR C 752 27.30 12.64 -5.30
C THR C 752 27.45 11.14 -5.14
N PRO C 753 26.35 10.39 -5.08
CA PRO C 753 26.46 8.93 -5.01
C PRO C 753 26.99 8.36 -6.32
N LYS C 754 27.65 7.21 -6.21
CA LYS C 754 28.27 6.57 -7.37
C LYS C 754 28.24 5.06 -7.18
N ASP C 755 28.00 4.35 -8.27
CA ASP C 755 27.85 2.91 -8.23
C ASP C 755 28.41 2.31 -9.51
N GLY C 756 28.72 1.01 -9.46
CA GLY C 756 29.21 0.30 -10.61
C GLY C 756 30.59 -0.28 -10.40
N PRO C 757 30.86 -1.42 -11.03
CA PRO C 757 32.19 -2.04 -10.93
C PRO C 757 33.23 -1.47 -11.88
N SER C 758 32.94 -0.37 -12.58
CA SER C 758 33.83 0.13 -13.61
C SER C 758 35.14 0.67 -13.06
N ALA C 759 35.23 0.89 -11.75
CA ALA C 759 36.40 1.52 -11.14
C ALA C 759 37.35 0.53 -10.48
N GLY C 760 37.17 -0.77 -10.73
CA GLY C 760 38.02 -1.75 -10.05
C GLY C 760 39.48 -1.60 -10.37
N CYS C 761 39.82 -1.50 -11.66
CA CYS C 761 41.22 -1.34 -12.04
C CYS C 761 41.77 0.00 -11.57
N THR C 762 40.94 1.04 -11.55
CA THR C 762 41.38 2.32 -11.01
C THR C 762 41.76 2.19 -9.55
N ILE C 763 40.96 1.46 -8.77
CA ILE C 763 41.26 1.28 -7.35
C ILE C 763 42.52 0.46 -7.17
N VAL C 764 42.70 -0.58 -7.98
CA VAL C 764 43.91 -1.40 -7.87
C VAL C 764 45.14 -0.53 -8.15
N THR C 765 45.07 0.28 -9.21
CA THR C 765 46.20 1.15 -9.54
C THR C 765 46.46 2.16 -8.45
N ALA C 766 45.40 2.72 -7.86
CA ALA C 766 45.59 3.68 -6.78
C ALA C 766 46.28 3.03 -5.59
N LEU C 767 45.84 1.83 -5.21
CA LEU C 767 46.46 1.14 -4.07
C LEU C 767 47.92 0.82 -4.37
N LEU C 768 48.22 0.33 -5.57
CA LEU C 768 49.60 -0.02 -5.90
C LEU C 768 50.49 1.22 -5.96
N SER C 769 49.98 2.32 -6.53
CA SER C 769 50.77 3.54 -6.60
C SER C 769 51.04 4.09 -5.20
N LEU C 770 50.05 4.02 -4.32
CA LEU C 770 50.29 4.44 -2.94
C LEU C 770 51.31 3.54 -2.26
N ALA C 771 51.21 2.23 -2.47
CA ALA C 771 52.11 1.30 -1.80
C ALA C 771 53.55 1.49 -2.27
N MET C 772 53.76 1.69 -3.57
CA MET C 772 55.10 1.89 -4.10
C MET C 772 55.56 3.34 -4.05
N GLY C 773 54.66 4.27 -3.72
CA GLY C 773 55.03 5.68 -3.70
C GLY C 773 55.45 6.20 -5.06
N ARG C 774 54.78 5.76 -6.12
CA ARG C 774 55.08 6.19 -7.48
C ARG C 774 53.83 6.77 -8.12
N PRO C 775 53.83 8.03 -8.55
CA PRO C 775 52.68 8.55 -9.28
C PRO C 775 52.54 7.89 -10.64
N VAL C 776 51.29 7.75 -11.08
CA VAL C 776 50.97 7.18 -12.39
C VAL C 776 51.30 8.19 -13.47
N ARG C 777 51.25 7.77 -14.73
CA ARG C 777 51.43 8.69 -15.84
C ARG C 777 50.47 9.87 -15.72
N GLN C 778 50.96 11.05 -16.05
CA GLN C 778 50.26 12.28 -15.68
C GLN C 778 48.98 12.50 -16.49
N ASN C 779 48.79 11.80 -17.60
CA ASN C 779 47.61 11.99 -18.44
C ASN C 779 47.04 10.66 -18.87
N LEU C 780 46.91 9.73 -17.93
CA LEU C 780 46.40 8.40 -18.22
C LEU C 780 45.09 8.18 -17.45
N ALA C 781 44.07 7.70 -18.15
CA ALA C 781 42.78 7.38 -17.56
C ALA C 781 42.42 5.95 -17.89
N MET C 782 41.87 5.23 -16.92
CA MET C 782 41.56 3.82 -17.10
C MET C 782 40.20 3.50 -16.49
N THR C 783 39.57 2.47 -17.05
CA THR C 783 38.30 1.96 -16.54
C THR C 783 38.20 0.48 -16.87
N GLY C 784 37.41 -0.23 -16.08
CA GLY C 784 37.23 -1.66 -16.31
C GLY C 784 37.13 -2.47 -15.04
N GLU C 785 36.19 -3.42 -15.02
CA GLU C 785 36.01 -4.29 -13.87
C GLU C 785 37.19 -5.25 -13.74
N VAL C 786 37.59 -5.52 -12.50
CA VAL C 786 38.69 -6.43 -12.21
C VAL C 786 38.16 -7.60 -11.40
N SER C 787 38.51 -8.81 -11.80
CA SER C 787 38.14 -10.00 -11.06
C SER C 787 39.15 -10.27 -9.95
N LEU C 788 38.89 -11.33 -9.18
CA LEU C 788 39.75 -11.63 -8.05
C LEU C 788 41.13 -12.11 -8.49
N THR C 789 41.23 -12.70 -9.68
CA THR C 789 42.50 -13.22 -10.18
C THR C 789 43.20 -12.25 -11.13
N GLY C 790 42.65 -11.05 -11.32
CA GLY C 790 43.31 -10.03 -12.11
C GLY C 790 42.80 -9.85 -13.51
N LYS C 791 41.78 -10.60 -13.93
CA LYS C 791 41.24 -10.45 -15.27
C LYS C 791 40.43 -9.16 -15.37
N ILE C 792 40.59 -8.46 -16.49
CA ILE C 792 39.84 -7.23 -16.75
C ILE C 792 38.60 -7.58 -17.56
N LEU C 793 37.44 -7.16 -17.07
CA LEU C 793 36.16 -7.51 -17.67
C LEU C 793 35.55 -6.31 -18.37
N PRO C 794 34.74 -6.53 -19.41
CA PRO C 794 34.17 -5.40 -20.15
C PRO C 794 33.21 -4.58 -19.30
N VAL C 795 33.11 -3.30 -19.63
CA VAL C 795 32.23 -2.37 -18.94
C VAL C 795 31.44 -1.57 -19.97
N GLY C 796 30.33 -0.99 -19.52
CA GLY C 796 29.47 -0.20 -20.39
C GLY C 796 29.81 1.28 -20.33
N GLY C 797 29.06 2.05 -21.12
CA GLY C 797 29.25 3.49 -21.17
C GLY C 797 30.58 3.91 -21.77
N ILE C 798 31.02 3.26 -22.84
CA ILE C 798 32.31 3.58 -23.44
C ILE C 798 32.28 4.97 -24.08
N LYS C 799 31.16 5.31 -24.73
CA LYS C 799 31.10 6.58 -25.46
C LYS C 799 31.25 7.76 -24.53
N GLU C 800 30.47 7.79 -23.44
CA GLU C 800 30.53 8.91 -22.52
C GLU C 800 31.88 9.00 -21.84
N LYS C 801 32.45 7.86 -21.45
CA LYS C 801 33.77 7.87 -20.83
C LYS C 801 34.83 8.40 -21.78
N THR C 802 34.78 7.98 -23.06
CA THR C 802 35.73 8.47 -24.04
C THR C 802 35.57 9.97 -24.26
N ILE C 803 34.33 10.45 -24.33
CA ILE C 803 34.09 11.87 -24.51
C ILE C 803 34.63 12.65 -23.32
N ALA C 804 34.40 12.15 -22.10
CA ALA C 804 34.91 12.82 -20.92
C ALA C 804 36.43 12.84 -20.91
N ALA C 805 37.06 11.74 -21.29
CA ALA C 805 38.52 11.70 -21.32
C ALA C 805 39.07 12.70 -22.32
N LYS C 806 38.47 12.77 -23.51
CA LYS C 806 38.92 13.73 -24.51
C LYS C 806 38.71 15.16 -24.03
N ARG C 807 37.58 15.41 -23.35
CA ARG C 807 37.29 16.75 -22.85
C ARG C 807 38.32 17.18 -21.80
N ALA C 808 38.71 16.27 -20.92
CA ALA C 808 39.59 16.60 -19.79
C ALA C 808 41.07 16.60 -20.16
N GLY C 809 41.40 16.55 -21.44
CA GLY C 809 42.80 16.60 -21.84
C GLY C 809 43.56 15.31 -21.65
N VAL C 810 42.85 14.17 -21.58
CA VAL C 810 43.53 12.89 -21.45
C VAL C 810 44.15 12.52 -22.79
N THR C 811 45.41 12.07 -22.75
CA THR C 811 46.11 11.65 -23.95
C THR C 811 46.18 10.15 -24.12
N CYS C 812 46.06 9.38 -23.04
CA CYS C 812 46.14 7.93 -23.09
C CYS C 812 45.00 7.33 -22.28
N ILE C 813 44.25 6.42 -22.88
CA ILE C 813 43.09 5.80 -22.24
C ILE C 813 43.25 4.29 -22.29
N VAL C 814 42.90 3.63 -21.19
CA VAL C 814 43.01 2.18 -21.07
C VAL C 814 41.60 1.60 -20.95
N LEU C 815 41.29 0.62 -21.80
CA LEU C 815 39.98 0.02 -21.86
C LEU C 815 40.10 -1.49 -21.84
N PRO C 816 39.06 -2.19 -21.37
CA PRO C 816 39.05 -3.66 -21.49
C PRO C 816 39.09 -4.09 -22.94
N ALA C 817 39.75 -5.22 -23.18
CA ALA C 817 39.91 -5.70 -24.55
C ALA C 817 38.58 -6.08 -25.18
N GLU C 818 37.61 -6.52 -24.38
CA GLU C 818 36.30 -6.87 -24.91
C GLU C 818 35.49 -5.65 -25.33
N ASN C 819 35.95 -4.44 -25.02
CA ASN C 819 35.30 -3.22 -25.46
C ASN C 819 35.89 -2.66 -26.75
N LYS C 820 36.69 -3.45 -27.45
CA LYS C 820 37.27 -2.97 -28.70
C LYS C 820 36.19 -2.66 -29.73
N LYS C 821 35.20 -3.55 -29.86
CA LYS C 821 34.11 -3.31 -30.81
C LYS C 821 33.30 -2.08 -30.42
N ASP C 822 33.03 -1.91 -29.12
CA ASP C 822 32.26 -0.75 -28.67
C ASP C 822 33.04 0.54 -28.90
N PHE C 823 34.36 0.50 -28.72
CA PHE C 823 35.16 1.71 -28.88
C PHE C 823 35.31 2.09 -30.35
N TYR C 824 35.57 1.11 -31.22
CA TYR C 824 35.77 1.43 -32.63
C TYR C 824 34.46 1.75 -33.35
N ASP C 825 33.31 1.44 -32.77
CA ASP C 825 32.04 1.84 -33.36
C ASP C 825 31.74 3.32 -33.16
N LEU C 826 32.50 4.02 -32.33
CA LEU C 826 32.28 5.44 -32.11
C LEU C 826 32.65 6.23 -33.37
N ALA C 827 32.13 7.45 -33.43
CA ALA C 827 32.41 8.32 -34.57
C ALA C 827 33.90 8.64 -34.63
N ALA C 828 34.37 8.92 -35.85
CA ALA C 828 35.80 9.15 -36.06
C ALA C 828 36.29 10.36 -35.27
N PHE C 829 35.52 11.44 -35.25
CA PHE C 829 35.96 12.67 -34.60
C PHE C 829 35.99 12.57 -33.08
N ILE C 830 35.45 11.50 -32.50
CA ILE C 830 35.48 11.34 -31.05
C ILE C 830 36.78 10.70 -30.55
N THR C 831 37.45 9.89 -31.38
CA THR C 831 38.62 9.14 -30.95
C THR C 831 39.87 9.48 -31.76
N GLU C 832 39.94 10.69 -32.32
CA GLU C 832 41.09 11.05 -33.15
C GLU C 832 42.35 11.22 -32.33
N GLY C 833 42.28 11.96 -31.23
CA GLY C 833 43.45 12.35 -30.49
C GLY C 833 43.85 11.46 -29.32
N LEU C 834 43.22 10.30 -29.16
CA LEU C 834 43.44 9.45 -27.99
C LEU C 834 44.31 8.26 -28.34
N GLU C 835 45.38 8.07 -27.59
CA GLU C 835 46.13 6.82 -27.61
C GLU C 835 45.38 5.80 -26.76
N VAL C 836 45.12 4.63 -27.33
CA VAL C 836 44.22 3.66 -26.71
C VAL C 836 44.97 2.34 -26.54
N HIS C 837 44.88 1.76 -25.35
CA HIS C 837 45.45 0.46 -25.05
C HIS C 837 44.35 -0.47 -24.57
N PHE C 838 44.26 -1.65 -25.17
CA PHE C 838 43.28 -2.66 -24.80
C PHE C 838 43.98 -3.75 -24.01
N VAL C 839 43.42 -4.12 -22.87
CA VAL C 839 44.08 -4.98 -21.90
C VAL C 839 43.18 -6.19 -21.60
N GLU C 840 43.81 -7.35 -21.45
CA GLU C 840 43.11 -8.56 -21.02
C GLU C 840 43.32 -8.87 -19.55
N HIS C 841 44.50 -8.54 -19.01
CA HIS C 841 44.83 -8.82 -17.62
C HIS C 841 45.46 -7.58 -17.02
N TYR C 842 45.42 -7.49 -15.68
CA TYR C 842 45.84 -6.26 -15.02
C TYR C 842 47.32 -5.97 -15.20
N ARG C 843 48.14 -7.00 -15.43
CA ARG C 843 49.58 -6.75 -15.58
C ARG C 843 49.87 -5.80 -16.74
N GLU C 844 49.04 -5.85 -17.78
CA GLU C 844 49.19 -4.90 -18.88
C GLU C 844 48.94 -3.47 -18.41
N ILE C 845 47.90 -3.27 -17.59
CA ILE C 845 47.62 -1.95 -17.05
C ILE C 845 48.76 -1.49 -16.14
N PHE C 846 49.33 -2.41 -15.37
CA PHE C 846 50.47 -2.06 -14.53
C PHE C 846 51.67 -1.63 -15.36
N ASP C 847 51.94 -2.34 -16.45
CA ASP C 847 53.06 -1.95 -17.32
C ASP C 847 52.79 -0.62 -17.99
N ILE C 848 51.54 -0.34 -18.34
CA ILE C 848 51.20 0.92 -19.01
C ILE C 848 51.33 2.08 -18.04
N ALA C 849 50.81 1.93 -16.81
CA ALA C 849 50.73 3.05 -15.88
C ALA C 849 52.10 3.43 -15.31
N PHE C 850 52.99 2.46 -15.11
CA PHE C 850 54.29 2.76 -14.53
C PHE C 850 55.41 2.52 -15.54
N ASP D 318 -36.47 22.32 -29.94
CA ASP D 318 -36.11 22.95 -31.20
C ASP D 318 -35.36 24.26 -30.97
N ALA D 319 -35.81 25.02 -29.98
CA ALA D 319 -35.15 26.27 -29.63
C ALA D 319 -33.76 26.05 -29.05
N ILE D 320 -33.50 24.87 -28.48
CA ILE D 320 -32.17 24.59 -27.97
C ILE D 320 -31.16 24.50 -29.09
N GLU D 321 -31.58 24.05 -30.28
CA GLU D 321 -30.68 24.04 -31.42
C GLU D 321 -30.26 25.47 -31.79
N GLU D 322 -31.21 26.41 -31.78
CA GLU D 322 -30.88 27.80 -32.05
C GLU D 322 -30.01 28.38 -30.93
N LYS D 323 -30.27 27.98 -29.68
CA LYS D 323 -29.44 28.45 -28.57
C LYS D 323 -28.00 27.99 -28.74
N PHE D 324 -27.80 26.75 -29.19
CA PHE D 324 -26.45 26.28 -29.46
C PHE D 324 -25.84 26.95 -30.68
N ARG D 325 -26.66 27.22 -31.70
CA ARG D 325 -26.15 27.82 -32.93
C ARG D 325 -25.68 29.24 -32.69
N GLU D 326 -26.44 30.03 -31.95
CA GLU D 326 -26.11 31.44 -31.76
C GLU D 326 -24.80 31.65 -31.02
N ARG D 327 -24.35 30.65 -30.26
CA ARG D 327 -23.08 30.76 -29.57
C ARG D 327 -21.89 30.75 -30.53
N LEU D 328 -22.08 30.25 -31.75
CA LEU D 328 -21.01 30.15 -32.74
C LEU D 328 -20.97 31.33 -33.71
N LYS D 329 -21.84 32.32 -33.54
CA LYS D 329 -21.83 33.46 -34.45
C LYS D 329 -20.57 34.30 -34.28
N GLU D 330 -20.21 34.62 -33.03
CA GLU D 330 -19.03 35.44 -32.79
C GLU D 330 -17.74 34.63 -32.80
N LEU D 331 -17.81 33.33 -32.53
CA LEU D 331 -16.61 32.50 -32.49
C LEU D 331 -16.11 32.22 -33.91
N VAL D 332 -14.85 31.82 -33.99
CA VAL D 332 -14.26 31.31 -35.22
C VAL D 332 -13.94 29.84 -34.97
N VAL D 333 -14.89 28.97 -35.31
CA VAL D 333 -14.78 27.55 -35.00
C VAL D 333 -13.92 26.88 -36.06
N PRO D 334 -12.88 26.15 -35.68
CA PRO D 334 -12.08 25.42 -36.67
C PRO D 334 -12.89 24.29 -37.31
N LYS D 335 -12.40 23.85 -38.47
CA LYS D 335 -13.13 22.90 -39.29
C LYS D 335 -13.43 21.61 -38.55
N HIS D 336 -12.40 21.02 -37.91
CA HIS D 336 -12.57 19.74 -37.24
C HIS D 336 -13.48 19.83 -36.03
N VAL D 337 -13.67 21.01 -35.46
CA VAL D 337 -14.63 21.18 -34.38
C VAL D 337 -16.03 21.43 -34.94
N MET D 338 -16.13 22.19 -36.03
CA MET D 338 -17.43 22.48 -36.62
C MET D 338 -18.08 21.21 -37.16
N ASP D 339 -17.30 20.27 -37.67
CA ASP D 339 -17.87 18.99 -38.12
C ASP D 339 -18.51 18.25 -36.95
N VAL D 340 -17.82 18.17 -35.82
CA VAL D 340 -18.40 17.52 -34.65
C VAL D 340 -19.65 18.25 -34.21
N VAL D 341 -19.59 19.59 -34.17
CA VAL D 341 -20.72 20.37 -33.69
C VAL D 341 -21.95 20.13 -34.55
N ASP D 342 -21.80 20.21 -35.87
CA ASP D 342 -22.99 20.10 -36.71
C ASP D 342 -23.46 18.65 -36.85
N GLU D 343 -22.56 17.66 -36.72
CA GLU D 343 -23.04 16.29 -36.72
C GLU D 343 -23.85 16.00 -35.46
N GLU D 344 -23.43 16.55 -34.32
CA GLU D 344 -24.29 16.42 -33.13
C GLU D 344 -25.57 17.23 -33.26
N LEU D 345 -25.53 18.36 -33.96
CA LEU D 345 -26.76 19.11 -34.20
C LEU D 345 -27.75 18.28 -35.02
N SER D 346 -27.27 17.63 -36.08
CA SER D 346 -28.15 16.78 -36.89
C SER D 346 -28.63 15.58 -36.08
N LYS D 347 -27.76 15.02 -35.24
CA LYS D 347 -28.15 13.88 -34.42
C LYS D 347 -29.23 14.25 -33.42
N LEU D 348 -29.13 15.46 -32.84
CA LEU D 348 -30.03 15.85 -31.76
C LEU D 348 -31.49 15.88 -32.21
N GLY D 349 -31.74 16.26 -33.47
CA GLY D 349 -33.09 16.35 -33.96
C GLY D 349 -33.81 15.01 -34.06
N LEU D 350 -33.07 13.91 -34.07
CA LEU D 350 -33.64 12.58 -34.23
C LEU D 350 -33.91 11.87 -32.91
N LEU D 351 -33.71 12.55 -31.78
CA LEU D 351 -33.89 11.96 -30.46
C LEU D 351 -35.02 12.65 -29.71
N ASP D 352 -35.81 11.86 -29.00
CA ASP D 352 -36.85 12.42 -28.15
C ASP D 352 -36.24 13.05 -26.90
N ASN D 353 -36.95 14.03 -26.35
CA ASN D 353 -36.40 14.83 -25.25
C ASN D 353 -36.12 13.98 -24.01
N HIS D 354 -36.99 13.02 -23.71
CA HIS D 354 -36.89 12.29 -22.46
C HIS D 354 -35.82 11.21 -22.47
N SER D 355 -35.23 10.92 -23.62
CA SER D 355 -34.21 9.87 -23.69
C SER D 355 -32.90 10.32 -23.06
N SER D 356 -32.19 9.37 -22.46
CA SER D 356 -30.92 9.68 -21.83
C SER D 356 -29.85 10.05 -22.84
N GLU D 357 -29.88 9.45 -24.03
CA GLU D 357 -28.97 9.84 -25.09
C GLU D 357 -29.18 11.30 -25.47
N PHE D 358 -30.43 11.76 -25.45
CA PHE D 358 -30.69 13.19 -25.66
C PHE D 358 -30.01 14.03 -24.58
N ASN D 359 -30.06 13.57 -23.32
CA ASN D 359 -29.42 14.32 -22.24
C ASN D 359 -27.91 14.40 -22.44
N VAL D 360 -27.28 13.29 -22.80
CA VAL D 360 -25.83 13.31 -22.96
C VAL D 360 -25.43 14.14 -24.17
N THR D 361 -26.22 14.09 -25.24
CA THR D 361 -25.94 14.94 -26.40
C THR D 361 -26.13 16.41 -26.05
N ARG D 362 -27.14 16.72 -25.24
CA ARG D 362 -27.34 18.09 -24.77
C ARG D 362 -26.14 18.58 -24.00
N ASN D 363 -25.63 17.76 -23.06
CA ASN D 363 -24.45 18.16 -22.29
C ASN D 363 -23.24 18.34 -23.19
N TYR D 364 -23.05 17.43 -24.15
CA TYR D 364 -21.90 17.52 -25.04
C TYR D 364 -21.97 18.77 -25.91
N LEU D 365 -23.15 19.10 -26.43
CA LEU D 365 -23.31 20.32 -27.21
C LEU D 365 -23.09 21.55 -26.36
N ASP D 366 -23.57 21.53 -25.11
CA ASP D 366 -23.37 22.66 -24.21
C ASP D 366 -21.88 22.88 -23.96
N TRP D 367 -21.12 21.79 -23.75
CA TRP D 367 -19.69 21.94 -23.52
C TRP D 367 -18.96 22.41 -24.77
N LEU D 368 -19.30 21.85 -25.93
CA LEU D 368 -18.63 22.26 -27.16
C LEU D 368 -18.89 23.71 -27.51
N THR D 369 -20.14 24.16 -27.34
CA THR D 369 -20.49 25.52 -27.74
C THR D 369 -20.09 26.57 -26.72
N SER D 370 -19.68 26.18 -25.52
CA SER D 370 -19.25 27.14 -24.51
C SER D 370 -17.75 27.41 -24.56
N ILE D 371 -16.99 26.62 -25.29
CA ILE D 371 -15.54 26.88 -25.41
C ILE D 371 -15.32 28.13 -26.24
N PRO D 372 -14.51 29.08 -25.78
CA PRO D 372 -14.29 30.32 -26.55
C PRO D 372 -13.33 30.11 -27.72
N TRP D 373 -13.83 29.47 -28.76
CA TRP D 373 -13.02 29.24 -29.96
C TRP D 373 -12.62 30.57 -30.59
N GLY D 374 -11.33 30.87 -30.57
CA GLY D 374 -10.81 32.05 -31.21
C GLY D 374 -10.99 33.34 -30.44
N LYS D 375 -11.37 33.29 -29.17
CA LYS D 375 -11.53 34.48 -28.35
C LYS D 375 -10.21 34.77 -27.64
N TYR D 376 -9.63 35.94 -27.90
CA TYR D 376 -8.38 36.35 -27.30
C TYR D 376 -8.58 37.63 -26.52
N SER D 377 -8.07 37.67 -25.30
CA SER D 377 -8.09 38.89 -24.51
C SER D 377 -7.15 39.91 -25.13
N ASN D 378 -7.60 41.16 -25.18
CA ASN D 378 -6.83 42.25 -25.81
C ASN D 378 -5.71 42.64 -24.87
N GLU D 379 -4.54 42.05 -25.08
CA GLU D 379 -3.38 42.35 -24.25
C GLU D 379 -2.87 43.76 -24.52
N ASN D 380 -2.26 44.35 -23.49
CA ASN D 380 -1.55 45.61 -23.64
C ASN D 380 -0.06 45.33 -23.81
N LEU D 381 0.53 45.94 -24.84
CA LEU D 381 1.92 45.68 -25.21
C LEU D 381 2.82 46.86 -24.94
N ASP D 382 2.38 47.81 -24.12
CA ASP D 382 3.21 48.96 -23.76
C ASP D 382 4.14 48.58 -22.62
N LEU D 383 5.45 48.67 -22.86
CA LEU D 383 6.41 48.33 -21.82
C LEU D 383 6.33 49.27 -20.64
N ALA D 384 6.12 50.57 -20.91
CA ALA D 384 6.09 51.55 -19.83
C ALA D 384 4.93 51.30 -18.89
N ARG D 385 3.73 51.10 -19.44
CA ARG D 385 2.56 50.88 -18.59
C ARG D 385 2.67 49.59 -17.80
N ALA D 386 3.14 48.52 -18.45
CA ALA D 386 3.29 47.24 -17.75
C ALA D 386 4.34 47.33 -16.65
N GLN D 387 5.44 48.04 -16.91
CA GLN D 387 6.45 48.22 -15.87
C GLN D 387 5.91 49.04 -14.71
N ALA D 388 5.15 50.09 -15.00
CA ALA D 388 4.54 50.88 -13.94
C ALA D 388 3.59 50.03 -13.11
N VAL D 389 2.85 49.14 -13.76
CA VAL D 389 1.97 48.24 -13.01
C VAL D 389 2.79 47.27 -12.15
N LEU D 390 3.88 46.73 -12.70
CA LEU D 390 4.66 45.73 -11.98
C LEU D 390 5.32 46.31 -10.73
N GLU D 391 6.00 47.47 -10.87
CA GLU D 391 6.56 48.11 -9.67
C GLU D 391 5.48 48.55 -8.68
N GLU D 392 4.26 48.79 -9.15
CA GLU D 392 3.19 49.23 -8.26
C GLU D 392 2.78 48.15 -7.26
N ASP D 393 3.07 46.89 -7.53
CA ASP D 393 2.58 45.79 -6.70
C ASP D 393 3.67 45.04 -5.94
N HIS D 394 4.90 45.00 -6.45
CA HIS D 394 5.95 44.19 -5.83
C HIS D 394 7.27 44.93 -5.84
N TYR D 395 8.16 44.52 -4.96
CA TYR D 395 9.48 45.14 -4.79
C TYR D 395 10.59 44.16 -5.14
N GLY D 396 11.52 44.60 -5.97
CA GLY D 396 12.83 43.97 -6.08
C GLY D 396 12.88 42.59 -6.69
N MET D 397 11.79 42.11 -7.28
CA MET D 397 11.82 40.81 -7.97
C MET D 397 12.29 41.04 -9.41
N GLU D 398 13.60 41.31 -9.53
CA GLU D 398 14.16 41.76 -10.80
C GLU D 398 14.02 40.71 -11.88
N ASP D 399 14.29 39.44 -11.55
CA ASP D 399 14.32 38.40 -12.57
C ASP D 399 12.96 38.20 -13.21
N VAL D 400 11.91 38.11 -12.40
CA VAL D 400 10.57 37.91 -12.93
C VAL D 400 10.13 39.10 -13.77
N LYS D 401 10.42 40.30 -13.29
CA LYS D 401 10.04 41.51 -14.03
C LYS D 401 10.76 41.59 -15.37
N LYS D 402 12.05 41.26 -15.39
CA LYS D 402 12.78 41.23 -16.65
C LYS D 402 12.20 40.18 -17.59
N ARG D 403 11.83 39.01 -17.05
CA ARG D 403 11.24 37.98 -17.89
C ARG D 403 9.93 38.45 -18.51
N ILE D 404 9.09 39.13 -17.72
CA ILE D 404 7.82 39.60 -18.24
C ILE D 404 8.03 40.71 -19.27
N LEU D 405 9.01 41.58 -19.02
CA LEU D 405 9.32 42.61 -20.01
C LEU D 405 9.80 42.00 -21.31
N GLU D 406 10.64 40.96 -21.23
CA GLU D 406 11.10 40.28 -22.44
C GLU D 406 9.93 39.60 -23.16
N PHE D 407 9.01 39.00 -22.39
CA PHE D 407 7.82 38.40 -22.97
C PHE D 407 7.01 39.43 -23.75
N ILE D 408 6.79 40.60 -23.14
CA ILE D 408 6.01 41.65 -23.80
C ILE D 408 6.75 42.17 -25.02
N ALA D 409 8.07 42.31 -24.92
CA ALA D 409 8.86 42.78 -26.06
C ALA D 409 8.76 41.81 -27.24
N VAL D 410 8.87 40.51 -26.96
CA VAL D 410 8.76 39.51 -28.03
C VAL D 410 7.36 39.52 -28.62
N SER D 411 6.34 39.62 -27.77
CA SER D 411 4.96 39.66 -28.27
C SER D 411 4.73 40.87 -29.17
N GLN D 412 5.25 42.03 -28.76
CA GLN D 412 5.11 43.23 -29.58
C GLN D 412 5.88 43.10 -30.89
N LEU D 413 7.09 42.53 -30.84
CA LEU D 413 7.91 42.42 -32.04
C LEU D 413 7.30 41.45 -33.05
N ARG D 414 6.78 40.32 -32.58
CA ARG D 414 6.19 39.36 -33.50
C ARG D 414 4.77 39.74 -33.92
N GLY D 415 4.15 40.69 -33.23
CA GLY D 415 2.85 41.18 -33.64
C GLY D 415 1.69 40.27 -33.31
N SER D 416 1.88 39.28 -32.45
CA SER D 416 0.80 38.38 -32.08
C SER D 416 1.05 37.86 -30.66
N THR D 417 -0.01 37.42 -30.02
CA THR D 417 0.11 36.87 -28.68
C THR D 417 0.87 35.55 -28.71
N GLN D 418 1.44 35.19 -27.57
CA GLN D 418 2.25 33.98 -27.49
C GLN D 418 2.10 33.36 -26.11
N GLY D 419 2.47 32.09 -26.01
CA GLY D 419 2.39 31.36 -24.76
C GLY D 419 3.77 30.87 -24.33
N LYS D 420 3.95 30.76 -23.01
CA LYS D 420 5.22 30.32 -22.45
C LYS D 420 4.93 29.53 -21.18
N ILE D 421 5.94 28.78 -20.73
CA ILE D 421 5.83 27.94 -19.54
C ILE D 421 6.93 28.38 -18.58
N LEU D 422 6.57 29.18 -17.59
CA LEU D 422 7.50 29.67 -16.60
C LEU D 422 7.33 28.91 -15.29
N CYS D 423 8.41 28.87 -14.50
CA CYS D 423 8.39 28.17 -13.21
C CYS D 423 9.12 29.04 -12.18
N PHE D 424 8.35 29.75 -11.37
CA PHE D 424 8.91 30.55 -10.27
C PHE D 424 9.08 29.64 -9.07
N TYR D 425 10.32 29.40 -8.66
CA TYR D 425 10.60 28.54 -7.51
C TYR D 425 11.47 29.27 -6.51
N GLY D 426 11.14 29.09 -5.23
CA GLY D 426 11.84 29.75 -4.16
C GLY D 426 11.23 29.45 -2.80
N PRO D 427 11.81 30.02 -1.74
CA PRO D 427 11.29 29.76 -0.40
C PRO D 427 9.90 30.34 -0.24
N PRO D 428 9.10 29.80 0.68
CA PRO D 428 7.73 30.31 0.85
C PRO D 428 7.71 31.75 1.36
N GLY D 429 6.67 32.47 0.96
CA GLY D 429 6.46 33.83 1.43
C GLY D 429 7.15 34.89 0.61
N VAL D 430 7.76 34.54 -0.52
CA VAL D 430 8.46 35.54 -1.34
C VAL D 430 7.56 36.22 -2.35
N GLY D 431 6.31 35.80 -2.49
CA GLY D 431 5.36 36.46 -3.33
C GLY D 431 5.18 35.89 -4.73
N LYS D 432 5.33 34.58 -4.89
CA LYS D 432 5.19 33.98 -6.23
C LYS D 432 3.76 34.06 -6.72
N THR D 433 2.79 33.65 -5.89
CA THR D 433 1.39 33.73 -6.29
C THR D 433 0.96 35.17 -6.51
N SER D 434 1.39 36.07 -5.64
CA SER D 434 1.01 37.48 -5.78
C SER D 434 1.62 38.09 -7.04
N ILE D 435 2.88 37.76 -7.34
CA ILE D 435 3.49 38.30 -8.55
C ILE D 435 2.83 37.71 -9.78
N ALA D 436 2.36 36.46 -9.69
CA ALA D 436 1.64 35.89 -10.83
C ALA D 436 0.32 36.63 -11.05
N ARG D 437 -0.40 36.93 -9.97
CA ARG D 437 -1.62 37.72 -10.11
C ARG D 437 -1.32 39.10 -10.68
N SER D 438 -0.24 39.73 -10.24
CA SER D 438 0.12 41.05 -10.74
C SER D 438 0.53 41.01 -12.20
N ILE D 439 1.19 39.93 -12.63
CA ILE D 439 1.53 39.76 -14.04
C ILE D 439 0.26 39.61 -14.87
N ALA D 440 -0.70 38.82 -14.37
CA ALA D 440 -1.96 38.67 -15.08
C ALA D 440 -2.69 40.01 -15.20
N ARG D 441 -2.67 40.81 -14.13
CA ARG D 441 -3.28 42.13 -14.19
C ARG D 441 -2.54 43.05 -15.17
N ALA D 442 -1.21 42.97 -15.18
CA ALA D 442 -0.41 43.85 -16.04
C ALA D 442 -0.57 43.51 -17.51
N LEU D 443 -0.67 42.21 -17.83
CA LEU D 443 -0.81 41.78 -19.21
C LEU D 443 -2.26 41.85 -19.70
N ASN D 444 -3.20 42.21 -18.83
CA ASN D 444 -4.61 42.26 -19.16
C ASN D 444 -5.13 40.90 -19.63
N ARG D 445 -4.57 39.84 -19.10
CA ARG D 445 -5.03 38.48 -19.36
C ARG D 445 -5.93 38.01 -18.23
N GLU D 446 -6.75 37.01 -18.53
CA GLU D 446 -7.57 36.39 -17.50
C GLU D 446 -6.70 35.52 -16.61
N TYR D 447 -7.13 35.35 -15.36
CA TYR D 447 -6.35 34.67 -14.35
C TYR D 447 -7.15 33.51 -13.77
N PHE D 448 -6.46 32.43 -13.42
CA PHE D 448 -7.13 31.23 -12.94
C PHE D 448 -6.17 30.42 -12.08
N ARG D 449 -6.64 30.03 -10.89
CA ARG D 449 -5.84 29.19 -9.99
C ARG D 449 -6.12 27.72 -10.25
N PHE D 450 -5.05 26.93 -10.23
CA PHE D 450 -5.13 25.49 -10.47
C PHE D 450 -4.22 24.84 -9.43
N SER D 451 -4.81 24.36 -8.35
CA SER D 451 -4.04 23.78 -7.24
C SER D 451 -3.80 22.30 -7.51
N VAL D 452 -2.58 21.98 -7.93
CA VAL D 452 -2.23 20.58 -8.18
C VAL D 452 -1.70 19.89 -6.93
N GLY D 453 -1.36 20.64 -5.89
CA GLY D 453 -0.87 20.06 -4.66
C GLY D 453 -1.82 19.04 -4.07
N GLY D 454 -1.36 17.79 -3.97
CA GLY D 454 -2.17 16.71 -3.44
C GLY D 454 -3.07 16.03 -4.45
N MET D 455 -3.08 16.49 -5.70
CA MET D 455 -3.88 15.83 -6.72
C MET D 455 -3.30 14.46 -7.03
N THR D 456 -4.19 13.48 -7.22
CA THR D 456 -3.76 12.10 -7.44
C THR D 456 -4.44 11.40 -8.61
N ASP D 457 -5.56 11.91 -9.11
CA ASP D 457 -6.28 11.27 -10.20
C ASP D 457 -6.12 12.09 -11.48
N VAL D 458 -5.77 11.41 -12.58
CA VAL D 458 -5.58 12.08 -13.85
C VAL D 458 -6.87 12.65 -14.39
N ALA D 459 -8.02 12.21 -13.87
CA ALA D 459 -9.30 12.70 -14.35
C ALA D 459 -9.47 14.20 -14.14
N GLU D 460 -8.73 14.80 -13.20
CA GLU D 460 -8.82 16.23 -13.01
C GLU D 460 -8.29 16.99 -14.22
N ILE D 461 -7.34 16.41 -14.94
CA ILE D 461 -6.73 17.07 -16.08
C ILE D 461 -7.28 16.55 -17.41
N LYS D 462 -7.60 15.26 -17.48
CA LYS D 462 -8.04 14.64 -18.72
C LYS D 462 -9.51 14.26 -18.74
N GLY D 463 -10.18 14.29 -17.58
CA GLY D 463 -11.59 13.98 -17.54
C GLY D 463 -11.91 12.51 -17.77
N HIS D 464 -13.20 12.24 -17.92
CA HIS D 464 -13.69 10.90 -18.21
C HIS D 464 -14.42 10.89 -19.55
N ARG D 465 -14.65 9.68 -20.05
CA ARG D 465 -15.43 9.51 -21.27
C ARG D 465 -16.87 9.93 -21.04
N ARG D 466 -17.52 10.38 -22.11
CA ARG D 466 -18.91 10.82 -22.04
C ARG D 466 -19.87 9.70 -21.65
N THR D 467 -19.47 8.44 -21.83
CA THR D 467 -20.37 7.32 -21.57
C THR D 467 -20.80 7.27 -20.12
N TYR D 468 -19.91 7.61 -19.19
CA TYR D 468 -20.24 7.53 -17.78
C TYR D 468 -21.32 8.54 -17.40
N VAL D 469 -22.05 8.25 -16.33
CA VAL D 469 -23.18 9.08 -15.93
C VAL D 469 -22.72 10.49 -15.61
N GLY D 470 -21.62 10.61 -14.87
CA GLY D 470 -20.98 11.89 -14.64
C GLY D 470 -19.77 12.00 -15.55
N ALA D 471 -19.46 13.24 -15.94
CA ALA D 471 -18.36 13.45 -16.87
C ALA D 471 -17.81 14.85 -16.69
N MET D 472 -16.49 14.96 -16.79
CA MET D 472 -15.81 16.24 -16.70
C MET D 472 -14.92 16.42 -17.93
N PRO D 473 -14.80 17.64 -18.42
CA PRO D 473 -13.81 17.91 -19.47
C PRO D 473 -12.46 18.27 -18.89
N GLY D 474 -12.27 18.01 -17.60
CA GLY D 474 -11.03 18.34 -16.95
C GLY D 474 -10.96 19.79 -16.51
N LYS D 475 -10.00 20.07 -15.63
CA LYS D 475 -9.89 21.42 -15.08
C LYS D 475 -9.43 22.44 -16.13
N ILE D 476 -8.67 22.02 -17.14
CA ILE D 476 -8.19 22.96 -18.14
C ILE D 476 -9.36 23.46 -19.00
N ILE D 477 -10.26 22.56 -19.39
CA ILE D 477 -11.43 23.00 -20.15
C ILE D 477 -12.36 23.81 -19.26
N GLN D 478 -12.41 23.50 -17.97
CA GLN D 478 -13.16 24.36 -17.04
C GLN D 478 -12.58 25.77 -17.03
N CYS D 479 -11.25 25.89 -17.01
CA CYS D 479 -10.61 27.19 -17.11
C CYS D 479 -10.95 27.89 -18.43
N LEU D 480 -10.93 27.15 -19.52
CA LEU D 480 -11.25 27.74 -20.83
C LEU D 480 -12.68 28.27 -20.84
N LYS D 481 -13.62 27.51 -20.26
CA LYS D 481 -14.99 27.98 -20.19
C LYS D 481 -15.13 29.20 -19.29
N LYS D 482 -14.45 29.20 -18.14
CA LYS D 482 -14.62 30.28 -17.18
C LYS D 482 -14.02 31.58 -17.69
N THR D 483 -12.78 31.54 -18.18
CA THR D 483 -12.09 32.76 -18.58
C THR D 483 -12.56 33.32 -19.91
N LYS D 484 -13.27 32.53 -20.72
CA LYS D 484 -13.81 32.96 -22.00
C LYS D 484 -12.74 33.47 -22.95
N THR D 485 -11.49 33.01 -22.79
CA THR D 485 -10.40 33.41 -23.66
C THR D 485 -9.50 32.21 -23.91
N GLU D 486 -8.86 32.20 -25.08
CA GLU D 486 -7.92 31.14 -25.41
C GLU D 486 -6.51 31.39 -24.87
N ASN D 487 -6.24 32.57 -24.34
CA ASN D 487 -4.91 32.91 -23.82
C ASN D 487 -4.99 33.51 -22.42
N PRO D 488 -5.38 32.71 -21.43
CA PRO D 488 -5.38 33.18 -20.05
C PRO D 488 -4.01 32.99 -19.43
N LEU D 489 -3.89 33.39 -18.17
CA LEU D 489 -2.73 33.10 -17.35
C LEU D 489 -3.15 32.07 -16.31
N ILE D 490 -2.55 30.88 -16.38
CA ILE D 490 -2.91 29.76 -15.52
C ILE D 490 -1.81 29.57 -14.49
N LEU D 491 -2.19 29.55 -13.22
CA LEU D 491 -1.25 29.39 -12.12
C LEU D 491 -1.31 27.94 -11.65
N ILE D 492 -0.24 27.19 -11.89
CA ILE D 492 -0.16 25.79 -11.47
C ILE D 492 0.82 25.70 -10.32
N ASP D 493 0.31 25.78 -9.09
CA ASP D 493 1.17 25.88 -7.92
C ASP D 493 1.47 24.52 -7.30
N GLU D 494 2.59 24.46 -6.58
CA GLU D 494 3.04 23.27 -5.86
C GLU D 494 3.15 22.06 -6.80
N VAL D 495 3.84 22.25 -7.93
CA VAL D 495 4.12 21.14 -8.82
C VAL D 495 5.07 20.14 -8.19
N ASP D 496 5.78 20.53 -7.13
CA ASP D 496 6.66 19.62 -6.42
C ASP D 496 5.93 18.79 -5.37
N LYS D 497 4.66 19.06 -5.11
CA LYS D 497 3.87 18.30 -4.14
C LYS D 497 2.73 17.56 -4.83
N ILE D 498 3.05 16.94 -5.97
CA ILE D 498 2.09 16.16 -6.73
C ILE D 498 2.21 14.69 -6.36
N GLY D 499 1.15 13.94 -6.61
CA GLY D 499 1.11 12.53 -6.28
C GLY D 499 1.72 11.64 -7.33
N PRO D 506 -0.62 10.39 -12.94
CA PRO D 506 -0.65 11.64 -12.16
C PRO D 506 0.09 12.78 -12.85
N SER D 507 1.42 12.75 -12.80
CA SER D 507 2.22 13.77 -13.46
C SER D 507 2.30 13.56 -14.97
N SER D 508 2.04 12.33 -15.45
CA SER D 508 2.11 12.05 -16.87
C SER D 508 1.05 12.79 -17.67
N ALA D 509 -0.05 13.20 -17.03
CA ALA D 509 -1.05 13.99 -17.72
C ALA D 509 -0.58 15.42 -17.95
N LEU D 510 0.28 15.94 -17.09
CA LEU D 510 0.79 17.29 -17.26
C LEU D 510 1.73 17.41 -18.45
N LEU D 511 2.40 16.32 -18.84
CA LEU D 511 3.33 16.39 -19.96
C LEU D 511 2.62 16.82 -21.24
N GLU D 512 1.47 16.20 -21.53
CA GLU D 512 0.69 16.59 -22.69
C GLU D 512 0.19 18.03 -22.57
N LEU D 513 -0.11 18.46 -21.35
CA LEU D 513 -0.66 19.80 -21.14
C LEU D 513 0.36 20.89 -21.48
N LEU D 514 1.63 20.62 -21.23
CA LEU D 514 2.67 21.66 -21.32
C LEU D 514 3.88 21.17 -22.11
N ASP D 515 3.65 20.37 -23.14
CA ASP D 515 4.70 20.03 -24.10
C ASP D 515 4.42 20.77 -25.39
N PRO D 516 5.22 21.77 -25.76
CA PRO D 516 4.86 22.60 -26.92
C PRO D 516 4.72 21.84 -28.23
N GLU D 517 5.32 20.65 -28.34
CA GLU D 517 5.12 19.83 -29.54
C GLU D 517 3.72 19.23 -29.60
N GLN D 518 3.03 19.10 -28.46
CA GLN D 518 1.67 18.62 -28.44
C GLN D 518 0.75 19.50 -27.60
N ASN D 519 1.27 20.59 -27.03
CA ASN D 519 0.42 21.52 -26.28
C ASN D 519 -0.61 22.17 -27.20
N ALA D 520 -0.27 22.40 -28.46
CA ALA D 520 -1.18 23.04 -29.40
C ALA D 520 -2.35 22.16 -29.79
N ASN D 521 -2.33 20.88 -29.45
CA ASN D 521 -3.39 19.94 -29.78
C ASN D 521 -3.76 19.11 -28.56
N PHE D 522 -3.97 19.78 -27.43
CA PHE D 522 -4.33 19.11 -26.20
C PHE D 522 -5.70 18.43 -26.35
N LEU D 523 -5.73 17.12 -26.18
CA LEU D 523 -6.92 16.32 -26.37
C LEU D 523 -7.49 15.91 -25.01
N ASP D 524 -8.79 16.16 -24.82
CA ASP D 524 -9.47 15.82 -23.59
C ASP D 524 -10.41 14.63 -23.82
N HIS D 525 -10.49 13.75 -22.84
CA HIS D 525 -11.26 12.51 -23.00
C HIS D 525 -12.76 12.76 -23.08
N TYR D 526 -13.26 13.85 -22.50
CA TYR D 526 -14.68 14.16 -22.63
C TYR D 526 -14.99 14.88 -23.94
N LEU D 527 -14.25 15.95 -24.23
CA LEU D 527 -14.51 16.73 -25.43
C LEU D 527 -14.26 15.91 -26.69
N ASP D 528 -13.32 14.98 -26.65
CA ASP D 528 -12.91 14.14 -27.78
C ASP D 528 -12.41 14.96 -28.97
N VAL D 529 -12.16 16.25 -28.77
CA VAL D 529 -11.67 17.12 -29.83
C VAL D 529 -10.53 17.96 -29.28
N PRO D 530 -9.41 18.10 -29.99
CA PRO D 530 -8.26 18.82 -29.43
C PRO D 530 -8.48 20.32 -29.45
N VAL D 531 -8.09 20.97 -28.35
CA VAL D 531 -8.13 22.42 -28.25
C VAL D 531 -6.71 22.96 -28.38
N ASP D 532 -6.61 24.23 -28.75
CA ASP D 532 -5.32 24.89 -28.96
C ASP D 532 -4.95 25.67 -27.71
N LEU D 533 -3.96 25.19 -26.97
CA LEU D 533 -3.48 25.84 -25.77
C LEU D 533 -2.12 26.49 -25.96
N SER D 534 -1.68 26.67 -27.20
CA SER D 534 -0.35 27.24 -27.44
C SER D 534 -0.24 28.67 -26.96
N LYS D 535 -1.36 29.39 -26.84
CA LYS D 535 -1.35 30.77 -26.38
C LYS D 535 -1.48 30.90 -24.88
N VAL D 536 -1.70 29.81 -24.16
CA VAL D 536 -1.87 29.88 -22.71
C VAL D 536 -0.54 30.11 -22.04
N LEU D 537 -0.47 31.08 -21.15
CA LEU D 537 0.73 31.39 -20.39
C LEU D 537 0.68 30.61 -19.08
N PHE D 538 1.42 29.52 -19.01
CA PHE D 538 1.46 28.68 -17.82
C PHE D 538 2.54 29.20 -16.88
N ILE D 539 2.16 29.48 -15.64
CA ILE D 539 3.07 29.96 -14.61
C ILE D 539 3.00 28.97 -13.46
N CYS D 540 4.00 28.09 -13.37
CA CYS D 540 4.07 27.13 -12.29
C CYS D 540 4.92 27.68 -11.14
N THR D 541 4.55 27.31 -9.92
CA THR D 541 5.30 27.73 -8.74
C THR D 541 5.63 26.49 -7.90
N ALA D 542 6.83 26.48 -7.36
CA ALA D 542 7.31 25.35 -6.57
C ALA D 542 8.24 25.87 -5.48
N ASN D 543 8.45 25.03 -4.47
CA ASN D 543 9.34 25.37 -3.36
C ASN D 543 10.72 24.74 -3.49
N VAL D 544 10.79 23.53 -4.04
CA VAL D 544 12.06 22.83 -4.25
C VAL D 544 12.03 22.22 -5.65
N THR D 545 13.17 22.31 -6.35
CA THR D 545 13.22 21.96 -7.77
C THR D 545 13.47 20.49 -8.02
N ASP D 546 14.12 19.78 -7.09
CA ASP D 546 14.51 18.40 -7.35
C ASP D 546 13.32 17.44 -7.37
N THR D 547 12.23 17.78 -6.69
CA THR D 547 11.10 16.86 -6.60
C THR D 547 10.31 16.77 -7.89
N ILE D 548 10.36 17.79 -8.74
CA ILE D 548 9.66 17.71 -10.02
C ILE D 548 10.28 16.59 -10.87
N PRO D 549 9.48 15.74 -11.50
CA PRO D 549 10.06 14.69 -12.36
C PRO D 549 10.87 15.29 -13.49
N GLU D 550 11.94 14.60 -13.85
CA GLU D 550 12.86 15.11 -14.87
C GLU D 550 12.15 15.40 -16.19
N PRO D 551 11.31 14.52 -16.75
CA PRO D 551 10.60 14.89 -17.98
C PRO D 551 9.72 16.12 -17.81
N LEU D 552 9.10 16.30 -16.64
CA LEU D 552 8.29 17.48 -16.42
C LEU D 552 9.16 18.71 -16.20
N ARG D 553 10.29 18.54 -15.52
CA ARG D 553 11.21 19.67 -15.31
C ARG D 553 11.87 20.11 -16.59
N ASP D 554 11.97 19.24 -17.59
CA ASP D 554 12.64 19.58 -18.84
C ASP D 554 11.82 20.55 -19.68
N ARG D 555 10.50 20.51 -19.58
CA ARG D 555 9.64 21.32 -20.45
C ARG D 555 9.41 22.73 -19.90
N MET D 556 9.90 23.04 -18.70
CA MET D 556 9.61 24.30 -18.04
C MET D 556 10.88 25.12 -17.87
N GLU D 557 10.71 26.43 -17.89
CA GLU D 557 11.82 27.36 -17.68
C GLU D 557 11.88 27.71 -16.19
N MET D 558 12.93 27.26 -15.53
CA MET D 558 13.08 27.47 -14.09
C MET D 558 13.58 28.88 -13.82
N ILE D 559 12.75 29.68 -13.16
CA ILE D 559 13.11 31.04 -12.77
C ILE D 559 13.16 31.09 -11.25
N ASN D 560 14.30 31.50 -10.70
CA ASN D 560 14.49 31.51 -9.26
C ASN D 560 14.07 32.84 -8.66
N VAL D 561 13.29 32.77 -7.57
CA VAL D 561 12.95 33.93 -6.77
C VAL D 561 13.68 33.78 -5.44
N SER D 562 14.61 34.69 -5.17
CA SER D 562 15.52 34.56 -4.04
C SER D 562 14.88 35.10 -2.76
N GLY D 563 15.52 34.78 -1.64
CA GLY D 563 15.12 35.34 -0.37
C GLY D 563 15.51 36.80 -0.25
N TYR D 564 15.00 37.43 0.82
CA TYR D 564 15.17 38.86 1.03
C TYR D 564 16.13 39.10 2.19
N VAL D 565 17.08 40.01 1.99
CA VAL D 565 17.94 40.45 3.07
C VAL D 565 17.17 41.40 3.98
N ALA D 566 17.75 41.72 5.13
CA ALA D 566 17.07 42.55 6.12
C ALA D 566 16.73 43.93 5.53
N GLN D 567 17.63 44.49 4.73
CA GLN D 567 17.36 45.79 4.11
C GLN D 567 16.17 45.71 3.16
N GLU D 568 16.11 44.66 2.34
CA GLU D 568 14.99 44.51 1.42
C GLU D 568 13.69 44.26 2.17
N LYS D 569 13.74 43.48 3.25
CA LYS D 569 12.53 43.27 4.05
C LYS D 569 12.07 44.58 4.69
N LEU D 570 13.00 45.41 5.15
CA LEU D 570 12.61 46.72 5.68
C LEU D 570 11.96 47.57 4.62
N ALA D 571 12.52 47.58 3.41
CA ALA D 571 11.92 48.36 2.32
C ALA D 571 10.52 47.85 1.99
N ILE D 572 10.35 46.53 1.92
CA ILE D 572 9.05 45.94 1.63
C ILE D 572 8.04 46.31 2.71
N ALA D 573 8.45 46.20 3.97
CA ALA D 573 7.54 46.51 5.07
C ALA D 573 7.13 47.98 5.04
N GLU D 574 8.09 48.87 4.81
CA GLU D 574 7.75 50.29 4.76
C GLU D 574 6.84 50.62 3.60
N ARG D 575 7.07 50.00 2.44
CA ARG D 575 6.33 50.39 1.24
C ARG D 575 5.06 49.60 1.02
N TYR D 576 5.05 48.31 1.36
CA TYR D 576 3.93 47.44 1.01
C TYR D 576 3.20 46.85 2.20
N LEU D 577 3.92 46.19 3.11
CA LEU D 577 3.25 45.42 4.16
C LEU D 577 2.46 46.31 5.10
N VAL D 578 3.07 47.40 5.57
CA VAL D 578 2.40 48.26 6.55
C VAL D 578 1.14 48.92 5.97
N PRO D 579 1.16 49.55 4.79
CA PRO D 579 -0.09 50.12 4.26
C PRO D 579 -1.18 49.09 4.05
N GLN D 580 -0.82 47.91 3.54
CA GLN D 580 -1.84 46.88 3.32
C GLN D 580 -2.43 46.39 4.63
N ALA D 581 -1.59 46.20 5.65
CA ALA D 581 -2.10 45.78 6.95
C ALA D 581 -2.96 46.88 7.58
N ARG D 582 -2.59 48.14 7.36
CA ARG D 582 -3.42 49.24 7.85
C ARG D 582 -4.79 49.24 7.18
N ALA D 583 -4.81 49.02 5.86
CA ALA D 583 -6.09 48.95 5.16
C ALA D 583 -6.92 47.77 5.64
N LEU D 584 -6.27 46.63 5.90
CA LEU D 584 -6.98 45.46 6.41
C LEU D 584 -7.56 45.74 7.80
N CYS D 585 -6.81 46.44 8.65
CA CYS D 585 -7.26 46.74 10.00
C CYS D 585 -8.09 48.02 10.08
N GLY D 586 -8.19 48.78 9.00
CA GLY D 586 -8.99 49.98 9.00
C GLY D 586 -8.36 51.19 9.66
N LEU D 587 -7.07 51.13 9.99
CA LEU D 587 -6.40 52.23 10.65
C LEU D 587 -6.13 53.37 9.66
N ASP D 588 -5.48 54.41 10.16
CA ASP D 588 -5.06 55.54 9.35
C ASP D 588 -3.67 55.95 9.79
N GLU D 589 -2.92 56.56 8.88
CA GLU D 589 -1.55 56.97 9.20
C GLU D 589 -1.51 57.91 10.39
N SER D 590 -2.49 58.81 10.50
CA SER D 590 -2.52 59.74 11.62
C SER D 590 -2.90 59.08 12.93
N LYS D 591 -3.47 57.88 12.88
CA LYS D 591 -3.90 57.19 14.10
C LYS D 591 -2.83 56.27 14.65
N ALA D 592 -2.12 55.54 13.78
CA ALA D 592 -1.11 54.57 14.22
C ALA D 592 0.07 54.65 13.28
N LYS D 593 1.16 55.27 13.74
CA LYS D 593 2.39 55.40 12.98
C LYS D 593 3.40 54.38 13.46
N LEU D 594 4.03 53.68 12.51
CA LEU D 594 4.99 52.63 12.81
C LEU D 594 6.35 53.08 12.31
N SER D 595 7.28 53.33 13.23
CA SER D 595 8.57 53.90 12.90
C SER D 595 9.45 52.88 12.16
N SER D 596 10.42 53.41 11.42
CA SER D 596 11.33 52.55 10.65
C SER D 596 12.20 51.70 11.58
N ASP D 597 12.71 52.28 12.66
CA ASP D 597 13.55 51.51 13.57
C ASP D 597 12.75 50.40 14.24
N VAL D 598 11.45 50.61 14.46
CA VAL D 598 10.60 49.55 14.99
C VAL D 598 10.54 48.38 14.01
N LEU D 599 10.39 48.68 12.72
CA LEU D 599 10.37 47.63 11.71
C LEU D 599 11.71 46.90 11.66
N THR D 600 12.81 47.64 11.76
CA THR D 600 14.13 47.01 11.78
C THR D 600 14.29 46.10 12.98
N LEU D 601 13.81 46.54 14.14
CA LEU D 601 13.89 45.70 15.35
C LEU D 601 13.02 44.46 15.21
N LEU D 602 11.83 44.59 14.62
CA LEU D 602 10.97 43.44 14.40
C LEU D 602 11.63 42.44 13.45
N ILE D 603 12.27 42.94 12.39
CA ILE D 603 12.92 42.05 11.42
C ILE D 603 14.12 41.37 12.05
N LYS D 604 14.89 42.10 12.85
CA LYS D 604 16.15 41.55 13.36
C LYS D 604 15.91 40.53 14.46
N GLN D 605 14.99 40.80 15.37
CA GLN D 605 14.88 40.03 16.61
C GLN D 605 13.63 39.19 16.73
N TYR D 606 12.52 39.58 16.10
CA TYR D 606 11.26 38.90 16.33
C TYR D 606 10.93 37.85 15.26
N CYS D 607 11.59 37.87 14.11
CA CYS D 607 11.32 36.89 13.07
C CYS D 607 12.55 36.73 12.20
N ARG D 608 12.88 35.49 11.86
CA ARG D 608 14.00 35.18 10.97
C ARG D 608 13.52 34.20 9.92
N GLU D 609 13.36 34.67 8.69
CA GLU D 609 12.87 33.84 7.60
C GLU D 609 13.29 34.48 6.28
N SER D 610 13.23 33.68 5.22
CA SER D 610 13.52 34.20 3.89
C SER D 610 12.37 35.02 3.33
N GLY D 611 11.14 34.67 3.67
CA GLY D 611 9.97 35.38 3.21
C GLY D 611 9.60 36.52 4.13
N VAL D 612 8.38 37.02 3.96
CA VAL D 612 7.88 38.13 4.76
C VAL D 612 6.55 37.77 5.40
N ARG D 613 6.30 36.46 5.56
CA ARG D 613 5.05 36.04 6.18
C ARG D 613 5.02 36.39 7.67
N ASN D 614 6.08 36.07 8.40
CA ASN D 614 6.10 36.35 9.84
C ASN D 614 6.10 37.85 10.10
N LEU D 615 6.83 38.62 9.29
CA LEU D 615 6.83 40.07 9.46
C LEU D 615 5.43 40.64 9.25
N GLN D 616 4.68 40.08 8.30
CA GLN D 616 3.30 40.50 8.10
C GLN D 616 2.46 40.21 9.34
N LYS D 617 2.68 39.05 9.97
CA LYS D 617 1.95 38.74 11.19
C LYS D 617 2.29 39.71 12.31
N GLN D 618 3.56 40.06 12.45
CA GLN D 618 3.95 41.02 13.49
C GLN D 618 3.33 42.38 13.25
N VAL D 619 3.36 42.85 12.00
CA VAL D 619 2.75 44.14 11.69
C VAL D 619 1.25 44.10 11.96
N GLU D 620 0.58 43.02 11.58
CA GLU D 620 -0.85 42.90 11.83
C GLU D 620 -1.14 42.88 13.33
N LYS D 621 -0.29 42.21 14.12
CA LYS D 621 -0.49 42.21 15.56
C LYS D 621 -0.34 43.61 16.15
N VAL D 622 0.68 44.35 15.72
CA VAL D 622 0.86 45.70 16.22
C VAL D 622 -0.34 46.57 15.86
N LEU D 623 -0.81 46.47 14.62
CA LEU D 623 -1.94 47.28 14.21
C LEU D 623 -3.23 46.87 14.91
N ARG D 624 -3.41 45.59 15.19
CA ARG D 624 -4.57 45.15 15.96
C ARG D 624 -4.54 45.72 17.37
N LYS D 625 -3.38 45.70 18.02
CA LYS D 625 -3.27 46.28 19.35
C LYS D 625 -3.56 47.77 19.32
N SER D 626 -3.05 48.46 18.30
CA SER D 626 -3.34 49.88 18.14
C SER D 626 -4.83 50.12 17.96
N ALA D 627 -5.48 49.30 17.12
CA ALA D 627 -6.91 49.45 16.89
C ALA D 627 -7.70 49.24 18.17
N TYR D 628 -7.33 48.24 18.96
CA TYR D 628 -8.03 48.02 20.22
C TYR D 628 -7.85 49.20 21.16
N LYS D 629 -6.64 49.74 21.24
CA LYS D 629 -6.40 50.89 22.10
C LYS D 629 -7.22 52.10 21.63
N ILE D 630 -7.35 52.28 20.32
CA ILE D 630 -8.13 53.40 19.80
C ILE D 630 -9.61 53.22 20.10
N VAL D 631 -10.14 52.02 19.84
CA VAL D 631 -11.58 51.81 19.99
C VAL D 631 -11.99 51.83 21.45
N SER D 632 -11.23 51.17 22.32
CA SER D 632 -11.61 51.05 23.72
C SER D 632 -11.57 52.38 24.45
N GLY D 633 -11.00 53.43 23.86
CA GLY D 633 -10.89 54.70 24.53
C GLY D 633 -9.66 54.87 25.38
N GLU D 634 -8.70 53.94 25.29
CA GLU D 634 -7.45 54.08 26.03
C GLU D 634 -6.68 55.31 25.58
N ALA D 635 -6.62 55.54 24.28
CA ALA D 635 -5.94 56.72 23.74
C ALA D 635 -6.53 57.05 22.38
N GLU D 636 -6.51 58.35 22.05
CA GLU D 636 -6.99 58.81 20.76
C GLU D 636 -6.00 58.53 19.64
N SER D 637 -4.72 58.35 19.97
CA SER D 637 -3.72 58.01 18.97
C SER D 637 -2.58 57.26 19.68
N VAL D 638 -1.84 56.48 18.90
CA VAL D 638 -0.77 55.65 19.44
C VAL D 638 0.47 55.81 18.57
N GLU D 639 1.63 55.83 19.23
CA GLU D 639 2.91 55.88 18.55
C GLU D 639 3.76 54.70 19.03
N VAL D 640 4.23 53.88 18.08
CA VAL D 640 5.00 52.69 18.39
C VAL D 640 6.49 53.03 18.30
N THR D 641 7.20 52.76 19.38
CA THR D 641 8.63 53.02 19.50
C THR D 641 9.31 51.78 20.05
N PRO D 642 10.62 51.64 19.84
CA PRO D 642 11.32 50.48 20.41
C PRO D 642 11.27 50.43 21.93
N GLU D 643 10.97 51.55 22.59
CA GLU D 643 10.87 51.54 24.05
C GLU D 643 9.64 50.76 24.52
N ASN D 644 8.53 50.89 23.80
CA ASN D 644 7.27 50.24 24.20
C ASN D 644 6.82 49.17 23.21
N LEU D 645 7.71 48.69 22.34
CA LEU D 645 7.33 47.64 21.40
C LEU D 645 7.02 46.33 22.11
N GLN D 646 7.68 46.08 23.23
CA GLN D 646 7.40 44.85 23.99
C GLN D 646 5.99 44.83 24.52
N ASP D 647 5.40 46.00 24.78
CA ASP D 647 4.01 46.05 25.22
C ASP D 647 3.05 45.60 24.13
N PHE D 648 3.48 45.60 22.88
CA PHE D 648 2.67 45.15 21.75
C PHE D 648 2.98 43.72 21.34
N VAL D 649 4.25 43.38 21.17
CA VAL D 649 4.63 42.08 20.62
C VAL D 649 5.47 41.26 21.60
N GLY D 650 5.54 41.66 22.87
CA GLY D 650 6.25 40.87 23.85
C GLY D 650 7.76 40.99 23.73
N LYS D 651 8.44 40.11 24.46
CA LYS D 651 9.89 40.11 24.50
C LYS D 651 10.47 39.52 23.22
N PRO D 652 11.65 39.99 22.79
CA PRO D 652 12.22 39.51 21.53
C PRO D 652 12.58 38.03 21.61
N VAL D 653 12.14 37.27 20.61
CA VAL D 653 12.33 35.83 20.63
C VAL D 653 13.75 35.43 20.23
N PHE D 654 14.36 36.16 19.30
CA PHE D 654 15.76 35.92 18.92
C PHE D 654 16.57 37.12 19.41
N THR D 655 17.42 36.89 20.41
CA THR D 655 18.21 37.97 20.98
C THR D 655 19.70 37.62 20.98
N VAL D 656 20.02 36.34 21.08
CA VAL D 656 21.40 35.90 21.08
C VAL D 656 21.93 35.88 19.66
N GLU D 657 23.16 36.38 19.48
CA GLU D 657 23.77 36.47 18.16
C GLU D 657 24.74 35.33 17.88
N ARG D 658 25.62 35.01 18.82
CA ARG D 658 26.61 33.96 18.65
C ARG D 658 26.63 33.08 19.89
N MET D 659 26.82 31.77 19.68
CA MET D 659 26.99 30.87 20.80
C MET D 659 28.25 31.19 21.59
N TYR D 660 29.35 31.45 20.90
CA TYR D 660 30.64 31.71 21.52
C TYR D 660 31.10 33.11 21.15
N ASP D 661 31.39 33.93 22.17
CA ASP D 661 32.02 35.21 21.93
C ASP D 661 33.53 35.05 21.75
N VAL D 662 34.16 34.30 22.65
CA VAL D 662 35.58 33.96 22.55
C VAL D 662 35.66 32.45 22.53
N THR D 663 36.12 31.89 21.42
CA THR D 663 36.07 30.45 21.21
C THR D 663 37.20 29.76 21.99
N PRO D 664 36.88 28.77 22.82
CA PRO D 664 37.91 27.94 23.42
C PRO D 664 38.70 27.18 22.35
N PRO D 665 39.82 26.55 22.72
CA PRO D 665 40.67 25.93 21.68
C PRO D 665 39.97 24.89 20.83
N GLY D 666 39.04 24.12 21.39
CA GLY D 666 38.50 23.00 20.66
C GLY D 666 37.35 23.29 19.72
N VAL D 667 36.88 24.53 19.63
CA VAL D 667 35.67 24.86 18.88
C VAL D 667 36.02 25.85 17.78
N VAL D 668 35.42 25.67 16.61
CA VAL D 668 35.64 26.52 15.45
C VAL D 668 34.29 26.92 14.86
N MET D 669 34.15 28.21 14.56
CA MET D 669 32.93 28.72 13.97
C MET D 669 32.76 28.22 12.55
N GLY D 670 31.53 27.89 12.18
CA GLY D 670 31.23 27.43 10.85
C GLY D 670 29.96 28.05 10.32
N LEU D 671 29.68 27.80 9.04
CA LEU D 671 28.51 28.33 8.37
C LEU D 671 27.75 27.18 7.71
N ALA D 672 26.43 27.36 7.58
CA ALA D 672 25.57 26.33 7.02
C ALA D 672 24.47 26.97 6.17
N TRP D 673 24.02 26.22 5.18
CA TRP D 673 22.89 26.65 4.34
C TRP D 673 21.63 25.96 4.85
N THR D 674 21.18 26.40 6.01
CA THR D 674 19.99 25.83 6.62
C THR D 674 18.74 26.31 5.88
N ALA D 675 17.62 25.65 6.17
CA ALA D 675 16.34 26.08 5.64
C ALA D 675 15.97 27.44 6.21
N MET D 676 15.18 28.19 5.43
CA MET D 676 14.77 29.55 5.80
C MET D 676 16.00 30.44 6.05
N GLY D 677 16.96 30.34 5.14
CA GLY D 677 18.17 31.13 5.22
C GLY D 677 19.30 30.41 5.91
N GLY D 678 20.53 30.84 5.60
CA GLY D 678 21.68 30.24 6.21
C GLY D 678 21.83 30.63 7.67
N SER D 679 22.56 29.80 8.41
CA SER D 679 22.75 30.02 9.83
C SER D 679 24.14 29.55 10.24
N THR D 680 24.61 30.10 11.35
CA THR D 680 25.91 29.73 11.88
C THR D 680 25.84 28.46 12.70
N LEU D 681 26.82 27.57 12.51
CA LEU D 681 27.00 26.41 13.36
C LEU D 681 28.42 26.42 13.91
N PHE D 682 28.60 25.76 15.05
CA PHE D 682 29.90 25.59 15.65
C PHE D 682 30.25 24.11 15.66
N VAL D 683 31.55 23.80 15.70
CA VAL D 683 32.03 22.44 15.76
C VAL D 683 32.83 22.29 17.05
N GLU D 684 32.28 21.52 17.97
CA GLU D 684 32.95 21.36 19.27
C GLU D 684 33.62 20.01 19.34
N THR D 685 34.84 19.93 19.85
CA THR D 685 35.61 18.72 20.04
C THR D 685 36.15 18.67 21.46
N SER D 686 36.14 17.49 22.06
CA SER D 686 36.65 17.34 23.42
C SER D 686 37.09 15.90 23.62
N LEU D 687 38.01 15.71 24.56
CA LEU D 687 38.50 14.37 24.88
C LEU D 687 37.46 13.59 25.65
N ARG D 688 37.28 12.31 25.27
CA ARG D 688 36.48 11.39 26.06
C ARG D 688 37.27 10.74 27.17
N ARG D 689 38.58 10.58 27.01
CA ARG D 689 39.41 9.85 27.95
C ARG D 689 40.71 10.62 28.17
N PRO D 690 41.34 10.46 29.33
CA PRO D 690 42.58 11.21 29.60
C PRO D 690 43.74 10.80 28.71
N GLN D 691 44.86 11.49 28.87
CA GLN D 691 46.08 11.29 28.07
C GLN D 691 45.80 11.06 26.59
N LYS D 699 44.90 0.03 18.77
CA LYS D 699 45.39 0.81 19.89
C LYS D 699 45.39 2.29 19.57
N ASP D 700 44.96 2.63 18.36
CA ASP D 700 44.93 4.02 17.93
C ASP D 700 43.67 4.71 18.45
N GLY D 701 43.60 6.01 18.21
CA GLY D 701 42.47 6.80 18.66
C GLY D 701 41.22 6.54 17.84
N SER D 702 40.13 7.16 18.29
CA SER D 702 38.85 7.02 17.62
C SER D 702 38.09 8.34 17.73
N LEU D 703 37.19 8.56 16.78
CA LEU D 703 36.38 9.77 16.73
C LEU D 703 34.91 9.40 16.86
N GLU D 704 34.22 10.03 17.79
CA GLU D 704 32.79 9.86 17.97
C GLU D 704 32.08 11.15 17.57
N VAL D 705 31.11 11.05 16.67
CA VAL D 705 30.42 12.22 16.14
C VAL D 705 28.96 12.14 16.58
N THR D 706 28.45 13.27 17.09
CA THR D 706 27.05 13.39 17.49
C THR D 706 26.52 14.72 16.98
N GLY D 707 25.20 14.84 16.98
CA GLY D 707 24.57 16.07 16.51
C GLY D 707 23.59 15.84 15.38
N GLN D 708 23.06 14.62 15.28
CA GLN D 708 22.11 14.24 14.24
C GLN D 708 22.69 14.49 12.84
N LEU D 709 23.97 14.17 12.67
CA LEU D 709 24.61 14.33 11.38
C LEU D 709 24.08 13.27 10.40
N GLY D 710 24.02 13.64 9.13
CA GLY D 710 23.64 12.71 8.09
C GLY D 710 24.79 11.80 7.69
N GLU D 711 24.50 10.90 6.75
CA GLU D 711 25.52 9.99 6.27
C GLU D 711 26.65 10.74 5.57
N VAL D 712 26.30 11.71 4.72
CA VAL D 712 27.32 12.47 4.00
C VAL D 712 28.17 13.27 4.97
N MET D 713 27.55 13.84 6.01
CA MET D 713 28.32 14.59 6.99
C MET D 713 29.19 13.68 7.84
N LYS D 714 28.73 12.46 8.13
CA LYS D 714 29.59 11.51 8.84
C LYS D 714 30.79 11.12 7.98
N GLU D 715 30.58 10.90 6.68
CA GLU D 715 31.70 10.62 5.80
C GLU D 715 32.66 11.80 5.73
N SER D 716 32.11 13.01 5.69
CA SER D 716 32.95 14.20 5.72
C SER D 716 33.76 14.27 7.01
N ALA D 717 33.16 13.90 8.14
CA ALA D 717 33.89 13.87 9.40
C ALA D 717 35.02 12.86 9.35
N ARG D 718 34.77 11.69 8.76
CA ARG D 718 35.82 10.67 8.66
C ARG D 718 36.97 11.15 7.78
N ILE D 719 36.64 11.76 6.65
CA ILE D 719 37.67 12.29 5.75
C ILE D 719 38.46 13.39 6.46
N ALA D 720 37.77 14.25 7.19
CA ALA D 720 38.43 15.33 7.92
C ALA D 720 39.37 14.77 8.97
N TYR D 721 38.94 13.73 9.68
CA TYR D 721 39.79 13.11 10.70
C TYR D 721 41.04 12.50 10.06
N THR D 722 40.88 11.79 8.94
CA THR D 722 42.03 11.21 8.28
C THR D 722 42.99 12.27 7.78
N PHE D 723 42.47 13.33 7.17
CA PHE D 723 43.34 14.39 6.67
C PHE D 723 44.02 15.13 7.80
N ALA D 724 43.33 15.34 8.93
CA ALA D 724 43.95 15.99 10.07
C ALA D 724 45.10 15.14 10.60
N ARG D 725 44.88 13.84 10.71
CA ARG D 725 45.97 12.94 11.10
C ARG D 725 47.15 13.07 10.16
N ALA D 726 46.90 12.99 8.85
CA ALA D 726 47.99 13.01 7.88
C ALA D 726 48.73 14.35 7.91
N PHE D 727 47.99 15.45 8.05
CA PHE D 727 48.60 16.77 8.09
C PHE D 727 49.47 16.94 9.33
N LEU D 728 49.00 16.46 10.49
CA LEU D 728 49.80 16.60 11.69
C LEU D 728 50.98 15.65 11.70
N MET D 729 50.91 14.56 10.94
CA MET D 729 52.07 13.67 10.82
C MET D 729 53.25 14.38 10.17
N GLN D 730 52.99 15.18 9.14
CA GLN D 730 54.06 15.82 8.38
C GLN D 730 54.33 17.25 8.81
N HIS D 731 53.44 17.88 9.58
CA HIS D 731 53.69 19.24 10.04
C HIS D 731 54.37 19.26 11.40
N ALA D 732 53.87 18.48 12.36
CA ALA D 732 54.45 18.38 13.70
C ALA D 732 54.61 16.90 14.01
N PRO D 733 55.69 16.26 13.52
CA PRO D 733 55.83 14.82 13.69
C PRO D 733 55.83 14.38 15.14
N ALA D 734 56.34 15.21 16.06
CA ALA D 734 56.39 14.82 17.46
C ALA D 734 55.01 14.85 18.11
N ASN D 735 54.04 15.52 17.52
CA ASN D 735 52.71 15.67 18.10
C ASN D 735 51.95 14.36 17.91
N ASP D 736 51.81 13.61 18.99
CA ASP D 736 51.15 12.31 18.98
C ASP D 736 49.67 12.39 19.33
N TYR D 737 49.11 13.60 19.40
CA TYR D 737 47.77 13.78 19.96
C TYR D 737 46.71 13.06 19.14
N LEU D 738 46.66 13.31 17.83
CA LEU D 738 45.51 12.85 17.04
C LEU D 738 45.55 11.36 16.79
N VAL D 739 46.73 10.74 16.77
CA VAL D 739 46.82 9.33 16.42
C VAL D 739 46.49 8.40 17.56
N THR D 740 46.34 8.91 18.79
CA THR D 740 46.09 8.04 19.93
C THR D 740 44.91 8.51 20.78
N SER D 741 44.62 9.81 20.77
CA SER D 741 43.58 10.34 21.65
C SER D 741 42.19 9.94 21.17
N HIS D 742 41.29 9.74 22.13
CA HIS D 742 39.88 9.46 21.85
C HIS D 742 39.13 10.79 21.90
N ILE D 743 38.62 11.22 20.74
CA ILE D 743 38.05 12.55 20.58
C ILE D 743 36.56 12.41 20.28
N HIS D 744 35.75 13.19 20.99
CA HIS D 744 34.32 13.30 20.72
C HIS D 744 34.06 14.61 19.99
N LEU D 745 33.40 14.52 18.84
CA LEU D 745 33.07 15.69 18.04
C LEU D 745 31.57 15.91 18.07
N HIS D 746 31.15 17.13 18.37
CA HIS D 746 29.74 17.46 18.47
C HIS D 746 29.47 18.79 17.81
N VAL D 747 28.36 18.86 17.08
CA VAL D 747 27.84 20.09 16.50
C VAL D 747 26.64 20.52 17.35
N PRO D 748 26.71 21.65 18.04
CA PRO D 748 25.64 22.02 18.98
C PRO D 748 24.29 22.15 18.31
N GLU D 749 23.27 22.30 19.16
CA GLU D 749 21.86 22.25 18.75
C GLU D 749 21.56 20.90 18.10
N GLY D 750 21.64 19.85 18.93
CA GLY D 750 21.50 18.49 18.45
C GLY D 750 20.13 18.14 17.91
N ALA D 751 19.10 18.92 18.27
CA ALA D 751 17.76 18.59 17.81
C ALA D 751 17.61 18.78 16.30
N THR D 752 18.31 19.74 15.72
CA THR D 752 18.14 20.04 14.31
C THR D 752 19.03 19.13 13.46
N PRO D 753 18.46 18.36 12.53
CA PRO D 753 19.29 17.51 11.67
C PRO D 753 20.21 18.34 10.79
N LYS D 754 21.42 17.81 10.56
CA LYS D 754 22.44 18.50 9.79
C LYS D 754 23.09 17.52 8.82
N ASP D 755 23.36 17.99 7.61
CA ASP D 755 23.95 17.16 6.57
C ASP D 755 24.65 18.06 5.56
N GLY D 756 25.45 17.44 4.70
CA GLY D 756 26.19 18.14 3.69
C GLY D 756 27.66 18.25 4.00
N PRO D 757 28.50 18.19 2.96
CA PRO D 757 29.95 18.26 3.17
C PRO D 757 30.50 19.67 3.33
N SER D 758 29.65 20.65 3.59
CA SER D 758 30.12 22.03 3.70
C SER D 758 31.11 22.20 4.84
N ALA D 759 30.93 21.45 5.93
CA ALA D 759 31.76 21.58 7.12
C ALA D 759 33.02 20.72 7.06
N GLY D 760 33.49 20.36 5.87
CA GLY D 760 34.69 19.54 5.78
C GLY D 760 35.91 20.21 6.37
N CYS D 761 36.12 21.48 6.02
CA CYS D 761 37.29 22.19 6.52
C CYS D 761 37.12 22.63 7.96
N THR D 762 35.88 22.91 8.38
CA THR D 762 35.63 23.32 9.77
C THR D 762 36.03 22.21 10.73
N ILE D 763 35.71 20.96 10.40
CA ILE D 763 36.07 19.85 11.27
C ILE D 763 37.59 19.70 11.34
N VAL D 764 38.29 19.87 10.21
CA VAL D 764 39.73 19.79 10.22
C VAL D 764 40.32 20.87 11.11
N THR D 765 39.81 22.10 10.99
CA THR D 765 40.31 23.19 11.82
C THR D 765 40.04 22.93 13.30
N ALA D 766 38.86 22.41 13.62
CA ALA D 766 38.54 22.10 15.02
C ALA D 766 39.50 21.05 15.57
N LEU D 767 39.72 19.97 14.81
CA LEU D 767 40.60 18.90 15.28
C LEU D 767 42.02 19.41 15.44
N LEU D 768 42.51 20.20 14.48
CA LEU D 768 43.88 20.70 14.58
C LEU D 768 44.04 21.70 15.72
N SER D 769 43.04 22.55 15.95
CA SER D 769 43.11 23.47 17.08
C SER D 769 43.10 22.72 18.40
N LEU D 770 42.31 21.66 18.48
CA LEU D 770 42.32 20.84 19.69
C LEU D 770 43.67 20.16 19.88
N ALA D 771 44.24 19.61 18.81
CA ALA D 771 45.51 18.91 18.93
C ALA D 771 46.64 19.86 19.32
N MET D 772 46.67 21.05 18.71
CA MET D 772 47.70 22.03 19.01
C MET D 772 47.41 22.83 20.28
N GLY D 773 46.22 22.69 20.84
CA GLY D 773 45.88 23.43 22.05
C GLY D 773 45.88 24.92 21.88
N ARG D 774 45.48 25.41 20.71
CA ARG D 774 45.51 26.83 20.40
C ARG D 774 44.17 27.24 19.79
N PRO D 775 43.54 28.28 20.32
CA PRO D 775 42.30 28.77 19.69
C PRO D 775 42.58 29.40 18.34
N VAL D 776 41.57 29.32 17.46
CA VAL D 776 41.63 29.94 16.14
C VAL D 776 41.37 31.42 16.30
N ARG D 777 41.55 32.19 15.22
CA ARG D 777 41.20 33.61 15.25
C ARG D 777 39.77 33.79 15.74
N GLN D 778 39.59 34.75 16.65
CA GLN D 778 38.35 34.81 17.42
C GLN D 778 37.15 35.26 16.59
N ASN D 779 37.37 35.89 15.44
CA ASN D 779 36.27 36.31 14.58
C ASN D 779 36.34 35.67 13.20
N LEU D 780 36.89 34.46 13.10
CA LEU D 780 37.06 33.79 11.83
C LEU D 780 35.91 32.81 11.57
N ALA D 781 35.45 32.78 10.33
CA ALA D 781 34.45 31.80 9.89
C ALA D 781 34.92 31.19 8.59
N MET D 782 34.49 29.95 8.35
CA MET D 782 34.97 29.23 7.17
C MET D 782 33.92 28.23 6.72
N THR D 783 34.03 27.82 5.46
CA THR D 783 33.22 26.74 4.91
C THR D 783 33.95 26.19 3.70
N GLY D 784 33.62 24.95 3.35
CA GLY D 784 34.23 24.32 2.20
C GLY D 784 34.48 22.84 2.36
N GLU D 785 34.13 22.06 1.34
CA GLU D 785 34.37 20.63 1.36
C GLU D 785 35.85 20.33 1.21
N VAL D 786 36.33 19.36 1.98
CA VAL D 786 37.73 18.95 1.94
C VAL D 786 37.81 17.53 1.40
N SER D 787 38.79 17.29 0.54
CA SER D 787 39.05 15.96 0.02
C SER D 787 40.07 15.25 0.91
N LEU D 788 40.45 14.04 0.51
CA LEU D 788 41.38 13.26 1.33
C LEU D 788 42.79 13.82 1.27
N THR D 789 43.17 14.46 0.17
CA THR D 789 44.49 15.04 0.01
C THR D 789 44.55 16.50 0.41
N GLY D 790 43.48 17.05 0.96
CA GLY D 790 43.46 18.42 1.43
C GLY D 790 42.93 19.44 0.44
N LYS D 791 42.54 19.02 -0.75
CA LYS D 791 41.98 19.97 -1.70
C LYS D 791 40.61 20.46 -1.24
N ILE D 792 40.38 21.76 -1.38
CA ILE D 792 39.13 22.37 -0.96
C ILE D 792 38.22 22.49 -2.17
N LEU D 793 37.08 21.82 -2.11
CA LEU D 793 36.08 21.77 -3.16
C LEU D 793 34.99 22.81 -2.91
N PRO D 794 34.31 23.28 -3.94
CA PRO D 794 33.29 24.31 -3.75
C PRO D 794 32.06 23.78 -3.04
N VAL D 795 31.35 24.71 -2.40
CA VAL D 795 30.11 24.42 -1.68
C VAL D 795 29.05 25.41 -2.12
N GLY D 796 27.79 25.01 -1.93
CA GLY D 796 26.67 25.84 -2.32
C GLY D 796 26.20 26.77 -1.22
N GLY D 797 25.26 27.64 -1.59
CA GLY D 797 24.70 28.59 -0.65
C GLY D 797 25.66 29.65 -0.15
N ILE D 798 26.48 30.21 -1.05
CA ILE D 798 27.44 31.22 -0.63
C ILE D 798 26.74 32.49 -0.16
N LYS D 799 25.62 32.82 -0.80
CA LYS D 799 24.86 34.02 -0.41
C LYS D 799 24.37 33.91 1.03
N GLU D 800 23.74 32.79 1.38
CA GLU D 800 23.20 32.62 2.72
C GLU D 800 24.31 32.56 3.76
N LYS D 801 25.40 31.86 3.47
CA LYS D 801 26.51 31.78 4.41
C LYS D 801 27.14 33.15 4.62
N THR D 802 27.30 33.92 3.55
CA THR D 802 27.84 35.27 3.69
C THR D 802 26.93 36.15 4.53
N ILE D 803 25.62 36.05 4.31
CA ILE D 803 24.67 36.82 5.11
C ILE D 803 24.77 36.43 6.58
N ALA D 804 24.85 35.13 6.86
CA ALA D 804 24.94 34.67 8.24
C ALA D 804 26.23 35.15 8.89
N ALA D 805 27.34 35.10 8.16
CA ALA D 805 28.60 35.57 8.71
C ALA D 805 28.56 37.07 8.99
N LYS D 806 27.92 37.84 8.09
CA LYS D 806 27.79 39.27 8.31
C LYS D 806 26.94 39.56 9.54
N ARG D 807 25.84 38.81 9.73
CA ARG D 807 24.96 39.05 10.87
C ARG D 807 25.67 38.76 12.19
N ALA D 808 26.41 37.65 12.26
CA ALA D 808 27.02 37.23 13.51
C ALA D 808 28.22 38.08 13.91
N GLY D 809 28.71 38.96 13.03
CA GLY D 809 29.85 39.79 13.35
C GLY D 809 31.20 39.22 12.94
N VAL D 810 31.23 38.35 11.94
CA VAL D 810 32.49 37.79 11.47
C VAL D 810 33.26 38.86 10.69
N THR D 811 34.56 38.97 10.99
CA THR D 811 35.41 39.93 10.29
C THR D 811 36.29 39.29 9.22
N CYS D 812 36.39 37.96 9.20
CA CYS D 812 37.23 37.28 8.20
C CYS D 812 36.58 35.95 7.85
N ILE D 813 36.41 35.70 6.56
CA ILE D 813 35.72 34.52 6.06
C ILE D 813 36.62 33.80 5.07
N VAL D 814 36.58 32.47 5.08
CA VAL D 814 37.38 31.63 4.20
C VAL D 814 36.45 30.85 3.29
N LEU D 815 36.66 30.97 1.98
CA LEU D 815 35.82 30.30 0.99
C LEU D 815 36.70 29.58 -0.03
N PRO D 816 36.18 28.51 -0.64
CA PRO D 816 36.92 27.86 -1.73
C PRO D 816 37.12 28.81 -2.90
N ALA D 817 38.24 28.61 -3.60
CA ALA D 817 38.58 29.52 -4.70
C ALA D 817 37.57 29.45 -5.83
N GLU D 818 36.98 28.28 -6.06
CA GLU D 818 36.02 28.14 -7.14
C GLU D 818 34.68 28.82 -6.84
N ASN D 819 34.48 29.29 -5.62
CA ASN D 819 33.32 30.10 -5.28
C ASN D 819 33.62 31.60 -5.35
N LYS D 820 34.71 31.97 -6.02
CA LYS D 820 35.08 33.38 -6.12
C LYS D 820 34.02 34.18 -6.85
N LYS D 821 33.55 33.67 -7.99
CA LYS D 821 32.52 34.39 -8.75
C LYS D 821 31.21 34.41 -7.99
N ASP D 822 30.89 33.34 -7.27
CA ASP D 822 29.68 33.32 -6.46
C ASP D 822 29.73 34.40 -5.39
N PHE D 823 30.88 34.54 -4.72
CA PHE D 823 31.01 35.57 -3.69
C PHE D 823 30.97 36.97 -4.29
N TYR D 824 31.67 37.18 -5.40
CA TYR D 824 31.73 38.52 -5.99
C TYR D 824 30.48 38.89 -6.77
N ASP D 825 29.57 37.94 -7.02
CA ASP D 825 28.32 38.27 -7.68
C ASP D 825 27.33 38.96 -6.75
N LEU D 826 27.61 38.99 -5.45
CA LEU D 826 26.69 39.59 -4.49
C LEU D 826 26.77 41.12 -4.56
N ALA D 827 25.78 41.76 -3.94
CA ALA D 827 25.72 43.21 -3.91
C ALA D 827 26.85 43.79 -3.07
N ALA D 828 27.16 45.06 -3.32
CA ALA D 828 28.26 45.71 -2.63
C ALA D 828 27.99 45.84 -1.14
N PHE D 829 26.75 46.13 -0.76
CA PHE D 829 26.43 46.35 0.64
C PHE D 829 26.40 45.07 1.47
N ILE D 830 26.56 43.90 0.83
CA ILE D 830 26.56 42.65 1.57
C ILE D 830 27.97 42.21 1.97
N THR D 831 28.98 42.55 1.16
CA THR D 831 30.32 41.99 1.33
C THR D 831 31.39 43.01 1.68
N GLU D 832 31.03 44.26 1.97
CA GLU D 832 32.06 45.28 2.16
C GLU D 832 32.86 45.05 3.43
N GLY D 833 32.23 44.54 4.48
CA GLY D 833 32.88 44.41 5.76
C GLY D 833 33.65 43.13 5.99
N LEU D 834 33.72 42.25 5.01
CA LEU D 834 34.33 40.94 5.17
C LEU D 834 35.69 40.90 4.48
N GLU D 835 36.72 40.53 5.26
CA GLU D 835 38.05 40.28 4.71
C GLU D 835 38.06 38.87 4.16
N VAL D 836 37.54 38.73 2.94
CA VAL D 836 37.32 37.41 2.36
C VAL D 836 38.65 36.81 1.92
N HIS D 837 38.81 35.52 2.15
CA HIS D 837 39.96 34.76 1.70
C HIS D 837 39.50 33.60 0.82
N PHE D 838 40.10 33.46 -0.35
CA PHE D 838 39.80 32.39 -1.27
C PHE D 838 40.97 31.42 -1.30
N VAL D 839 40.68 30.13 -1.16
CA VAL D 839 41.71 29.13 -0.98
C VAL D 839 41.50 27.97 -1.93
N GLU D 840 42.59 27.27 -2.25
CA GLU D 840 42.56 26.06 -3.06
C GLU D 840 42.96 24.81 -2.29
N HIS D 841 43.74 24.96 -1.22
CA HIS D 841 44.21 23.83 -0.43
C HIS D 841 44.23 24.23 1.03
N TYR D 842 44.18 23.23 1.91
CA TYR D 842 44.07 23.50 3.34
C TYR D 842 45.38 24.02 3.94
N ARG D 843 46.51 23.81 3.27
CA ARG D 843 47.79 24.24 3.85
C ARG D 843 47.83 25.75 4.06
N GLU D 844 47.01 26.51 3.35
CA GLU D 844 46.95 27.95 3.53
C GLU D 844 45.78 28.40 4.39
N ILE D 845 44.71 27.59 4.47
CA ILE D 845 43.70 27.83 5.51
C ILE D 845 44.34 27.69 6.88
N PHE D 846 45.28 26.75 7.02
CA PHE D 846 46.00 26.60 8.27
C PHE D 846 46.77 27.87 8.62
N ASP D 847 47.40 28.50 7.61
CA ASP D 847 48.11 29.75 7.86
C ASP D 847 47.16 30.88 8.19
N ILE D 848 45.98 30.93 7.55
CA ILE D 848 45.03 31.99 7.82
C ILE D 848 44.47 31.86 9.24
N ALA D 849 44.12 30.66 9.66
CA ALA D 849 43.44 30.46 10.93
C ALA D 849 44.39 30.67 12.12
N PHE D 850 45.68 30.47 11.92
CA PHE D 850 46.63 30.61 13.02
C PHE D 850 47.65 31.72 12.73
N GLU E 322 -40.30 23.22 -8.16
CA GLU E 322 -41.38 24.01 -7.57
C GLU E 322 -40.87 24.86 -6.41
N LYS E 323 -40.61 24.22 -5.26
CA LYS E 323 -40.10 24.93 -4.11
C LYS E 323 -38.64 25.33 -4.27
N PHE E 324 -37.95 24.82 -5.29
CA PHE E 324 -36.53 25.11 -5.43
C PHE E 324 -36.29 26.55 -5.85
N ARG E 325 -37.22 27.11 -6.64
CA ARG E 325 -37.06 28.50 -7.09
C ARG E 325 -37.36 29.49 -5.97
N GLU E 326 -38.32 29.17 -5.10
CA GLU E 326 -38.71 30.10 -4.05
C GLU E 326 -37.62 30.22 -2.98
N ARG E 327 -36.83 29.15 -2.78
CA ARG E 327 -35.77 29.18 -1.78
C ARG E 327 -34.70 30.20 -2.10
N LEU E 328 -34.54 30.57 -3.37
CA LEU E 328 -33.53 31.53 -3.76
C LEU E 328 -34.01 32.98 -3.64
N LYS E 329 -35.28 33.19 -3.30
CA LYS E 329 -35.81 34.54 -3.23
C LYS E 329 -35.37 35.29 -1.98
N GLU E 330 -35.13 34.57 -0.88
CA GLU E 330 -34.68 35.19 0.35
C GLU E 330 -33.18 35.42 0.39
N LEU E 331 -32.45 34.91 -0.59
CA LEU E 331 -31.00 34.97 -0.63
C LEU E 331 -30.53 35.97 -1.69
N VAL E 332 -29.24 36.27 -1.66
CA VAL E 332 -28.61 37.08 -2.71
C VAL E 332 -27.73 36.16 -3.53
N VAL E 333 -28.29 35.59 -4.60
CA VAL E 333 -27.61 34.57 -5.39
C VAL E 333 -26.65 35.22 -6.37
N PRO E 334 -25.38 34.85 -6.36
CA PRO E 334 -24.45 35.36 -7.38
C PRO E 334 -24.83 34.84 -8.77
N LYS E 335 -24.49 35.63 -9.78
CA LYS E 335 -24.85 35.29 -11.16
C LYS E 335 -24.19 33.98 -11.59
N HIS E 336 -22.92 33.80 -11.24
CA HIS E 336 -22.14 32.65 -11.71
C HIS E 336 -22.68 31.32 -11.16
N VAL E 337 -23.54 31.36 -10.13
CA VAL E 337 -24.25 30.18 -9.70
C VAL E 337 -25.73 30.23 -10.07
N MET E 338 -26.31 31.43 -10.20
CA MET E 338 -27.70 31.53 -10.62
C MET E 338 -27.89 30.96 -12.02
N ASP E 339 -26.99 31.28 -12.95
CA ASP E 339 -27.10 30.73 -14.30
C ASP E 339 -26.96 29.20 -14.28
N VAL E 340 -26.02 28.69 -13.49
CA VAL E 340 -25.79 27.25 -13.43
C VAL E 340 -27.02 26.54 -12.89
N VAL E 341 -27.58 27.06 -11.80
CA VAL E 341 -28.76 26.42 -11.21
C VAL E 341 -29.95 26.53 -12.15
N ASP E 342 -30.07 27.65 -12.89
CA ASP E 342 -31.17 27.78 -13.84
C ASP E 342 -31.06 26.73 -14.95
N GLU E 343 -29.85 26.58 -15.51
CA GLU E 343 -29.67 25.59 -16.59
C GLU E 343 -29.92 24.18 -16.07
N GLU E 344 -29.41 23.85 -14.88
CA GLU E 344 -29.59 22.51 -14.35
C GLU E 344 -31.05 22.23 -14.02
N LEU E 345 -31.76 23.23 -13.49
CA LEU E 345 -33.18 23.06 -13.19
C LEU E 345 -34.00 22.89 -14.47
N SER E 346 -33.68 23.65 -15.51
CA SER E 346 -34.38 23.47 -16.78
C SER E 346 -34.09 22.09 -17.36
N LYS E 347 -32.83 21.64 -17.28
CA LYS E 347 -32.48 20.31 -17.78
C LYS E 347 -33.25 19.23 -17.04
N LEU E 348 -33.38 19.37 -15.72
CA LEU E 348 -34.18 18.42 -14.95
C LEU E 348 -35.65 18.51 -15.34
N GLY E 349 -36.14 19.72 -15.62
CA GLY E 349 -37.52 19.90 -16.03
C GLY E 349 -37.86 19.27 -17.36
N LEU E 350 -36.90 19.20 -18.29
CA LEU E 350 -37.13 18.53 -19.56
C LEU E 350 -36.77 17.05 -19.52
N LEU E 351 -35.96 16.62 -18.56
CA LEU E 351 -35.61 15.22 -18.42
C LEU E 351 -36.76 14.44 -17.81
N ASP E 352 -36.68 13.11 -17.89
CA ASP E 352 -37.70 12.25 -17.31
C ASP E 352 -37.66 12.33 -15.79
N ASN E 353 -38.53 11.55 -15.14
CA ASN E 353 -38.70 11.59 -13.69
C ASN E 353 -38.17 10.34 -13.00
N HIS E 354 -37.45 9.49 -13.73
CA HIS E 354 -37.01 8.22 -13.16
C HIS E 354 -35.55 7.85 -13.43
N SER E 355 -34.87 8.47 -14.38
CA SER E 355 -33.54 8.02 -14.77
C SER E 355 -32.52 8.33 -13.67
N SER E 356 -31.35 7.69 -13.80
CA SER E 356 -30.27 7.93 -12.85
C SER E 356 -29.72 9.35 -12.98
N GLU E 357 -29.61 9.85 -14.21
CA GLU E 357 -29.18 11.23 -14.40
C GLU E 357 -30.17 12.21 -13.78
N PHE E 358 -31.46 11.84 -13.72
CA PHE E 358 -32.41 12.62 -12.94
C PHE E 358 -32.00 12.68 -11.47
N ASN E 359 -31.59 11.54 -10.90
CA ASN E 359 -31.16 11.53 -9.51
C ASN E 359 -29.92 12.40 -9.31
N VAL E 360 -28.97 12.32 -10.25
CA VAL E 360 -27.75 13.10 -10.13
C VAL E 360 -28.04 14.59 -10.20
N THR E 361 -28.86 15.00 -11.18
CA THR E 361 -29.24 16.40 -11.28
C THR E 361 -30.01 16.86 -10.05
N ARG E 362 -30.89 15.99 -9.53
CA ARG E 362 -31.65 16.34 -8.34
C ARG E 362 -30.71 16.62 -7.17
N ASN E 363 -29.75 15.73 -6.91
CA ASN E 363 -28.82 15.95 -5.82
C ASN E 363 -27.97 17.20 -6.04
N TYR E 364 -27.50 17.39 -7.28
CA TYR E 364 -26.64 18.54 -7.55
C TYR E 364 -27.37 19.84 -7.27
N LEU E 365 -28.62 19.95 -7.73
CA LEU E 365 -29.37 21.17 -7.41
C LEU E 365 -29.81 21.20 -5.95
N ASP E 366 -29.89 20.05 -5.27
CA ASP E 366 -30.15 20.05 -3.83
C ASP E 366 -29.06 20.80 -3.08
N TRP E 367 -27.80 20.41 -3.29
CA TRP E 367 -26.73 21.21 -2.66
C TRP E 367 -26.51 22.56 -3.33
N LEU E 368 -26.95 22.77 -4.57
CA LEU E 368 -26.88 24.11 -5.14
C LEU E 368 -27.78 25.08 -4.38
N THR E 369 -29.02 24.68 -4.13
CA THR E 369 -29.98 25.53 -3.44
C THR E 369 -29.89 25.44 -1.93
N SER E 370 -29.13 24.48 -1.39
CA SER E 370 -29.10 24.28 0.05
C SER E 370 -28.38 25.41 0.77
N ILE E 371 -27.21 25.81 0.28
CA ILE E 371 -26.36 26.75 1.02
C ILE E 371 -26.95 28.15 0.97
N PRO E 372 -26.83 28.93 2.04
CA PRO E 372 -27.53 30.22 2.11
C PRO E 372 -26.77 31.36 1.45
N TRP E 373 -26.91 31.53 0.14
CA TRP E 373 -26.22 32.58 -0.60
C TRP E 373 -26.44 33.94 0.01
N GLY E 374 -25.35 34.57 0.47
CA GLY E 374 -25.41 35.95 0.89
C GLY E 374 -26.17 36.24 2.16
N LYS E 375 -26.53 35.22 2.94
CA LYS E 375 -27.28 35.42 4.18
C LYS E 375 -26.29 35.50 5.33
N TYR E 376 -25.95 36.72 5.73
CA TYR E 376 -25.02 36.94 6.83
C TYR E 376 -25.74 36.78 8.18
N SER E 377 -24.94 36.73 9.23
CA SER E 377 -25.45 36.74 10.60
C SER E 377 -25.15 38.09 11.23
N ASN E 378 -26.10 38.59 12.02
CA ASN E 378 -25.99 39.92 12.61
C ASN E 378 -25.07 39.85 13.83
N GLU E 379 -23.82 40.28 13.64
CA GLU E 379 -22.84 40.29 14.71
C GLU E 379 -23.08 41.44 15.67
N ASN E 380 -22.74 41.23 16.93
CA ASN E 380 -22.76 42.28 17.94
C ASN E 380 -21.35 42.86 18.10
N LEU E 381 -21.26 44.18 18.08
CA LEU E 381 -19.98 44.86 18.17
C LEU E 381 -19.81 45.64 19.47
N ASP E 382 -20.57 45.29 20.49
CA ASP E 382 -20.44 45.94 21.80
C ASP E 382 -19.30 45.28 22.56
N LEU E 383 -18.24 46.05 22.84
CA LEU E 383 -17.08 45.49 23.54
C LEU E 383 -17.45 45.05 24.95
N ALA E 384 -18.25 45.84 25.66
CA ALA E 384 -18.51 45.56 27.07
C ALA E 384 -19.27 44.26 27.25
N ARG E 385 -20.33 44.06 26.47
CA ARG E 385 -21.15 42.85 26.64
C ARG E 385 -20.37 41.61 26.23
N ALA E 386 -19.58 41.69 25.15
CA ALA E 386 -18.76 40.56 24.74
C ALA E 386 -17.73 40.23 25.81
N GLN E 387 -17.10 41.25 26.39
CA GLN E 387 -16.14 41.01 27.46
C GLN E 387 -16.81 40.35 28.66
N ALA E 388 -18.02 40.82 29.02
CA ALA E 388 -18.74 40.23 30.13
C ALA E 388 -19.07 38.77 29.86
N VAL E 389 -19.51 38.46 28.63
CA VAL E 389 -19.85 37.09 28.27
C VAL E 389 -18.60 36.20 28.36
N LEU E 390 -17.49 36.68 27.80
CA LEU E 390 -16.26 35.89 27.82
C LEU E 390 -15.79 35.64 29.25
N GLU E 391 -15.84 36.66 30.11
CA GLU E 391 -15.42 36.48 31.49
C GLU E 391 -16.36 35.55 32.24
N GLU E 392 -17.67 35.63 31.97
CA GLU E 392 -18.63 34.76 32.64
C GLU E 392 -18.42 33.30 32.27
N ASP E 393 -18.19 33.03 30.98
CA ASP E 393 -18.20 31.64 30.52
C ASP E 393 -16.99 30.86 30.99
N HIS E 394 -15.81 31.48 31.03
CA HIS E 394 -14.58 30.74 31.25
C HIS E 394 -13.67 31.44 32.26
N TYR E 395 -12.93 30.65 33.01
CA TYR E 395 -11.90 31.16 33.90
C TYR E 395 -10.58 31.32 33.16
N GLY E 396 -9.83 32.35 33.53
CA GLY E 396 -8.52 32.57 32.92
C GLY E 396 -8.61 32.84 31.44
N MET E 397 -7.69 32.25 30.69
CA MET E 397 -7.65 32.36 29.23
C MET E 397 -7.53 33.82 28.80
N GLU E 398 -6.53 34.50 29.35
CA GLU E 398 -6.37 35.93 29.07
C GLU E 398 -6.03 36.19 27.61
N ASP E 399 -5.17 35.34 27.03
CA ASP E 399 -4.73 35.57 25.64
C ASP E 399 -5.89 35.48 24.67
N VAL E 400 -6.75 34.46 24.83
CA VAL E 400 -7.87 34.29 23.90
C VAL E 400 -8.85 35.45 24.03
N LYS E 401 -9.15 35.85 25.26
CA LYS E 401 -10.07 36.97 25.46
C LYS E 401 -9.52 38.26 24.88
N LYS E 402 -8.22 38.51 25.07
CA LYS E 402 -7.60 39.69 24.48
C LYS E 402 -7.66 39.63 22.96
N ARG E 403 -7.42 38.46 22.38
CA ARG E 403 -7.49 38.32 20.93
C ARG E 403 -8.89 38.62 20.42
N ILE E 404 -9.91 38.11 21.10
CA ILE E 404 -11.29 38.35 20.65
C ILE E 404 -11.67 39.81 20.81
N LEU E 405 -11.22 40.46 21.89
CA LEU E 405 -11.49 41.88 22.05
C LEU E 405 -10.84 42.68 20.92
N GLU E 406 -9.59 42.35 20.57
CA GLU E 406 -8.94 43.00 19.44
C GLU E 406 -9.70 42.74 18.15
N PHE E 407 -10.20 41.52 17.97
CA PHE E 407 -10.99 41.19 16.79
C PHE E 407 -12.23 42.07 16.69
N ILE E 408 -12.94 42.25 17.80
CA ILE E 408 -14.15 43.05 17.78
C ILE E 408 -13.83 44.52 17.53
N ALA E 409 -12.74 45.02 18.13
CA ALA E 409 -12.35 46.40 17.87
C ALA E 409 -12.00 46.61 16.40
N VAL E 410 -11.27 45.67 15.80
CA VAL E 410 -10.92 45.78 14.39
C VAL E 410 -12.16 45.72 13.52
N SER E 411 -13.13 44.87 13.87
CA SER E 411 -14.37 44.81 13.13
C SER E 411 -15.13 46.13 13.25
N GLN E 412 -15.09 46.76 14.42
CA GLN E 412 -15.72 48.07 14.57
C GLN E 412 -15.06 49.10 13.67
N LEU E 413 -13.72 49.13 13.64
CA LEU E 413 -13.02 50.09 12.80
C LEU E 413 -13.31 49.85 11.31
N ARG E 414 -13.35 48.58 10.90
CA ARG E 414 -13.63 48.25 9.51
C ARG E 414 -15.04 48.65 9.09
N GLY E 415 -15.97 48.76 10.04
CA GLY E 415 -17.34 49.05 9.69
C GLY E 415 -18.06 47.92 8.99
N SER E 416 -17.49 46.71 9.01
CA SER E 416 -18.11 45.57 8.37
C SER E 416 -17.55 44.30 8.99
N THR E 417 -18.25 43.20 8.78
CA THR E 417 -17.82 41.92 9.31
C THR E 417 -16.53 41.45 8.64
N GLN E 418 -15.78 40.62 9.34
CA GLN E 418 -14.51 40.12 8.85
C GLN E 418 -14.22 38.77 9.48
N GLY E 419 -13.27 38.05 8.91
CA GLY E 419 -12.93 36.73 9.39
C GLY E 419 -11.45 36.42 9.38
N LYS E 420 -10.91 36.04 10.53
CA LYS E 420 -9.51 35.67 10.69
C LYS E 420 -9.40 34.17 10.89
N ILE E 421 -8.18 33.71 11.14
CA ILE E 421 -7.88 32.29 11.34
C ILE E 421 -7.08 32.18 12.62
N LEU E 422 -7.77 31.87 13.73
CA LEU E 422 -7.12 31.68 15.01
C LEU E 422 -6.75 30.21 15.19
N CYS E 423 -5.80 29.96 16.09
CA CYS E 423 -5.41 28.59 16.42
C CYS E 423 -5.11 28.51 17.91
N PHE E 424 -5.71 27.54 18.57
CA PHE E 424 -5.52 27.32 20.00
C PHE E 424 -4.81 25.98 20.19
N TYR E 425 -3.67 26.00 20.86
CA TYR E 425 -2.89 24.79 21.11
C TYR E 425 -2.54 24.69 22.58
N GLY E 426 -2.57 23.46 23.10
CA GLY E 426 -2.30 23.21 24.49
C GLY E 426 -2.67 21.79 24.88
N PRO E 427 -2.43 21.43 26.13
CA PRO E 427 -2.75 20.08 26.59
C PRO E 427 -4.24 19.85 26.54
N PRO E 428 -4.67 18.60 26.32
CA PRO E 428 -6.11 18.32 26.23
C PRO E 428 -6.81 18.54 27.55
N GLY E 429 -8.09 18.91 27.46
CA GLY E 429 -8.90 19.11 28.64
C GLY E 429 -8.71 20.42 29.35
N VAL E 430 -8.16 21.43 28.68
CA VAL E 430 -7.98 22.74 29.30
C VAL E 430 -9.03 23.74 28.86
N GLY E 431 -9.94 23.35 27.98
CA GLY E 431 -11.02 24.22 27.56
C GLY E 431 -10.85 24.89 26.21
N LYS E 432 -10.11 24.27 25.29
CA LYS E 432 -9.92 24.86 23.97
C LYS E 432 -11.22 24.87 23.17
N THR E 433 -11.92 23.74 23.16
CA THR E 433 -13.17 23.67 22.41
C THR E 433 -14.26 24.56 23.02
N SER E 434 -14.36 24.57 24.35
CA SER E 434 -15.44 25.30 24.99
C SER E 434 -15.31 26.80 24.84
N ILE E 435 -14.07 27.32 24.85
CA ILE E 435 -13.89 28.75 24.65
C ILE E 435 -14.31 29.16 23.24
N ALA E 436 -14.20 28.25 22.28
CA ALA E 436 -14.70 28.54 20.94
C ALA E 436 -16.22 28.71 20.95
N ARG E 437 -16.92 27.84 21.68
CA ARG E 437 -18.36 27.98 21.81
C ARG E 437 -18.72 29.27 22.53
N SER E 438 -17.96 29.65 23.56
CA SER E 438 -18.20 30.93 24.22
C SER E 438 -17.97 32.11 23.30
N ILE E 439 -16.94 32.05 22.45
CA ILE E 439 -16.69 33.12 21.49
C ILE E 439 -17.86 33.22 20.50
N ALA E 440 -18.30 32.06 19.99
CA ALA E 440 -19.42 32.07 19.05
C ALA E 440 -20.67 32.66 19.69
N ARG E 441 -20.93 32.31 20.95
CA ARG E 441 -22.05 32.91 21.66
C ARG E 441 -21.88 34.40 21.83
N ALA E 442 -20.65 34.84 22.15
CA ALA E 442 -20.40 36.27 22.36
C ALA E 442 -20.50 37.05 21.06
N LEU E 443 -20.04 36.48 19.95
CA LEU E 443 -20.09 37.14 18.65
C LEU E 443 -21.40 36.90 17.92
N ASN E 444 -22.31 36.10 18.49
CA ASN E 444 -23.61 35.80 17.91
C ASN E 444 -23.51 35.06 16.58
N ARG E 445 -22.34 34.53 16.26
CA ARG E 445 -22.17 33.73 15.06
C ARG E 445 -22.61 32.29 15.31
N GLU E 446 -22.98 31.61 14.24
CA GLU E 446 -23.29 30.19 14.34
C GLU E 446 -22.02 29.37 14.45
N TYR E 447 -22.14 28.21 15.08
CA TYR E 447 -20.98 27.40 15.45
C TYR E 447 -21.10 26.01 14.85
N PHE E 448 -19.96 25.46 14.40
CA PHE E 448 -19.90 24.10 13.89
C PHE E 448 -18.49 23.57 14.10
N ARG E 449 -18.39 22.28 14.41
CA ARG E 449 -17.11 21.64 14.71
C ARG E 449 -17.00 20.34 13.93
N PHE E 450 -15.85 20.14 13.30
CA PHE E 450 -15.54 18.87 12.65
C PHE E 450 -14.06 18.59 12.80
N SER E 451 -13.73 17.31 13.03
CA SER E 451 -12.36 16.90 13.26
C SER E 451 -11.68 16.51 11.96
N VAL E 452 -10.36 16.69 11.91
CA VAL E 452 -9.56 16.28 10.77
C VAL E 452 -8.41 15.40 11.25
N GLY E 453 -8.56 14.82 12.44
CA GLY E 453 -7.51 13.97 12.98
C GLY E 453 -7.27 12.72 12.17
N GLY E 454 -8.35 12.08 11.70
CA GLY E 454 -8.24 10.90 10.87
C GLY E 454 -8.28 11.18 9.39
N MET E 455 -8.19 12.43 8.97
CA MET E 455 -8.23 12.76 7.55
C MET E 455 -7.00 12.20 6.85
N THR E 456 -7.22 11.50 5.74
CA THR E 456 -6.14 10.90 4.98
C THR E 456 -6.19 11.18 3.48
N ASP E 457 -7.29 11.70 2.96
CA ASP E 457 -7.40 12.03 1.55
C ASP E 457 -8.03 13.40 1.38
N VAL E 458 -7.73 14.05 0.25
CA VAL E 458 -8.31 15.34 -0.07
C VAL E 458 -9.82 15.27 -0.23
N ALA E 459 -10.35 14.08 -0.56
CA ALA E 459 -11.75 13.97 -0.97
C ALA E 459 -12.71 14.37 0.14
N GLU E 460 -12.50 13.86 1.36
CA GLU E 460 -13.48 14.09 2.42
C GLU E 460 -13.56 15.54 2.87
N ILE E 461 -12.60 16.39 2.50
CA ILE E 461 -12.68 17.81 2.80
C ILE E 461 -13.02 18.63 1.56
N LYS E 462 -12.49 18.25 0.40
CA LYS E 462 -12.77 18.96 -0.84
C LYS E 462 -13.93 18.38 -1.63
N GLY E 463 -14.48 17.25 -1.20
CA GLY E 463 -15.62 16.65 -1.87
C GLY E 463 -15.23 15.72 -3.00
N HIS E 464 -16.22 14.95 -3.44
CA HIS E 464 -16.07 14.03 -4.55
C HIS E 464 -16.85 14.53 -5.76
N ARG E 465 -16.32 14.26 -6.94
CA ARG E 465 -16.98 14.66 -8.17
C ARG E 465 -18.22 13.79 -8.42
N ARG E 466 -19.23 14.40 -9.06
CA ARG E 466 -20.49 13.73 -9.30
C ARG E 466 -20.34 12.47 -10.12
N THR E 467 -19.25 12.35 -10.89
CA THR E 467 -19.02 11.16 -11.70
C THR E 467 -18.93 9.91 -10.83
N TYR E 468 -18.20 10.00 -9.72
CA TYR E 468 -17.97 8.84 -8.89
C TYR E 468 -19.21 8.48 -8.07
N VAL E 469 -19.36 7.19 -7.79
CA VAL E 469 -20.55 6.69 -7.10
C VAL E 469 -20.54 7.16 -5.66
N GLY E 470 -21.67 7.67 -5.19
CA GLY E 470 -21.81 8.12 -3.82
C GLY E 470 -20.98 9.33 -3.47
N ALA E 471 -20.94 10.33 -4.35
CA ALA E 471 -20.17 11.53 -4.09
C ALA E 471 -20.84 12.38 -3.02
N MET E 472 -20.02 13.12 -2.27
CA MET E 472 -20.47 14.02 -1.23
C MET E 472 -19.74 15.35 -1.37
N PRO E 473 -20.35 16.45 -0.93
CA PRO E 473 -19.74 17.78 -1.06
C PRO E 473 -18.80 18.13 0.10
N GLY E 474 -17.89 17.23 0.44
CA GLY E 474 -16.93 17.50 1.48
C GLY E 474 -17.58 17.73 2.82
N LYS E 475 -17.05 18.71 3.57
CA LYS E 475 -17.59 19.03 4.89
C LYS E 475 -17.92 20.51 5.01
N ILE E 476 -17.15 21.36 4.32
CA ILE E 476 -17.38 22.81 4.42
C ILE E 476 -18.75 23.17 3.87
N ILE E 477 -19.15 22.55 2.77
CA ILE E 477 -20.48 22.78 2.23
C ILE E 477 -21.55 22.34 3.22
N GLN E 478 -21.33 21.19 3.87
CA GLN E 478 -22.21 20.75 4.93
C GLN E 478 -22.24 21.76 6.06
N CYS E 479 -21.08 22.34 6.39
CA CYS E 479 -21.02 23.38 7.40
C CYS E 479 -21.91 24.56 7.03
N LEU E 480 -21.81 25.01 5.77
CA LEU E 480 -22.59 26.16 5.33
C LEU E 480 -24.08 25.84 5.35
N LYS E 481 -24.47 24.64 4.93
CA LYS E 481 -25.88 24.33 4.86
C LYS E 481 -26.49 24.15 6.24
N LYS E 482 -25.75 23.57 7.18
CA LYS E 482 -26.29 23.39 8.53
C LYS E 482 -26.29 24.70 9.30
N THR E 483 -25.22 25.50 9.19
CA THR E 483 -25.15 26.75 9.94
C THR E 483 -26.06 27.83 9.37
N LYS E 484 -26.47 27.69 8.10
CA LYS E 484 -27.35 28.67 7.45
C LYS E 484 -26.74 30.08 7.50
N THR E 485 -25.42 30.17 7.32
CA THR E 485 -24.73 31.43 7.54
C THR E 485 -23.50 31.52 6.64
N GLU E 486 -23.31 32.67 6.00
CA GLU E 486 -22.08 32.93 5.24
C GLU E 486 -20.89 33.24 6.14
N ASN E 487 -21.10 33.72 7.36
CA ASN E 487 -20.01 34.03 8.28
C ASN E 487 -20.22 33.32 9.62
N PRO E 488 -20.15 31.99 9.64
CA PRO E 488 -20.24 31.27 10.91
C PRO E 488 -18.89 31.17 11.59
N LEU E 489 -18.84 30.42 12.68
CA LEU E 489 -17.57 30.05 13.31
C LEU E 489 -17.36 28.57 13.06
N ILE E 490 -16.25 28.23 12.42
CA ILE E 490 -15.92 26.85 12.08
C ILE E 490 -14.72 26.44 12.93
N LEU E 491 -14.88 25.41 13.74
CA LEU E 491 -13.83 24.90 14.59
C LEU E 491 -13.27 23.61 13.99
N ILE E 492 -12.01 23.66 13.59
CA ILE E 492 -11.29 22.48 13.10
C ILE E 492 -10.49 21.91 14.26
N ASP E 493 -10.74 20.65 14.60
CA ASP E 493 -10.30 20.11 15.88
C ASP E 493 -9.19 19.08 15.69
N GLU E 494 -8.22 19.14 16.60
CA GLU E 494 -7.14 18.16 16.69
C GLU E 494 -6.41 18.04 15.35
N VAL E 495 -6.04 19.20 14.80
CA VAL E 495 -5.39 19.26 13.49
C VAL E 495 -3.98 18.68 13.53
N ASP E 496 -3.39 18.55 14.71
CA ASP E 496 -1.99 18.12 14.81
C ASP E 496 -1.75 16.71 14.26
N LYS E 497 -2.78 15.91 14.07
CA LYS E 497 -2.63 14.58 13.48
C LYS E 497 -3.27 14.59 12.08
N ILE E 498 -2.44 14.43 11.06
CA ILE E 498 -2.88 14.39 9.67
C ILE E 498 -2.26 13.16 9.01
N GLY E 499 -3.09 12.41 8.30
CA GLY E 499 -2.62 11.19 7.65
C GLY E 499 -1.74 11.48 6.44
N ARG E 500 -1.16 10.40 5.93
CA ARG E 500 -0.29 10.48 4.76
C ARG E 500 -1.06 10.87 3.51
N ASP E 505 -3.13 14.34 -0.34
CA ASP E 505 -2.63 14.79 0.95
C ASP E 505 -3.53 15.89 1.51
N PRO E 506 -4.18 15.61 2.64
CA PRO E 506 -5.15 16.58 3.19
C PRO E 506 -4.54 17.92 3.54
N SER E 507 -3.23 17.97 3.81
CA SER E 507 -2.62 19.24 4.19
C SER E 507 -2.75 20.27 3.08
N SER E 508 -2.56 19.85 1.84
CA SER E 508 -2.73 20.77 0.71
C SER E 508 -4.17 21.26 0.60
N ALA E 509 -5.13 20.37 0.86
CA ALA E 509 -6.54 20.77 0.83
C ALA E 509 -6.84 21.79 1.92
N LEU E 510 -6.30 21.58 3.12
CA LEU E 510 -6.49 22.55 4.19
C LEU E 510 -5.86 23.89 3.84
N LEU E 511 -4.66 23.86 3.25
CA LEU E 511 -4.02 25.10 2.83
C LEU E 511 -4.86 25.83 1.80
N GLU E 512 -5.46 25.08 0.86
CA GLU E 512 -6.38 25.67 -0.10
C GLU E 512 -7.59 26.28 0.61
N LEU E 513 -8.05 25.64 1.68
CA LEU E 513 -9.19 26.14 2.44
C LEU E 513 -8.81 27.34 3.32
N LEU E 514 -7.59 27.33 3.86
CA LEU E 514 -7.19 28.34 4.83
C LEU E 514 -6.48 29.55 4.22
N ASP E 515 -6.15 29.52 2.94
CA ASP E 515 -5.46 30.65 2.33
C ASP E 515 -6.42 31.84 2.26
N PRO E 516 -6.05 33.00 2.81
CA PRO E 516 -6.96 34.16 2.77
C PRO E 516 -7.28 34.62 1.36
N GLU E 517 -6.33 34.52 0.42
CA GLU E 517 -6.63 34.90 -0.96
C GLU E 517 -7.50 33.86 -1.65
N GLN E 518 -7.29 32.58 -1.34
CA GLN E 518 -8.11 31.51 -1.88
C GLN E 518 -9.44 31.35 -1.16
N ASN E 519 -9.66 32.09 -0.08
CA ASN E 519 -10.94 32.02 0.63
C ASN E 519 -12.07 32.52 -0.26
N ALA E 520 -11.86 33.61 -0.99
CA ALA E 520 -12.93 34.25 -1.74
C ALA E 520 -13.43 33.38 -2.89
N ASN E 521 -12.63 32.43 -3.36
CA ASN E 521 -13.01 31.61 -4.51
C ASN E 521 -12.74 30.14 -4.20
N PHE E 522 -13.16 29.68 -3.03
CA PHE E 522 -13.04 28.27 -2.68
C PHE E 522 -13.97 27.45 -3.56
N LEU E 523 -13.40 26.49 -4.29
CA LEU E 523 -14.14 25.70 -5.27
C LEU E 523 -14.19 24.26 -4.79
N ASP E 524 -15.38 23.79 -4.44
CA ASP E 524 -15.57 22.41 -4.03
C ASP E 524 -15.65 21.51 -5.26
N HIS E 525 -15.19 20.27 -5.11
CA HIS E 525 -15.27 19.33 -6.22
C HIS E 525 -16.71 19.03 -6.59
N TYR E 526 -17.57 18.75 -5.61
CA TYR E 526 -18.95 18.40 -5.91
C TYR E 526 -19.73 19.62 -6.36
N LEU E 527 -19.78 20.65 -5.51
CA LEU E 527 -20.44 21.92 -5.85
C LEU E 527 -19.43 22.73 -6.66
N ASP E 528 -19.54 22.64 -7.98
CA ASP E 528 -18.53 23.24 -8.86
C ASP E 528 -18.46 24.74 -8.67
N VAL E 529 -19.58 25.39 -8.35
CA VAL E 529 -19.60 26.84 -8.24
C VAL E 529 -18.77 27.28 -7.04
N PRO E 530 -17.92 28.30 -7.18
CA PRO E 530 -17.12 28.77 -6.04
C PRO E 530 -18.00 29.44 -4.99
N VAL E 531 -17.51 29.42 -3.75
CA VAL E 531 -18.20 30.04 -2.63
C VAL E 531 -17.25 31.03 -1.97
N ASP E 532 -17.82 32.04 -1.32
CA ASP E 532 -17.05 33.11 -0.69
C ASP E 532 -16.92 32.80 0.80
N LEU E 533 -15.74 32.32 1.20
CA LEU E 533 -15.43 32.03 2.59
C LEU E 533 -14.59 33.11 3.25
N SER E 534 -14.57 34.32 2.68
CA SER E 534 -13.74 35.38 3.25
C SER E 534 -14.21 35.79 4.64
N LYS E 535 -15.51 35.68 4.91
CA LYS E 535 -16.08 36.20 6.15
C LYS E 535 -16.12 35.19 7.28
N VAL E 536 -15.79 33.92 7.03
CA VAL E 536 -15.89 32.91 8.08
C VAL E 536 -14.71 33.05 9.04
N LEU E 537 -14.95 32.68 10.30
CA LEU E 537 -13.93 32.72 11.33
C LEU E 537 -13.48 31.29 11.62
N PHE E 538 -12.18 31.04 11.49
CA PHE E 538 -11.63 29.70 11.63
C PHE E 538 -10.86 29.61 12.94
N ILE E 539 -11.13 28.56 13.71
CA ILE E 539 -10.40 28.28 14.94
C ILE E 539 -9.80 26.89 14.81
N CYS E 540 -8.50 26.78 15.07
CA CYS E 540 -7.74 25.54 14.92
C CYS E 540 -7.36 25.03 16.30
N THR E 541 -7.66 23.76 16.57
CA THR E 541 -7.36 23.12 17.84
C THR E 541 -6.28 22.08 17.64
N ALA E 542 -5.25 22.09 18.49
CA ALA E 542 -4.17 21.14 18.41
C ALA E 542 -3.53 21.00 19.79
N ASN E 543 -2.74 19.95 19.95
CA ASN E 543 -2.02 19.74 21.21
C ASN E 543 -0.60 20.29 21.15
N VAL E 544 0.12 20.03 20.06
CA VAL E 544 1.49 20.51 19.87
C VAL E 544 1.57 21.16 18.49
N THR E 545 2.32 22.27 18.41
CA THR E 545 2.52 22.95 17.15
C THR E 545 3.63 22.33 16.30
N ASP E 546 4.43 21.42 16.88
CA ASP E 546 5.55 20.85 16.15
C ASP E 546 5.07 20.01 14.96
N THR E 547 4.04 19.21 15.16
CA THR E 547 3.59 18.27 14.14
C THR E 547 2.65 18.92 13.12
N ILE E 548 2.13 20.11 13.41
CA ILE E 548 1.34 20.84 12.41
C ILE E 548 2.22 21.08 11.19
N PRO E 549 1.73 20.84 9.97
CA PRO E 549 2.57 21.04 8.79
C PRO E 549 3.06 22.49 8.70
N GLU E 550 4.31 22.64 8.29
CA GLU E 550 4.91 23.98 8.21
C GLU E 550 4.13 24.94 7.32
N PRO E 551 3.67 24.56 6.12
CA PRO E 551 2.85 25.52 5.35
C PRO E 551 1.58 25.94 6.06
N LEU E 552 0.97 25.05 6.84
CA LEU E 552 -0.24 25.42 7.57
C LEU E 552 0.06 26.39 8.71
N ARG E 553 1.21 26.23 9.36
CA ARG E 553 1.57 27.13 10.46
C ARG E 553 1.76 28.55 9.96
N ASP E 554 2.25 28.73 8.73
CA ASP E 554 2.42 30.06 8.18
C ASP E 554 1.09 30.75 7.88
N ARG E 555 0.00 29.99 7.81
CA ARG E 555 -1.31 30.55 7.50
C ARG E 555 -2.10 30.93 8.74
N MET E 556 -1.84 30.29 9.88
CA MET E 556 -2.65 30.44 11.07
C MET E 556 -1.86 31.11 12.19
N GLU E 557 -2.59 31.77 13.09
CA GLU E 557 -2.00 32.48 14.22
C GLU E 557 -2.02 31.58 15.46
N MET E 558 -0.85 31.32 16.02
CA MET E 558 -0.74 30.41 17.15
C MET E 558 -1.07 31.13 18.46
N ILE E 559 -1.99 30.56 19.22
CA ILE E 559 -2.34 31.06 20.56
C ILE E 559 -2.29 29.89 21.51
N ASN E 560 -1.62 30.08 22.65
CA ASN E 560 -1.38 29.00 23.60
C ASN E 560 -2.39 29.07 24.74
N VAL E 561 -2.92 27.90 25.11
CA VAL E 561 -3.82 27.77 26.26
C VAL E 561 -3.07 27.03 27.35
N SER E 562 -3.03 27.63 28.55
CA SER E 562 -2.16 27.16 29.61
C SER E 562 -2.75 25.98 30.36
N GLY E 563 -1.89 25.29 31.09
CA GLY E 563 -2.34 24.31 32.06
C GLY E 563 -2.82 25.00 33.33
N TYR E 564 -3.25 24.18 34.28
CA TYR E 564 -3.83 24.69 35.51
C TYR E 564 -3.09 24.15 36.72
N VAL E 565 -2.81 25.04 37.67
CA VAL E 565 -2.30 24.66 38.98
C VAL E 565 -3.48 24.25 39.87
N ALA E 566 -3.18 23.68 41.04
CA ALA E 566 -4.23 23.20 41.93
C ALA E 566 -5.23 24.29 42.29
N GLN E 567 -4.75 25.52 42.50
CA GLN E 567 -5.63 26.63 42.81
C GLN E 567 -6.59 26.90 41.66
N GLU E 568 -6.06 27.00 40.44
CA GLU E 568 -6.91 27.24 39.28
C GLU E 568 -7.86 26.08 39.04
N LYS E 569 -7.39 24.84 39.25
CA LYS E 569 -8.26 23.68 39.10
C LYS E 569 -9.42 23.74 40.07
N LEU E 570 -9.16 24.08 41.34
CA LEU E 570 -10.22 24.18 42.32
C LEU E 570 -11.20 25.31 41.97
N ALA E 571 -10.68 26.46 41.55
CA ALA E 571 -11.55 27.57 41.19
C ALA E 571 -12.46 27.20 40.03
N ILE E 572 -11.88 26.59 38.98
CA ILE E 572 -12.66 26.16 37.83
C ILE E 572 -13.70 25.13 38.24
N ALA E 573 -13.30 24.15 39.06
CA ALA E 573 -14.23 23.14 39.50
C ALA E 573 -15.42 23.76 40.20
N GLU E 574 -15.15 24.56 41.24
CA GLU E 574 -16.22 25.15 42.03
C GLU E 574 -17.14 26.02 41.19
N ARG E 575 -16.56 26.85 40.30
CA ARG E 575 -17.39 27.79 39.56
C ARG E 575 -18.21 27.11 38.47
N TYR E 576 -17.62 26.14 37.76
CA TYR E 576 -18.26 25.63 36.56
C TYR E 576 -18.58 24.15 36.62
N LEU E 577 -17.63 23.30 37.04
CA LEU E 577 -17.80 21.86 36.86
C LEU E 577 -18.92 21.33 37.74
N VAL E 578 -18.90 21.68 39.02
CA VAL E 578 -19.94 21.20 39.94
C VAL E 578 -21.32 21.72 39.55
N PRO E 579 -21.52 23.02 39.29
CA PRO E 579 -22.88 23.46 38.91
C PRO E 579 -23.38 22.86 37.61
N GLN E 580 -22.54 22.82 36.57
CA GLN E 580 -22.97 22.29 35.28
C GLN E 580 -23.31 20.81 35.37
N ALA E 581 -22.44 20.03 36.02
CA ALA E 581 -22.71 18.59 36.16
C ALA E 581 -23.92 18.34 37.05
N ARG E 582 -24.09 19.16 38.10
CA ARG E 582 -25.27 19.03 38.96
C ARG E 582 -26.55 19.30 38.19
N ALA E 583 -26.54 20.34 37.34
CA ALA E 583 -27.71 20.61 36.51
C ALA E 583 -27.94 19.49 35.51
N LEU E 584 -26.86 18.93 34.96
CA LEU E 584 -26.99 17.84 34.01
C LEU E 584 -27.61 16.61 34.66
N CYS E 585 -27.24 16.33 35.91
CA CYS E 585 -27.87 15.24 36.65
C CYS E 585 -29.28 15.59 37.12
N GLY E 586 -29.71 16.84 36.97
CA GLY E 586 -31.03 17.25 37.36
C GLY E 586 -31.19 17.62 38.81
N LEU E 587 -30.13 17.59 39.60
CA LEU E 587 -30.20 17.96 41.01
C LEU E 587 -30.09 19.48 41.15
N ASP E 588 -30.03 19.94 42.40
CA ASP E 588 -29.79 21.34 42.69
C ASP E 588 -28.97 21.43 43.98
N GLU E 589 -28.59 22.67 44.33
CA GLU E 589 -27.67 22.87 45.44
C GLU E 589 -28.22 22.39 46.77
N SER E 590 -29.54 22.24 46.89
CA SER E 590 -30.12 21.80 48.16
C SER E 590 -29.91 20.32 48.41
N LYS E 591 -29.84 19.51 47.35
CA LYS E 591 -29.79 18.06 47.52
C LYS E 591 -28.37 17.50 47.54
N ALA E 592 -27.46 18.06 46.75
CA ALA E 592 -26.11 17.50 46.62
C ALA E 592 -25.11 18.63 46.73
N LYS E 593 -24.39 18.68 47.85
CA LYS E 593 -23.36 19.69 48.08
C LYS E 593 -21.99 19.00 48.06
N LEU E 594 -21.07 19.56 47.27
CA LEU E 594 -19.71 19.04 47.17
C LEU E 594 -18.79 20.02 47.89
N SER E 595 -18.26 19.60 49.03
CA SER E 595 -17.40 20.47 49.81
C SER E 595 -16.07 20.70 49.09
N SER E 596 -15.44 21.83 49.40
CA SER E 596 -14.17 22.17 48.77
C SER E 596 -13.10 21.15 49.10
N ASP E 597 -13.16 20.54 50.28
CA ASP E 597 -12.19 19.52 50.63
C ASP E 597 -12.28 18.32 49.69
N VAL E 598 -13.51 17.92 49.35
CA VAL E 598 -13.70 16.81 48.43
C VAL E 598 -13.07 17.13 47.08
N LEU E 599 -13.28 18.36 46.59
CA LEU E 599 -12.70 18.76 45.32
C LEU E 599 -11.18 18.79 45.39
N THR E 600 -10.62 19.25 46.50
CA THR E 600 -9.16 19.25 46.64
C THR E 600 -8.61 17.83 46.62
N LEU E 601 -9.26 16.90 47.33
CA LEU E 601 -8.83 15.52 47.27
C LEU E 601 -8.97 14.93 45.87
N LEU E 602 -10.03 15.28 45.16
CA LEU E 602 -10.16 14.82 43.78
C LEU E 602 -9.04 15.34 42.90
N ILE E 603 -8.69 16.62 43.06
CA ILE E 603 -7.68 17.23 42.20
C ILE E 603 -6.30 16.69 42.52
N LYS E 604 -5.94 16.63 43.80
CA LYS E 604 -4.58 16.25 44.18
C LYS E 604 -4.31 14.78 43.89
N GLN E 605 -5.23 13.90 44.26
CA GLN E 605 -4.99 12.47 44.20
C GLN E 605 -5.65 11.80 43.00
N TYR E 606 -6.96 11.95 42.85
CA TYR E 606 -7.70 11.11 41.91
C TYR E 606 -7.45 11.51 40.45
N CYS E 607 -6.93 12.70 40.19
CA CYS E 607 -6.78 13.21 38.84
C CYS E 607 -5.38 13.82 38.68
N ARG E 608 -4.45 13.04 38.13
CA ARG E 608 -3.12 13.53 37.82
C ARG E 608 -3.08 13.91 36.35
N GLU E 609 -3.36 15.17 36.05
CA GLU E 609 -3.41 15.65 34.68
C GLU E 609 -3.22 17.15 34.69
N SER E 610 -2.94 17.70 33.51
CA SER E 610 -2.79 19.14 33.35
C SER E 610 -4.10 19.84 33.03
N GLY E 611 -5.14 19.11 32.64
CA GLY E 611 -6.44 19.70 32.37
C GLY E 611 -7.46 19.35 33.43
N VAL E 612 -8.74 19.39 33.07
CA VAL E 612 -9.81 19.04 33.98
C VAL E 612 -10.70 17.97 33.35
N ARG E 613 -10.11 17.15 32.48
CA ARG E 613 -10.90 16.12 31.80
C ARG E 613 -11.31 15.00 32.75
N ASN E 614 -10.42 14.59 33.65
CA ASN E 614 -10.75 13.55 34.62
C ASN E 614 -11.52 14.08 35.82
N LEU E 615 -11.25 15.31 36.22
CA LEU E 615 -11.98 15.91 37.34
C LEU E 615 -13.46 16.04 37.02
N GLN E 616 -13.77 16.43 35.78
CA GLN E 616 -15.17 16.50 35.37
C GLN E 616 -15.84 15.13 35.43
N LYS E 617 -15.13 14.09 35.00
CA LYS E 617 -15.69 12.74 35.06
C LYS E 617 -15.94 12.32 36.50
N GLN E 618 -15.01 12.62 37.41
CA GLN E 618 -15.22 12.28 38.81
C GLN E 618 -16.41 13.02 39.39
N VAL E 619 -16.54 14.31 39.07
CA VAL E 619 -17.66 15.10 39.57
C VAL E 619 -18.98 14.54 39.04
N GLU E 620 -19.01 14.20 37.75
CA GLU E 620 -20.22 13.62 37.17
C GLU E 620 -20.56 12.29 37.84
N LYS E 621 -19.55 11.47 38.10
CA LYS E 621 -19.79 10.17 38.75
C LYS E 621 -20.39 10.37 40.14
N VAL E 622 -19.80 11.25 40.94
CA VAL E 622 -20.27 11.41 42.31
C VAL E 622 -21.67 12.02 42.33
N LEU E 623 -21.94 12.96 41.42
CA LEU E 623 -23.28 13.54 41.38
C LEU E 623 -24.32 12.53 40.90
N ARG E 624 -23.94 11.68 39.94
CA ARG E 624 -24.86 10.64 39.48
C ARG E 624 -25.19 9.66 40.60
N LYS E 625 -24.19 9.23 41.36
CA LYS E 625 -24.45 8.33 42.48
C LYS E 625 -25.28 9.03 43.56
N SER E 626 -25.05 10.33 43.78
CA SER E 626 -25.86 11.08 44.73
C SER E 626 -27.31 11.13 44.28
N ALA E 627 -27.55 11.34 42.99
CA ALA E 627 -28.92 11.36 42.48
C ALA E 627 -29.58 10.00 42.65
N TYR E 628 -28.84 8.92 42.38
CA TYR E 628 -29.40 7.58 42.57
C TYR E 628 -29.75 7.35 44.04
N LYS E 629 -28.91 7.83 44.96
CA LYS E 629 -29.24 7.73 46.38
C LYS E 629 -30.49 8.53 46.71
N ILE E 630 -30.64 9.71 46.10
CA ILE E 630 -31.80 10.55 46.37
C ILE E 630 -33.08 9.84 45.94
N VAL E 631 -33.06 9.23 44.76
CA VAL E 631 -34.29 8.62 44.23
C VAL E 631 -34.73 7.45 45.10
N SER E 632 -33.80 6.56 45.46
CA SER E 632 -34.17 5.35 46.16
C SER E 632 -34.66 5.60 47.58
N GLY E 633 -34.51 6.82 48.10
CA GLY E 633 -34.89 7.10 49.46
C GLY E 633 -33.86 6.72 50.50
N GLU E 634 -32.67 6.28 50.08
CA GLU E 634 -31.62 5.97 51.03
C GLU E 634 -31.21 7.21 51.83
N ALA E 635 -31.35 8.39 51.24
CA ALA E 635 -31.09 9.64 51.93
C ALA E 635 -31.88 10.74 51.25
N GLU E 636 -32.44 11.65 52.05
CA GLU E 636 -33.17 12.79 51.48
C GLU E 636 -32.23 13.84 50.91
N SER E 637 -31.01 13.93 51.44
CA SER E 637 -29.99 14.82 50.91
C SER E 637 -28.63 14.23 51.23
N VAL E 638 -27.63 14.60 50.43
CA VAL E 638 -26.28 14.06 50.55
C VAL E 638 -25.30 15.21 50.74
N GLU E 639 -24.35 15.01 51.65
CA GLU E 639 -23.25 15.94 51.87
C GLU E 639 -21.96 15.17 51.62
N VAL E 640 -21.32 15.44 50.49
CA VAL E 640 -20.09 14.74 50.13
C VAL E 640 -18.96 15.28 50.99
N THR E 641 -18.37 14.41 51.80
CA THR E 641 -17.29 14.75 52.71
C THR E 641 -16.16 13.75 52.48
N PRO E 642 -14.92 14.12 52.78
CA PRO E 642 -13.81 13.19 52.51
C PRO E 642 -13.95 11.84 53.20
N GLU E 643 -14.68 11.77 54.32
CA GLU E 643 -14.83 10.50 55.00
C GLU E 643 -15.66 9.51 54.17
N ASN E 644 -16.78 9.96 53.62
CA ASN E 644 -17.65 9.08 52.84
C ASN E 644 -17.40 9.18 51.34
N LEU E 645 -16.36 9.90 50.93
CA LEU E 645 -16.07 10.06 49.50
C LEU E 645 -15.76 8.72 48.84
N GLN E 646 -15.03 7.86 49.54
CA GLN E 646 -14.69 6.55 49.00
C GLN E 646 -15.91 5.69 48.74
N ASP E 647 -17.03 5.97 49.41
CA ASP E 647 -18.28 5.27 49.11
C ASP E 647 -18.87 5.72 47.78
N PHE E 648 -18.40 6.83 47.23
CA PHE E 648 -18.87 7.34 45.95
C PHE E 648 -17.88 7.06 44.81
N VAL E 649 -16.59 7.34 45.03
CA VAL E 649 -15.62 7.28 43.95
C VAL E 649 -14.51 6.27 44.24
N GLY E 650 -14.73 5.36 45.17
CA GLY E 650 -13.78 4.28 45.39
C GLY E 650 -12.53 4.73 46.11
N LYS E 651 -11.52 3.86 46.05
CA LYS E 651 -10.27 4.07 46.75
C LYS E 651 -9.37 5.05 46.01
N PRO E 652 -8.45 5.70 46.74
CA PRO E 652 -7.57 6.68 46.09
C PRO E 652 -6.63 6.04 45.07
N VAL E 653 -6.26 6.85 44.08
CA VAL E 653 -5.25 6.50 43.09
C VAL E 653 -4.25 7.64 43.05
N PHE E 654 -3.00 7.32 42.68
CA PHE E 654 -1.87 8.25 42.79
C PHE E 654 -1.73 8.77 44.21
N THR E 655 -1.50 7.83 45.13
CA THR E 655 -1.40 8.19 46.54
C THR E 655 -0.06 8.80 46.91
N VAL E 656 0.92 8.80 46.01
CA VAL E 656 2.25 9.32 46.28
C VAL E 656 2.57 10.41 45.26
N GLU E 657 3.03 11.55 45.75
CA GLU E 657 3.26 12.71 44.88
C GLU E 657 4.41 12.45 43.90
N ARG E 658 5.54 11.98 44.40
CA ARG E 658 6.71 11.69 43.58
C ARG E 658 7.22 10.30 43.93
N MET E 659 7.74 9.59 42.93
CA MET E 659 8.27 8.25 43.20
C MET E 659 9.50 8.31 44.09
N TYR E 660 10.19 9.44 44.15
CA TYR E 660 11.35 9.62 45.03
C TYR E 660 11.10 10.83 45.93
N ASP E 661 10.71 10.56 47.18
CA ASP E 661 10.57 11.66 48.14
C ASP E 661 11.94 12.19 48.54
N VAL E 662 12.90 11.30 48.81
CA VAL E 662 14.28 11.66 49.09
C VAL E 662 15.14 10.96 48.05
N THR E 663 15.86 11.75 47.27
CA THR E 663 16.62 11.20 46.14
C THR E 663 17.91 10.57 46.63
N PRO E 664 18.16 9.29 46.35
CA PRO E 664 19.47 8.70 46.64
C PRO E 664 20.56 9.37 45.83
N PRO E 665 21.83 9.06 46.09
CA PRO E 665 22.92 9.75 45.38
C PRO E 665 22.87 9.60 43.87
N GLY E 666 22.30 8.51 43.35
CA GLY E 666 22.38 8.27 41.93
C GLY E 666 21.36 8.99 41.07
N VAL E 667 20.29 9.54 41.65
CA VAL E 667 19.17 10.02 40.85
C VAL E 667 19.04 11.52 40.97
N VAL E 668 18.53 12.14 39.90
CA VAL E 668 18.24 13.57 39.85
C VAL E 668 16.87 13.75 39.20
N MET E 669 16.05 14.62 39.79
CA MET E 669 14.72 14.86 39.27
C MET E 669 14.78 15.81 38.08
N GLY E 670 14.05 15.50 37.01
CA GLY E 670 14.03 16.33 35.84
C GLY E 670 12.60 16.63 35.42
N LEU E 671 12.48 17.59 34.50
CA LEU E 671 11.19 18.04 34.00
C LEU E 671 11.03 17.63 32.54
N ALA E 672 9.80 17.31 32.16
CA ALA E 672 9.50 16.86 30.80
C ALA E 672 8.29 17.61 30.27
N TRP E 673 8.23 17.71 28.94
CA TRP E 673 7.11 18.34 28.25
C TRP E 673 6.70 17.46 27.07
N THR E 674 5.46 17.01 27.08
CA THR E 674 4.93 16.14 26.04
C THR E 674 3.62 16.74 25.52
N ALA E 675 2.95 15.98 24.65
CA ALA E 675 1.69 16.43 24.09
C ALA E 675 0.59 16.51 25.15
N MET E 676 0.71 15.76 26.23
CA MET E 676 -0.29 15.72 27.30
C MET E 676 -0.01 16.73 28.41
N GLY E 677 0.84 17.71 28.14
CA GLY E 677 1.18 18.70 29.14
C GLY E 677 2.50 18.41 29.83
N GLY E 678 2.77 19.20 30.87
CA GLY E 678 4.00 19.03 31.61
C GLY E 678 4.03 17.75 32.41
N SER E 679 5.24 17.30 32.71
CA SER E 679 5.45 16.08 33.47
C SER E 679 6.84 16.12 34.08
N THR E 680 7.05 15.26 35.07
CA THR E 680 8.32 15.16 35.77
C THR E 680 8.91 13.77 35.58
N LEU E 681 10.20 13.71 35.31
CA LEU E 681 10.91 12.45 35.13
C LEU E 681 12.12 12.41 36.04
N PHE E 682 12.53 11.20 36.37
CA PHE E 682 13.72 10.95 37.18
C PHE E 682 14.75 10.22 36.36
N VAL E 683 16.02 10.59 36.51
CA VAL E 683 17.12 9.92 35.84
C VAL E 683 17.84 9.05 36.88
N GLU E 684 17.97 7.76 36.58
CA GLU E 684 18.55 6.81 37.51
C GLU E 684 19.85 6.26 36.96
N THR E 685 20.85 6.12 37.83
CA THR E 685 22.15 5.57 37.47
C THR E 685 22.58 4.56 38.51
N SER E 686 23.36 3.57 38.07
CA SER E 686 23.86 2.54 38.96
C SER E 686 25.04 1.84 38.31
N LEU E 687 25.77 1.08 39.10
CA LEU E 687 26.91 0.31 38.59
C LEU E 687 26.43 -1.03 38.04
N ARG E 688 26.83 -1.34 36.81
CA ARG E 688 26.55 -2.66 36.27
C ARG E 688 27.43 -3.73 36.90
N ARG E 689 28.71 -3.42 37.08
CA ARG E 689 29.66 -4.32 37.71
C ARG E 689 30.56 -3.53 38.65
N PRO E 690 31.01 -4.13 39.74
CA PRO E 690 31.78 -3.38 40.74
C PRO E 690 33.14 -2.95 40.23
N GLN E 691 33.68 -1.93 40.89
CA GLN E 691 34.98 -1.38 40.54
C GLN E 691 36.10 -2.32 40.95
N ASP E 692 37.29 -2.05 40.43
CA ASP E 692 38.50 -2.79 40.82
C ASP E 692 39.07 -2.23 42.11
N LYS E 699 41.41 -0.85 29.15
CA LYS E 699 40.09 -0.94 29.77
C LYS E 699 39.57 0.44 30.15
N ASP E 700 38.29 0.68 29.89
CA ASP E 700 37.67 1.97 30.18
C ASP E 700 36.20 1.75 30.47
N GLY E 701 35.53 2.82 30.90
CA GLY E 701 34.14 2.74 31.29
C GLY E 701 33.21 2.68 30.09
N SER E 702 31.92 2.54 30.40
CA SER E 702 30.88 2.45 29.39
C SER E 702 29.57 2.90 30.00
N LEU E 703 28.60 3.22 29.13
CA LEU E 703 27.30 3.70 29.56
C LEU E 703 26.22 2.97 28.80
N GLU E 704 25.47 2.11 29.51
CA GLU E 704 24.28 1.48 28.94
C GLU E 704 23.07 2.35 29.24
N VAL E 705 22.28 2.63 28.20
CA VAL E 705 21.14 3.53 28.29
C VAL E 705 19.88 2.75 27.99
N THR E 706 18.91 2.81 28.89
CA THR E 706 17.64 2.11 28.75
C THR E 706 16.50 3.05 29.10
N GLY E 707 15.29 2.68 28.69
CA GLY E 707 14.12 3.47 29.00
C GLY E 707 13.40 4.00 27.78
N GLN E 708 13.53 3.30 26.66
CA GLN E 708 12.89 3.68 25.40
C GLN E 708 13.28 5.10 24.98
N LEU E 709 14.56 5.41 25.11
CA LEU E 709 15.06 6.73 24.74
C LEU E 709 15.24 6.84 23.23
N GLY E 710 14.90 8.00 22.69
CA GLY E 710 15.05 8.25 21.27
C GLY E 710 16.48 8.52 20.87
N GLU E 711 16.67 8.69 19.55
CA GLU E 711 18.02 8.95 19.03
C GLU E 711 18.58 10.27 19.56
N VAL E 712 17.75 11.31 19.59
CA VAL E 712 18.22 12.61 20.06
C VAL E 712 18.60 12.51 21.53
N MET E 713 17.79 11.84 22.34
CA MET E 713 18.11 11.71 23.76
C MET E 713 19.29 10.79 23.99
N LYS E 714 19.49 9.78 23.13
CA LYS E 714 20.68 8.95 23.23
C LYS E 714 21.94 9.76 22.94
N GLU E 715 21.90 10.60 21.91
CA GLU E 715 23.04 11.47 21.63
C GLU E 715 23.27 12.45 22.77
N SER E 716 22.19 12.97 23.35
CA SER E 716 22.32 13.83 24.51
C SER E 716 22.97 13.11 25.67
N ALA E 717 22.63 11.83 25.87
CA ALA E 717 23.27 11.04 26.93
C ALA E 717 24.75 10.85 26.66
N ARG E 718 25.12 10.60 25.41
CA ARG E 718 26.54 10.46 25.08
C ARG E 718 27.30 11.76 25.33
N ILE E 719 26.72 12.89 24.92
CA ILE E 719 27.35 14.18 25.16
C ILE E 719 27.48 14.44 26.66
N ALA E 720 26.43 14.10 27.41
CA ALA E 720 26.46 14.28 28.86
C ALA E 720 27.54 13.43 29.50
N TYR E 721 27.70 12.19 29.03
CA TYR E 721 28.75 11.33 29.56
C TYR E 721 30.13 11.91 29.29
N THR E 722 30.36 12.38 28.05
CA THR E 722 31.66 12.97 27.72
C THR E 722 31.94 14.21 28.57
N PHE E 723 30.94 15.09 28.70
CA PHE E 723 31.16 16.31 29.47
C PHE E 723 31.32 16.01 30.96
N ALA E 724 30.61 15.01 31.48
CA ALA E 724 30.78 14.63 32.87
C ALA E 724 32.19 14.12 33.12
N ARG E 725 32.71 13.30 32.21
CA ARG E 725 34.09 12.86 32.33
C ARG E 725 35.05 14.05 32.33
N ALA E 726 34.85 14.98 31.39
CA ALA E 726 35.74 16.13 31.29
C ALA E 726 35.66 17.00 32.54
N PHE E 727 34.46 17.22 33.06
CA PHE E 727 34.30 18.07 34.24
C PHE E 727 34.88 17.40 35.47
N LEU E 728 34.73 16.08 35.60
CA LEU E 728 35.28 15.41 36.77
C LEU E 728 36.80 15.34 36.71
N MET E 729 37.39 15.26 35.51
CA MET E 729 38.84 15.25 35.43
C MET E 729 39.47 16.60 35.80
N GLN E 730 38.69 17.66 35.95
CA GLN E 730 39.23 18.96 36.32
C GLN E 730 38.75 19.44 37.69
N HIS E 731 37.51 19.15 38.07
CA HIS E 731 37.02 19.55 39.38
C HIS E 731 37.63 18.69 40.48
N ALA E 732 37.66 17.37 40.27
CA ALA E 732 38.25 16.42 41.21
C ALA E 732 39.16 15.49 40.42
N PRO E 733 40.38 15.93 40.10
CA PRO E 733 41.23 15.13 39.22
C PRO E 733 41.54 13.74 39.75
N ALA E 734 41.56 13.56 41.07
CA ALA E 734 41.86 12.25 41.65
C ALA E 734 40.73 11.25 41.49
N ASN E 735 39.54 11.69 41.05
CA ASN E 735 38.38 10.81 40.97
C ASN E 735 38.46 9.99 39.69
N ASP E 736 38.60 8.68 39.85
CA ASP E 736 38.71 7.74 38.74
C ASP E 736 37.38 7.08 38.39
N TYR E 737 36.28 7.55 39.00
CA TYR E 737 35.02 6.81 38.92
C TYR E 737 34.46 6.81 37.50
N LEU E 738 34.37 7.97 36.87
CA LEU E 738 33.68 8.07 35.58
C LEU E 738 34.48 7.49 34.43
N VAL E 739 35.81 7.45 34.54
CA VAL E 739 36.62 6.96 33.44
C VAL E 739 36.79 5.45 33.47
N THR E 740 36.47 4.80 34.58
CA THR E 740 36.68 3.37 34.74
C THR E 740 35.39 2.58 34.90
N SER E 741 34.48 3.04 35.77
CA SER E 741 33.31 2.26 36.11
C SER E 741 32.33 2.16 34.95
N HIS E 742 31.55 1.08 34.95
CA HIS E 742 30.50 0.87 33.97
C HIS E 742 29.18 1.34 34.54
N ILE E 743 28.56 2.31 33.88
CA ILE E 743 27.38 2.99 34.37
C ILE E 743 26.17 2.55 33.56
N HIS E 744 25.07 2.27 34.24
CA HIS E 744 23.79 2.00 33.60
C HIS E 744 22.86 3.18 33.84
N LEU E 745 22.36 3.77 32.76
CA LEU E 745 21.48 4.92 32.82
C LEU E 745 20.06 4.48 32.51
N HIS E 746 19.15 4.76 33.44
CA HIS E 746 17.75 4.35 33.29
C HIS E 746 16.84 5.52 33.61
N VAL E 747 15.70 5.58 32.91
CA VAL E 747 14.66 6.55 33.18
C VAL E 747 13.38 5.75 33.44
N PRO E 748 12.78 5.86 34.63
CA PRO E 748 11.60 5.05 34.95
C PRO E 748 10.44 5.30 33.98
N GLU E 749 9.39 4.49 34.15
CA GLU E 749 8.32 4.35 33.17
C GLU E 749 8.90 3.85 31.84
N GLY E 750 9.46 2.63 31.89
CA GLY E 750 10.14 2.06 30.75
C GLY E 750 9.25 1.78 29.57
N ALA E 751 7.93 1.81 29.76
CA ALA E 751 7.01 1.61 28.64
C ALA E 751 6.80 2.88 27.83
N THR E 752 6.95 4.04 28.46
CA THR E 752 6.67 5.30 27.79
C THR E 752 7.89 5.76 26.99
N PRO E 753 7.78 5.92 25.67
CA PRO E 753 8.92 6.43 24.90
C PRO E 753 9.20 7.88 25.24
N LYS E 754 10.49 8.23 25.22
CA LYS E 754 10.95 9.56 25.59
C LYS E 754 11.92 10.06 24.54
N ASP E 755 11.89 11.37 24.28
CA ASP E 755 12.79 11.98 23.31
C ASP E 755 12.97 13.46 23.67
N GLY E 756 14.07 14.03 23.18
CA GLY E 756 14.37 15.41 23.43
C GLY E 756 15.71 15.59 24.10
N PRO E 757 16.46 16.62 23.69
CA PRO E 757 17.77 16.87 24.28
C PRO E 757 17.72 17.66 25.58
N SER E 758 16.53 18.00 26.07
CA SER E 758 16.40 18.87 27.23
C SER E 758 16.86 18.22 28.53
N ALA E 759 17.16 16.93 28.54
CA ALA E 759 17.56 16.23 29.75
C ALA E 759 19.07 16.17 29.92
N GLY E 760 19.84 16.89 29.11
CA GLY E 760 21.29 16.77 29.18
C GLY E 760 21.86 17.16 30.53
N CYS E 761 21.43 18.30 31.06
CA CYS E 761 21.94 18.75 32.36
C CYS E 761 21.53 17.80 33.47
N THR E 762 20.31 17.24 33.37
CA THR E 762 19.88 16.26 34.36
C THR E 762 20.78 15.03 34.33
N ILE E 763 21.14 14.55 33.14
CA ILE E 763 22.01 13.39 33.03
C ILE E 763 23.39 13.70 33.58
N VAL E 764 23.93 14.90 33.28
CA VAL E 764 25.24 15.26 33.82
C VAL E 764 25.20 15.31 35.33
N THR E 765 24.14 15.90 35.90
CA THR E 765 24.03 15.98 37.35
C THR E 765 23.91 14.59 37.97
N ALA E 766 23.13 13.71 37.34
CA ALA E 766 23.01 12.35 37.86
C ALA E 766 24.34 11.62 37.84
N LEU E 767 25.10 11.74 36.74
CA LEU E 767 26.38 11.06 36.65
C LEU E 767 27.36 11.61 37.69
N LEU E 768 27.41 12.93 37.85
CA LEU E 768 28.35 13.51 38.80
C LEU E 768 27.96 13.19 40.23
N SER E 769 26.66 13.17 40.54
CA SER E 769 26.20 12.81 41.88
C SER E 769 26.53 11.36 42.19
N LEU E 770 26.39 10.47 41.20
CA LEU E 770 26.80 9.09 41.40
C LEU E 770 28.30 8.98 41.61
N ALA E 771 29.09 9.71 40.83
CA ALA E 771 30.54 9.63 40.94
C ALA E 771 31.04 10.14 42.28
N MET E 772 30.47 11.24 42.77
CA MET E 772 30.87 11.80 44.06
C MET E 772 30.14 11.16 45.22
N GLY E 773 29.07 10.42 44.98
CA GLY E 773 28.30 9.82 46.06
C GLY E 773 27.49 10.80 46.87
N ARG E 774 27.19 11.98 46.31
CA ARG E 774 26.45 13.00 47.04
C ARG E 774 25.10 13.23 46.41
N PRO E 775 24.01 13.18 47.18
CA PRO E 775 22.70 13.50 46.63
C PRO E 775 22.57 15.00 46.35
N VAL E 776 21.69 15.31 45.39
CA VAL E 776 21.41 16.69 45.03
C VAL E 776 20.40 17.26 46.03
N ARG E 777 20.17 18.58 45.96
CA ARG E 777 19.17 19.20 46.81
C ARG E 777 17.83 18.49 46.66
N GLN E 778 17.20 18.19 47.80
CA GLN E 778 16.13 17.21 47.82
C GLN E 778 14.86 17.67 47.11
N ASN E 779 14.74 18.96 46.81
CA ASN E 779 13.57 19.48 46.11
C ASN E 779 13.97 20.32 44.89
N LEU E 780 15.10 20.00 44.28
CA LEU E 780 15.62 20.73 43.14
C LEU E 780 15.32 19.96 41.85
N ALA E 781 14.86 20.69 40.84
CA ALA E 781 14.59 20.14 39.52
C ALA E 781 15.29 21.00 38.48
N MET E 782 15.69 20.37 37.38
CA MET E 782 16.46 21.06 36.36
C MET E 782 16.03 20.62 34.97
N THR E 783 16.26 21.50 34.00
CA THR E 783 16.06 21.18 32.59
C THR E 783 16.98 22.08 31.77
N GLY E 784 17.32 21.61 30.58
CA GLY E 784 18.18 22.39 29.70
C GLY E 784 19.21 21.58 28.96
N GLU E 785 19.32 21.81 27.65
CA GLU E 785 20.30 21.12 26.85
C GLU E 785 21.71 21.57 27.21
N VAL E 786 22.64 20.62 27.23
CA VAL E 786 24.05 20.90 27.53
C VAL E 786 24.87 20.55 26.29
N SER E 787 25.78 21.45 25.92
CA SER E 787 26.65 21.21 24.79
C SER E 787 27.88 20.40 25.24
N LEU E 788 28.84 20.26 24.32
CA LEU E 788 30.03 19.47 24.64
C LEU E 788 30.95 20.21 25.60
N THR E 789 31.01 21.53 25.53
CA THR E 789 31.89 22.30 26.39
C THR E 789 31.21 22.76 27.68
N GLY E 790 29.95 22.38 27.89
CA GLY E 790 29.25 22.70 29.12
C GLY E 790 28.27 23.84 29.04
N LYS E 791 28.16 24.51 27.89
CA LYS E 791 27.21 25.60 27.76
C LYS E 791 25.79 25.07 27.74
N ILE E 792 24.93 25.70 28.53
CA ILE E 792 23.54 25.28 28.66
C ILE E 792 22.72 26.02 27.60
N LEU E 793 22.06 25.27 26.76
CA LEU E 793 21.28 25.85 25.67
C LEU E 793 19.81 25.93 26.06
N PRO E 794 19.07 26.87 25.49
CA PRO E 794 17.65 27.01 25.83
C PRO E 794 16.83 25.83 25.34
N VAL E 795 15.73 25.57 26.04
CA VAL E 795 14.80 24.50 25.69
C VAL E 795 13.39 25.08 25.64
N GLY E 796 12.52 24.38 24.91
CA GLY E 796 11.14 24.81 24.80
C GLY E 796 10.26 24.24 25.89
N GLY E 797 9.04 24.75 25.96
CA GLY E 797 8.08 24.28 26.93
C GLY E 797 8.41 24.61 28.36
N ILE E 798 8.98 25.78 28.62
CA ILE E 798 9.30 26.17 29.98
C ILE E 798 8.04 26.34 30.82
N LYS E 799 6.96 26.82 30.20
CA LYS E 799 5.73 27.09 30.94
C LYS E 799 5.12 25.81 31.50
N GLU E 800 4.95 24.79 30.65
CA GLU E 800 4.38 23.53 31.11
C GLU E 800 5.31 22.83 32.09
N LYS E 801 6.62 22.90 31.85
CA LYS E 801 7.57 22.31 32.79
C LYS E 801 7.47 22.96 34.16
N THR E 802 7.35 24.29 34.19
CA THR E 802 7.20 25.00 35.46
C THR E 802 5.90 24.62 36.15
N ILE E 803 4.81 24.50 35.38
CA ILE E 803 3.53 24.10 35.97
C ILE E 803 3.65 22.72 36.60
N ALA E 804 4.26 21.78 35.87
CA ALA E 804 4.42 20.42 36.39
C ALA E 804 5.33 20.40 37.62
N ALA E 805 6.40 21.19 37.60
CA ALA E 805 7.30 21.25 38.74
C ALA E 805 6.59 21.80 39.97
N LYS E 806 5.78 22.85 39.79
CA LYS E 806 5.01 23.38 40.90
C LYS E 806 4.01 22.35 41.41
N ARG E 807 3.42 21.58 40.51
CA ARG E 807 2.50 20.53 40.92
C ARG E 807 3.22 19.46 41.74
N ALA E 808 4.43 19.11 41.35
CA ALA E 808 5.22 18.10 42.06
C ALA E 808 5.83 18.63 43.36
N GLY E 809 5.51 19.85 43.75
CA GLY E 809 5.98 20.40 45.01
C GLY E 809 7.48 20.63 45.11
N VAL E 810 8.09 21.20 44.09
CA VAL E 810 9.49 21.58 44.18
C VAL E 810 9.60 23.00 44.71
N THR E 811 10.78 23.33 45.25
CA THR E 811 11.07 24.66 45.75
C THR E 811 12.21 25.35 45.04
N CYS E 812 13.04 24.61 44.32
CA CYS E 812 14.14 25.18 43.54
C CYS E 812 14.11 24.60 42.14
N ILE E 813 14.26 25.47 41.14
CA ILE E 813 14.22 25.06 39.75
C ILE E 813 15.37 25.73 39.01
N VAL E 814 16.03 24.98 38.12
CA VAL E 814 17.17 25.46 37.38
C VAL E 814 16.81 25.46 35.90
N LEU E 815 16.96 26.61 35.25
CA LEU E 815 16.61 26.81 33.86
C LEU E 815 17.76 27.48 33.13
N PRO E 816 17.85 27.29 31.81
CA PRO E 816 18.85 28.03 31.03
C PRO E 816 18.57 29.52 31.06
N ALA E 817 19.65 30.30 31.00
CA ALA E 817 19.51 31.75 31.08
C ALA E 817 18.74 32.32 29.90
N GLU E 818 18.74 31.63 28.76
CA GLU E 818 18.06 32.14 27.58
C GLU E 818 16.54 31.91 27.64
N ASN E 819 16.06 31.20 28.65
CA ASN E 819 14.63 31.00 28.86
C ASN E 819 14.05 31.99 29.85
N LYS E 820 14.82 32.99 30.28
CA LYS E 820 14.32 33.98 31.22
C LYS E 820 13.14 34.75 30.64
N LYS E 821 13.22 35.12 29.36
CA LYS E 821 12.13 35.85 28.73
C LYS E 821 10.84 35.04 28.67
N ASP E 822 10.94 33.71 28.69
CA ASP E 822 9.76 32.86 28.65
C ASP E 822 9.27 32.46 30.03
N PHE E 823 10.14 32.46 31.04
CA PHE E 823 9.73 32.06 32.38
C PHE E 823 8.91 33.14 33.06
N TYR E 824 9.33 34.40 32.93
CA TYR E 824 8.66 35.49 33.65
C TYR E 824 7.32 35.88 33.04
N ASP E 825 6.97 35.34 31.88
CA ASP E 825 5.64 35.55 31.34
C ASP E 825 4.57 34.80 32.12
N LEU E 826 4.96 33.92 33.03
CA LEU E 826 4.02 33.21 33.88
C LEU E 826 3.36 34.17 34.86
N ALA E 827 2.19 33.75 35.36
CA ALA E 827 1.49 34.55 36.36
C ALA E 827 2.29 34.58 37.65
N ALA E 828 2.04 35.61 38.47
CA ALA E 828 2.81 35.80 39.69
C ALA E 828 2.62 34.64 40.65
N PHE E 829 1.38 34.15 40.80
CA PHE E 829 1.12 33.07 41.74
C PHE E 829 1.61 31.73 41.26
N ILE E 830 1.91 31.58 39.96
CA ILE E 830 2.50 30.34 39.46
C ILE E 830 3.92 30.18 39.99
N THR E 831 4.72 31.25 39.92
CA THR E 831 6.13 31.22 40.31
C THR E 831 6.36 31.85 41.68
N GLU E 832 5.42 31.67 42.61
CA GLU E 832 5.52 32.32 43.91
C GLU E 832 6.60 31.68 44.76
N GLY E 833 6.47 30.39 45.06
CA GLY E 833 7.38 29.72 45.96
C GLY E 833 8.64 29.16 45.34
N LEU E 834 8.77 29.20 44.01
CA LEU E 834 9.91 28.60 43.35
C LEU E 834 11.13 29.50 43.45
N GLU E 835 12.21 28.97 44.01
CA GLU E 835 13.50 29.65 43.98
C GLU E 835 14.15 29.34 42.64
N VAL E 836 14.18 30.34 41.75
CA VAL E 836 14.54 30.12 40.35
C VAL E 836 15.98 30.56 40.13
N HIS E 837 16.74 29.74 39.42
CA HIS E 837 18.12 30.05 39.06
C HIS E 837 18.26 29.94 37.54
N PHE E 838 18.87 30.95 36.95
CA PHE E 838 19.13 31.00 35.51
C PHE E 838 20.62 30.86 35.27
N VAL E 839 20.99 29.92 34.42
CA VAL E 839 22.39 29.53 34.27
C VAL E 839 22.81 29.62 32.80
N GLU E 840 24.10 29.86 32.59
CA GLU E 840 24.69 29.88 31.26
C GLU E 840 25.64 28.72 31.02
N HIS E 841 26.35 28.26 32.04
CA HIS E 841 27.31 27.18 31.92
C HIS E 841 27.08 26.21 33.08
N TYR E 842 27.49 24.96 32.87
CA TYR E 842 27.15 23.92 33.84
C TYR E 842 27.81 24.13 35.20
N ARG E 843 28.88 24.91 35.28
CA ARG E 843 29.51 25.14 36.58
C ARG E 843 28.54 25.82 37.54
N GLU E 844 27.65 26.68 37.03
CA GLU E 844 26.63 27.28 37.88
C GLU E 844 25.68 26.23 38.43
N ILE E 845 25.25 25.28 37.59
CA ILE E 845 24.36 24.22 38.04
C ILE E 845 25.06 23.34 39.07
N PHE E 846 26.35 23.07 38.86
CA PHE E 846 27.10 22.28 39.83
C PHE E 846 27.18 23.00 41.16
N ASP E 847 27.39 24.32 41.14
CA ASP E 847 27.43 25.07 42.39
C ASP E 847 26.07 25.06 43.08
N ILE E 848 24.98 25.15 42.30
CA ILE E 848 23.65 25.20 42.89
C ILE E 848 23.27 23.86 43.49
N ALA E 849 23.49 22.77 42.74
CA ALA E 849 22.97 21.47 43.15
C ALA E 849 23.71 20.93 44.37
N PHE E 850 25.00 21.17 44.46
CA PHE E 850 25.79 20.63 45.56
C PHE E 850 26.21 21.72 46.54
N LYS F 323 -63.01 1.90 6.84
CA LYS F 323 -62.96 2.67 8.07
C LYS F 323 -61.69 3.53 8.13
N PHE F 324 -61.32 4.10 6.98
CA PHE F 324 -60.11 4.92 6.93
C PHE F 324 -60.23 6.13 7.84
N ARG F 325 -61.40 6.76 7.87
CA ARG F 325 -61.62 7.89 8.78
C ARG F 325 -61.60 7.43 10.24
N GLU F 326 -62.19 6.26 10.51
CA GLU F 326 -62.30 5.80 11.89
C GLU F 326 -60.94 5.46 12.48
N ARG F 327 -60.02 4.94 11.67
CA ARG F 327 -58.69 4.58 12.15
C ARG F 327 -57.93 5.78 12.68
N LEU F 328 -58.29 6.99 12.25
CA LEU F 328 -57.66 8.21 12.75
C LEU F 328 -58.60 9.09 13.57
N LYS F 329 -59.92 8.90 13.46
CA LYS F 329 -60.85 9.72 14.22
C LYS F 329 -60.79 9.41 15.71
N GLU F 330 -60.39 8.18 16.07
CA GLU F 330 -60.19 7.80 17.46
C GLU F 330 -58.79 8.12 17.96
N LEU F 331 -58.11 9.07 17.33
CA LEU F 331 -56.73 9.39 17.65
C LEU F 331 -56.57 10.90 17.74
N VAL F 332 -55.70 11.33 18.66
CA VAL F 332 -55.46 12.75 18.90
C VAL F 332 -54.44 13.21 17.87
N VAL F 333 -54.94 13.77 16.77
CA VAL F 333 -54.10 14.16 15.64
C VAL F 333 -54.06 15.68 15.54
N PRO F 334 -52.91 16.28 15.26
CA PRO F 334 -52.86 17.74 15.13
C PRO F 334 -53.62 18.24 13.91
N LYS F 335 -53.97 19.54 13.96
CA LYS F 335 -54.90 20.12 13.00
C LYS F 335 -54.32 20.14 11.58
N HIS F 336 -53.04 20.44 11.43
CA HIS F 336 -52.46 20.49 10.09
C HIS F 336 -52.47 19.11 9.44
N VAL F 337 -52.26 18.05 10.22
CA VAL F 337 -52.40 16.71 9.69
C VAL F 337 -53.85 16.43 9.29
N MET F 338 -54.81 16.98 10.03
CA MET F 338 -56.20 16.91 9.59
C MET F 338 -56.41 17.58 8.24
N ASP F 339 -55.80 18.76 8.05
CA ASP F 339 -55.90 19.42 6.75
C ASP F 339 -55.31 18.57 5.64
N VAL F 340 -54.14 17.98 5.89
CA VAL F 340 -53.50 17.14 4.87
C VAL F 340 -54.35 15.90 4.59
N VAL F 341 -54.92 15.30 5.64
CA VAL F 341 -55.77 14.13 5.47
C VAL F 341 -57.01 14.47 4.65
N ASP F 342 -57.63 15.62 4.92
CA ASP F 342 -58.79 16.03 4.15
C ASP F 342 -58.43 16.28 2.70
N GLU F 343 -57.27 16.90 2.44
CA GLU F 343 -56.82 17.11 1.07
C GLU F 343 -56.60 15.79 0.36
N GLU F 344 -55.96 14.82 1.04
CA GLU F 344 -55.70 13.52 0.42
C GLU F 344 -56.99 12.76 0.19
N LEU F 345 -57.95 12.85 1.11
CA LEU F 345 -59.25 12.22 0.91
C LEU F 345 -59.98 12.80 -0.29
N SER F 346 -59.95 14.13 -0.43
CA SER F 346 -60.58 14.78 -1.57
C SER F 346 -59.90 14.35 -2.87
N LYS F 347 -58.57 14.26 -2.86
CA LYS F 347 -57.86 13.82 -4.05
C LYS F 347 -58.19 12.37 -4.40
N LEU F 348 -58.28 11.50 -3.39
CA LEU F 348 -58.62 10.10 -3.63
C LEU F 348 -60.03 9.99 -4.19
N GLY F 349 -60.97 10.77 -3.67
CA GLY F 349 -62.31 10.79 -4.26
C GLY F 349 -62.32 11.34 -5.67
N LEU F 350 -61.47 12.32 -5.95
CA LEU F 350 -61.41 12.91 -7.28
C LEU F 350 -60.77 11.93 -8.28
N LEU F 351 -59.70 11.27 -7.89
CA LEU F 351 -58.99 10.36 -8.79
C LEU F 351 -59.83 9.14 -9.09
N ASP F 352 -59.70 8.64 -10.32
CA ASP F 352 -60.41 7.42 -10.73
C ASP F 352 -59.85 6.22 -9.98
N ASN F 353 -60.73 5.27 -9.67
CA ASN F 353 -60.32 4.07 -8.95
C ASN F 353 -59.40 3.22 -9.80
N HIS F 354 -58.52 2.48 -9.12
CA HIS F 354 -57.57 1.55 -9.71
C HIS F 354 -56.52 2.23 -10.59
N SER F 355 -56.41 3.55 -10.53
CA SER F 355 -55.34 4.23 -11.24
C SER F 355 -54.05 4.20 -10.42
N SER F 356 -52.94 4.51 -11.07
CA SER F 356 -51.64 4.48 -10.41
C SER F 356 -51.59 5.47 -9.26
N GLU F 357 -52.08 6.70 -9.48
CA GLU F 357 -52.08 7.70 -8.42
C GLU F 357 -53.11 7.38 -7.35
N PHE F 358 -54.23 6.74 -7.73
CA PHE F 358 -55.23 6.36 -6.74
C PHE F 358 -54.67 5.34 -5.75
N ASN F 359 -53.92 4.37 -6.25
CA ASN F 359 -53.30 3.38 -5.36
C ASN F 359 -52.23 4.02 -4.48
N VAL F 360 -51.46 4.94 -5.04
CA VAL F 360 -50.46 5.67 -4.26
C VAL F 360 -51.14 6.47 -3.16
N THR F 361 -52.22 7.17 -3.50
CA THR F 361 -52.96 7.93 -2.50
C THR F 361 -53.55 7.01 -1.43
N ARG F 362 -54.06 5.85 -1.84
CA ARG F 362 -54.66 4.93 -0.88
C ARG F 362 -53.63 4.38 0.10
N ASN F 363 -52.46 3.96 -0.40
CA ASN F 363 -51.44 3.45 0.51
C ASN F 363 -50.90 4.57 1.40
N TYR F 364 -50.75 5.78 0.86
CA TYR F 364 -50.34 6.92 1.67
C TYR F 364 -51.36 7.17 2.78
N LEU F 365 -52.63 6.94 2.46
CA LEU F 365 -53.67 7.06 3.50
C LEU F 365 -53.38 6.02 4.59
N ASP F 366 -53.10 4.77 4.21
CA ASP F 366 -52.94 3.69 5.23
C ASP F 366 -51.97 4.11 6.35
N TRP F 367 -50.72 4.44 6.04
CA TRP F 367 -49.80 4.94 7.10
C TRP F 367 -50.46 6.12 7.80
N LEU F 368 -50.84 7.16 7.05
CA LEU F 368 -51.44 8.38 7.64
C LEU F 368 -52.57 7.99 8.60
N THR F 369 -53.37 7.00 8.23
CA THR F 369 -54.52 6.58 9.07
C THR F 369 -54.09 5.47 10.02
N SER F 370 -52.80 5.39 10.34
CA SER F 370 -52.34 4.40 11.35
C SER F 370 -51.30 5.04 12.27
N ILE F 371 -50.35 5.81 11.73
CA ILE F 371 -49.26 6.42 12.55
C ILE F 371 -49.87 6.91 13.87
N PRO F 372 -49.75 6.21 15.03
CA PRO F 372 -50.42 6.63 16.28
C PRO F 372 -49.93 7.97 16.83
N TRP F 373 -50.53 9.05 16.33
CA TRP F 373 -50.23 10.38 16.87
C TRP F 373 -50.70 10.47 18.31
N GLY F 374 -49.75 10.75 19.21
CA GLY F 374 -50.07 10.97 20.61
C GLY F 374 -50.36 9.73 21.43
N LYS F 375 -50.13 8.54 20.88
CA LYS F 375 -50.36 7.30 21.62
C LYS F 375 -49.10 6.97 22.42
N TYR F 376 -48.95 7.67 23.55
CA TYR F 376 -47.80 7.48 24.41
C TYR F 376 -47.90 6.14 25.15
N SER F 377 -46.80 5.76 25.79
CA SER F 377 -46.73 4.56 26.61
C SER F 377 -46.32 4.93 28.02
N ASN F 378 -46.72 4.09 28.97
CA ASN F 378 -46.45 4.38 30.38
C ASN F 378 -44.95 4.34 30.65
N GLU F 379 -44.46 5.38 31.33
CA GLU F 379 -43.05 5.48 31.69
C GLU F 379 -42.89 4.93 33.10
N ASN F 380 -42.40 3.70 33.21
CA ASN F 380 -42.33 3.01 34.51
C ASN F 380 -41.07 3.46 35.23
N LEU F 381 -41.23 4.45 36.12
CA LEU F 381 -40.12 4.93 36.94
C LEU F 381 -40.13 4.26 38.31
N ASP F 382 -39.99 2.94 38.29
CA ASP F 382 -39.94 2.12 39.49
C ASP F 382 -38.56 1.47 39.59
N LEU F 383 -37.78 1.88 40.58
CA LEU F 383 -36.43 1.37 40.73
C LEU F 383 -36.42 -0.09 41.14
N ALA F 384 -37.33 -0.47 42.05
CA ALA F 384 -37.36 -1.84 42.53
C ALA F 384 -37.70 -2.81 41.41
N ARG F 385 -38.73 -2.48 40.61
CA ARG F 385 -39.10 -3.34 39.50
C ARG F 385 -37.99 -3.43 38.47
N ALA F 386 -37.34 -2.31 38.18
CA ALA F 386 -36.24 -2.31 37.22
C ALA F 386 -35.10 -3.19 37.70
N GLN F 387 -34.74 -3.07 38.98
CA GLN F 387 -33.67 -3.90 39.52
C GLN F 387 -34.04 -5.37 39.48
N ALA F 388 -35.28 -5.70 39.82
CA ALA F 388 -35.70 -7.09 39.79
C ALA F 388 -35.65 -7.67 38.38
N VAL F 389 -36.17 -6.94 37.40
CA VAL F 389 -36.18 -7.46 36.04
C VAL F 389 -34.77 -7.53 35.48
N LEU F 390 -33.89 -6.60 35.88
CA LEU F 390 -32.49 -6.71 35.49
C LEU F 390 -31.86 -7.97 36.08
N GLU F 391 -32.18 -8.27 37.33
CA GLU F 391 -31.62 -9.46 37.97
C GLU F 391 -32.11 -10.74 37.32
N GLU F 392 -33.40 -10.83 36.99
CA GLU F 392 -33.92 -12.07 36.45
C GLU F 392 -33.52 -12.27 34.98
N ASP F 393 -33.44 -11.17 34.22
CA ASP F 393 -33.03 -11.27 32.83
C ASP F 393 -31.56 -11.61 32.67
N HIS F 394 -30.70 -11.10 33.55
CA HIS F 394 -29.26 -11.31 33.47
C HIS F 394 -28.74 -11.68 34.84
N TYR F 395 -28.03 -12.81 34.92
CA TYR F 395 -27.40 -13.22 36.16
C TYR F 395 -26.12 -12.42 36.39
N GLY F 396 -25.88 -12.05 37.64
CA GLY F 396 -24.69 -11.29 37.96
C GLY F 396 -24.68 -9.94 37.29
N MET F 397 -23.49 -9.46 36.95
CA MET F 397 -23.30 -8.20 36.23
C MET F 397 -23.98 -7.05 37.00
N GLU F 398 -23.41 -6.78 38.17
CA GLU F 398 -23.99 -5.77 39.04
C GLU F 398 -23.55 -4.36 38.67
N ASP F 399 -22.36 -4.21 38.08
CA ASP F 399 -21.82 -2.88 37.83
C ASP F 399 -22.67 -2.11 36.83
N VAL F 400 -22.94 -2.71 35.67
CA VAL F 400 -23.72 -1.97 34.67
C VAL F 400 -25.19 -1.89 35.06
N LYS F 401 -25.70 -2.81 35.88
CA LYS F 401 -27.04 -2.64 36.42
C LYS F 401 -27.11 -1.42 37.32
N LYS F 402 -26.10 -1.23 38.18
CA LYS F 402 -26.03 -0.01 38.98
C LYS F 402 -25.94 1.23 38.09
N ARG F 403 -25.15 1.14 37.02
CA ARG F 403 -25.04 2.26 36.09
C ARG F 403 -26.38 2.59 35.45
N ILE F 404 -27.13 1.56 35.05
CA ILE F 404 -28.43 1.78 34.41
C ILE F 404 -29.42 2.37 35.40
N LEU F 405 -29.40 1.90 36.65
CA LEU F 405 -30.26 2.48 37.68
C LEU F 405 -29.93 3.95 37.91
N GLU F 406 -28.63 4.27 37.94
CA GLU F 406 -28.22 5.66 38.06
C GLU F 406 -28.72 6.48 36.87
N PHE F 407 -28.65 5.91 35.67
CA PHE F 407 -29.12 6.61 34.48
C PHE F 407 -30.60 6.91 34.57
N ILE F 408 -31.40 5.93 35.00
CA ILE F 408 -32.84 6.16 35.08
C ILE F 408 -33.17 7.16 36.18
N ALA F 409 -32.41 7.15 37.28
CA ALA F 409 -32.61 8.16 38.32
C ALA F 409 -32.33 9.56 37.79
N VAL F 410 -31.22 9.71 37.06
CA VAL F 410 -30.89 11.00 36.45
C VAL F 410 -31.98 11.41 35.47
N SER F 411 -32.52 10.45 34.73
CA SER F 411 -33.57 10.75 33.77
C SER F 411 -34.83 11.25 34.48
N GLN F 412 -35.20 10.64 35.60
CA GLN F 412 -36.41 11.07 36.28
C GLN F 412 -36.22 12.41 36.98
N LEU F 413 -35.01 12.72 37.46
CA LEU F 413 -34.76 14.08 37.95
C LEU F 413 -34.85 15.10 36.82
N ARG F 414 -34.21 14.82 35.69
CA ARG F 414 -34.25 15.77 34.58
C ARG F 414 -35.62 15.80 33.90
N GLY F 415 -36.52 14.89 34.26
CA GLY F 415 -37.86 14.88 33.72
C GLY F 415 -38.02 14.21 32.37
N SER F 416 -36.92 13.73 31.78
CA SER F 416 -36.99 13.07 30.49
C SER F 416 -35.74 12.24 30.29
N THR F 417 -35.86 11.20 29.47
CA THR F 417 -34.72 10.38 29.11
C THR F 417 -33.94 10.94 27.92
N GLN F 418 -34.42 12.02 27.31
CA GLN F 418 -33.71 12.63 26.19
C GLN F 418 -32.39 13.24 26.67
N GLY F 419 -31.45 13.35 25.74
CA GLY F 419 -30.19 13.98 26.06
C GLY F 419 -28.96 13.18 25.66
N LYS F 420 -28.15 12.82 26.65
CA LYS F 420 -26.86 12.21 26.40
C LYS F 420 -27.09 10.72 26.15
N ILE F 421 -26.74 10.25 24.96
CA ILE F 421 -27.12 8.92 24.50
C ILE F 421 -26.29 7.87 25.21
N LEU F 422 -26.90 6.71 25.47
CA LEU F 422 -26.22 5.59 26.12
C LEU F 422 -25.62 4.66 25.06
N CYS F 423 -24.34 4.34 25.22
CA CYS F 423 -23.64 3.41 24.34
C CYS F 423 -23.07 2.26 25.15
N PHE F 424 -23.33 1.04 24.71
CA PHE F 424 -22.77 -0.16 25.31
C PHE F 424 -21.70 -0.72 24.38
N TYR F 425 -20.53 -1.02 24.93
CA TYR F 425 -19.41 -1.53 24.14
C TYR F 425 -18.62 -2.53 24.98
N GLY F 426 -17.80 -3.31 24.28
CA GLY F 426 -17.01 -4.34 24.90
C GLY F 426 -16.86 -5.55 24.01
N PRO F 427 -16.51 -6.69 24.59
CA PRO F 427 -16.37 -7.93 23.81
C PRO F 427 -17.68 -8.32 23.16
N PRO F 428 -17.65 -8.85 21.94
CA PRO F 428 -18.88 -9.32 21.30
C PRO F 428 -19.43 -10.55 21.99
N GLY F 429 -20.74 -10.74 21.83
CA GLY F 429 -21.40 -11.87 22.47
C GLY F 429 -21.40 -11.79 23.98
N VAL F 430 -21.60 -10.60 24.53
CA VAL F 430 -21.59 -10.40 25.97
C VAL F 430 -22.98 -10.16 26.53
N GLY F 431 -23.92 -9.64 25.74
CA GLY F 431 -25.28 -9.47 26.20
C GLY F 431 -25.86 -8.09 25.93
N LYS F 432 -25.16 -7.28 25.12
CA LYS F 432 -25.57 -5.89 24.91
C LYS F 432 -27.02 -5.80 24.44
N THR F 433 -27.39 -6.58 23.43
CA THR F 433 -28.75 -6.53 22.91
C THR F 433 -29.75 -6.97 23.97
N SER F 434 -29.42 -8.03 24.71
CA SER F 434 -30.31 -8.48 25.78
C SER F 434 -30.42 -7.44 26.89
N ILE F 435 -29.35 -6.70 27.15
CA ILE F 435 -29.41 -5.61 28.13
C ILE F 435 -30.40 -4.55 27.68
N ALA F 436 -30.41 -4.25 26.37
CA ALA F 436 -31.38 -3.28 25.87
C ALA F 436 -32.81 -3.76 26.07
N ARG F 437 -33.07 -5.05 25.83
CA ARG F 437 -34.38 -5.61 26.11
C ARG F 437 -34.73 -5.48 27.58
N SER F 438 -33.77 -5.75 28.45
CA SER F 438 -34.00 -5.66 29.88
C SER F 438 -34.33 -4.22 30.30
N ILE F 439 -33.60 -3.25 29.73
CA ILE F 439 -33.88 -1.84 30.04
C ILE F 439 -35.27 -1.46 29.56
N ALA F 440 -35.62 -1.86 28.34
CA ALA F 440 -36.93 -1.53 27.79
C ALA F 440 -38.05 -2.12 28.63
N ARG F 441 -37.89 -3.39 29.03
CA ARG F 441 -38.90 -4.04 29.86
C ARG F 441 -38.98 -3.39 31.24
N ALA F 442 -37.84 -2.94 31.76
CA ALA F 442 -37.83 -2.30 33.08
C ALA F 442 -38.65 -1.01 33.07
N LEU F 443 -38.50 -0.20 32.04
CA LEU F 443 -39.23 1.06 31.94
C LEU F 443 -40.60 0.86 31.29
N ASN F 444 -40.92 -0.36 30.87
CA ASN F 444 -42.16 -0.74 30.21
C ASN F 444 -42.30 -0.13 28.81
N ARG F 445 -41.25 0.48 28.28
CA ARG F 445 -41.24 0.86 26.88
C ARG F 445 -41.09 -0.38 26.02
N GLU F 446 -41.81 -0.41 24.89
CA GLU F 446 -41.67 -1.51 23.97
C GLU F 446 -40.32 -1.45 23.27
N TYR F 447 -39.89 -2.59 22.74
CA TYR F 447 -38.55 -2.73 22.19
C TYR F 447 -38.61 -2.85 20.68
N PHE F 448 -37.69 -2.16 20.00
CA PHE F 448 -37.48 -2.27 18.58
C PHE F 448 -35.98 -2.22 18.31
N ARG F 449 -35.52 -3.01 17.34
CA ARG F 449 -34.11 -3.08 17.02
C ARG F 449 -33.91 -2.97 15.52
N PHE F 450 -32.89 -2.20 15.12
CA PHE F 450 -32.44 -2.13 13.74
C PHE F 450 -30.93 -2.34 13.71
N SER F 451 -30.48 -3.25 12.85
CA SER F 451 -29.06 -3.54 12.72
C SER F 451 -28.47 -2.59 11.68
N VAL F 452 -27.93 -1.47 12.16
CA VAL F 452 -27.29 -0.51 11.25
C VAL F 452 -26.04 -1.12 10.63
N GLY F 453 -25.38 -2.02 11.35
CA GLY F 453 -24.18 -2.67 10.85
C GLY F 453 -24.46 -3.65 9.72
N GLU F 460 -30.65 5.13 3.35
CA GLU F 460 -31.77 4.26 3.03
C GLU F 460 -32.73 4.16 4.21
N ILE F 461 -32.31 4.71 5.36
CA ILE F 461 -33.15 4.68 6.55
C ILE F 461 -34.30 5.67 6.45
N LYS F 462 -34.25 6.61 5.50
CA LYS F 462 -35.29 7.60 5.31
C LYS F 462 -36.43 7.11 4.43
N GLY F 463 -36.36 5.88 3.93
CA GLY F 463 -37.43 5.34 3.11
C GLY F 463 -37.27 5.71 1.64
N HIS F 464 -38.42 5.85 0.98
CA HIS F 464 -38.45 6.12 -0.45
C HIS F 464 -39.41 7.26 -0.75
N ARG F 465 -39.17 7.93 -1.87
CA ARG F 465 -40.02 9.03 -2.30
C ARG F 465 -41.43 8.55 -2.62
N ARG F 466 -42.40 9.45 -2.47
CA ARG F 466 -43.78 9.13 -2.83
C ARG F 466 -43.99 9.05 -4.34
N THR F 467 -42.92 9.16 -5.13
CA THR F 467 -43.01 8.80 -6.54
C THR F 467 -43.31 7.31 -6.65
N TYR F 468 -43.83 6.91 -7.81
CA TYR F 468 -44.40 5.57 -7.93
C TYR F 468 -43.35 4.48 -7.77
N VAL F 469 -42.06 4.83 -7.84
CA VAL F 469 -40.99 3.85 -7.69
C VAL F 469 -40.86 3.38 -6.24
N GLY F 470 -41.48 4.07 -5.30
CA GLY F 470 -41.40 3.68 -3.90
C GLY F 470 -42.73 3.86 -3.20
N ALA F 471 -43.01 2.95 -2.27
CA ALA F 471 -44.28 2.98 -1.55
C ALA F 471 -44.09 2.65 -0.07
N MET F 472 -42.89 2.88 0.47
CA MET F 472 -42.63 2.60 1.86
C MET F 472 -41.89 3.76 2.51
N PRO F 473 -42.26 4.12 3.74
CA PRO F 473 -41.55 5.20 4.44
C PRO F 473 -40.25 4.71 5.07
N GLY F 474 -39.62 5.57 5.87
CA GLY F 474 -38.40 5.19 6.54
C GLY F 474 -38.63 4.11 7.58
N LYS F 475 -37.52 3.49 8.00
CA LYS F 475 -37.60 2.42 8.99
C LYS F 475 -38.18 2.91 10.31
N ILE F 476 -37.95 4.18 10.65
CA ILE F 476 -38.47 4.72 11.90
C ILE F 476 -39.99 4.85 11.85
N ILE F 477 -40.53 5.26 10.71
CA ILE F 477 -41.98 5.34 10.56
C ILE F 477 -42.60 3.95 10.61
N GLN F 478 -41.95 2.98 9.97
CA GLN F 478 -42.41 1.59 10.07
C GLN F 478 -42.41 1.12 11.52
N CYS F 479 -41.37 1.45 12.27
CA CYS F 479 -41.32 1.09 13.69
C CYS F 479 -42.47 1.73 14.45
N LEU F 480 -42.66 3.04 14.27
CA LEU F 480 -43.68 3.74 15.04
C LEU F 480 -45.08 3.25 14.69
N LYS F 481 -45.29 2.82 13.44
CA LYS F 481 -46.56 2.22 13.05
C LYS F 481 -46.74 0.85 13.68
N LYS F 482 -45.83 -0.08 13.39
CA LYS F 482 -46.00 -1.47 13.81
C LYS F 482 -45.92 -1.64 15.33
N THR F 483 -45.31 -0.70 16.04
CA THR F 483 -45.22 -0.77 17.49
C THR F 483 -46.34 0.00 18.19
N LYS F 484 -47.22 0.64 17.43
CA LYS F 484 -48.39 1.39 17.93
C LYS F 484 -48.07 2.16 19.22
N THR F 485 -47.03 3.00 19.15
CA THR F 485 -46.65 3.83 20.28
C THR F 485 -46.06 5.13 19.77
N GLU F 486 -46.10 6.15 20.63
CA GLU F 486 -45.53 7.45 20.31
C GLU F 486 -44.12 7.64 20.84
N ASN F 487 -43.72 6.88 21.85
CA ASN F 487 -42.39 6.98 22.45
C ASN F 487 -41.72 5.62 22.47
N PRO F 488 -41.35 5.10 21.30
CA PRO F 488 -40.70 3.78 21.25
C PRO F 488 -39.26 3.85 21.75
N LEU F 489 -38.78 2.70 22.22
CA LEU F 489 -37.38 2.52 22.60
C LEU F 489 -36.68 1.79 21.46
N ILE F 490 -35.68 2.43 20.87
CA ILE F 490 -35.01 1.93 19.68
C ILE F 490 -33.56 1.60 20.03
N LEU F 491 -33.14 0.39 19.69
CA LEU F 491 -31.76 -0.05 19.80
C LEU F 491 -31.15 -0.15 18.41
N ILE F 492 -29.95 0.40 18.25
CA ILE F 492 -29.17 0.24 17.03
C ILE F 492 -27.88 -0.49 17.40
N ASP F 493 -27.58 -1.56 16.67
CA ASP F 493 -26.49 -2.45 17.00
C ASP F 493 -25.41 -2.38 15.92
N GLU F 494 -24.15 -2.46 16.35
CA GLU F 494 -22.98 -2.35 15.47
C GLU F 494 -23.00 -1.02 14.71
N VAL F 495 -22.92 0.07 15.49
CA VAL F 495 -22.96 1.41 14.93
C VAL F 495 -21.69 1.79 14.18
N ASP F 496 -20.61 1.03 14.37
CA ASP F 496 -19.36 1.31 13.69
C ASP F 496 -19.30 0.70 12.28
N LYS F 497 -20.18 -0.25 11.98
CA LYS F 497 -20.23 -0.85 10.64
C LYS F 497 -21.27 -0.15 9.76
N ILE F 498 -21.15 1.16 9.63
CA ILE F 498 -22.08 1.96 8.84
C ILE F 498 -21.30 2.74 7.79
N GLY F 499 -21.96 3.00 6.67
CA GLY F 499 -21.34 3.73 5.58
C GLY F 499 -21.68 5.21 5.59
N ASP F 505 -26.70 9.90 2.53
CA ASP F 505 -25.73 9.48 3.54
C ASP F 505 -26.43 9.09 4.83
N PRO F 506 -26.54 7.78 5.08
CA PRO F 506 -27.21 7.31 6.30
C PRO F 506 -26.57 7.81 7.58
N SER F 507 -25.25 8.00 7.59
CA SER F 507 -24.57 8.44 8.80
C SER F 507 -25.05 9.82 9.23
N SER F 508 -25.16 10.75 8.29
CA SER F 508 -25.66 12.08 8.63
C SER F 508 -27.11 12.02 9.09
N ALA F 509 -27.90 11.14 8.47
CA ALA F 509 -29.30 10.99 8.87
C ALA F 509 -29.41 10.51 10.31
N LEU F 510 -28.60 9.51 10.69
CA LEU F 510 -28.64 9.05 12.07
C LEU F 510 -28.05 10.09 13.02
N LEU F 511 -27.07 10.86 12.57
CA LEU F 511 -26.55 11.96 13.40
C LEU F 511 -27.65 12.97 13.72
N GLU F 512 -28.40 13.38 12.71
CA GLU F 512 -29.49 14.33 12.97
C GLU F 512 -30.63 13.68 13.74
N LEU F 513 -30.79 12.35 13.60
CA LEU F 513 -31.79 11.65 14.39
C LEU F 513 -31.40 11.59 15.86
N LEU F 514 -30.09 11.65 16.16
CA LEU F 514 -29.64 11.68 17.54
C LEU F 514 -29.66 13.07 18.15
N ASP F 515 -30.05 14.09 17.39
CA ASP F 515 -30.06 15.45 17.90
C ASP F 515 -31.47 15.79 18.39
N PRO F 516 -31.68 15.95 19.70
CA PRO F 516 -33.03 16.29 20.18
C PRO F 516 -33.53 17.64 19.73
N GLU F 517 -32.63 18.55 19.36
CA GLU F 517 -33.05 19.89 18.94
C GLU F 517 -33.81 19.88 17.62
N GLN F 518 -33.67 18.83 16.81
CA GLN F 518 -34.35 18.74 15.52
C GLN F 518 -35.28 17.55 15.41
N ASN F 519 -35.24 16.61 16.37
CA ASN F 519 -36.06 15.41 16.27
C ASN F 519 -37.56 15.72 16.29
N ALA F 520 -37.94 16.88 16.82
CA ALA F 520 -39.35 17.30 16.78
C ALA F 520 -39.80 17.66 15.36
N ASN F 521 -38.88 17.81 14.42
CA ASN F 521 -39.18 18.17 13.04
C ASN F 521 -38.65 17.12 12.08
N PHE F 522 -38.87 15.85 12.40
CA PHE F 522 -38.39 14.76 11.56
C PHE F 522 -39.29 14.59 10.35
N LEU F 523 -38.67 14.49 9.18
CA LEU F 523 -39.41 14.31 7.93
C LEU F 523 -38.60 13.39 7.02
N ASP F 524 -39.31 12.59 6.22
CA ASP F 524 -38.65 11.60 5.38
C ASP F 524 -38.97 11.78 3.91
N HIS F 525 -38.48 10.87 3.07
CA HIS F 525 -38.72 10.98 1.63
C HIS F 525 -40.16 10.68 1.25
N TYR F 526 -40.92 10.01 2.12
CA TYR F 526 -42.26 9.55 1.78
C TYR F 526 -43.36 10.46 2.32
N LEU F 527 -43.24 10.94 3.55
CA LEU F 527 -44.25 11.77 4.18
C LEU F 527 -43.87 13.24 4.06
N ASP F 528 -44.83 14.08 3.66
CA ASP F 528 -44.61 15.51 3.52
C ASP F 528 -44.99 16.28 4.79
N VAL F 529 -45.35 15.59 5.86
CA VAL F 529 -45.70 16.24 7.12
C VAL F 529 -44.70 15.80 8.19
N PRO F 530 -44.15 16.73 8.97
CA PRO F 530 -43.16 16.34 9.98
C PRO F 530 -43.77 15.54 11.11
N VAL F 531 -42.94 14.70 11.73
CA VAL F 531 -43.31 13.89 12.87
C VAL F 531 -42.36 14.18 14.01
N ASP F 532 -42.91 14.37 15.22
CA ASP F 532 -42.13 14.75 16.39
C ASP F 532 -41.54 13.50 17.02
N LEU F 533 -40.23 13.31 16.84
CA LEU F 533 -39.52 12.18 17.41
C LEU F 533 -38.75 12.54 18.68
N SER F 534 -39.26 13.49 19.48
CA SER F 534 -38.54 13.90 20.68
C SER F 534 -38.64 12.88 21.80
N LYS F 535 -39.75 12.16 21.88
CA LYS F 535 -40.00 11.29 23.04
C LYS F 535 -39.30 9.94 22.95
N VAL F 536 -38.62 9.64 21.84
CA VAL F 536 -38.00 8.34 21.68
C VAL F 536 -36.78 8.20 22.57
N LEU F 537 -36.46 6.97 22.94
CA LEU F 537 -35.26 6.64 23.72
C LEU F 537 -34.35 5.80 22.85
N PHE F 538 -33.08 6.21 22.74
CA PHE F 538 -32.11 5.57 21.87
C PHE F 538 -31.00 4.94 22.66
N ILE F 539 -30.72 3.67 22.38
CA ILE F 539 -29.58 2.94 22.91
C ILE F 539 -28.79 2.40 21.73
N CYS F 540 -27.46 2.48 21.82
CA CYS F 540 -26.59 2.02 20.75
C CYS F 540 -25.52 1.09 21.30
N THR F 541 -25.19 0.07 20.53
CA THR F 541 -24.16 -0.91 20.90
C THR F 541 -23.21 -1.13 19.74
N ALA F 542 -21.95 -1.35 20.08
CA ALA F 542 -20.92 -1.68 19.09
C ALA F 542 -19.77 -2.38 19.82
N ASN F 543 -19.03 -3.17 19.06
CA ASN F 543 -17.90 -3.90 19.66
C ASN F 543 -16.76 -2.95 20.01
N VAL F 544 -16.53 -1.92 19.19
CA VAL F 544 -15.51 -0.93 19.45
C VAL F 544 -16.14 0.45 19.37
N THR F 545 -15.51 1.42 20.04
CA THR F 545 -16.02 2.78 20.08
C THR F 545 -15.54 3.64 18.92
N ASP F 546 -14.62 3.14 18.10
CA ASP F 546 -14.07 3.92 16.99
C ASP F 546 -14.98 3.84 15.77
N THR F 547 -16.22 4.28 15.96
CA THR F 547 -17.18 4.32 14.87
C THR F 547 -16.79 5.40 13.86
N ILE F 548 -17.06 5.12 12.58
CA ILE F 548 -16.56 6.00 11.51
C ILE F 548 -17.06 7.43 11.62
N PRO F 549 -18.32 7.73 11.98
CA PRO F 549 -18.68 9.14 12.15
C PRO F 549 -18.10 9.68 13.44
N GLU F 550 -17.28 10.73 13.33
CA GLU F 550 -16.71 11.36 14.51
C GLU F 550 -17.75 11.92 15.47
N PRO F 551 -18.79 12.65 15.03
CA PRO F 551 -19.71 13.26 16.01
C PRO F 551 -20.60 12.27 16.72
N LEU F 552 -20.36 10.97 16.54
CA LEU F 552 -21.08 9.99 17.34
C LEU F 552 -20.52 9.92 18.76
N ARG F 553 -19.19 9.94 18.89
CA ARG F 553 -18.56 9.61 20.17
C ARG F 553 -18.89 10.63 21.25
N ASP F 554 -19.04 11.90 20.88
CA ASP F 554 -19.36 12.93 21.86
C ASP F 554 -20.84 13.00 22.20
N ARG F 555 -21.70 12.34 21.42
CA ARG F 555 -23.14 12.34 21.69
C ARG F 555 -23.61 11.11 22.44
N MET F 556 -22.84 10.02 22.46
CA MET F 556 -23.24 8.80 23.15
C MET F 556 -22.32 8.56 24.34
N GLU F 557 -22.90 8.13 25.46
CA GLU F 557 -22.14 7.93 26.68
C GLU F 557 -21.48 6.56 26.67
N MET F 558 -20.21 6.53 27.08
CA MET F 558 -19.42 5.31 27.10
C MET F 558 -19.77 4.51 28.35
N ILE F 559 -20.40 3.36 28.15
CA ILE F 559 -20.63 2.38 29.21
C ILE F 559 -20.01 1.08 28.76
N ASN F 560 -19.05 0.58 29.54
CA ASN F 560 -18.31 -0.62 29.19
C ASN F 560 -18.93 -1.85 29.83
N VAL F 561 -19.02 -2.93 29.05
CA VAL F 561 -19.52 -4.22 29.52
C VAL F 561 -18.34 -5.18 29.59
N SER F 562 -18.20 -5.85 30.72
CA SER F 562 -17.02 -6.66 31.00
C SER F 562 -17.34 -8.14 30.90
N GLY F 563 -16.27 -8.94 30.86
CA GLY F 563 -16.41 -10.37 30.70
C GLY F 563 -16.85 -11.08 31.97
N TYR F 564 -17.03 -12.39 31.83
CA TYR F 564 -17.55 -13.25 32.90
C TYR F 564 -16.50 -14.25 33.35
N VAL F 565 -16.46 -14.49 34.67
CA VAL F 565 -15.64 -15.57 35.20
C VAL F 565 -16.32 -16.90 34.93
N ALA F 566 -15.56 -17.99 35.12
CA ALA F 566 -16.07 -19.32 34.81
C ALA F 566 -17.28 -19.69 35.66
N GLN F 567 -17.27 -19.33 36.95
CA GLN F 567 -18.42 -19.61 37.80
C GLN F 567 -19.65 -18.84 37.35
N GLU F 568 -19.46 -17.58 36.97
CA GLU F 568 -20.55 -16.76 36.45
C GLU F 568 -21.17 -17.41 35.21
N LYS F 569 -20.33 -17.83 34.27
CA LYS F 569 -20.84 -18.46 33.06
C LYS F 569 -21.47 -19.82 33.37
N LEU F 570 -20.96 -20.53 34.37
CA LEU F 570 -21.58 -21.79 34.78
C LEU F 570 -23.00 -21.57 35.26
N ALA F 571 -23.19 -20.58 36.14
CA ALA F 571 -24.54 -20.29 36.62
C ALA F 571 -25.44 -19.83 35.47
N ILE F 572 -24.90 -19.01 34.57
CA ILE F 572 -25.70 -18.54 33.43
C ILE F 572 -26.14 -19.71 32.56
N ALA F 573 -25.22 -20.63 32.27
CA ALA F 573 -25.56 -21.80 31.46
C ALA F 573 -26.61 -22.65 32.17
N GLU F 574 -26.45 -22.88 33.46
CA GLU F 574 -27.43 -23.67 34.19
C GLU F 574 -28.80 -23.02 34.19
N ARG F 575 -28.86 -21.70 34.18
CA ARG F 575 -30.14 -21.01 34.25
C ARG F 575 -30.64 -20.50 32.90
N TYR F 576 -29.76 -20.11 31.98
CA TYR F 576 -30.20 -19.44 30.75
C TYR F 576 -29.87 -20.25 29.49
N LEU F 577 -28.61 -20.61 29.27
CA LEU F 577 -28.21 -21.11 27.96
C LEU F 577 -28.78 -22.51 27.69
N VAL F 578 -28.69 -23.40 28.67
CA VAL F 578 -29.16 -24.78 28.45
C VAL F 578 -30.66 -24.83 28.16
N PRO F 579 -31.53 -24.14 28.89
CA PRO F 579 -32.96 -24.16 28.52
C PRO F 579 -33.23 -23.64 27.12
N GLN F 580 -32.56 -22.56 26.72
CA GLN F 580 -32.79 -22.01 25.38
C GLN F 580 -32.30 -22.97 24.31
N ALA F 581 -31.15 -23.61 24.53
CA ALA F 581 -30.64 -24.57 23.56
C ALA F 581 -31.54 -25.80 23.49
N ARG F 582 -32.08 -26.24 24.62
CA ARG F 582 -33.03 -27.35 24.60
C ARG F 582 -34.29 -26.99 23.82
N ALA F 583 -34.78 -25.76 24.00
CA ALA F 583 -35.93 -25.31 23.22
C ALA F 583 -35.62 -25.27 21.74
N LEU F 584 -34.43 -24.78 21.38
CA LEU F 584 -34.06 -24.71 19.98
C LEU F 584 -33.94 -26.09 19.36
N CYS F 585 -33.36 -27.05 20.08
CA CYS F 585 -33.19 -28.40 19.57
C CYS F 585 -34.46 -29.25 19.71
N GLY F 586 -35.50 -28.72 20.36
CA GLY F 586 -36.73 -29.48 20.53
C GLY F 586 -36.69 -30.56 21.57
N LEU F 587 -35.72 -30.50 22.50
CA LEU F 587 -35.59 -31.48 23.55
C LEU F 587 -36.21 -30.96 24.85
N ASP F 588 -36.21 -31.81 25.87
CA ASP F 588 -36.70 -31.46 27.19
C ASP F 588 -35.78 -32.09 28.24
N GLU F 589 -36.01 -31.70 29.50
CA GLU F 589 -35.15 -32.16 30.58
C GLU F 589 -35.24 -33.66 30.78
N SER F 590 -36.36 -34.28 30.41
CA SER F 590 -36.53 -35.71 30.63
C SER F 590 -35.71 -36.54 29.66
N LYS F 591 -35.42 -36.01 28.47
CA LYS F 591 -34.73 -36.78 27.45
C LYS F 591 -33.21 -36.56 27.46
N ALA F 592 -32.77 -35.31 27.58
CA ALA F 592 -31.35 -34.97 27.56
C ALA F 592 -31.05 -34.06 28.73
N LYS F 593 -30.31 -34.57 29.71
CA LYS F 593 -29.99 -33.82 30.92
C LYS F 593 -28.47 -33.62 30.99
N LEU F 594 -28.05 -32.40 31.28
CA LEU F 594 -26.65 -32.06 31.46
C LEU F 594 -26.39 -31.82 32.94
N SER F 595 -25.59 -32.70 33.53
CA SER F 595 -25.27 -32.58 34.95
C SER F 595 -24.33 -31.40 35.19
N SER F 596 -24.20 -31.02 36.46
CA SER F 596 -23.39 -29.86 36.82
C SER F 596 -21.92 -30.11 36.51
N ASP F 597 -21.40 -31.29 36.81
CA ASP F 597 -19.98 -31.56 36.61
C ASP F 597 -19.60 -31.51 35.13
N VAL F 598 -20.50 -31.99 34.27
CA VAL F 598 -20.26 -31.88 32.83
C VAL F 598 -20.14 -30.43 32.40
N LEU F 599 -21.02 -29.57 32.93
CA LEU F 599 -20.96 -28.16 32.60
C LEU F 599 -19.67 -27.53 33.11
N THR F 600 -19.23 -27.92 34.32
CA THR F 600 -17.97 -27.40 34.84
C THR F 600 -16.80 -27.81 33.94
N LEU F 601 -16.77 -29.07 33.51
CA LEU F 601 -15.71 -29.52 32.62
C LEU F 601 -15.73 -28.76 31.31
N LEU F 602 -16.93 -28.55 30.75
CA LEU F 602 -17.04 -27.85 29.47
C LEU F 602 -16.55 -26.41 29.58
N ILE F 603 -16.99 -25.70 30.62
CA ILE F 603 -16.56 -24.32 30.77
C ILE F 603 -15.07 -24.24 31.07
N LYS F 604 -14.54 -25.20 31.83
CA LYS F 604 -13.12 -25.17 32.17
C LYS F 604 -12.25 -25.40 30.96
N GLN F 605 -12.59 -26.38 30.11
CA GLN F 605 -11.69 -26.84 29.07
C GLN F 605 -12.09 -26.41 27.67
N TYR F 606 -13.18 -25.68 27.50
CA TYR F 606 -13.59 -25.26 26.17
C TYR F 606 -14.07 -23.81 26.06
N CYS F 607 -14.34 -23.12 27.17
CA CYS F 607 -15.16 -21.92 27.16
C CYS F 607 -14.52 -20.80 27.97
N ARG F 608 -13.24 -20.51 27.70
CA ARG F 608 -12.53 -19.52 28.49
C ARG F 608 -12.69 -18.09 27.98
N GLU F 609 -13.30 -17.89 26.82
CA GLU F 609 -13.41 -16.54 26.28
C GLU F 609 -14.42 -15.71 27.08
N SER F 610 -14.37 -14.39 26.88
CA SER F 610 -15.19 -13.48 27.67
C SER F 610 -16.67 -13.70 27.43
N GLY F 611 -17.07 -13.90 26.18
CA GLY F 611 -18.48 -14.05 25.84
C GLY F 611 -19.01 -15.43 26.16
N VAL F 612 -20.32 -15.59 25.91
CA VAL F 612 -20.99 -16.87 26.08
C VAL F 612 -21.19 -17.59 24.76
N ARG F 613 -20.53 -17.14 23.69
CA ARG F 613 -20.77 -17.70 22.37
C ARG F 613 -20.34 -19.15 22.30
N ASN F 614 -19.09 -19.45 22.70
CA ASN F 614 -18.57 -20.79 22.52
C ASN F 614 -19.27 -21.79 23.44
N LEU F 615 -19.60 -21.38 24.66
CA LEU F 615 -20.39 -22.24 25.53
C LEU F 615 -21.75 -22.54 24.92
N GLN F 616 -22.39 -21.52 24.33
CA GLN F 616 -23.69 -21.73 23.71
C GLN F 616 -23.59 -22.72 22.55
N LYS F 617 -22.58 -22.55 21.70
CA LYS F 617 -22.44 -23.46 20.56
C LYS F 617 -22.05 -24.87 21.01
N GLN F 618 -21.24 -25.00 22.06
CA GLN F 618 -20.89 -26.32 22.57
C GLN F 618 -22.13 -27.02 23.15
N VAL F 619 -22.95 -26.29 23.89
CA VAL F 619 -24.17 -26.88 24.44
C VAL F 619 -25.10 -27.30 23.31
N GLU F 620 -25.21 -26.45 22.27
CA GLU F 620 -26.02 -26.82 21.12
C GLU F 620 -25.47 -28.07 20.43
N LYS F 621 -24.16 -28.18 20.33
CA LYS F 621 -23.54 -29.36 19.73
C LYS F 621 -23.89 -30.62 20.53
N VAL F 622 -23.76 -30.54 21.85
CA VAL F 622 -24.08 -31.70 22.69
C VAL F 622 -25.54 -32.07 22.56
N LEU F 623 -26.42 -31.07 22.54
CA LEU F 623 -27.85 -31.36 22.47
C LEU F 623 -28.24 -31.92 21.10
N ARG F 624 -27.61 -31.46 20.02
CA ARG F 624 -27.90 -32.03 18.71
C ARG F 624 -27.38 -33.45 18.60
N LYS F 625 -26.22 -33.73 19.18
CA LYS F 625 -25.74 -35.11 19.25
C LYS F 625 -26.72 -35.98 20.02
N SER F 626 -27.23 -35.47 21.15
CA SER F 626 -28.21 -36.22 21.92
C SER F 626 -29.50 -36.45 21.12
N ALA F 627 -29.93 -35.43 20.37
CA ALA F 627 -31.11 -35.57 19.54
C ALA F 627 -30.92 -36.64 18.48
N TYR F 628 -29.74 -36.67 17.84
CA TYR F 628 -29.45 -37.73 16.89
C TYR F 628 -29.48 -39.09 17.55
N LYS F 629 -28.88 -39.21 18.74
CA LYS F 629 -28.85 -40.49 19.44
C LYS F 629 -30.26 -40.94 19.81
N ILE F 630 -31.15 -40.01 20.14
CA ILE F 630 -32.51 -40.37 20.49
C ILE F 630 -33.30 -40.79 19.25
N VAL F 631 -33.21 -40.00 18.17
CA VAL F 631 -33.97 -40.30 16.96
C VAL F 631 -33.52 -41.61 16.34
N SER F 632 -32.20 -41.84 16.30
CA SER F 632 -31.67 -43.05 15.66
C SER F 632 -32.02 -44.32 16.44
N GLY F 633 -32.53 -44.20 17.65
CA GLY F 633 -32.91 -45.37 18.41
C GLY F 633 -31.79 -46.04 19.17
N GLU F 634 -30.62 -45.40 19.29
CA GLU F 634 -29.55 -45.98 20.09
C GLU F 634 -29.96 -46.08 21.55
N ALA F 635 -30.64 -45.07 22.07
CA ALA F 635 -31.14 -45.09 23.44
C ALA F 635 -32.35 -44.19 23.54
N GLU F 636 -33.28 -44.57 24.42
CA GLU F 636 -34.46 -43.75 24.64
C GLU F 636 -34.10 -42.41 25.26
N SER F 637 -33.12 -42.39 26.17
CA SER F 637 -32.62 -41.16 26.76
C SER F 637 -31.18 -41.39 27.19
N VAL F 638 -30.38 -40.34 27.08
CA VAL F 638 -28.96 -40.40 27.39
C VAL F 638 -28.64 -39.39 28.49
N GLU F 639 -27.88 -39.83 29.48
CA GLU F 639 -27.47 -38.98 30.59
C GLU F 639 -25.99 -38.65 30.42
N VAL F 640 -25.70 -37.39 30.10
CA VAL F 640 -24.32 -36.98 29.86
C VAL F 640 -23.56 -36.97 31.17
N THR F 641 -22.41 -37.63 31.18
CA THR F 641 -21.56 -37.78 32.35
C THR F 641 -20.12 -37.60 31.91
N PRO F 642 -19.22 -37.19 32.81
CA PRO F 642 -17.83 -36.94 32.38
C PRO F 642 -17.14 -38.15 31.79
N GLU F 643 -17.57 -39.37 32.08
CA GLU F 643 -16.93 -40.56 31.53
C GLU F 643 -17.50 -40.97 30.17
N ASN F 644 -18.50 -40.26 29.65
CA ASN F 644 -18.93 -40.45 28.27
C ASN F 644 -19.02 -39.15 27.48
N LEU F 645 -18.51 -38.04 28.02
CA LEU F 645 -18.50 -36.79 27.28
C LEU F 645 -17.59 -36.85 26.06
N GLN F 646 -16.70 -37.84 26.01
CA GLN F 646 -15.86 -38.01 24.83
C GLN F 646 -16.70 -38.34 23.60
N ASP F 647 -17.76 -39.12 23.78
CA ASP F 647 -18.62 -39.48 22.67
C ASP F 647 -19.35 -38.28 22.08
N PHE F 648 -19.46 -37.18 22.84
CA PHE F 648 -20.16 -35.99 22.38
C PHE F 648 -19.22 -34.89 21.91
N VAL F 649 -18.11 -34.65 22.60
CA VAL F 649 -17.17 -33.61 22.22
C VAL F 649 -15.72 -34.08 22.14
N GLY F 650 -15.45 -35.35 22.42
CA GLY F 650 -14.10 -35.87 22.29
C GLY F 650 -13.16 -35.50 23.41
N LYS F 651 -12.11 -34.77 23.09
CA LYS F 651 -11.08 -34.41 24.04
C LYS F 651 -10.84 -32.90 24.02
N PRO F 652 -10.44 -32.32 25.14
CA PRO F 652 -10.49 -30.86 25.29
C PRO F 652 -9.39 -30.14 24.50
N VAL F 653 -9.67 -28.86 24.23
CA VAL F 653 -8.66 -27.97 23.66
C VAL F 653 -7.59 -27.67 24.70
N PHE F 654 -8.00 -27.44 25.94
CA PHE F 654 -7.09 -27.11 27.04
C PHE F 654 -7.06 -28.26 28.03
N THR F 655 -5.87 -28.58 28.54
CA THR F 655 -5.72 -29.78 29.34
C THR F 655 -5.05 -29.52 30.70
N VAL F 656 -4.13 -28.56 30.75
CA VAL F 656 -3.36 -28.33 31.96
C VAL F 656 -3.26 -26.83 32.22
N GLU F 657 -3.16 -26.47 33.50
CA GLU F 657 -3.11 -25.07 33.91
C GLU F 657 -1.71 -24.56 34.17
N ARG F 658 -0.83 -25.39 34.73
CA ARG F 658 0.51 -24.97 35.10
C ARG F 658 1.55 -25.87 34.45
N MET F 659 2.61 -25.26 33.93
CA MET F 659 3.70 -26.04 33.37
C MET F 659 4.51 -26.73 34.45
N TYR F 660 4.84 -26.01 35.53
CA TYR F 660 5.57 -26.57 36.65
C TYR F 660 4.63 -26.70 37.84
N ASP F 661 4.49 -27.93 38.34
CA ASP F 661 3.80 -28.13 39.61
C ASP F 661 4.70 -27.74 40.77
N VAL F 662 5.99 -28.01 40.68
CA VAL F 662 6.99 -27.57 41.64
C VAL F 662 8.10 -26.85 40.88
N THR F 663 8.49 -25.68 41.36
CA THR F 663 9.41 -24.82 40.62
C THR F 663 10.85 -25.15 40.99
N PRO F 664 11.69 -25.47 40.01
CA PRO F 664 13.13 -25.59 40.29
C PRO F 664 13.70 -24.27 40.76
N PRO F 665 14.94 -24.25 41.26
CA PRO F 665 15.51 -22.99 41.77
C PRO F 665 15.55 -21.87 40.75
N GLY F 666 15.70 -22.18 39.47
CA GLY F 666 15.91 -21.13 38.49
C GLY F 666 14.67 -20.50 37.89
N VAL F 667 13.48 -20.95 38.24
CA VAL F 667 12.27 -20.46 37.59
C VAL F 667 11.36 -19.81 38.62
N VAL F 668 10.59 -18.82 38.16
CA VAL F 668 9.63 -18.11 38.98
C VAL F 668 8.33 -17.97 38.20
N MET F 669 7.21 -18.23 38.85
CA MET F 669 5.92 -18.10 38.21
C MET F 669 5.53 -16.63 38.10
N GLY F 670 5.15 -16.21 36.89
CA GLY F 670 4.71 -14.85 36.66
C GLY F 670 3.29 -14.84 36.10
N LEU F 671 2.74 -13.64 35.99
CA LEU F 671 1.41 -13.44 35.46
C LEU F 671 1.47 -12.58 34.21
N ALA F 672 0.55 -12.83 33.28
CA ALA F 672 0.55 -12.15 31.99
C ALA F 672 -0.86 -11.72 31.64
N TRP F 673 -0.94 -10.77 30.71
CA TRP F 673 -2.19 -10.21 30.24
C TRP F 673 -2.24 -10.31 28.73
N THR F 674 -3.34 -10.85 28.21
CA THR F 674 -3.57 -10.97 26.77
C THR F 674 -4.93 -10.38 26.44
N ALA F 675 -5.23 -10.31 25.13
CA ALA F 675 -6.54 -9.83 24.72
C ALA F 675 -7.64 -10.83 25.09
N MET F 676 -7.28 -12.11 25.26
CA MET F 676 -8.24 -13.14 25.63
C MET F 676 -8.31 -13.37 27.13
N GLY F 677 -7.78 -12.46 27.93
CA GLY F 677 -7.81 -12.59 29.37
C GLY F 677 -6.45 -12.87 29.96
N GLY F 678 -6.47 -13.42 31.18
CA GLY F 678 -5.24 -13.66 31.91
C GLY F 678 -4.50 -14.89 31.41
N SER F 679 -3.22 -14.94 31.77
CA SER F 679 -2.37 -16.06 31.40
C SER F 679 -1.21 -16.14 32.38
N THR F 680 -0.54 -17.29 32.37
CA THR F 680 0.57 -17.57 33.28
C THR F 680 1.84 -17.85 32.48
N LEU F 681 2.96 -17.28 32.93
CA LEU F 681 4.26 -17.53 32.33
C LEU F 681 5.28 -17.82 33.42
N PHE F 682 6.25 -18.67 33.09
CA PHE F 682 7.27 -19.14 34.04
C PHE F 682 8.64 -18.72 33.51
N VAL F 683 9.16 -17.59 34.00
CA VAL F 683 10.46 -17.12 33.56
C VAL F 683 11.52 -18.14 33.96
N GLU F 684 12.20 -18.71 32.97
CA GLU F 684 13.21 -19.73 33.20
C GLU F 684 14.60 -19.16 32.98
N THR F 685 15.53 -19.49 33.87
CA THR F 685 16.93 -19.12 33.73
C THR F 685 17.79 -20.36 33.87
N SER F 686 18.96 -20.33 33.24
CA SER F 686 19.90 -21.43 33.32
C SER F 686 21.31 -20.90 33.15
N LEU F 687 22.27 -21.71 33.58
CA LEU F 687 23.68 -21.37 33.48
C LEU F 687 24.22 -21.88 32.16
N ARG F 688 24.72 -20.96 31.33
CA ARG F 688 25.16 -21.30 29.99
C ARG F 688 26.58 -21.83 29.94
N ARG F 689 27.43 -21.44 30.89
CA ARG F 689 28.80 -21.94 30.96
C ARG F 689 29.10 -22.36 32.41
N PRO F 690 29.69 -23.53 32.62
CA PRO F 690 29.85 -24.03 34.00
C PRO F 690 30.80 -23.21 34.85
N GLN F 691 31.69 -22.42 34.26
CA GLN F 691 32.68 -21.66 35.03
C GLN F 691 32.00 -20.42 35.60
N ASP F 692 31.63 -20.48 36.87
CA ASP F 692 31.00 -19.34 37.55
C ASP F 692 32.03 -18.24 37.82
N LYS F 699 36.98 -11.14 34.43
CA LYS F 699 35.98 -11.54 33.44
C LYS F 699 34.65 -10.85 33.70
N ASP F 700 33.86 -10.66 32.65
CA ASP F 700 32.57 -10.00 32.73
C ASP F 700 31.48 -11.02 32.46
N GLY F 701 30.35 -10.86 33.15
CA GLY F 701 29.21 -11.74 32.93
C GLY F 701 28.43 -11.36 31.69
N SER F 702 27.36 -12.11 31.45
CA SER F 702 26.54 -11.89 30.26
C SER F 702 25.16 -12.46 30.50
N LEU F 703 24.20 -11.96 29.73
CA LEU F 703 22.82 -12.44 29.78
C LEU F 703 22.29 -12.59 28.37
N GLU F 704 21.72 -13.74 28.06
CA GLU F 704 21.07 -13.99 26.79
C GLU F 704 19.56 -14.06 27.02
N VAL F 705 18.81 -13.31 26.23
CA VAL F 705 17.36 -13.20 26.38
C VAL F 705 16.70 -13.78 25.15
N THR F 706 15.85 -14.77 25.35
CA THR F 706 15.14 -15.44 24.25
C THR F 706 13.67 -15.60 24.64
N GLY F 707 12.83 -15.79 23.62
CA GLY F 707 11.43 -15.99 23.86
C GLY F 707 10.54 -15.00 23.13
N GLN F 708 11.03 -14.43 22.04
CA GLN F 708 10.29 -13.45 21.24
C GLN F 708 9.85 -12.26 22.09
N LEU F 709 10.75 -11.79 22.96
CA LEU F 709 10.47 -10.65 23.81
C LEU F 709 10.65 -9.36 23.02
N GLY F 710 9.75 -8.41 23.23
CA GLY F 710 9.83 -7.13 22.58
C GLY F 710 10.95 -6.27 23.14
N GLU F 711 11.10 -5.09 22.52
CA GLU F 711 12.18 -4.18 22.93
C GLU F 711 11.98 -3.71 24.37
N VAL F 712 10.74 -3.37 24.73
CA VAL F 712 10.47 -2.90 26.09
C VAL F 712 10.78 -3.99 27.10
N MET F 713 10.39 -5.23 26.79
CA MET F 713 10.61 -6.30 27.76
C MET F 713 12.06 -6.71 27.81
N LYS F 714 12.80 -6.59 26.70
CA LYS F 714 14.25 -6.82 26.75
C LYS F 714 14.94 -5.77 27.59
N GLU F 715 14.53 -4.50 27.45
CA GLU F 715 15.08 -3.46 28.32
C GLU F 715 14.74 -3.73 29.77
N SER F 716 13.53 -4.21 30.04
CA SER F 716 13.15 -4.59 31.39
C SER F 716 14.04 -5.70 31.92
N ALA F 717 14.37 -6.67 31.06
CA ALA F 717 15.27 -7.74 31.48
C ALA F 717 16.66 -7.21 31.80
N ARG F 718 17.15 -6.28 30.99
CA ARG F 718 18.47 -5.68 31.26
C ARG F 718 18.46 -4.93 32.59
N ILE F 719 17.42 -4.14 32.83
CA ILE F 719 17.30 -3.39 34.09
C ILE F 719 17.22 -4.35 35.26
N ALA F 720 16.45 -5.42 35.11
CA ALA F 720 16.32 -6.42 36.17
C ALA F 720 17.65 -7.07 36.45
N TYR F 721 18.43 -7.37 35.41
CA TYR F 721 19.74 -7.98 35.59
C TYR F 721 20.68 -7.04 36.34
N THR F 722 20.70 -5.77 35.97
CA THR F 722 21.55 -4.80 36.67
C THR F 722 21.14 -4.67 38.14
N PHE F 723 19.84 -4.55 38.41
CA PHE F 723 19.41 -4.42 39.79
C PHE F 723 19.63 -5.69 40.58
N ALA F 724 19.51 -6.86 39.95
CA ALA F 724 19.80 -8.10 40.64
C ALA F 724 21.26 -8.18 41.03
N ARG F 725 22.16 -7.76 40.13
CA ARG F 725 23.57 -7.73 40.48
C ARG F 725 23.83 -6.78 41.65
N ALA F 726 23.22 -5.59 41.62
CA ALA F 726 23.42 -4.64 42.70
C ALA F 726 22.86 -5.16 44.01
N PHE F 727 21.68 -5.77 43.98
CA PHE F 727 21.06 -6.29 45.19
C PHE F 727 21.87 -7.43 45.79
N LEU F 728 22.37 -8.34 44.95
CA LEU F 728 23.18 -9.42 45.48
C LEU F 728 24.52 -8.90 46.00
N MET F 729 25.03 -7.82 45.43
CA MET F 729 26.25 -7.23 45.96
C MET F 729 26.01 -6.60 47.32
N GLN F 730 24.85 -5.97 47.51
CA GLN F 730 24.56 -5.31 48.78
C GLN F 730 23.88 -6.23 49.78
N HIS F 731 23.62 -7.47 49.43
CA HIS F 731 23.00 -8.44 50.34
C HIS F 731 23.95 -9.57 50.73
N ALA F 732 24.75 -10.07 49.81
CA ALA F 732 25.72 -11.13 50.11
C ALA F 732 26.93 -10.93 49.23
N PRO F 733 27.95 -10.22 49.73
CA PRO F 733 29.14 -9.96 48.90
C PRO F 733 29.85 -11.22 48.45
N ALA F 734 29.74 -12.32 49.20
CA ALA F 734 30.41 -13.55 48.83
C ALA F 734 29.72 -14.24 47.64
N ASN F 735 28.44 -13.98 47.41
CA ASN F 735 27.71 -14.59 46.30
C ASN F 735 28.03 -13.80 45.02
N ASP F 736 29.22 -14.06 44.50
CA ASP F 736 29.76 -13.24 43.43
C ASP F 736 29.13 -13.55 42.08
N TYR F 737 28.74 -14.80 41.85
CA TYR F 737 28.64 -15.19 40.44
C TYR F 737 27.43 -14.62 39.70
N LEU F 738 26.66 -13.64 40.18
CA LEU F 738 25.78 -12.92 39.25
C LEU F 738 26.59 -12.08 38.28
N VAL F 739 27.75 -11.57 38.70
CA VAL F 739 28.55 -10.69 37.86
C VAL F 739 29.50 -11.46 36.95
N THR F 740 29.78 -12.73 37.24
CA THR F 740 30.75 -13.50 36.47
C THR F 740 30.14 -14.59 35.63
N SER F 741 29.02 -15.18 36.06
CA SER F 741 28.45 -16.29 35.32
C SER F 741 27.77 -15.83 34.04
N HIS F 742 27.66 -16.75 33.09
CA HIS F 742 26.95 -16.52 31.83
C HIS F 742 25.57 -17.15 31.95
N ILE F 743 24.53 -16.32 31.91
CA ILE F 743 23.17 -16.73 32.22
C ILE F 743 22.31 -16.62 30.97
N HIS F 744 21.49 -17.63 30.73
CA HIS F 744 20.52 -17.64 29.65
C HIS F 744 19.13 -17.56 30.28
N LEU F 745 18.36 -16.55 29.87
CA LEU F 745 17.01 -16.35 30.37
C LEU F 745 16.01 -16.62 29.25
N HIS F 746 15.02 -17.45 29.53
CA HIS F 746 14.01 -17.84 28.54
C HIS F 746 12.63 -17.77 29.15
N VAL F 747 11.68 -17.28 28.36
CA VAL F 747 10.26 -17.29 28.71
C VAL F 747 9.58 -18.32 27.81
N PRO F 748 9.00 -19.39 28.35
CA PRO F 748 8.50 -20.48 27.50
C PRO F 748 7.37 -20.06 26.58
N GLU F 749 6.91 -21.01 25.77
CA GLU F 749 6.02 -20.75 24.65
C GLU F 749 6.65 -19.75 23.68
N GLY F 750 7.77 -20.19 23.09
CA GLY F 750 8.57 -19.32 22.25
C GLY F 750 7.89 -18.86 21.00
N ALA F 751 6.77 -19.48 20.62
CA ALA F 751 6.03 -19.04 19.45
C ALA F 751 5.26 -17.76 19.71
N THR F 752 4.71 -17.59 20.90
CA THR F 752 3.88 -16.43 21.20
C THR F 752 4.74 -15.24 21.54
N PRO F 753 4.62 -14.12 20.82
CA PRO F 753 5.39 -12.92 21.19
C PRO F 753 4.93 -12.35 22.52
N LYS F 754 5.86 -11.73 23.23
CA LYS F 754 5.60 -11.16 24.55
C LYS F 754 6.22 -9.78 24.63
N ASP F 755 5.60 -8.91 25.43
CA ASP F 755 6.08 -7.55 25.60
C ASP F 755 5.53 -7.01 26.92
N GLY F 756 6.00 -5.82 27.29
CA GLY F 756 5.56 -5.17 28.49
C GLY F 756 6.57 -5.31 29.62
N PRO F 757 6.66 -4.28 30.46
CA PRO F 757 7.59 -4.31 31.60
C PRO F 757 7.04 -4.97 32.86
N SER F 758 5.91 -5.67 32.77
CA SER F 758 5.29 -6.24 33.97
C SER F 758 6.12 -7.36 34.58
N ALA F 759 7.11 -7.88 33.85
CA ALA F 759 7.87 -9.04 34.30
C ALA F 759 9.21 -8.69 34.93
N GLY F 760 9.44 -7.40 35.26
CA GLY F 760 10.73 -7.02 35.82
C GLY F 760 11.01 -7.70 37.16
N CYS F 761 10.04 -7.64 38.07
CA CYS F 761 10.23 -8.26 39.38
C CYS F 761 10.34 -9.78 39.26
N THR F 762 9.60 -10.38 38.33
CA THR F 762 9.71 -11.82 38.10
C THR F 762 11.12 -12.18 37.66
N ILE F 763 11.70 -11.39 36.75
CA ILE F 763 13.06 -11.66 36.28
C ILE F 763 14.07 -11.47 37.41
N VAL F 764 13.89 -10.44 38.23
CA VAL F 764 14.79 -10.24 39.36
C VAL F 764 14.73 -11.44 40.30
N THR F 765 13.51 -11.90 40.61
CA THR F 765 13.36 -13.03 41.51
C THR F 765 13.96 -14.30 40.92
N ALA F 766 13.77 -14.52 39.62
CA ALA F 766 14.36 -15.69 38.98
C ALA F 766 15.88 -15.65 39.04
N LEU F 767 16.48 -14.51 38.73
CA LEU F 767 17.93 -14.39 38.77
C LEU F 767 18.46 -14.61 40.19
N LEU F 768 17.80 -14.01 41.18
CA LEU F 768 18.28 -14.14 42.55
C LEU F 768 18.09 -15.56 43.08
N SER F 769 16.99 -16.22 42.70
CA SER F 769 16.78 -17.59 43.15
C SER F 769 17.76 -18.53 42.49
N LEU F 770 18.14 -18.27 41.24
CA LEU F 770 19.19 -19.04 40.61
C LEU F 770 20.53 -18.81 41.30
N ALA F 771 20.83 -17.55 41.64
CA ALA F 771 22.10 -17.24 42.27
C ALA F 771 22.23 -17.87 43.66
N MET F 772 21.15 -17.82 44.45
CA MET F 772 21.18 -18.41 45.78
C MET F 772 20.93 -19.91 45.77
N GLY F 773 20.51 -20.47 44.63
CA GLY F 773 20.21 -21.88 44.57
C GLY F 773 19.05 -22.29 45.44
N ARG F 774 18.04 -21.45 45.56
CA ARG F 774 16.88 -21.72 46.41
C ARG F 774 15.61 -21.48 45.61
N PRO F 775 14.69 -22.45 45.57
CA PRO F 775 13.40 -22.20 44.93
C PRO F 775 12.56 -21.21 45.71
N VAL F 776 11.73 -20.46 44.98
CA VAL F 776 10.80 -19.52 45.58
C VAL F 776 9.66 -20.29 46.23
N ARG F 777 8.81 -19.60 46.99
CA ARG F 777 7.62 -20.23 47.54
C ARG F 777 6.82 -20.90 46.41
N GLN F 778 6.45 -22.15 46.63
CA GLN F 778 6.04 -23.01 45.53
C GLN F 778 4.69 -22.65 44.93
N ASN F 779 3.92 -21.75 45.56
CA ASN F 779 2.65 -21.32 45.01
C ASN F 779 2.54 -19.80 44.99
N LEU F 780 3.65 -19.11 44.76
CA LEU F 780 3.70 -17.66 44.77
C LEU F 780 3.81 -17.13 43.35
N ALA F 781 2.96 -16.16 43.03
CA ALA F 781 2.99 -15.48 41.74
C ALA F 781 3.16 -13.98 41.98
N MET F 782 3.93 -13.33 41.11
CA MET F 782 4.23 -11.92 41.29
C MET F 782 4.22 -11.22 39.93
N THR F 783 3.93 -9.92 39.97
CA THR F 783 4.00 -9.09 38.79
C THR F 783 4.28 -7.65 39.23
N GLY F 784 4.86 -6.88 38.32
CA GLY F 784 5.15 -5.48 38.62
C GLY F 784 6.45 -4.97 38.02
N GLU F 785 6.38 -3.78 37.43
CA GLU F 785 7.57 -3.17 36.86
C GLU F 785 8.55 -2.76 37.96
N VAL F 786 9.85 -2.90 37.66
CA VAL F 786 10.92 -2.57 38.59
C VAL F 786 11.81 -1.52 37.96
N SER F 787 12.23 -0.55 38.77
CA SER F 787 13.12 0.50 38.31
C SER F 787 14.57 0.09 38.57
N LEU F 788 15.50 1.01 38.29
CA LEU F 788 16.91 0.70 38.43
C LEU F 788 17.36 0.60 39.88
N THR F 789 16.70 1.31 40.79
CA THR F 789 17.06 1.29 42.20
C THR F 789 16.16 0.40 43.04
N GLY F 790 15.29 -0.39 42.40
CA GLY F 790 14.43 -1.31 43.11
C GLY F 790 13.01 -0.85 43.35
N LYS F 791 12.63 0.33 42.84
CA LYS F 791 11.26 0.79 43.02
C LYS F 791 10.31 -0.05 42.18
N ILE F 792 9.20 -0.45 42.78
CA ILE F 792 8.18 -1.23 42.10
C ILE F 792 7.11 -0.27 41.57
N LEU F 793 6.87 -0.32 40.27
CA LEU F 793 5.98 0.60 39.59
C LEU F 793 4.65 -0.09 39.26
N PRO F 794 3.57 0.67 39.10
CA PRO F 794 2.26 0.05 38.83
C PRO F 794 2.24 -0.63 37.47
N VAL F 795 1.36 -1.62 37.35
CA VAL F 795 1.12 -2.32 36.09
C VAL F 795 -0.39 -2.41 35.87
N GLY F 796 -0.76 -2.66 34.63
CA GLY F 796 -2.15 -2.77 34.25
C GLY F 796 -2.64 -4.21 34.20
N GLY F 797 -3.96 -4.34 34.01
CA GLY F 797 -4.57 -5.65 33.89
C GLY F 797 -4.53 -6.50 35.13
N ILE F 798 -4.75 -5.89 36.31
CA ILE F 798 -4.68 -6.65 37.55
C ILE F 798 -5.83 -7.65 37.64
N LYS F 799 -7.01 -7.30 37.12
CA LYS F 799 -8.18 -8.16 37.25
C LYS F 799 -7.95 -9.52 36.59
N GLU F 800 -7.56 -9.51 35.31
CA GLU F 800 -7.38 -10.78 34.60
C GLU F 800 -6.14 -11.53 35.05
N LYS F 801 -5.08 -10.82 35.45
CA LYS F 801 -3.93 -11.50 36.01
C LYS F 801 -4.30 -12.22 37.31
N THR F 802 -5.08 -11.56 38.16
CA THR F 802 -5.54 -12.19 39.40
C THR F 802 -6.45 -13.38 39.12
N ILE F 803 -7.33 -13.25 38.12
CA ILE F 803 -8.19 -14.37 37.75
C ILE F 803 -7.35 -15.55 37.28
N ALA F 804 -6.34 -15.28 36.44
CA ALA F 804 -5.46 -16.35 35.96
C ALA F 804 -4.70 -17.00 37.11
N ALA F 805 -4.24 -16.20 38.06
CA ALA F 805 -3.56 -16.75 39.23
C ALA F 805 -4.50 -17.64 40.04
N LYS F 806 -5.75 -17.20 40.21
CA LYS F 806 -6.72 -18.01 40.93
C LYS F 806 -6.98 -19.33 40.21
N ARG F 807 -7.09 -19.28 38.88
CA ARG F 807 -7.33 -20.49 38.11
C ARG F 807 -6.18 -21.48 38.24
N ALA F 808 -4.94 -20.99 38.23
CA ALA F 808 -3.78 -21.86 38.30
C ALA F 808 -3.54 -22.43 39.69
N GLY F 809 -4.27 -21.98 40.71
CA GLY F 809 -4.08 -22.49 42.05
C GLY F 809 -3.09 -21.72 42.88
N VAL F 810 -2.89 -20.44 42.61
CA VAL F 810 -1.96 -19.63 43.39
C VAL F 810 -2.52 -19.41 44.79
N THR F 811 -1.65 -19.50 45.80
CA THR F 811 -2.03 -19.23 47.17
C THR F 811 -1.57 -17.87 47.67
N CYS F 812 -0.51 -17.31 47.09
CA CYS F 812 0.01 -16.01 47.50
C CYS F 812 0.37 -15.21 46.27
N ILE F 813 -0.09 -13.96 46.21
CA ILE F 813 0.13 -13.09 45.06
C ILE F 813 0.76 -11.79 45.53
N VAL F 814 1.71 -11.28 44.76
CA VAL F 814 2.44 -10.06 45.08
C VAL F 814 2.15 -9.03 43.99
N LEU F 815 1.70 -7.85 44.39
CA LEU F 815 1.33 -6.78 43.48
C LEU F 815 1.95 -5.47 43.93
N PRO F 816 2.12 -4.52 43.02
CA PRO F 816 2.60 -3.19 43.41
C PRO F 816 1.60 -2.50 44.32
N ALA F 817 2.12 -1.62 45.19
CA ALA F 817 1.28 -0.95 46.17
C ALA F 817 0.22 -0.09 45.50
N GLU F 818 0.55 0.51 44.35
CA GLU F 818 -0.39 1.39 43.68
C GLU F 818 -1.54 0.64 43.04
N ASN F 819 -1.45 -0.69 42.95
CA ASN F 819 -2.48 -1.50 42.30
C ASN F 819 -3.53 -2.01 43.29
N LYS F 820 -3.48 -1.57 44.55
CA LYS F 820 -4.48 -2.01 45.51
C LYS F 820 -5.87 -1.47 45.17
N LYS F 821 -5.94 -0.34 44.48
CA LYS F 821 -7.23 0.15 44.02
C LYS F 821 -7.87 -0.83 43.03
N ASP F 822 -7.06 -1.34 42.09
CA ASP F 822 -7.60 -2.30 41.13
C ASP F 822 -7.81 -3.67 41.75
N PHE F 823 -7.05 -4.01 42.79
CA PHE F 823 -7.23 -5.30 43.44
C PHE F 823 -8.45 -5.33 44.34
N TYR F 824 -8.75 -4.22 45.02
CA TYR F 824 -9.82 -4.19 46.01
C TYR F 824 -11.17 -3.79 45.43
N ASP F 825 -11.30 -3.72 44.11
CA ASP F 825 -12.61 -3.59 43.48
C ASP F 825 -13.06 -4.89 42.83
N LEU F 826 -12.33 -5.97 43.05
CA LEU F 826 -12.73 -7.28 42.54
C LEU F 826 -13.89 -7.83 43.34
N ALA F 827 -14.57 -8.82 42.76
CA ALA F 827 -15.64 -9.51 43.46
C ALA F 827 -15.07 -10.27 44.66
N ALA F 828 -15.91 -10.43 45.69
CA ALA F 828 -15.45 -11.06 46.92
C ALA F 828 -15.02 -12.50 46.70
N PHE F 829 -15.76 -13.25 45.89
CA PHE F 829 -15.44 -14.65 45.69
C PHE F 829 -14.17 -14.86 44.87
N ILE F 830 -13.71 -13.85 44.14
CA ILE F 830 -12.48 -13.99 43.37
C ILE F 830 -11.26 -13.86 44.27
N THR F 831 -11.24 -12.84 45.13
CA THR F 831 -10.09 -12.53 45.96
C THR F 831 -10.13 -13.21 47.32
N GLU F 832 -11.14 -14.05 47.58
CA GLU F 832 -11.29 -14.62 48.92
C GLU F 832 -10.13 -15.54 49.28
N GLY F 833 -9.68 -16.36 48.33
CA GLY F 833 -8.69 -17.38 48.61
C GLY F 833 -7.25 -16.99 48.39
N LEU F 834 -6.95 -15.71 48.18
CA LEU F 834 -5.60 -15.25 47.87
C LEU F 834 -5.04 -14.45 49.02
N GLU F 835 -3.82 -14.80 49.45
CA GLU F 835 -3.08 -14.02 50.44
C GLU F 835 -2.27 -12.97 49.67
N VAL F 836 -2.88 -11.81 49.49
CA VAL F 836 -2.29 -10.76 48.67
C VAL F 836 -1.26 -10.00 49.48
N HIS F 837 -0.15 -9.63 48.82
CA HIS F 837 0.87 -8.78 49.42
C HIS F 837 1.12 -7.60 48.49
N PHE F 838 1.11 -6.40 49.05
CA PHE F 838 1.34 -5.17 48.30
C PHE F 838 2.70 -4.62 48.69
N VAL F 839 3.50 -4.24 47.68
CA VAL F 839 4.89 -3.88 47.89
C VAL F 839 5.18 -2.54 47.24
N GLU F 840 6.22 -1.88 47.75
CA GLU F 840 6.71 -0.62 47.20
C GLU F 840 8.15 -0.71 46.72
N HIS F 841 8.96 -1.58 47.32
CA HIS F 841 10.35 -1.77 46.92
C HIS F 841 10.62 -3.27 46.89
N TYR F 842 11.64 -3.65 46.13
CA TYR F 842 11.87 -5.07 45.89
C TYR F 842 12.31 -5.83 47.15
N ARG F 843 12.87 -5.14 48.16
CA ARG F 843 13.29 -5.86 49.35
C ARG F 843 12.11 -6.56 50.03
N GLU F 844 10.92 -5.96 49.97
CA GLU F 844 9.74 -6.61 50.52
C GLU F 844 9.40 -7.88 49.75
N ILE F 845 9.52 -7.85 48.43
CA ILE F 845 9.29 -9.05 47.62
C ILE F 845 10.32 -10.12 47.96
N PHE F 846 11.58 -9.71 48.17
CA PHE F 846 12.61 -10.66 48.54
C PHE F 846 12.29 -11.32 49.88
N ASP F 847 11.81 -10.53 50.84
CA ASP F 847 11.44 -11.10 52.13
C ASP F 847 10.24 -12.03 52.00
N ILE F 848 9.29 -11.69 51.14
CA ILE F 848 8.09 -12.51 50.99
C ILE F 848 8.43 -13.84 50.33
N ALA F 849 9.21 -13.80 49.24
CA ALA F 849 9.47 -15.00 48.46
C ALA F 849 10.36 -15.97 49.21
N PHE F 850 11.39 -15.47 49.89
CA PHE F 850 12.33 -16.34 50.58
C PHE F 850 12.14 -16.28 52.10
N UNK G 1 -45.26 2.18 -20.96
CA UNK G 1 -44.35 1.61 -19.99
C UNK G 1 -42.92 2.08 -20.24
N UNK G 2 -42.26 2.55 -19.19
CA UNK G 2 -40.89 3.03 -19.32
C UNK G 2 -39.93 1.88 -19.61
N UNK G 3 -38.84 2.20 -20.28
CA UNK G 3 -37.81 1.22 -20.65
C UNK G 3 -36.55 1.48 -19.85
N UNK G 4 -36.07 0.45 -19.15
CA UNK G 4 -34.85 0.58 -18.36
C UNK G 4 -33.63 0.61 -19.28
N UNK G 5 -32.65 1.43 -18.91
CA UNK G 5 -31.42 1.57 -19.67
C UNK G 5 -30.24 1.42 -18.73
N UNK G 6 -29.27 0.59 -19.12
CA UNK G 6 -28.10 0.34 -18.30
C UNK G 6 -27.05 1.42 -18.58
N UNK G 7 -26.62 2.10 -17.53
CA UNK G 7 -25.63 3.17 -17.63
C UNK G 7 -24.39 2.80 -16.83
N UNK G 8 -23.22 2.93 -17.47
CA UNK G 8 -21.97 2.64 -16.80
C UNK G 8 -21.60 3.78 -15.86
N UNK G 9 -20.80 3.45 -14.84
CA UNK G 9 -20.35 4.43 -13.88
C UNK G 9 -18.98 4.04 -13.36
N UNK G 10 -18.19 5.05 -12.99
CA UNK G 10 -16.85 4.83 -12.47
C UNK G 10 -16.86 4.82 -10.94
N UNK G 11 -15.83 4.21 -10.37
CA UNK G 11 -15.70 4.12 -8.93
C UNK G 11 -14.24 4.39 -8.54
N UNK G 12 -14.05 4.86 -7.31
CA UNK G 12 -12.72 5.16 -6.81
C UNK G 12 -12.62 4.90 -5.31
#